data_6O9G
#
_entry.id   6O9G
#
_cell.length_a   1
_cell.length_b   1
_cell.length_c   1
_cell.angle_alpha   90.00
_cell.angle_beta   90.00
_cell.angle_gamma   90.00
#
_symmetry.space_group_name_H-M   'P 1'
#
loop_
_entity.id
_entity.type
_entity.pdbx_description
1 polymer 'Glutamate receptor 2,Voltage-dependent calcium channel gamma-2 subunit'
2 non-polymer 'GLUTAMIC ACID'
3 non-polymer CYCLOTHIAZIDE
4 non-polymer N~1~-{5-[(3-{[3-(L-arginylamino)propyl]amino}propyl)amino]pentyl}-N~2~-[(2,4-dihydroxyphenyl)acetyl]-L-aspartamide
#
_entity_poly.entity_id   1
_entity_poly.type   'polypeptide(L)'
_entity_poly.pdbx_seq_one_letter_code
;NSIQIGGLFPRGADQEYSAFRVGMVQFSTSEFRLTPHIDNLEVANSFAVTNAFCSQFSRGVYAIFGFYDKKSVNTITSFC
GTLHVSFITPSFPTDGTHPFVIQMRPDLKGALLSLIEYYQWDKFAYLYDSDRGLSTLQAVLDSAAEKKWQVTAINVGNIN
NDKKDETYRSLFQDLELKKERRVILDCERDKVNDIVDQVITIGKHVKGYHYIIANLGFTDGDLLKIQFGGAEVSGFQIVD
YDDSLVSKFIERWSTLEEKEYPGAHTATIKYTSALTYDAVQVMTEAFRNLRKQRIEISRRGNAGDCLANPAVPWGQGVEI
ERALKQVQVEGLSGNIKFDQNGKRINYTINIMELKTNGPRKIGYWSEVDKMVLTEDDTSGLEQKTVVVTTILESPYVMMK
KNHEMLEGNERYEGYCVDLAAEIAKHCGFKYKLTIVGDGKYGARDADTKIWNGMVGELVYGKADIAIAPLTITLVREEVI
DFSKPFMSLGISIMIKKPQKSKPGVFSFLDPLAYEIWMCIVFAYIGVSVVLFLVSRFSPYEWHTEEFEDGRETQSSESTN
EFGIFNSLWFSLGAFMQQGCDISPRSLSGRIVGGVWWFFTLIIISSYTANLAAFLTVERMVSPIESAEDLSKQTEIAYGT
LDSGSTKEFFRRSKIAVFDKMWTYMRSAEPSVFVRTTAEGVARVRKSKGKYAYLLESTMNEYIEQRKPCDTMKVGGNLDS
KGYGIATPKGSSLGTPVNLAVLKLSEQGVLDKLKNKWWYDKGECGAKDSGSKEKTSALSLSNVAGVFYILVGGLGLAMLV
ALIEFCYKSRAEAKRMKGTGLFDRGVQMLLTTVGAFAAFSLMTIAVGTDYWLYSRGVCKTKSVSEDETSKKNEEVMTHSG
LWRTCCLEGNFKGLCKQIDHFPEDADYEADTAEYFLRAVRASSIFPILSVILLFMGGLCIAASEFYKTRHNIILSAGIFF
VSAGLSNIIGIIVYISANAGDPSKSDSKKNSYSYGWSFYFGALSFIIAEMVGVLAVHMFIDRHKQLTGGAE
;
_entity_poly.pdbx_strand_id   A,B,C,D
#
# COMPACT_ATOMS: atom_id res chain seq x y z
N ASN A 1 88.96 46.17 -0.18
CA ASN A 1 88.12 46.52 0.95
C ASN A 1 87.76 45.29 1.76
N SER A 2 88.62 44.93 2.69
CA SER A 2 88.38 43.78 3.55
C SER A 2 87.25 44.12 4.52
N ILE A 3 86.11 43.48 4.36
CA ILE A 3 84.90 43.78 5.12
C ILE A 3 84.60 42.62 6.06
N GLN A 4 84.45 42.92 7.34
CA GLN A 4 84.13 41.89 8.33
C GLN A 4 82.71 41.40 8.15
N ILE A 5 82.54 40.08 8.07
CA ILE A 5 81.23 39.44 8.09
C ILE A 5 81.27 38.34 9.14
N GLY A 6 80.10 37.81 9.44
CA GLY A 6 79.97 36.83 10.51
C GLY A 6 79.10 35.66 10.11
N GLY A 7 79.61 34.46 10.34
CA GLY A 7 78.93 33.25 9.95
C GLY A 7 78.69 32.30 11.11
N LEU A 8 77.48 31.77 11.17
CA LEU A 8 77.07 30.85 12.24
C LEU A 8 76.68 29.51 11.63
N PHE A 9 77.49 28.52 11.85
CA PHE A 9 77.07 27.24 11.34
C PHE A 9 76.75 26.28 12.47
N PRO A 10 75.70 25.49 12.33
CA PRO A 10 75.46 24.40 13.27
C PRO A 10 76.53 23.34 13.11
N ARG A 11 76.90 22.72 14.22
CA ARG A 11 77.98 21.74 14.21
C ARG A 11 77.49 20.47 13.53
N GLY A 12 77.88 20.29 12.27
CA GLY A 12 77.45 19.15 11.47
C GLY A 12 77.14 19.52 10.03
N ALA A 13 77.17 20.82 9.72
CA ALA A 13 76.88 21.32 8.39
C ALA A 13 78.15 21.50 7.56
N ASP A 14 78.93 20.43 7.47
CA ASP A 14 80.23 20.50 6.82
C ASP A 14 80.07 20.71 5.32
N GLN A 15 79.01 20.14 4.75
CA GLN A 15 78.71 20.34 3.34
C GLN A 15 78.42 21.80 3.04
N GLU A 16 77.66 22.46 3.91
CA GLU A 16 77.34 23.85 3.72
C GLU A 16 78.55 24.74 3.94
N TYR A 17 79.42 24.38 4.89
CA TYR A 17 80.63 25.15 5.10
C TYR A 17 81.57 25.05 3.91
N SER A 18 81.68 23.84 3.35
CA SER A 18 82.47 23.67 2.13
C SER A 18 81.86 24.45 0.97
N ALA A 19 80.53 24.47 0.88
CA ALA A 19 79.86 25.25 -0.15
C ALA A 19 80.10 26.73 0.04
N PHE A 20 80.19 27.17 1.30
CA PHE A 20 80.47 28.56 1.60
C PHE A 20 81.87 28.94 1.14
N ARG A 21 82.83 28.06 1.40
CA ARG A 21 84.19 28.31 0.92
C ARG A 21 84.27 28.27 -0.60
N VAL A 22 83.48 27.40 -1.23
CA VAL A 22 83.41 27.35 -2.69
C VAL A 22 82.88 28.66 -3.26
N GLY A 23 81.84 29.20 -2.64
CA GLY A 23 81.32 30.49 -3.05
C GLY A 23 82.31 31.61 -2.82
N MET A 24 83.07 31.52 -1.72
CA MET A 24 84.13 32.49 -1.45
C MET A 24 85.16 32.49 -2.57
N VAL A 25 85.54 31.29 -3.02
CA VAL A 25 86.44 31.15 -4.17
C VAL A 25 85.81 31.74 -5.43
N GLN A 26 84.56 31.37 -5.71
CA GLN A 26 83.93 31.72 -6.97
C GLN A 26 83.58 33.20 -7.07
N PHE A 27 83.49 33.91 -5.95
CA PHE A 27 83.00 35.28 -6.01
C PHE A 27 83.91 36.28 -5.31
N SER A 28 85.10 35.86 -4.87
CA SER A 28 86.09 36.82 -4.39
C SER A 28 86.61 37.68 -5.54
N THR A 29 86.46 39.01 -5.41
CA THR A 29 86.89 39.93 -6.45
C THR A 29 88.21 40.59 -6.07
N SER A 30 88.63 41.58 -6.85
CA SER A 30 89.91 42.24 -6.66
C SER A 30 89.83 43.39 -5.65
N GLU A 31 88.81 44.22 -5.76
CA GLU A 31 88.72 45.40 -4.90
C GLU A 31 88.34 45.07 -3.47
N PHE A 32 87.13 44.55 -3.27
CA PHE A 32 86.62 44.31 -1.93
C PHE A 32 86.69 42.84 -1.57
N ARG A 33 87.13 42.58 -0.35
CA ARG A 33 87.36 41.22 0.12
C ARG A 33 86.53 41.02 1.37
N LEU A 34 86.55 39.79 1.86
CA LEU A 34 85.67 39.41 2.97
C LEU A 34 86.52 38.92 4.12
N THR A 35 86.06 39.25 5.33
CA THR A 35 86.68 38.75 6.54
C THR A 35 85.66 37.86 7.23
N PRO A 36 85.58 36.57 6.88
CA PRO A 36 84.60 35.70 7.51
C PRO A 36 85.02 35.34 8.91
N HIS A 37 84.11 35.49 9.86
CA HIS A 37 84.34 35.01 11.21
C HIS A 37 83.39 33.84 11.44
N ILE A 38 83.90 32.64 11.21
CA ILE A 38 83.08 31.44 11.21
C ILE A 38 82.94 30.95 12.64
N ASP A 39 81.72 30.63 13.04
CA ASP A 39 81.44 30.11 14.37
C ASP A 39 80.60 28.84 14.26
N ASN A 40 81.26 27.70 14.35
CA ASN A 40 80.60 26.39 14.35
C ASN A 40 80.07 26.13 15.74
N LEU A 41 78.88 26.65 16.02
CA LEU A 41 78.28 26.58 17.33
C LEU A 41 76.86 26.04 17.22
N GLU A 42 76.23 25.84 18.37
CA GLU A 42 74.94 25.16 18.42
C GLU A 42 73.82 26.07 17.94
N VAL A 43 72.61 25.51 17.89
CA VAL A 43 71.43 26.26 17.46
C VAL A 43 70.24 26.13 18.41
N ALA A 44 70.19 25.13 19.28
CA ALA A 44 69.01 24.96 20.12
C ALA A 44 69.05 25.81 21.38
N ASN A 45 70.24 26.18 21.85
CA ASN A 45 70.39 26.92 23.09
C ASN A 45 70.48 28.42 22.76
N SER A 46 69.40 29.13 23.09
CA SER A 46 69.35 30.56 22.83
C SER A 46 70.36 31.32 23.65
N PHE A 47 70.77 30.78 24.79
CA PHE A 47 71.86 31.35 25.57
C PHE A 47 73.14 31.43 24.75
N ALA A 48 73.53 30.30 24.15
CA ALA A 48 74.76 30.28 23.36
C ALA A 48 74.59 31.08 22.08
N VAL A 49 73.38 31.10 21.51
CA VAL A 49 73.12 31.90 20.33
C VAL A 49 73.30 33.38 20.65
N THR A 50 72.74 33.80 21.78
CA THR A 50 72.86 35.17 22.24
C THR A 50 74.31 35.51 22.53
N ASN A 51 75.04 34.56 23.11
CA ASN A 51 76.45 34.74 23.42
C ASN A 51 77.25 34.99 22.14
N ALA A 52 77.00 34.18 21.12
CA ALA A 52 77.72 34.33 19.85
C ALA A 52 77.34 35.63 19.17
N PHE A 53 76.07 36.01 19.26
CA PHE A 53 75.63 37.22 18.57
C PHE A 53 76.18 38.46 19.23
N CYS A 54 76.15 38.51 20.56
CA CYS A 54 76.74 39.63 21.28
C CYS A 54 78.24 39.68 21.08
N SER A 55 78.89 38.51 21.00
CA SER A 55 80.32 38.47 20.80
C SER A 55 80.71 39.03 19.44
N GLN A 56 79.97 38.65 18.39
CA GLN A 56 80.35 39.14 17.07
C GLN A 56 79.93 40.59 16.87
N PHE A 57 78.88 41.05 17.56
CA PHE A 57 78.58 42.46 17.45
C PHE A 57 79.59 43.29 18.23
N SER A 58 80.17 42.72 19.29
CA SER A 58 81.31 43.36 19.94
C SER A 58 82.51 43.36 19.02
N ARG A 59 82.67 42.30 18.22
CA ARG A 59 83.69 42.26 17.19
C ARG A 59 83.44 43.30 16.10
N GLY A 60 82.20 43.73 15.94
CA GLY A 60 81.92 44.80 15.02
C GLY A 60 81.67 44.27 13.62
N VAL A 61 80.85 43.23 13.54
CA VAL A 61 80.49 42.65 12.26
C VAL A 61 79.64 43.64 11.46
N TYR A 62 79.85 43.66 10.16
CA TYR A 62 79.05 44.47 9.25
C TYR A 62 77.86 43.73 8.68
N ALA A 63 77.94 42.41 8.61
CA ALA A 63 76.88 41.62 7.98
C ALA A 63 76.87 40.24 8.62
N ILE A 64 75.76 39.89 9.24
CA ILE A 64 75.64 38.65 9.99
C ILE A 64 74.93 37.60 9.15
N PHE A 65 75.40 36.36 9.25
CA PHE A 65 74.85 35.26 8.49
C PHE A 65 74.87 34.02 9.37
N GLY A 66 73.89 33.16 9.17
CA GLY A 66 73.81 31.92 9.93
C GLY A 66 72.45 31.29 9.77
N PHE A 67 72.28 30.17 10.46
CA PHE A 67 71.02 29.45 10.41
C PHE A 67 70.28 29.69 11.70
N TYR A 68 69.07 29.14 11.80
CA TYR A 68 68.33 29.15 13.05
C TYR A 68 67.27 28.08 13.04
N ASP A 69 67.02 27.53 14.20
CA ASP A 69 65.99 26.53 14.42
C ASP A 69 64.72 27.28 14.85
N LYS A 70 63.69 26.53 15.24
CA LYS A 70 62.44 27.14 15.65
C LYS A 70 62.50 27.77 17.03
N LYS A 71 63.56 27.51 17.80
CA LYS A 71 63.58 28.02 19.16
C LYS A 71 64.37 29.31 19.31
N SER A 72 65.22 29.64 18.34
CA SER A 72 66.03 30.83 18.42
C SER A 72 65.50 31.94 17.52
N VAL A 73 64.41 31.68 16.83
CA VAL A 73 63.96 32.58 15.77
C VAL A 73 63.52 33.92 16.35
N ASN A 74 62.83 33.88 17.49
CA ASN A 74 62.40 35.11 18.13
C ASN A 74 63.58 35.87 18.69
N THR A 75 64.58 35.15 19.19
CA THR A 75 65.79 35.78 19.71
C THR A 75 66.51 36.54 18.61
N ILE A 76 66.66 35.89 17.45
CA ILE A 76 67.38 36.52 16.35
C ILE A 76 66.60 37.69 15.79
N THR A 77 65.28 37.54 15.62
CA THR A 77 64.53 38.64 15.05
C THR A 77 64.40 39.80 16.03
N SER A 78 64.45 39.52 17.34
CA SER A 78 64.36 40.58 18.33
C SER A 78 65.65 41.38 18.37
N PHE A 79 66.78 40.69 18.39
CA PHE A 79 68.08 41.35 18.33
C PHE A 79 68.25 42.13 17.04
N CYS A 80 67.79 41.60 15.91
CA CYS A 80 68.01 42.31 14.66
C CYS A 80 67.07 43.49 14.50
N GLY A 81 65.84 43.37 14.98
CA GLY A 81 64.94 44.49 14.97
C GLY A 81 65.41 45.63 15.84
N THR A 82 66.03 45.30 16.98
CA THR A 82 66.63 46.35 17.80
C THR A 82 67.87 46.93 17.15
N LEU A 83 68.88 46.11 16.93
CA LEU A 83 70.20 46.63 16.60
C LEU A 83 70.37 46.98 15.13
N HIS A 84 69.36 46.72 14.28
CA HIS A 84 69.32 47.14 12.88
C HIS A 84 70.51 46.57 12.10
N VAL A 85 70.70 45.26 12.24
CA VAL A 85 71.81 44.56 11.61
C VAL A 85 71.22 43.58 10.60
N SER A 86 71.74 43.60 9.38
CA SER A 86 71.19 42.82 8.28
C SER A 86 71.55 41.35 8.46
N PHE A 87 70.53 40.50 8.59
CA PHE A 87 70.71 39.07 8.78
C PHE A 87 70.18 38.31 7.58
N ILE A 88 70.93 37.28 7.17
CA ILE A 88 70.63 36.50 5.97
C ILE A 88 70.58 35.04 6.41
N THR A 89 69.64 34.29 5.84
CA THR A 89 69.50 32.91 6.25
C THR A 89 68.96 32.05 5.12
N PRO A 90 69.33 30.77 5.10
CA PRO A 90 68.62 29.78 4.26
C PRO A 90 67.58 28.97 5.02
N SER A 91 67.28 29.32 6.27
CA SER A 91 66.44 28.47 7.09
C SER A 91 64.97 28.65 6.69
N PHE A 92 64.08 28.10 7.50
CA PHE A 92 62.65 28.17 7.20
C PHE A 92 62.15 29.60 7.29
N PRO A 93 61.22 29.99 6.42
CA PRO A 93 60.72 31.37 6.43
C PRO A 93 59.86 31.62 7.65
N THR A 94 59.74 32.90 7.99
CA THR A 94 59.04 33.31 9.19
C THR A 94 57.55 33.42 8.88
N ASP A 95 56.80 34.02 9.79
CA ASP A 95 55.37 34.21 9.62
C ASP A 95 55.01 35.68 9.57
N GLY A 96 55.42 36.44 10.57
CA GLY A 96 55.23 37.88 10.56
C GLY A 96 56.30 38.56 9.76
N THR A 97 55.95 39.70 9.18
CA THR A 97 56.89 40.48 8.40
C THR A 97 57.92 41.07 9.34
N HIS A 98 59.12 40.55 9.28
CA HIS A 98 60.12 41.10 10.18
C HIS A 98 61.21 41.81 9.38
N PRO A 99 61.68 42.95 9.88
CA PRO A 99 62.74 43.66 9.18
C PRO A 99 64.09 43.00 9.37
N PHE A 100 65.02 43.37 8.49
CA PHE A 100 66.44 43.00 8.55
C PHE A 100 66.65 41.49 8.46
N VAL A 101 65.71 40.76 7.87
CA VAL A 101 65.85 39.32 7.69
C VAL A 101 65.64 39.00 6.23
N ILE A 102 66.72 38.66 5.55
CA ILE A 102 66.66 38.19 4.18
C ILE A 102 66.74 36.68 4.23
N GLN A 103 65.86 36.00 3.50
CA GLN A 103 65.77 34.55 3.60
C GLN A 103 65.69 33.89 2.24
N MET A 104 66.55 32.90 2.02
CA MET A 104 66.72 32.31 0.69
C MET A 104 65.73 31.20 0.40
N ARG A 105 65.21 30.56 1.43
CA ARG A 105 64.32 29.43 1.23
C ARG A 105 62.96 29.94 0.78
N PRO A 106 62.48 29.55 -0.39
CA PRO A 106 61.20 30.07 -0.88
C PRO A 106 60.05 29.42 -0.15
N ASP A 107 58.87 30.00 -0.34
CA ASP A 107 57.68 29.47 0.28
C ASP A 107 57.25 28.22 -0.46
N LEU A 108 56.42 27.43 0.21
CA LEU A 108 56.04 26.12 -0.29
C LEU A 108 54.54 25.89 -0.27
N LYS A 109 53.79 26.66 0.50
CA LYS A 109 52.42 26.33 0.83
C LYS A 109 51.49 26.45 -0.37
N GLY A 110 51.70 27.47 -1.20
CA GLY A 110 50.86 27.64 -2.38
C GLY A 110 51.06 26.54 -3.39
N ALA A 111 52.31 26.14 -3.63
CA ALA A 111 52.58 25.05 -4.55
C ALA A 111 52.04 23.73 -4.02
N LEU A 112 52.12 23.52 -2.70
CA LEU A 112 51.63 22.26 -2.16
C LEU A 112 50.12 22.18 -2.23
N LEU A 113 49.44 23.29 -1.94
CA LEU A 113 47.99 23.35 -2.11
C LEU A 113 47.59 23.15 -3.57
N SER A 114 48.38 23.72 -4.49
CA SER A 114 48.09 23.56 -5.91
C SER A 114 48.24 22.12 -6.33
N LEU A 115 49.23 21.42 -5.77
CA LEU A 115 49.40 20.01 -6.07
C LEU A 115 48.24 19.21 -5.53
N ILE A 116 47.73 19.59 -4.36
CA ILE A 116 46.57 18.93 -3.78
C ILE A 116 45.37 19.08 -4.69
N GLU A 117 45.15 20.29 -5.20
CA GLU A 117 44.02 20.51 -6.10
C GLU A 117 44.21 19.80 -7.43
N TYR A 118 45.46 19.65 -7.89
CA TYR A 118 45.69 18.98 -9.15
C TYR A 118 45.43 17.48 -9.04
N TYR A 119 45.95 16.85 -8.01
CA TYR A 119 45.63 15.45 -7.80
C TYR A 119 44.20 15.23 -7.36
N GLN A 120 43.50 16.28 -6.93
CA GLN A 120 42.06 16.29 -6.69
C GLN A 120 41.68 15.28 -5.60
N TRP A 121 42.10 15.60 -4.39
CA TRP A 121 41.85 14.76 -3.25
C TRP A 121 40.75 15.32 -2.37
N ASP A 122 40.29 14.49 -1.43
CA ASP A 122 39.35 14.94 -0.43
C ASP A 122 39.72 14.45 0.98
N LYS A 123 40.39 13.31 1.07
CA LYS A 123 40.64 12.65 2.34
C LYS A 123 42.05 12.09 2.37
N PHE A 124 42.81 12.44 3.38
CA PHE A 124 44.21 12.06 3.42
C PHE A 124 44.76 12.25 4.84
N ALA A 125 45.94 11.70 5.06
CA ALA A 125 46.65 11.87 6.32
C ALA A 125 47.84 12.81 6.11
N TYR A 126 48.34 13.33 7.23
CA TYR A 126 49.36 14.39 7.17
C TYR A 126 50.27 14.19 8.37
N LEU A 127 51.48 13.73 8.12
CA LEU A 127 52.45 13.49 9.19
C LEU A 127 53.46 14.62 9.21
N TYR A 128 53.61 15.26 10.38
CA TYR A 128 54.42 16.45 10.50
C TYR A 128 55.42 16.31 11.62
N ASP A 129 56.50 17.09 11.50
CA ASP A 129 57.44 17.28 12.58
C ASP A 129 57.32 18.73 13.06
N SER A 130 57.57 18.91 14.34
CA SER A 130 57.40 20.22 14.95
C SER A 130 58.60 21.13 14.74
N ASP A 131 59.79 20.55 14.53
CA ASP A 131 61.02 21.33 14.62
C ASP A 131 61.15 22.36 13.51
N ARG A 132 60.61 22.08 12.34
CA ARG A 132 60.71 23.01 11.23
C ARG A 132 59.65 24.11 11.32
N GLY A 133 58.69 23.95 12.21
CA GLY A 133 57.59 24.89 12.36
C GLY A 133 56.27 24.19 12.15
N LEU A 134 55.19 24.97 12.28
CA LEU A 134 53.85 24.44 12.08
C LEU A 134 53.04 25.32 11.13
N SER A 135 53.74 26.15 10.35
CA SER A 135 53.07 27.11 9.49
C SER A 135 52.24 26.43 8.42
N THR A 136 52.80 25.38 7.81
CA THR A 136 52.06 24.65 6.79
C THR A 136 50.89 23.90 7.38
N LEU A 137 51.05 23.43 8.63
CA LEU A 137 49.94 22.77 9.29
C LEU A 137 48.80 23.74 9.55
N GLN A 138 49.14 24.95 9.97
CA GLN A 138 48.12 25.98 10.11
C GLN A 138 47.52 26.35 8.76
N ALA A 139 48.30 26.25 7.69
CA ALA A 139 47.85 26.68 6.38
C ALA A 139 46.86 25.70 5.77
N VAL A 140 47.14 24.40 5.89
CA VAL A 140 46.31 23.43 5.17
C VAL A 140 44.97 23.23 5.84
N LEU A 141 44.87 23.59 7.12
CA LEU A 141 43.61 23.36 7.80
C LEU A 141 42.56 24.38 7.40
N ASP A 142 42.96 25.59 7.03
CA ASP A 142 42.00 26.56 6.52
C ASP A 142 41.42 26.10 5.20
N SER A 143 42.27 25.60 4.30
CA SER A 143 41.79 25.06 3.04
C SER A 143 40.98 23.81 3.26
N ALA A 144 41.26 23.09 4.35
CA ALA A 144 40.42 21.97 4.73
C ALA A 144 39.04 22.44 5.14
N ALA A 145 38.98 23.55 5.85
CA ALA A 145 37.68 24.09 6.24
C ALA A 145 36.92 24.61 5.03
N GLU A 146 37.63 25.18 4.06
CA GLU A 146 36.96 25.76 2.90
C GLU A 146 36.50 24.69 1.94
N LYS A 147 37.42 23.85 1.48
CA LYS A 147 37.14 22.85 0.48
C LYS A 147 36.59 21.55 1.05
N LYS A 148 36.18 21.56 2.31
CA LYS A 148 35.59 20.44 3.07
C LYS A 148 36.36 19.12 2.86
N TRP A 149 37.60 19.15 3.31
CA TRP A 149 38.43 17.96 3.25
C TRP A 149 38.33 17.18 4.54
N GLN A 150 38.66 15.90 4.46
CA GLN A 150 38.76 15.03 5.63
C GLN A 150 40.24 14.86 5.94
N VAL A 151 40.71 15.52 6.98
CA VAL A 151 42.13 15.61 7.27
C VAL A 151 42.40 14.89 8.57
N THR A 152 43.45 14.08 8.59
CA THR A 152 43.97 13.48 9.80
C THR A 152 45.43 13.86 9.95
N ALA A 153 45.75 14.61 10.99
CA ALA A 153 47.11 15.06 11.25
C ALA A 153 47.63 14.41 12.51
N ILE A 154 48.88 13.96 12.47
CA ILE A 154 49.49 13.24 13.58
C ILE A 154 50.92 13.73 13.75
N ASN A 155 51.29 14.07 14.97
CA ASN A 155 52.68 14.39 15.28
C ASN A 155 53.53 13.13 15.28
N VAL A 156 54.79 13.29 14.90
CA VAL A 156 55.70 12.17 14.86
C VAL A 156 57.02 12.56 15.53
N GLY A 157 57.22 13.87 15.74
CA GLY A 157 58.53 14.39 16.06
C GLY A 157 59.02 14.13 17.46
N ASN A 158 58.16 13.66 18.36
CA ASN A 158 58.58 13.45 19.74
C ASN A 158 59.09 12.05 20.01
N ILE A 159 58.99 11.14 19.03
CA ILE A 159 59.32 9.75 19.28
C ILE A 159 60.82 9.57 19.39
N ASN A 160 61.26 8.99 20.49
CA ASN A 160 62.68 8.77 20.70
C ASN A 160 63.16 7.57 19.90
N ASN A 161 64.49 7.50 19.74
CA ASN A 161 65.10 6.54 18.82
C ASN A 161 65.00 5.11 19.32
N ASP A 162 64.78 4.93 20.63
CA ASP A 162 64.77 3.59 21.19
C ASP A 162 63.48 2.83 20.89
N LYS A 163 62.48 3.48 20.31
CA LYS A 163 61.17 2.89 20.08
C LYS A 163 60.71 3.04 18.63
N LYS A 164 61.61 3.40 17.73
CA LYS A 164 61.23 3.73 16.35
C LYS A 164 61.28 2.50 15.45
N ASP A 165 60.75 1.44 15.96
CA ASP A 165 60.42 0.26 15.18
C ASP A 165 59.02 -0.21 15.47
N GLU A 166 58.53 0.01 16.68
CA GLU A 166 57.18 -0.38 17.05
C GLU A 166 56.23 0.79 17.15
N THR A 167 56.72 1.99 17.51
CA THR A 167 55.83 3.14 17.56
C THR A 167 55.30 3.48 16.18
N TYR A 168 56.17 3.45 15.17
CA TYR A 168 55.73 3.69 13.80
C TYR A 168 54.80 2.59 13.33
N ARG A 169 55.03 1.36 13.79
CA ARG A 169 54.18 0.26 13.40
C ARG A 169 52.78 0.43 13.97
N SER A 170 52.70 0.81 15.24
CA SER A 170 51.42 1.16 15.86
C SER A 170 50.75 2.31 15.12
N LEU A 171 51.55 3.28 14.67
CA LEU A 171 51.02 4.42 13.92
C LEU A 171 50.39 3.99 12.60
N PHE A 172 51.09 3.17 11.83
CA PHE A 172 50.54 2.72 10.56
C PHE A 172 49.36 1.78 10.75
N GLN A 173 49.34 1.01 11.83
CA GLN A 173 48.17 0.20 12.11
C GLN A 173 46.98 1.07 12.46
N ASP A 174 47.22 2.18 13.15
CA ASP A 174 46.13 3.11 13.43
C ASP A 174 45.67 3.81 12.17
N LEU A 175 46.58 4.01 11.21
CA LEU A 175 46.14 4.48 9.90
C LEU A 175 45.30 3.44 9.20
N GLU A 176 45.66 2.17 9.33
CA GLU A 176 44.90 1.10 8.68
C GLU A 176 43.57 0.83 9.36
N LEU A 177 43.32 1.42 10.52
CA LEU A 177 41.98 1.44 11.07
C LEU A 177 41.03 2.20 10.16
N LYS A 178 41.52 3.21 9.46
CA LYS A 178 40.73 3.88 8.46
C LYS A 178 41.14 3.54 7.03
N LYS A 179 42.25 2.83 6.86
CA LYS A 179 42.83 2.45 5.58
C LYS A 179 43.07 3.68 4.70
N GLU A 180 43.98 4.50 5.17
CA GLU A 180 44.37 5.68 4.41
C GLU A 180 45.14 5.27 3.17
N ARG A 181 45.05 6.13 2.17
CA ARG A 181 45.64 5.87 0.87
C ARG A 181 46.51 7.01 0.39
N ARG A 182 46.43 8.17 1.02
CA ARG A 182 47.05 9.39 0.55
C ARG A 182 47.76 10.03 1.72
N VAL A 183 49.07 10.10 1.65
CA VAL A 183 49.89 10.51 2.78
C VAL A 183 50.77 11.66 2.34
N ILE A 184 50.76 12.73 3.11
CA ILE A 184 51.71 13.81 2.93
C ILE A 184 52.66 13.78 4.10
N LEU A 185 53.92 13.51 3.82
CA LEU A 185 54.95 13.61 4.84
C LEU A 185 55.49 15.02 4.86
N ASP A 186 55.90 15.47 6.04
CA ASP A 186 56.45 16.82 6.17
C ASP A 186 57.50 16.76 7.27
N CYS A 187 58.74 16.53 6.86
CA CYS A 187 59.82 16.32 7.81
C CYS A 187 61.11 16.83 7.19
N GLU A 188 62.22 16.52 7.83
CA GLU A 188 63.55 16.71 7.25
C GLU A 188 64.02 15.41 6.63
N ARG A 189 65.16 15.50 5.94
CA ARG A 189 65.67 14.40 5.13
C ARG A 189 66.01 13.18 5.97
N ASP A 190 66.47 13.42 7.20
CA ASP A 190 66.79 12.31 8.10
C ASP A 190 65.54 11.55 8.50
N LYS A 191 64.49 12.27 8.89
CA LYS A 191 63.25 11.62 9.27
C LYS A 191 62.58 10.95 8.07
N VAL A 192 62.77 11.52 6.87
CA VAL A 192 62.23 10.90 5.67
C VAL A 192 62.89 9.56 5.40
N ASN A 193 64.23 9.54 5.45
CA ASN A 193 64.95 8.28 5.27
C ASN A 193 64.64 7.29 6.38
N ASP A 194 64.33 7.79 7.57
CA ASP A 194 63.97 6.88 8.65
C ASP A 194 62.58 6.30 8.45
N ILE A 195 61.64 7.09 7.91
CA ILE A 195 60.27 6.61 7.84
C ILE A 195 60.03 5.75 6.60
N VAL A 196 60.74 6.02 5.51
CA VAL A 196 60.53 5.24 4.29
C VAL A 196 61.03 3.82 4.48
N ASP A 197 62.08 3.66 5.27
CA ASP A 197 62.56 2.32 5.63
C ASP A 197 61.51 1.55 6.42
N GLN A 198 60.80 2.24 7.30
CA GLN A 198 59.73 1.61 8.05
C GLN A 198 58.57 1.24 7.12
N VAL A 199 58.33 2.08 6.11
CA VAL A 199 57.29 1.79 5.13
C VAL A 199 57.65 0.56 4.32
N ILE A 200 58.93 0.39 4.01
CA ILE A 200 59.38 -0.81 3.32
C ILE A 200 59.19 -2.04 4.20
N THR A 201 59.55 -1.91 5.48
CA THR A 201 59.43 -3.02 6.42
C THR A 201 57.98 -3.45 6.60
N ILE A 202 57.04 -2.51 6.57
CA ILE A 202 55.64 -2.90 6.62
C ILE A 202 55.11 -3.29 5.25
N GLY A 203 55.85 -3.01 4.19
CA GLY A 203 55.48 -3.50 2.88
C GLY A 203 54.36 -2.75 2.21
N LYS A 204 54.23 -1.46 2.48
CA LYS A 204 53.17 -0.63 1.94
C LYS A 204 53.66 0.20 0.76
N HIS A 205 54.51 -0.38 -0.09
CA HIS A 205 55.01 0.29 -1.28
C HIS A 205 54.41 -0.28 -2.55
N VAL A 206 53.31 -1.01 -2.43
CA VAL A 206 52.61 -1.61 -3.56
C VAL A 206 51.74 -0.55 -4.21
N LYS A 207 51.12 -0.92 -5.33
CA LYS A 207 50.12 -0.09 -5.98
C LYS A 207 48.97 0.25 -5.05
N GLY A 208 48.48 1.48 -5.16
CA GLY A 208 47.32 1.94 -4.42
C GLY A 208 47.66 3.10 -3.52
N TYR A 209 48.79 3.02 -2.85
CA TYR A 209 49.18 4.05 -1.92
C TYR A 209 49.81 5.22 -2.68
N HIS A 210 49.80 6.39 -2.06
CA HIS A 210 50.29 7.57 -2.74
C HIS A 210 51.03 8.43 -1.74
N TYR A 211 52.16 9.00 -2.15
CA TYR A 211 53.03 9.71 -1.23
C TYR A 211 53.46 11.04 -1.81
N ILE A 212 53.50 12.05 -0.94
CA ILE A 212 53.98 13.38 -1.28
C ILE A 212 55.01 13.78 -0.24
N ILE A 213 56.19 14.16 -0.69
CA ILE A 213 57.25 14.59 0.19
C ILE A 213 57.35 16.09 0.13
N ALA A 214 57.18 16.74 1.27
CA ALA A 214 57.24 18.20 1.33
C ALA A 214 58.65 18.69 1.65
N ASN A 215 59.63 18.18 0.92
CA ASN A 215 60.99 18.65 1.04
C ASN A 215 61.48 19.16 -0.29
N LEU A 216 62.25 20.24 -0.24
CA LEU A 216 62.73 20.85 -1.46
C LEU A 216 63.76 19.97 -2.15
N GLY A 217 64.56 19.25 -1.37
CA GLY A 217 65.49 18.29 -1.92
C GLY A 217 64.85 16.95 -2.15
N PHE A 218 64.06 16.84 -3.22
CA PHE A 218 63.33 15.60 -3.48
C PHE A 218 64.25 14.44 -3.80
N THR A 219 65.37 14.70 -4.43
CA THR A 219 66.32 13.66 -4.76
C THR A 219 67.45 13.55 -3.75
N ASP A 220 67.36 14.26 -2.63
CA ASP A 220 68.39 14.08 -1.61
C ASP A 220 68.21 12.76 -0.88
N GLY A 221 66.99 12.35 -0.65
CA GLY A 221 66.75 11.07 0.00
C GLY A 221 67.05 9.91 -0.91
N ASP A 222 67.15 8.73 -0.29
CA ASP A 222 67.45 7.50 -1.03
C ASP A 222 66.12 6.91 -1.50
N LEU A 223 65.73 7.25 -2.70
CA LEU A 223 64.46 6.81 -3.24
C LEU A 223 64.57 5.53 -4.04
N LEU A 224 65.78 5.02 -4.25
CA LEU A 224 65.98 3.83 -5.07
C LEU A 224 65.36 2.61 -4.45
N LYS A 225 65.23 2.59 -3.13
CA LYS A 225 64.68 1.47 -2.42
C LYS A 225 63.16 1.39 -2.50
N ILE A 226 62.49 2.37 -3.10
CA ILE A 226 61.07 2.26 -3.39
C ILE A 226 60.77 2.66 -4.82
N GLN A 227 61.82 2.77 -5.65
CA GLN A 227 61.61 3.14 -7.04
C GLN A 227 60.85 2.06 -7.78
N PHE A 228 61.08 0.80 -7.44
CA PHE A 228 60.51 -0.32 -8.17
C PHE A 228 59.41 -1.01 -7.37
N GLY A 229 58.91 -0.35 -6.34
CA GLY A 229 57.93 -0.97 -5.47
C GLY A 229 56.56 -1.08 -6.10
N GLY A 230 55.95 0.06 -6.41
CA GLY A 230 54.60 0.06 -6.94
C GLY A 230 53.77 1.22 -6.46
N ALA A 231 54.24 1.92 -5.43
CA ALA A 231 53.54 3.10 -4.95
C ALA A 231 53.77 4.27 -5.90
N GLU A 232 53.22 5.44 -5.56
CA GLU A 232 53.36 6.61 -6.40
C GLU A 232 53.88 7.76 -5.55
N VAL A 233 55.12 8.16 -5.82
CA VAL A 233 55.83 9.14 -5.04
C VAL A 233 56.05 10.37 -5.91
N SER A 234 55.55 11.50 -5.44
CA SER A 234 55.77 12.76 -6.11
C SER A 234 56.41 13.75 -5.13
N GLY A 235 57.16 14.69 -5.67
CA GLY A 235 57.71 15.77 -4.89
C GLY A 235 58.08 16.90 -5.79
N PHE A 236 59.14 17.62 -5.41
CA PHE A 236 59.48 18.85 -6.11
C PHE A 236 60.92 19.26 -5.79
N GLN A 237 61.51 19.99 -6.72
CA GLN A 237 62.86 20.48 -6.60
C GLN A 237 62.91 21.99 -6.75
N ILE A 238 63.99 22.55 -6.26
CA ILE A 238 64.38 23.92 -6.58
C ILE A 238 65.67 23.94 -7.38
N VAL A 239 66.41 22.84 -7.41
CA VAL A 239 67.70 22.76 -8.10
C VAL A 239 67.47 22.04 -9.42
N ASP A 240 67.82 22.71 -10.51
CA ASP A 240 67.56 22.22 -11.85
C ASP A 240 68.85 21.66 -12.42
N TYR A 241 68.99 20.33 -12.37
CA TYR A 241 70.16 19.69 -12.94
C TYR A 241 70.22 19.77 -14.46
N ASP A 242 69.15 20.18 -15.12
CA ASP A 242 69.15 20.36 -16.56
C ASP A 242 69.72 21.71 -16.99
N ASP A 243 70.10 22.57 -16.06
CA ASP A 243 70.61 23.88 -16.43
C ASP A 243 72.12 23.86 -16.61
N SER A 244 72.58 24.74 -17.50
CA SER A 244 73.96 24.73 -17.94
C SER A 244 74.90 25.15 -16.82
N LEU A 245 74.57 26.25 -16.14
CA LEU A 245 75.41 26.74 -15.04
C LEU A 245 75.42 25.74 -13.90
N VAL A 246 74.29 25.07 -13.68
CA VAL A 246 74.20 24.06 -12.64
C VAL A 246 75.09 22.87 -12.96
N SER A 247 75.05 22.42 -14.21
CA SER A 247 75.89 21.30 -14.61
C SER A 247 77.36 21.66 -14.56
N LYS A 248 77.70 22.92 -14.90
CA LYS A 248 79.05 23.43 -14.70
C LYS A 248 79.46 23.35 -13.24
N PHE A 249 78.54 23.74 -12.35
CA PHE A 249 78.82 23.69 -10.92
C PHE A 249 79.02 22.27 -10.45
N ILE A 250 78.26 21.32 -11.01
CA ILE A 250 78.44 19.91 -10.67
C ILE A 250 79.80 19.42 -11.14
N GLU A 251 80.22 19.87 -12.32
CA GLU A 251 81.52 19.46 -12.87
C GLU A 251 82.66 20.00 -12.03
N ARG A 252 82.55 21.25 -11.58
CA ARG A 252 83.52 21.77 -10.62
C ARG A 252 83.42 21.06 -9.29
N TRP A 253 82.21 20.62 -8.92
CA TRP A 253 81.93 20.11 -7.59
C TRP A 253 82.51 18.72 -7.38
N SER A 254 82.05 17.78 -8.18
CA SER A 254 82.27 16.35 -7.91
C SER A 254 83.74 15.97 -8.00
N THR A 255 84.51 16.70 -8.80
CA THR A 255 85.92 16.41 -8.99
C THR A 255 86.79 16.82 -7.81
N LEU A 256 86.24 17.50 -6.80
CA LEU A 256 87.08 18.06 -5.77
C LEU A 256 87.50 17.00 -4.77
N GLU A 257 88.36 17.42 -3.84
CA GLU A 257 88.90 16.54 -2.82
C GLU A 257 87.90 16.41 -1.68
N GLU A 258 87.55 15.17 -1.37
CA GLU A 258 86.68 14.90 -0.22
C GLU A 258 87.37 15.27 1.09
N LYS A 259 88.70 15.13 1.14
CA LYS A 259 89.42 15.45 2.36
C LYS A 259 89.49 16.95 2.59
N GLU A 260 89.74 17.72 1.53
CA GLU A 260 89.82 19.16 1.67
C GLU A 260 88.44 19.77 1.88
N TYR A 261 87.40 19.15 1.32
CA TYR A 261 86.03 19.61 1.51
C TYR A 261 85.15 18.40 1.75
N PRO A 262 84.74 18.17 3.00
CA PRO A 262 83.96 16.96 3.30
C PRO A 262 82.55 17.06 2.75
N GLY A 263 82.06 15.92 2.25
CA GLY A 263 80.73 15.85 1.68
C GLY A 263 80.59 16.55 0.35
N ALA A 264 81.61 16.51 -0.49
CA ALA A 264 81.58 17.24 -1.74
C ALA A 264 81.96 16.41 -2.96
N HIS A 265 82.46 15.19 -2.77
CA HIS A 265 82.86 14.36 -3.90
C HIS A 265 81.71 13.45 -4.32
N THR A 266 80.58 14.09 -4.64
CA THR A 266 79.37 13.41 -5.04
C THR A 266 78.79 14.14 -6.24
N ALA A 267 77.77 13.53 -6.85
CA ALA A 267 77.09 14.11 -8.00
C ALA A 267 75.97 15.05 -7.58
N THR A 268 75.25 14.72 -6.52
CA THR A 268 74.12 15.51 -6.07
C THR A 268 74.56 16.44 -4.94
N ILE A 269 73.63 17.29 -4.49
CA ILE A 269 73.95 18.32 -3.53
C ILE A 269 72.67 18.69 -2.79
N LYS A 270 72.81 19.26 -1.60
CA LYS A 270 71.67 19.69 -0.83
C LYS A 270 71.30 21.12 -1.18
N TYR A 271 69.99 21.39 -1.19
CA TYR A 271 69.48 22.72 -1.51
C TYR A 271 69.89 23.74 -0.46
N THR A 272 70.09 23.27 0.77
CA THR A 272 70.67 24.08 1.83
C THR A 272 72.03 24.63 1.40
N SER A 273 72.91 23.74 0.96
CA SER A 273 74.23 24.15 0.49
C SER A 273 74.13 24.97 -0.79
N ALA A 274 73.09 24.73 -1.59
CA ALA A 274 72.90 25.52 -2.79
C ALA A 274 72.59 26.97 -2.45
N LEU A 275 71.69 27.17 -1.50
CA LEU A 275 71.38 28.52 -1.05
C LEU A 275 72.57 29.14 -0.33
N THR A 276 73.38 28.31 0.33
CA THR A 276 74.64 28.78 0.90
C THR A 276 75.56 29.35 -0.18
N TYR A 277 75.70 28.61 -1.28
CA TYR A 277 76.49 29.10 -2.41
C TYR A 277 75.91 30.36 -3.02
N ASP A 278 74.58 30.47 -3.01
CA ASP A 278 73.94 31.64 -3.62
C ASP A 278 74.09 32.89 -2.75
N ALA A 279 74.14 32.71 -1.43
CA ALA A 279 74.19 33.85 -0.52
C ALA A 279 75.49 34.62 -0.65
N VAL A 280 76.58 33.93 -0.99
CA VAL A 280 77.86 34.60 -1.17
C VAL A 280 77.81 35.52 -2.38
N GLN A 281 77.16 35.05 -3.45
CA GLN A 281 76.95 35.89 -4.62
C GLN A 281 76.06 37.08 -4.30
N VAL A 282 75.06 36.86 -3.44
CA VAL A 282 74.19 37.96 -3.00
C VAL A 282 74.99 39.01 -2.25
N MET A 283 75.88 38.56 -1.36
CA MET A 283 76.69 39.46 -0.55
C MET A 283 77.67 40.26 -1.40
N THR A 284 78.32 39.58 -2.34
CA THR A 284 79.29 40.21 -3.22
C THR A 284 78.62 41.24 -4.11
N GLU A 285 77.43 40.91 -4.66
CA GLU A 285 76.69 41.86 -5.49
C GLU A 285 76.22 43.05 -4.68
N ALA A 286 75.83 42.82 -3.42
CA ALA A 286 75.43 43.89 -2.53
C ALA A 286 76.56 44.89 -2.31
N PHE A 287 77.72 44.40 -1.89
CA PHE A 287 78.84 45.31 -1.64
C PHE A 287 79.42 45.91 -2.92
N ARG A 288 79.25 45.22 -4.05
CA ARG A 288 79.55 45.80 -5.35
C ARG A 288 78.69 47.03 -5.63
N ASN A 289 77.37 46.89 -5.45
CA ASN A 289 76.49 48.04 -5.67
C ASN A 289 76.63 49.10 -4.59
N LEU A 290 77.14 48.73 -3.42
CA LEU A 290 77.55 49.75 -2.45
C LEU A 290 78.69 50.60 -2.98
N ARG A 291 79.67 49.97 -3.61
CA ARG A 291 80.77 50.76 -4.19
C ARG A 291 80.29 51.59 -5.37
N LYS A 292 79.38 51.04 -6.18
CA LYS A 292 78.93 51.78 -7.35
C LYS A 292 77.95 52.89 -6.99
N GLN A 293 77.18 52.72 -5.91
CA GLN A 293 76.37 53.81 -5.40
C GLN A 293 77.14 54.70 -4.44
N ARG A 294 78.40 54.35 -4.16
CA ARG A 294 79.34 55.14 -3.36
C ARG A 294 78.84 55.33 -1.93
N ILE A 295 78.09 54.35 -1.43
CA ILE A 295 77.61 54.36 -0.06
C ILE A 295 78.74 53.85 0.82
N GLU A 296 79.14 54.65 1.79
CA GLU A 296 80.23 54.29 2.69
C GLU A 296 79.66 53.71 3.98
N ILE A 297 80.11 52.52 4.32
CA ILE A 297 79.64 51.78 5.49
C ILE A 297 80.75 51.73 6.52
N SER A 298 81.59 52.77 6.52
CA SER A 298 82.80 52.83 7.33
C SER A 298 82.48 52.73 8.81
N ARG A 299 83.51 52.35 9.58
CA ARG A 299 83.35 51.83 10.93
C ARG A 299 82.73 52.87 11.88
N ARG A 300 81.80 52.40 12.68
CA ARG A 300 81.12 53.15 13.70
C ARG A 300 81.84 52.93 15.02
N GLY A 301 81.20 53.34 16.12
CA GLY A 301 81.68 52.95 17.44
C GLY A 301 81.79 51.45 17.57
N ASN A 302 82.81 51.01 18.32
CA ASN A 302 83.31 49.65 18.26
C ASN A 302 82.32 48.58 18.67
N ALA A 303 81.90 48.57 19.94
CA ALA A 303 81.03 47.49 20.40
C ALA A 303 79.66 47.97 20.85
N GLY A 304 79.57 48.74 21.93
CA GLY A 304 78.33 48.94 22.66
C GLY A 304 77.58 47.63 22.89
N ASP A 305 78.16 46.72 23.70
CA ASP A 305 78.21 45.28 23.44
C ASP A 305 76.92 44.62 22.93
N CYS A 306 75.93 44.43 23.79
CA CYS A 306 74.56 44.23 23.33
C CYS A 306 73.56 44.78 24.33
N LEU A 307 74.03 45.04 25.55
CA LEU A 307 73.16 45.44 26.64
C LEU A 307 73.09 46.95 26.81
N ALA A 308 73.26 47.70 25.73
CA ALA A 308 73.10 49.14 25.78
C ALA A 308 71.64 49.48 26.05
N ASN A 309 71.38 50.10 27.22
CA ASN A 309 69.99 50.38 27.57
C ASN A 309 69.40 51.45 26.67
N PRO A 310 70.09 52.58 26.35
CA PRO A 310 69.67 53.30 25.13
C PRO A 310 70.42 52.77 23.90
N ALA A 311 69.93 51.65 23.36
CA ALA A 311 70.59 50.99 22.25
C ALA A 311 70.55 51.84 20.99
N VAL A 312 71.72 52.03 20.37
CA VAL A 312 71.91 53.00 19.30
C VAL A 312 72.01 52.25 17.97
N PRO A 313 71.11 52.48 17.05
CA PRO A 313 71.26 51.92 15.70
C PRO A 313 72.13 52.79 14.81
N TRP A 314 72.25 52.41 13.53
CA TRP A 314 72.90 53.25 12.53
C TRP A 314 72.41 52.83 11.16
N GLY A 315 71.81 53.79 10.43
CA GLY A 315 71.04 53.56 9.22
C GLY A 315 71.83 53.27 7.97
N GLN A 316 73.16 53.25 8.05
CA GLN A 316 73.92 52.70 6.93
C GLN A 316 73.59 51.23 6.72
N GLY A 317 73.30 50.50 7.79
CA GLY A 317 72.77 49.16 7.66
C GLY A 317 71.40 49.12 7.02
N VAL A 318 70.59 50.17 7.25
CA VAL A 318 69.29 50.27 6.58
C VAL A 318 69.49 50.46 5.08
N GLU A 319 70.49 51.24 4.69
CA GLU A 319 70.75 51.40 3.27
C GLU A 319 71.41 50.16 2.67
N ILE A 320 72.18 49.42 3.48
CA ILE A 320 72.63 48.09 3.09
C ILE A 320 71.43 47.20 2.78
N GLU A 321 70.43 47.23 3.66
CA GLU A 321 69.22 46.47 3.46
C GLU A 321 68.48 46.88 2.19
N ARG A 322 68.40 48.19 1.94
CA ARG A 322 67.78 48.70 0.71
C ARG A 322 68.53 48.21 -0.52
N ALA A 323 69.87 48.16 -0.44
CA ALA A 323 70.66 47.59 -1.53
C ALA A 323 70.41 46.09 -1.66
N LEU A 324 70.12 45.43 -0.54
CA LEU A 324 69.87 43.99 -0.57
C LEU A 324 68.56 43.68 -1.29
N LYS A 325 67.50 44.44 -0.98
CA LYS A 325 66.21 44.21 -1.62
C LYS A 325 66.26 44.46 -3.13
N GLN A 326 67.13 45.34 -3.58
CA GLN A 326 67.22 45.67 -5.00
C GLN A 326 68.15 44.72 -5.76
N VAL A 327 68.63 43.66 -5.13
CA VAL A 327 69.45 42.68 -5.85
C VAL A 327 68.55 41.83 -6.73
N GLN A 328 68.93 41.68 -7.99
CA GLN A 328 68.28 40.74 -8.91
C GLN A 328 69.40 40.10 -9.74
N VAL A 329 69.87 38.95 -9.27
CA VAL A 329 70.89 38.19 -9.99
C VAL A 329 70.37 36.78 -10.19
N GLU A 330 71.22 35.95 -10.78
CA GLU A 330 70.84 34.59 -11.15
C GLU A 330 71.74 33.60 -10.43
N GLY A 331 71.12 32.61 -9.79
CA GLY A 331 71.88 31.64 -9.04
C GLY A 331 71.36 30.23 -9.25
N LEU A 332 71.68 29.34 -8.30
CA LEU A 332 71.35 27.93 -8.46
C LEU A 332 69.85 27.68 -8.33
N SER A 333 69.12 28.60 -7.70
CA SER A 333 67.68 28.55 -7.73
C SER A 333 67.10 29.29 -8.91
N GLY A 334 67.94 29.90 -9.73
CA GLY A 334 67.47 30.69 -10.86
C GLY A 334 67.37 32.17 -10.50
N ASN A 335 66.23 32.77 -10.80
CA ASN A 335 66.03 34.18 -10.51
C ASN A 335 65.68 34.38 -9.05
N ILE A 336 66.09 35.53 -8.53
CA ILE A 336 65.75 35.94 -7.18
C ILE A 336 65.18 37.36 -7.23
N LYS A 337 64.25 37.64 -6.33
CA LYS A 337 63.66 38.97 -6.20
C LYS A 337 63.07 39.08 -4.82
N PHE A 338 63.21 40.26 -4.21
CA PHE A 338 62.82 40.46 -2.83
C PHE A 338 61.65 41.42 -2.75
N ASP A 339 60.82 41.22 -1.73
CA ASP A 339 59.71 42.11 -1.46
C ASP A 339 60.19 43.28 -0.62
N GLN A 340 59.25 44.04 -0.05
CA GLN A 340 59.60 45.02 0.96
C GLN A 340 60.01 44.37 2.28
N ASN A 341 59.74 43.08 2.44
CA ASN A 341 59.90 42.42 3.73
C ASN A 341 61.07 41.46 3.77
N GLY A 342 61.73 41.20 2.65
CA GLY A 342 62.84 40.27 2.64
C GLY A 342 62.46 38.86 2.26
N LYS A 343 61.24 38.64 1.78
CA LYS A 343 60.85 37.33 1.29
C LYS A 343 61.02 37.28 -0.22
N ARG A 344 61.18 36.07 -0.73
CA ARG A 344 61.56 35.88 -2.12
C ARG A 344 60.33 35.74 -3.01
N ILE A 345 60.32 36.53 -4.08
CA ILE A 345 59.37 36.41 -5.16
C ILE A 345 60.16 36.28 -6.46
N ASN A 346 59.42 36.18 -7.57
CA ASN A 346 59.96 35.88 -8.91
C ASN A 346 60.80 34.62 -8.86
N TYR A 347 60.21 33.56 -8.32
CA TYR A 347 60.85 32.26 -8.19
C TYR A 347 59.95 31.21 -8.82
N THR A 348 60.52 30.03 -9.03
CA THR A 348 59.81 29.01 -9.79
C THR A 348 60.16 27.64 -9.24
N ILE A 349 59.14 26.84 -8.97
CA ILE A 349 59.29 25.53 -8.36
C ILE A 349 58.94 24.49 -9.40
N ASN A 350 59.76 23.45 -9.50
CA ASN A 350 59.57 22.39 -10.47
C ASN A 350 59.04 21.14 -9.79
N ILE A 351 58.00 20.56 -10.35
CA ILE A 351 57.30 19.41 -9.78
C ILE A 351 57.92 18.14 -10.34
N MET A 352 58.25 17.21 -9.45
CA MET A 352 58.91 15.97 -9.81
C MET A 352 58.02 14.77 -9.50
N GLU A 353 58.22 13.70 -10.25
CA GLU A 353 57.43 12.49 -10.08
C GLU A 353 58.31 11.26 -10.29
N LEU A 354 58.26 10.34 -9.33
CA LEU A 354 59.08 9.14 -9.41
C LEU A 354 58.46 8.16 -10.40
N LYS A 355 59.28 7.65 -11.30
CA LYS A 355 58.89 6.62 -12.25
C LYS A 355 59.91 5.49 -12.21
N THR A 356 59.75 4.55 -13.14
CA THR A 356 60.68 3.42 -13.21
C THR A 356 62.05 3.89 -13.66
N ASN A 357 62.11 4.81 -14.61
CA ASN A 357 63.40 5.38 -15.01
C ASN A 357 63.99 6.30 -13.96
N GLY A 358 63.19 6.74 -13.00
CA GLY A 358 63.67 7.60 -11.95
C GLY A 358 62.80 8.83 -11.80
N PRO A 359 63.35 9.87 -11.19
CA PRO A 359 62.61 11.12 -11.06
C PRO A 359 62.51 11.81 -12.41
N ARG A 360 61.36 12.43 -12.65
CA ARG A 360 61.17 13.19 -13.87
C ARG A 360 60.25 14.36 -13.60
N LYS A 361 60.42 15.40 -14.40
CA LYS A 361 59.62 16.61 -14.29
C LYS A 361 58.32 16.42 -15.05
N ILE A 362 57.23 16.97 -14.50
CA ILE A 362 55.94 17.02 -15.19
C ILE A 362 55.38 18.42 -15.29
N GLY A 363 56.02 19.40 -14.71
CA GLY A 363 55.51 20.76 -14.78
C GLY A 363 56.21 21.64 -13.77
N TYR A 364 55.82 22.92 -13.79
CA TYR A 364 56.42 23.89 -12.91
C TYR A 364 55.34 24.76 -12.30
N TRP A 365 55.75 25.64 -11.41
CA TRP A 365 54.83 26.52 -10.72
C TRP A 365 55.53 27.84 -10.44
N SER A 366 54.82 28.94 -10.65
CA SER A 366 55.40 30.27 -10.48
C SER A 366 54.75 30.99 -9.31
N GLU A 367 55.23 32.21 -9.07
CA GLU A 367 54.86 32.94 -7.86
C GLU A 367 53.42 33.44 -7.93
N VAL A 368 52.98 33.89 -9.11
CA VAL A 368 51.59 34.25 -9.32
C VAL A 368 50.96 33.43 -10.44
N ASP A 369 51.77 32.93 -11.38
CA ASP A 369 51.27 32.00 -12.35
C ASP A 369 51.17 30.64 -11.69
N LYS A 370 50.03 30.00 -11.83
CA LYS A 370 49.78 28.76 -11.12
C LYS A 370 50.31 27.59 -11.93
N MET A 371 49.89 26.38 -11.55
CA MET A 371 50.54 25.16 -12.01
C MET A 371 50.44 24.97 -13.52
N VAL A 372 51.58 25.01 -14.18
CA VAL A 372 51.68 24.81 -15.61
C VAL A 372 52.43 23.51 -15.82
N LEU A 373 51.69 22.48 -16.21
CA LEU A 373 52.32 21.21 -16.54
C LEU A 373 52.84 21.25 -17.96
N THR A 374 54.02 20.67 -18.16
CA THR A 374 54.64 20.58 -19.48
C THR A 374 54.88 19.10 -19.75
N GLU A 375 54.08 18.51 -20.63
CA GLU A 375 54.24 17.10 -20.96
C GLU A 375 55.50 16.93 -21.79
N ASP A 376 56.53 16.36 -21.17
CA ASP A 376 57.84 16.27 -21.80
C ASP A 376 57.91 15.07 -22.75
N ASP A 377 57.76 13.87 -22.23
CA ASP A 377 57.83 12.65 -23.02
C ASP A 377 56.54 11.87 -22.87
N THR A 378 55.57 12.16 -23.74
CA THR A 378 54.38 11.34 -23.85
C THR A 378 54.61 10.08 -24.67
N SER A 379 55.75 9.98 -25.35
CA SER A 379 56.10 8.79 -26.14
C SER A 379 56.75 7.76 -25.21
N GLY A 380 57.26 6.69 -25.81
CA GLY A 380 57.67 5.54 -25.01
C GLY A 380 56.42 4.92 -24.43
N LEU A 381 56.37 4.89 -23.08
CA LEU A 381 55.19 4.57 -22.28
C LEU A 381 54.66 3.17 -22.64
N GLU A 382 55.46 2.19 -22.23
CA GLU A 382 55.01 0.81 -22.24
C GLU A 382 53.73 0.70 -21.42
N GLN A 383 52.64 0.32 -22.10
CA GLN A 383 51.31 0.33 -21.51
C GLN A 383 51.23 -0.63 -20.34
N LYS A 384 50.95 -0.09 -19.16
CA LYS A 384 50.89 -0.90 -17.96
C LYS A 384 49.71 -1.85 -18.05
N THR A 385 49.89 -3.03 -17.48
CA THR A 385 48.82 -4.00 -17.43
C THR A 385 47.70 -3.48 -16.55
N VAL A 386 46.48 -3.51 -17.06
CA VAL A 386 45.32 -2.99 -16.35
C VAL A 386 44.81 -4.11 -15.46
N VAL A 387 44.91 -3.91 -14.14
CA VAL A 387 44.56 -4.98 -13.20
C VAL A 387 43.05 -5.09 -13.16
N VAL A 388 42.53 -6.13 -13.81
CA VAL A 388 41.10 -6.35 -13.90
C VAL A 388 40.71 -7.36 -12.84
N THR A 389 39.78 -6.97 -11.97
CA THR A 389 39.28 -7.88 -10.96
C THR A 389 37.93 -8.44 -11.38
N THR A 390 37.67 -9.65 -10.89
CA THR A 390 36.38 -10.32 -11.05
C THR A 390 36.32 -11.45 -10.04
N ILE A 391 35.15 -12.05 -9.94
CA ILE A 391 34.90 -13.17 -9.04
C ILE A 391 34.51 -14.37 -9.87
N LEU A 392 34.96 -15.56 -9.44
CA LEU A 392 34.61 -16.79 -10.15
C LEU A 392 33.13 -17.09 -9.94
N GLU A 393 32.42 -17.28 -11.05
CA GLU A 393 30.98 -17.55 -10.99
C GLU A 393 30.54 -18.12 -12.32
N SER A 394 29.95 -19.30 -12.28
CA SER A 394 29.36 -19.84 -13.47
C SER A 394 28.12 -19.04 -13.82
N PRO A 395 27.94 -18.66 -15.09
CA PRO A 395 28.87 -18.94 -16.17
C PRO A 395 29.70 -17.73 -16.54
N TYR A 396 29.78 -16.75 -15.65
CA TYR A 396 30.50 -15.52 -15.98
C TYR A 396 32.00 -15.76 -16.00
N VAL A 397 32.50 -16.40 -14.95
CA VAL A 397 33.91 -16.75 -14.83
C VAL A 397 33.97 -18.20 -14.38
N MET A 398 34.57 -19.06 -15.21
CA MET A 398 34.71 -20.46 -14.87
C MET A 398 36.13 -20.93 -15.08
N MET A 399 36.56 -21.85 -14.23
CA MET A 399 37.87 -22.44 -14.37
C MET A 399 37.90 -23.38 -15.56
N LYS A 400 38.92 -23.24 -16.39
CA LYS A 400 39.20 -24.29 -17.36
C LYS A 400 39.87 -25.44 -16.63
N LYS A 401 39.56 -26.67 -17.08
CA LYS A 401 39.97 -27.87 -16.36
C LYS A 401 41.48 -28.10 -16.37
N ASN A 402 42.20 -27.50 -17.32
CA ASN A 402 43.63 -27.70 -17.47
C ASN A 402 44.41 -26.48 -17.02
N HIS A 403 43.88 -25.80 -15.99
CA HIS A 403 44.50 -24.62 -15.42
C HIS A 403 45.84 -24.91 -14.78
N GLU A 404 46.10 -26.17 -14.44
CA GLU A 404 47.41 -26.58 -13.95
C GLU A 404 48.48 -26.32 -15.00
N MET A 405 48.28 -26.84 -16.20
CA MET A 405 49.26 -26.65 -17.26
C MET A 405 49.23 -25.24 -17.81
N LEU A 406 48.05 -24.63 -17.88
CA LEU A 406 47.95 -23.33 -18.52
C LEU A 406 48.45 -22.23 -17.59
N GLU A 407 48.38 -20.99 -18.09
CA GLU A 407 49.05 -19.88 -17.42
C GLU A 407 48.18 -18.64 -17.43
N GLY A 408 47.99 -18.06 -16.25
CA GLY A 408 47.46 -16.72 -16.08
C GLY A 408 46.07 -16.49 -16.64
N ASN A 409 46.03 -15.70 -17.73
CA ASN A 409 44.75 -15.36 -18.36
C ASN A 409 44.10 -16.58 -18.96
N GLU A 410 44.89 -17.49 -19.51
CA GLU A 410 44.31 -18.59 -20.28
C GLU A 410 43.71 -19.67 -19.40
N ARG A 411 43.89 -19.60 -18.09
CA ARG A 411 43.28 -20.55 -17.19
C ARG A 411 41.78 -20.34 -17.03
N TYR A 412 41.25 -19.22 -17.52
CA TYR A 412 39.90 -18.81 -17.19
C TYR A 412 39.04 -18.80 -18.45
N GLU A 413 37.79 -19.26 -18.31
CA GLU A 413 36.80 -19.14 -19.36
C GLU A 413 35.50 -18.65 -18.75
N GLY A 414 34.56 -18.35 -19.59
CA GLY A 414 33.28 -17.92 -19.11
C GLY A 414 32.73 -16.79 -19.96
N TYR A 415 31.64 -16.21 -19.46
CA TYR A 415 30.93 -15.17 -20.19
C TYR A 415 31.77 -13.90 -20.29
N CYS A 416 32.16 -13.36 -19.14
CA CYS A 416 32.88 -12.10 -19.13
C CYS A 416 34.29 -12.21 -19.69
N VAL A 417 34.82 -13.44 -19.77
CA VAL A 417 36.18 -13.64 -20.26
C VAL A 417 36.28 -13.23 -21.71
N ASP A 418 35.24 -13.52 -22.50
CA ASP A 418 35.17 -13.04 -23.87
C ASP A 418 35.07 -11.52 -23.89
N LEU A 419 34.24 -10.97 -23.00
CA LEU A 419 33.94 -9.56 -23.00
C LEU A 419 35.16 -8.72 -22.65
N ALA A 420 36.03 -9.26 -21.81
CA ALA A 420 37.27 -8.58 -21.44
C ALA A 420 38.16 -8.39 -22.65
N ALA A 421 38.31 -9.45 -23.45
CA ALA A 421 39.09 -9.35 -24.67
C ALA A 421 38.42 -8.42 -25.67
N GLU A 422 37.09 -8.37 -25.66
CA GLU A 422 36.37 -7.45 -26.54
C GLU A 422 36.68 -6.00 -26.20
N ILE A 423 36.61 -5.65 -24.92
CA ILE A 423 36.84 -4.28 -24.50
C ILE A 423 38.31 -3.91 -24.68
N ALA A 424 39.21 -4.87 -24.45
CA ALA A 424 40.63 -4.60 -24.62
C ALA A 424 40.99 -4.42 -26.09
N LYS A 425 40.35 -5.17 -26.98
CA LYS A 425 40.54 -4.95 -28.41
C LYS A 425 39.96 -3.61 -28.83
N HIS A 426 38.86 -3.20 -28.19
CA HIS A 426 38.26 -1.94 -28.59
C HIS A 426 39.03 -0.73 -28.05
N CYS A 427 39.73 -0.86 -26.93
CA CYS A 427 40.41 0.28 -26.34
C CYS A 427 41.92 0.10 -26.26
N GLY A 428 42.48 -0.84 -27.01
CA GLY A 428 43.91 -0.90 -27.27
C GLY A 428 44.83 -1.14 -26.09
N PHE A 429 44.32 -1.64 -24.99
CA PHE A 429 45.14 -1.79 -23.80
C PHE A 429 45.41 -3.27 -23.53
N LYS A 430 46.24 -3.51 -22.51
CA LYS A 430 46.53 -4.84 -22.02
C LYS A 430 46.02 -4.96 -20.60
N TYR A 431 46.01 -6.18 -20.08
CA TYR A 431 45.39 -6.42 -18.79
C TYR A 431 45.92 -7.72 -18.19
N LYS A 432 45.32 -8.11 -17.08
CA LYS A 432 45.64 -9.32 -16.35
C LYS A 432 44.47 -9.61 -15.43
N LEU A 433 44.00 -10.85 -15.43
CA LEU A 433 42.86 -11.19 -14.62
C LEU A 433 43.26 -11.53 -13.20
N THR A 434 42.42 -11.09 -12.25
CA THR A 434 42.63 -11.35 -10.84
C THR A 434 41.30 -11.73 -10.22
N ILE A 435 41.37 -12.57 -9.21
CA ILE A 435 40.20 -12.97 -8.44
C ILE A 435 40.26 -12.24 -7.10
N VAL A 436 39.10 -11.76 -6.64
CA VAL A 436 39.05 -11.08 -5.35
C VAL A 436 39.35 -12.07 -4.23
N GLY A 437 40.02 -11.59 -3.20
CA GLY A 437 40.51 -12.44 -2.14
C GLY A 437 39.43 -13.06 -1.29
N ASP A 438 38.58 -12.22 -0.69
CA ASP A 438 37.55 -12.71 0.20
C ASP A 438 36.47 -13.49 -0.55
N GLY A 439 36.26 -13.16 -1.81
CA GLY A 439 35.21 -13.79 -2.57
C GLY A 439 33.83 -13.27 -2.28
N LYS A 440 33.71 -12.04 -1.80
CA LYS A 440 32.42 -11.43 -1.60
C LYS A 440 32.26 -10.27 -2.56
N TYR A 441 31.01 -9.93 -2.86
CA TYR A 441 30.75 -8.89 -3.84
C TYR A 441 31.12 -7.52 -3.30
N GLY A 442 30.62 -7.19 -2.11
CA GLY A 442 31.04 -5.99 -1.46
C GLY A 442 29.91 -5.12 -0.97
N ALA A 443 29.94 -4.78 0.30
CA ALA A 443 29.06 -3.78 0.88
C ALA A 443 29.86 -3.01 1.92
N ARG A 444 29.24 -1.97 2.45
CA ARG A 444 29.89 -1.28 3.55
C ARG A 444 29.65 -2.05 4.84
N ASP A 445 30.60 -1.93 5.75
CA ASP A 445 30.43 -2.54 7.04
C ASP A 445 29.44 -1.71 7.86
N ALA A 446 28.89 -2.34 8.90
CA ALA A 446 28.04 -1.61 9.84
C ALA A 446 28.89 -0.65 10.65
N ASP A 447 28.46 0.61 10.68
CA ASP A 447 28.93 1.68 11.55
C ASP A 447 30.35 2.13 11.28
N THR A 448 31.05 1.54 10.31
CA THR A 448 32.40 1.97 10.01
C THR A 448 32.53 2.56 8.61
N LYS A 449 31.63 2.20 7.69
CA LYS A 449 31.72 2.51 6.26
C LYS A 449 33.07 2.06 5.70
N ILE A 450 33.24 0.74 5.72
CA ILE A 450 34.40 0.10 5.15
C ILE A 450 33.88 -0.86 4.09
N TRP A 451 34.10 -0.53 2.83
CA TRP A 451 33.69 -1.39 1.74
C TRP A 451 34.63 -2.58 1.66
N ASN A 452 34.12 -3.77 1.96
CA ASN A 452 34.87 -4.97 1.69
C ASN A 452 34.60 -5.40 0.25
N GLY A 453 35.13 -6.55 -0.15
CA GLY A 453 34.79 -7.09 -1.44
C GLY A 453 35.40 -6.32 -2.59
N MET A 454 34.74 -6.41 -3.74
CA MET A 454 35.30 -5.87 -4.97
C MET A 454 35.17 -4.36 -5.04
N VAL A 455 34.10 -3.82 -4.46
CA VAL A 455 33.90 -2.39 -4.50
C VAL A 455 34.97 -1.69 -3.70
N GLY A 456 35.40 -2.32 -2.60
CA GLY A 456 36.57 -1.82 -1.89
C GLY A 456 37.85 -1.94 -2.70
N GLU A 457 37.92 -2.93 -3.60
CA GLU A 457 39.07 -3.04 -4.47
C GLU A 457 39.11 -1.92 -5.49
N LEU A 458 37.94 -1.38 -5.85
CA LEU A 458 37.98 -0.17 -6.67
C LEU A 458 38.22 1.08 -5.85
N VAL A 459 37.62 1.17 -4.67
CA VAL A 459 37.70 2.40 -3.88
C VAL A 459 39.10 2.58 -3.32
N TYR A 460 39.73 1.50 -2.87
CA TYR A 460 41.00 1.59 -2.17
C TYR A 460 42.18 1.53 -3.12
N GLY A 461 41.97 1.78 -4.41
CA GLY A 461 43.04 1.89 -5.36
C GLY A 461 43.76 0.60 -5.68
N LYS A 462 43.18 -0.54 -5.33
CA LYS A 462 43.85 -1.81 -5.54
C LYS A 462 43.59 -2.39 -6.91
N ALA A 463 42.41 -2.16 -7.47
CA ALA A 463 42.05 -2.66 -8.78
C ALA A 463 42.05 -1.51 -9.76
N ASP A 464 41.64 -1.79 -10.99
CA ASP A 464 41.60 -0.78 -12.04
C ASP A 464 40.24 -0.74 -12.69
N ILE A 465 39.61 -1.90 -12.82
CA ILE A 465 38.31 -2.02 -13.46
C ILE A 465 37.72 -3.37 -13.05
N ALA A 466 36.40 -3.49 -13.06
CA ALA A 466 35.72 -4.68 -12.59
C ALA A 466 34.65 -5.06 -13.61
N ILE A 467 35.01 -5.95 -14.54
CA ILE A 467 34.04 -6.59 -15.41
C ILE A 467 33.52 -7.80 -14.66
N ALA A 468 32.27 -7.73 -14.20
CA ALA A 468 31.78 -8.70 -13.23
C ALA A 468 30.27 -8.63 -13.21
N PRO A 469 29.60 -9.66 -12.74
CA PRO A 469 28.15 -9.55 -12.52
C PRO A 469 27.84 -8.69 -11.32
N LEU A 470 27.80 -7.37 -11.53
CA LEU A 470 27.69 -6.42 -10.44
C LEU A 470 26.46 -5.55 -10.63
N THR A 471 25.63 -5.48 -9.59
CA THR A 471 24.35 -4.81 -9.68
C THR A 471 24.47 -3.33 -9.33
N ILE A 472 23.96 -2.48 -10.21
CA ILE A 472 23.91 -1.05 -9.97
C ILE A 472 22.88 -0.74 -8.91
N THR A 473 23.35 -0.37 -7.73
CA THR A 473 22.48 0.05 -6.63
C THR A 473 22.54 1.57 -6.50
N LEU A 474 21.95 2.08 -5.43
CA LEU A 474 22.11 3.49 -5.13
C LEU A 474 23.49 3.78 -4.55
N VAL A 475 23.82 3.14 -3.43
CA VAL A 475 24.99 3.53 -2.64
C VAL A 475 26.30 3.23 -3.32
N ARG A 476 26.30 2.44 -4.38
CA ARG A 476 27.51 2.20 -5.12
C ARG A 476 27.85 3.35 -6.05
N GLU A 477 26.88 4.19 -6.38
CA GLU A 477 27.14 5.33 -7.25
C GLU A 477 27.98 6.39 -6.56
N GLU A 478 27.84 6.51 -5.25
CA GLU A 478 28.50 7.60 -4.55
C GLU A 478 29.99 7.39 -4.37
N VAL A 479 30.51 6.20 -4.64
CA VAL A 479 31.93 5.98 -4.44
C VAL A 479 32.61 5.58 -5.74
N ILE A 480 31.89 4.94 -6.65
CA ILE A 480 32.46 4.51 -7.92
C ILE A 480 31.46 4.79 -9.03
N ASP A 481 31.95 4.77 -10.25
CA ASP A 481 31.15 5.09 -11.42
C ASP A 481 30.75 3.84 -12.18
N PHE A 482 29.56 3.88 -12.77
CA PHE A 482 29.07 2.81 -13.62
C PHE A 482 28.89 3.30 -15.05
N SER A 483 28.99 2.38 -15.98
CA SER A 483 28.68 2.65 -17.37
C SER A 483 27.18 2.49 -17.57
N LYS A 484 26.74 2.51 -18.81
CA LYS A 484 25.38 2.11 -19.10
C LYS A 484 25.25 0.60 -18.89
N PRO A 485 24.06 0.12 -18.55
CA PRO A 485 23.91 -1.31 -18.30
C PRO A 485 23.90 -2.09 -19.59
N PHE A 486 24.33 -3.34 -19.49
CA PHE A 486 24.45 -4.20 -20.66
C PHE A 486 23.56 -5.43 -20.62
N MET A 487 23.17 -5.90 -19.45
CA MET A 487 22.32 -7.08 -19.40
C MET A 487 21.22 -6.88 -18.36
N SER A 488 19.95 -7.11 -18.74
CA SER A 488 18.89 -6.78 -17.79
C SER A 488 18.44 -8.01 -17.01
N LEU A 489 17.98 -7.78 -15.77
CA LEU A 489 17.59 -8.89 -14.90
C LEU A 489 16.69 -8.39 -13.79
N GLY A 490 16.27 -9.34 -12.94
CA GLY A 490 15.46 -9.06 -11.76
C GLY A 490 15.55 -10.19 -10.74
N ILE A 491 15.04 -9.90 -9.54
CA ILE A 491 15.00 -10.87 -8.46
C ILE A 491 13.97 -11.96 -8.77
N SER A 492 14.38 -13.21 -8.59
CA SER A 492 13.49 -14.34 -8.78
C SER A 492 13.59 -15.29 -7.59
N ILE A 493 12.68 -16.27 -7.56
CA ILE A 493 12.58 -17.24 -6.48
C ILE A 493 12.83 -18.62 -7.05
N MET A 494 13.71 -19.38 -6.39
CA MET A 494 14.08 -20.71 -6.85
C MET A 494 13.79 -21.69 -5.72
N ILE A 495 12.99 -22.72 -6.02
CA ILE A 495 12.67 -23.78 -5.08
C ILE A 495 12.82 -25.12 -5.77
N LYS A 496 12.79 -26.18 -4.96
CA LYS A 496 12.95 -27.53 -5.48
C LYS A 496 11.73 -27.93 -6.30
N LYS A 497 11.98 -28.38 -7.53
CA LYS A 497 10.90 -28.80 -8.41
C LYS A 497 10.25 -30.07 -7.86
N PRO A 498 8.94 -30.08 -7.67
CA PRO A 498 8.28 -31.31 -7.21
C PRO A 498 8.28 -32.36 -8.29
N GLN A 499 8.49 -33.61 -7.89
CA GLN A 499 8.56 -34.70 -8.86
C GLN A 499 7.14 -35.09 -9.26
N LYS A 500 6.83 -34.85 -10.53
CA LYS A 500 5.51 -35.18 -11.06
C LYS A 500 5.45 -36.66 -11.42
N SER A 501 4.23 -37.19 -11.42
CA SER A 501 3.99 -38.60 -11.71
C SER A 501 3.65 -38.79 -13.17
N LYS A 502 4.24 -39.81 -13.77
CA LYS A 502 3.88 -40.02 -15.16
C LYS A 502 2.83 -41.09 -15.28
N PRO A 503 1.89 -40.95 -16.22
CA PRO A 503 0.91 -42.01 -16.45
C PRO A 503 1.58 -43.24 -17.01
N GLY A 504 1.27 -44.39 -16.40
CA GLY A 504 1.87 -45.63 -16.82
C GLY A 504 1.24 -46.14 -18.11
N VAL A 505 1.59 -47.39 -18.43
CA VAL A 505 1.01 -48.04 -19.59
C VAL A 505 -0.48 -48.29 -19.38
N PHE A 506 -0.83 -48.91 -18.26
CA PHE A 506 -2.21 -49.21 -17.96
C PHE A 506 -2.86 -48.04 -17.21
N SER A 507 -2.82 -46.87 -17.84
CA SER A 507 -3.34 -45.66 -17.24
C SER A 507 -4.78 -45.39 -17.65
N PHE A 508 -5.50 -46.42 -18.08
CA PHE A 508 -6.92 -46.28 -18.33
C PHE A 508 -7.77 -47.00 -17.30
N LEU A 509 -7.18 -47.89 -16.52
CA LEU A 509 -7.90 -48.48 -15.40
C LEU A 509 -7.85 -47.62 -14.16
N ASP A 510 -7.38 -46.38 -14.31
CA ASP A 510 -7.15 -45.50 -13.17
C ASP A 510 -8.39 -45.16 -12.36
N PRO A 511 -9.55 -44.71 -12.91
CA PRO A 511 -10.60 -44.24 -11.99
C PRO A 511 -11.44 -45.33 -11.34
N LEU A 512 -10.81 -46.44 -10.99
CA LEU A 512 -11.33 -47.42 -10.06
C LEU A 512 -10.13 -48.02 -9.37
N ALA A 513 -10.35 -48.63 -8.22
CA ALA A 513 -9.25 -49.24 -7.49
C ALA A 513 -9.26 -50.75 -7.69
N TYR A 514 -8.10 -51.35 -7.40
CA TYR A 514 -7.85 -52.75 -7.71
C TYR A 514 -8.77 -53.67 -6.90
N GLU A 515 -9.19 -53.22 -5.73
CA GLU A 515 -10.19 -53.92 -4.94
C GLU A 515 -11.51 -53.98 -5.69
N ILE A 516 -11.92 -52.85 -6.28
CA ILE A 516 -13.16 -52.80 -7.04
C ILE A 516 -13.06 -53.69 -8.27
N TRP A 517 -11.88 -53.69 -8.90
CA TRP A 517 -11.69 -54.53 -10.08
C TRP A 517 -11.73 -56.02 -9.74
N MET A 518 -11.31 -56.41 -8.53
CA MET A 518 -11.44 -57.83 -8.24
C MET A 518 -12.86 -58.17 -7.79
N CYS A 519 -13.53 -57.22 -7.14
CA CYS A 519 -14.88 -57.48 -6.66
C CYS A 519 -15.85 -57.62 -7.81
N ILE A 520 -15.63 -56.85 -8.88
CA ILE A 520 -16.53 -56.93 -10.02
C ILE A 520 -16.38 -58.25 -10.74
N VAL A 521 -15.17 -58.81 -10.73
CA VAL A 521 -14.94 -60.12 -11.35
C VAL A 521 -15.61 -61.21 -10.54
N PHE A 522 -15.46 -61.13 -9.22
CA PHE A 522 -16.10 -62.10 -8.33
C PHE A 522 -17.61 -62.09 -8.49
N ALA A 523 -18.18 -60.88 -8.55
CA ALA A 523 -19.62 -60.74 -8.68
C ALA A 523 -20.09 -61.23 -10.03
N TYR A 524 -19.28 -61.02 -11.07
CA TYR A 524 -19.59 -61.54 -12.40
C TYR A 524 -19.75 -63.04 -12.39
N ILE A 525 -18.77 -63.73 -11.79
CA ILE A 525 -18.81 -65.19 -11.69
C ILE A 525 -20.04 -65.64 -10.92
N GLY A 526 -20.29 -64.99 -9.79
CA GLY A 526 -21.40 -65.41 -8.94
C GLY A 526 -22.76 -65.22 -9.58
N VAL A 527 -22.95 -64.10 -10.27
CA VAL A 527 -24.23 -63.84 -10.90
C VAL A 527 -24.48 -64.83 -12.02
N SER A 528 -23.45 -65.13 -12.80
CA SER A 528 -23.67 -66.05 -13.92
C SER A 528 -23.95 -67.46 -13.42
N VAL A 529 -23.28 -67.88 -12.35
CA VAL A 529 -23.52 -69.24 -11.90
C VAL A 529 -24.86 -69.37 -11.20
N VAL A 530 -25.32 -68.32 -10.54
CA VAL A 530 -26.64 -68.36 -9.92
C VAL A 530 -27.73 -68.41 -10.98
N LEU A 531 -27.51 -67.67 -12.07
CA LEU A 531 -28.43 -67.72 -13.20
C LEU A 531 -28.47 -69.12 -13.81
N PHE A 532 -27.32 -69.78 -13.89
CA PHE A 532 -27.30 -71.15 -14.38
C PHE A 532 -28.09 -72.08 -13.48
N LEU A 533 -27.88 -71.95 -12.16
CA LEU A 533 -28.54 -72.80 -11.18
C LEU A 533 -30.04 -72.65 -11.24
N VAL A 534 -30.51 -71.41 -11.33
CA VAL A 534 -31.94 -71.20 -11.40
C VAL A 534 -32.48 -71.63 -12.76
N SER A 535 -31.64 -71.62 -13.80
CA SER A 535 -32.11 -72.01 -15.12
C SER A 535 -32.34 -73.51 -15.22
N ARG A 536 -31.28 -74.30 -15.04
CA ARG A 536 -31.37 -75.74 -15.24
C ARG A 536 -31.67 -76.39 -13.91
N PHE A 537 -32.95 -76.62 -13.63
CA PHE A 537 -33.34 -77.04 -12.30
C PHE A 537 -34.46 -78.08 -12.33
N SER A 538 -34.58 -78.83 -13.43
CA SER A 538 -35.67 -79.77 -13.71
C SER A 538 -37.02 -79.09 -13.54
N PRO A 539 -37.44 -78.24 -14.47
CA PRO A 539 -38.70 -77.50 -14.29
C PRO A 539 -39.93 -78.39 -14.36
N TYR A 540 -40.01 -79.22 -15.41
CA TYR A 540 -41.17 -80.04 -15.80
C TYR A 540 -42.54 -79.39 -15.57
N SER A 556 -39.32 -80.44 -22.49
CA SER A 556 -39.49 -80.72 -21.08
C SER A 556 -38.30 -80.20 -20.27
N GLU A 557 -37.13 -80.75 -20.56
CA GLU A 557 -35.89 -80.32 -19.91
C GLU A 557 -35.01 -79.47 -20.81
N SER A 558 -34.87 -79.86 -22.07
CA SER A 558 -34.14 -79.06 -23.04
C SER A 558 -34.97 -77.91 -23.63
N THR A 559 -36.08 -77.56 -22.98
CA THR A 559 -36.92 -76.46 -23.46
C THR A 559 -36.22 -75.12 -23.30
N ASN A 560 -35.73 -74.84 -22.11
CA ASN A 560 -34.98 -73.62 -21.88
C ASN A 560 -33.61 -73.70 -22.57
N GLU A 561 -33.04 -72.54 -22.85
CA GLU A 561 -31.84 -72.46 -23.65
C GLU A 561 -30.59 -72.14 -22.85
N PHE A 562 -30.72 -71.87 -21.57
CA PHE A 562 -29.58 -71.44 -20.79
C PHE A 562 -28.73 -72.62 -20.35
N GLY A 563 -27.43 -72.43 -20.43
CA GLY A 563 -26.47 -73.31 -19.81
C GLY A 563 -25.40 -72.46 -19.19
N ILE A 564 -24.33 -73.14 -18.74
CA ILE A 564 -23.21 -72.44 -18.13
C ILE A 564 -22.57 -71.48 -19.12
N PHE A 565 -22.46 -71.91 -20.37
CA PHE A 565 -21.64 -71.17 -21.30
C PHE A 565 -22.41 -69.98 -21.86
N ASN A 566 -23.67 -70.25 -22.24
CA ASN A 566 -24.63 -69.20 -22.59
C ASN A 566 -24.75 -68.18 -21.48
N SER A 567 -24.82 -68.64 -20.23
CA SER A 567 -24.93 -67.72 -19.11
C SER A 567 -23.68 -66.88 -18.95
N LEU A 568 -22.51 -67.53 -19.13
CA LEU A 568 -21.24 -66.85 -18.96
C LEU A 568 -21.09 -65.69 -19.92
N TRP A 569 -21.53 -65.86 -21.17
CA TRP A 569 -21.39 -64.65 -21.97
C TRP A 569 -22.65 -63.81 -22.00
N PHE A 570 -23.77 -64.33 -21.50
CA PHE A 570 -24.95 -63.48 -21.33
C PHE A 570 -24.68 -62.39 -20.32
N SER A 571 -24.04 -62.76 -19.21
CA SER A 571 -23.73 -61.77 -18.19
C SER A 571 -22.77 -60.72 -18.74
N LEU A 572 -21.82 -61.14 -19.58
CA LEU A 572 -20.83 -60.21 -20.08
C LEU A 572 -21.47 -59.25 -21.09
N GLY A 573 -22.25 -59.79 -22.02
CA GLY A 573 -22.96 -58.95 -22.97
C GLY A 573 -24.04 -58.12 -22.35
N ALA A 574 -24.49 -58.48 -21.16
CA ALA A 574 -25.30 -57.54 -20.41
C ALA A 574 -24.45 -56.45 -19.81
N PHE A 575 -23.25 -56.80 -19.35
CA PHE A 575 -22.41 -55.86 -18.65
C PHE A 575 -21.94 -54.76 -19.57
N MET A 576 -21.17 -55.10 -20.59
CA MET A 576 -20.88 -54.13 -21.63
C MET A 576 -22.13 -53.99 -22.47
N GLN A 577 -22.48 -52.76 -22.83
CA GLN A 577 -23.75 -52.57 -23.50
C GLN A 577 -23.69 -53.04 -24.94
N GLN A 578 -23.84 -54.34 -25.13
CA GLN A 578 -23.83 -54.91 -26.47
C GLN A 578 -25.09 -55.72 -26.75
N GLY A 579 -26.06 -55.69 -25.85
CA GLY A 579 -27.23 -56.50 -26.03
C GLY A 579 -26.93 -57.95 -25.73
N CYS A 580 -27.76 -58.82 -26.29
CA CYS A 580 -27.62 -60.24 -26.03
C CYS A 580 -28.15 -60.97 -27.25
N ASP A 581 -28.39 -62.27 -27.09
CA ASP A 581 -29.11 -63.03 -28.09
C ASP A 581 -30.44 -63.53 -27.59
N ILE A 582 -30.55 -63.85 -26.30
CA ILE A 582 -31.76 -64.40 -25.71
C ILE A 582 -31.93 -63.80 -24.32
N SER A 583 -33.07 -64.08 -23.70
CA SER A 583 -33.40 -63.46 -22.44
C SER A 583 -33.91 -64.52 -21.50
N PRO A 584 -33.78 -64.31 -20.19
CA PRO A 584 -34.45 -65.21 -19.24
C PRO A 584 -35.96 -65.12 -19.38
N ARG A 585 -36.60 -66.27 -19.38
CA ARG A 585 -38.04 -66.33 -19.49
C ARG A 585 -38.72 -66.83 -18.22
N SER A 586 -38.01 -67.54 -17.36
CA SER A 586 -38.55 -67.90 -16.07
C SER A 586 -38.58 -66.67 -15.17
N LEU A 587 -39.49 -66.71 -14.20
CA LEU A 587 -39.72 -65.61 -13.28
C LEU A 587 -38.45 -65.27 -12.50
N SER A 588 -37.81 -66.28 -11.95
CA SER A 588 -36.64 -66.04 -11.12
C SER A 588 -35.44 -65.65 -11.95
N GLY A 589 -35.35 -66.19 -13.18
CA GLY A 589 -34.30 -65.75 -14.08
C GLY A 589 -34.43 -64.29 -14.44
N ARG A 590 -35.66 -63.86 -14.67
CA ARG A 590 -35.90 -62.44 -14.93
C ARG A 590 -35.57 -61.60 -13.71
N ILE A 591 -35.94 -62.09 -12.53
CA ILE A 591 -35.77 -61.28 -11.32
C ILE A 591 -34.32 -61.27 -10.87
N VAL A 592 -33.47 -62.14 -11.40
CA VAL A 592 -32.05 -61.96 -11.13
C VAL A 592 -31.39 -61.11 -12.22
N GLY A 593 -31.87 -61.22 -13.46
CA GLY A 593 -31.30 -60.42 -14.52
C GLY A 593 -31.54 -58.95 -14.35
N GLY A 594 -32.69 -58.60 -13.76
CA GLY A 594 -32.95 -57.20 -13.46
C GLY A 594 -31.95 -56.63 -12.47
N VAL A 595 -31.53 -57.45 -11.51
CA VAL A 595 -30.56 -57.00 -10.53
C VAL A 595 -29.22 -56.78 -11.22
N TRP A 596 -28.88 -57.64 -12.17
CA TRP A 596 -27.61 -57.45 -12.85
C TRP A 596 -27.62 -56.20 -13.74
N TRP A 597 -28.77 -55.92 -14.35
CA TRP A 597 -28.94 -54.68 -15.11
C TRP A 597 -28.77 -53.46 -14.23
N PHE A 598 -29.38 -53.49 -13.05
CA PHE A 598 -29.24 -52.35 -12.14
C PHE A 598 -27.81 -52.25 -11.65
N PHE A 599 -27.11 -53.38 -11.58
CA PHE A 599 -25.72 -53.35 -11.15
C PHE A 599 -24.83 -52.68 -12.17
N THR A 600 -25.08 -52.92 -13.46
CA THR A 600 -24.18 -52.31 -14.43
C THR A 600 -24.44 -50.82 -14.59
N LEU A 601 -25.71 -50.39 -14.41
CA LEU A 601 -26.04 -49.01 -14.73
C LEU A 601 -25.38 -48.01 -13.79
N ILE A 602 -25.10 -48.41 -12.57
CA ILE A 602 -24.39 -47.53 -11.67
C ILE A 602 -22.92 -47.44 -12.04
N ILE A 603 -22.27 -48.59 -12.14
CA ILE A 603 -20.82 -48.63 -12.17
C ILE A 603 -20.28 -48.09 -13.47
N ILE A 604 -20.89 -48.46 -14.60
CA ILE A 604 -20.31 -48.03 -15.86
C ILE A 604 -20.53 -46.54 -16.08
N SER A 605 -21.62 -46.01 -15.51
CA SER A 605 -21.84 -44.58 -15.53
C SER A 605 -20.80 -43.87 -14.69
N SER A 606 -20.52 -44.42 -13.51
CA SER A 606 -19.47 -43.89 -12.65
C SER A 606 -18.14 -43.88 -13.37
N TYR A 607 -17.89 -44.93 -14.14
CA TYR A 607 -16.64 -45.08 -14.86
C TYR A 607 -16.47 -43.99 -15.90
N THR A 608 -17.48 -43.80 -16.75
CA THR A 608 -17.36 -42.81 -17.81
C THR A 608 -17.31 -41.41 -17.23
N ALA A 609 -18.16 -41.15 -16.23
CA ALA A 609 -18.22 -39.82 -15.65
C ALA A 609 -16.94 -39.46 -14.91
N ASN A 610 -16.23 -40.45 -14.39
CA ASN A 610 -14.98 -40.13 -13.72
C ASN A 610 -13.81 -40.10 -14.67
N LEU A 611 -13.87 -40.86 -15.76
CA LEU A 611 -12.83 -40.76 -16.77
C LEU A 611 -12.87 -39.40 -17.43
N ALA A 612 -14.07 -38.84 -17.54
CA ALA A 612 -14.21 -37.44 -17.94
C ALA A 612 -13.52 -36.51 -16.96
N ALA A 613 -13.46 -36.86 -15.68
CA ALA A 613 -12.74 -36.02 -14.74
C ALA A 613 -11.22 -36.18 -14.90
N PHE A 614 -10.76 -37.42 -15.10
CA PHE A 614 -9.32 -37.64 -15.26
C PHE A 614 -8.78 -37.03 -16.55
N LEU A 615 -9.62 -36.87 -17.56
CA LEU A 615 -9.12 -36.36 -18.82
C LEU A 615 -9.33 -34.86 -18.98
N THR A 616 -9.24 -34.12 -17.89
CA THR A 616 -9.29 -32.66 -17.95
C THR A 616 -8.02 -32.00 -17.47
N VAL A 617 -7.44 -32.46 -16.37
CA VAL A 617 -6.30 -31.77 -15.74
C VAL A 617 -5.26 -32.81 -15.35
N GLU A 618 -3.99 -32.41 -15.46
CA GLU A 618 -2.87 -33.21 -14.98
C GLU A 618 -1.84 -32.33 -14.29
N ARG A 619 -2.07 -31.02 -14.23
CA ARG A 619 -1.07 -30.07 -13.79
C ARG A 619 -1.10 -29.89 -12.27
N MET A 620 0.08 -29.65 -11.71
CA MET A 620 0.20 -29.48 -10.27
C MET A 620 -0.33 -28.13 -9.83
N VAL A 621 -0.63 -28.03 -8.53
CA VAL A 621 -1.41 -26.91 -8.00
C VAL A 621 -0.56 -25.66 -7.81
N SER A 622 0.76 -25.72 -8.10
CA SER A 622 1.68 -24.58 -8.09
C SER A 622 1.73 -23.86 -6.74
N PRO A 623 2.61 -24.32 -5.83
CA PRO A 623 2.76 -23.71 -4.49
C PRO A 623 3.20 -22.25 -4.46
N ILE A 624 3.96 -21.86 -3.44
CA ILE A 624 4.00 -20.61 -2.68
C ILE A 624 4.08 -19.29 -3.48
N GLU A 625 3.80 -19.34 -4.80
CA GLU A 625 3.88 -18.28 -5.81
C GLU A 625 3.60 -16.84 -5.39
N SER A 626 4.40 -15.92 -5.92
CA SER A 626 4.37 -14.45 -5.83
C SER A 626 4.86 -13.95 -4.49
N ALA A 627 5.47 -14.81 -3.67
CA ALA A 627 6.19 -14.47 -2.44
C ALA A 627 5.33 -13.86 -1.34
N GLU A 628 4.03 -13.72 -1.57
CA GLU A 628 3.19 -13.16 -0.53
C GLU A 628 2.94 -14.21 0.55
N ASP A 629 2.80 -15.47 0.15
CA ASP A 629 2.74 -16.53 1.14
C ASP A 629 4.11 -16.74 1.78
N LEU A 630 5.19 -16.35 1.11
CA LEU A 630 6.48 -16.32 1.80
C LEU A 630 6.48 -15.29 2.92
N SER A 631 5.65 -14.26 2.83
CA SER A 631 5.44 -13.38 3.97
C SER A 631 4.41 -13.95 4.94
N LYS A 632 3.48 -14.76 4.46
CA LYS A 632 2.34 -15.16 5.30
C LYS A 632 2.63 -16.41 6.14
N GLN A 633 3.03 -17.50 5.50
CA GLN A 633 3.28 -18.74 6.23
C GLN A 633 4.53 -18.61 7.10
N THR A 634 4.73 -19.61 7.95
CA THR A 634 5.98 -19.74 8.68
C THR A 634 6.66 -21.07 8.38
N GLU A 635 6.28 -21.76 7.32
CA GLU A 635 6.76 -23.12 7.12
C GLU A 635 8.07 -23.18 6.36
N ILE A 636 8.10 -22.67 5.14
CA ILE A 636 9.29 -22.76 4.31
C ILE A 636 10.17 -21.54 4.53
N ALA A 637 11.41 -21.79 4.94
CA ALA A 637 12.34 -20.70 5.17
C ALA A 637 12.87 -20.18 3.84
N TYR A 638 13.62 -19.08 3.90
CA TYR A 638 14.19 -18.42 2.74
C TYR A 638 15.24 -17.41 3.20
N GLY A 639 16.31 -17.30 2.43
CA GLY A 639 17.36 -16.35 2.72
C GLY A 639 17.99 -15.83 1.44
N THR A 640 19.04 -15.04 1.61
CA THR A 640 19.71 -14.42 0.48
C THR A 640 21.20 -14.74 0.50
N LEU A 641 21.94 -14.03 -0.34
CA LEU A 641 23.39 -14.08 -0.33
C LEU A 641 23.94 -12.94 0.51
N ASP A 642 24.81 -13.27 1.46
CA ASP A 642 25.42 -12.25 2.30
C ASP A 642 26.37 -11.38 1.51
N SER A 643 26.59 -10.17 2.02
CA SER A 643 27.32 -9.09 1.33
C SER A 643 26.73 -8.83 -0.04
N GLY A 644 25.40 -8.91 -0.15
CA GLY A 644 24.72 -8.92 -1.42
C GLY A 644 23.75 -7.77 -1.57
N SER A 645 23.59 -7.32 -2.81
CA SER A 645 22.71 -6.19 -3.10
C SER A 645 21.25 -6.52 -2.84
N THR A 646 20.87 -7.79 -3.01
CA THR A 646 19.52 -8.20 -2.69
C THR A 646 19.26 -8.11 -1.19
N LYS A 647 20.25 -8.51 -0.40
CA LYS A 647 20.13 -8.44 1.04
C LYS A 647 20.03 -7.00 1.52
N GLU A 648 20.85 -6.13 0.92
CA GLU A 648 20.75 -4.72 1.25
C GLU A 648 19.43 -4.12 0.75
N PHE A 649 18.91 -4.66 -0.35
CA PHE A 649 17.63 -4.20 -0.87
C PHE A 649 16.49 -4.50 0.08
N PHE A 650 16.50 -5.71 0.65
CA PHE A 650 15.47 -6.03 1.64
C PHE A 650 15.70 -5.28 2.94
N ARG A 651 16.94 -4.91 3.25
CA ARG A 651 17.16 -4.04 4.40
C ARG A 651 16.51 -2.68 4.19
N ARG A 652 16.84 -2.02 3.09
CA ARG A 652 16.42 -0.65 2.86
C ARG A 652 15.00 -0.56 2.30
N SER A 653 14.38 -1.69 1.99
CA SER A 653 13.08 -1.67 1.34
C SER A 653 12.00 -1.14 2.26
N LYS A 654 11.00 -0.49 1.65
CA LYS A 654 9.93 0.15 2.39
C LYS A 654 8.56 -0.41 2.06
N ILE A 655 8.44 -1.26 1.05
CA ILE A 655 7.18 -1.96 0.80
C ILE A 655 6.95 -2.94 1.94
N ALA A 656 5.71 -2.98 2.45
CA ALA A 656 5.44 -3.59 3.75
C ALA A 656 5.61 -5.11 3.72
N VAL A 657 5.27 -5.74 2.60
CA VAL A 657 5.47 -7.18 2.47
C VAL A 657 6.96 -7.52 2.50
N PHE A 658 7.78 -6.71 1.83
CA PHE A 658 9.22 -6.89 1.86
C PHE A 658 9.77 -6.60 3.23
N ASP A 659 9.12 -5.68 3.95
CA ASP A 659 9.52 -5.33 5.30
C ASP A 659 9.31 -6.51 6.23
N LYS A 660 8.17 -7.18 6.08
CA LYS A 660 7.92 -8.35 6.91
C LYS A 660 8.84 -9.49 6.53
N MET A 661 9.19 -9.59 5.23
CA MET A 661 10.16 -10.58 4.80
C MET A 661 11.52 -10.33 5.42
N TRP A 662 11.94 -9.06 5.46
CA TRP A 662 13.19 -8.68 6.09
C TRP A 662 13.14 -8.93 7.59
N THR A 663 11.97 -8.74 8.19
CA THR A 663 11.79 -9.02 9.61
C THR A 663 12.00 -10.50 9.89
N TYR A 664 11.40 -11.36 9.08
CA TYR A 664 11.59 -12.79 9.24
C TYR A 664 13.03 -13.20 8.97
N MET A 665 13.68 -12.54 8.01
CA MET A 665 15.05 -12.92 7.66
C MET A 665 16.02 -12.50 8.76
N ARG A 666 15.83 -11.33 9.36
CA ARG A 666 16.70 -10.94 10.45
C ARG A 666 16.38 -11.71 11.72
N SER A 667 15.14 -12.19 11.87
CA SER A 667 14.75 -13.01 13.01
C SER A 667 14.78 -14.46 12.57
N ALA A 668 15.98 -15.01 12.49
CA ALA A 668 16.19 -16.32 11.89
C ALA A 668 16.89 -17.25 12.88
N GLU A 669 16.42 -18.49 12.95
CA GLU A 669 17.02 -19.52 13.78
C GLU A 669 16.98 -20.85 13.04
N PRO A 670 18.12 -21.33 12.51
CA PRO A 670 19.44 -20.70 12.45
C PRO A 670 19.53 -19.66 11.34
N SER A 671 20.76 -19.39 10.90
CA SER A 671 21.01 -18.43 9.83
C SER A 671 20.36 -18.88 8.54
N VAL A 672 19.43 -18.07 8.04
CA VAL A 672 18.86 -18.31 6.72
C VAL A 672 19.76 -17.81 5.61
N PHE A 673 20.77 -17.01 5.94
CA PHE A 673 21.68 -16.51 4.94
C PHE A 673 22.74 -17.55 4.63
N VAL A 674 23.43 -17.36 3.50
CA VAL A 674 24.53 -18.21 3.10
C VAL A 674 25.72 -17.33 2.74
N ARG A 675 26.82 -17.97 2.38
CA ARG A 675 28.05 -17.28 2.01
C ARG A 675 28.35 -17.36 0.53
N THR A 676 27.84 -18.35 -0.17
CA THR A 676 28.00 -18.39 -1.62
C THR A 676 26.78 -19.02 -2.29
N THR A 677 26.75 -18.81 -3.61
CA THR A 677 25.59 -19.17 -4.40
C THR A 677 25.38 -20.67 -4.41
N ALA A 678 26.45 -21.44 -4.65
CA ALA A 678 26.34 -22.89 -4.68
C ALA A 678 26.03 -23.46 -3.31
N GLU A 679 26.41 -22.76 -2.23
CA GLU A 679 25.99 -23.14 -0.89
C GLU A 679 24.48 -23.10 -0.76
N GLY A 680 23.88 -21.98 -1.18
CA GLY A 680 22.42 -21.89 -1.17
C GLY A 680 21.77 -22.89 -2.11
N VAL A 681 22.42 -23.18 -3.23
CA VAL A 681 21.92 -24.16 -4.19
C VAL A 681 21.82 -25.53 -3.53
N ALA A 682 22.88 -25.95 -2.85
CA ALA A 682 22.89 -27.25 -2.20
C ALA A 682 21.91 -27.29 -1.03
N ARG A 683 21.74 -26.15 -0.37
CA ARG A 683 20.78 -26.09 0.73
C ARG A 683 19.35 -26.29 0.24
N VAL A 684 19.01 -25.67 -0.89
CA VAL A 684 17.66 -25.88 -1.41
C VAL A 684 17.51 -27.27 -2.03
N ARG A 685 18.58 -27.80 -2.64
CA ARG A 685 18.51 -29.16 -3.17
C ARG A 685 18.42 -30.21 -2.09
N LYS A 686 18.77 -29.89 -0.84
CA LYS A 686 18.63 -30.85 0.23
C LYS A 686 17.51 -30.53 1.21
N SER A 687 16.90 -29.35 1.11
CA SER A 687 15.92 -28.94 2.10
C SER A 687 14.59 -29.64 1.96
N LYS A 688 14.30 -30.22 0.79
CA LYS A 688 13.07 -30.94 0.49
C LYS A 688 11.84 -30.05 0.69
N GLY A 689 11.82 -28.93 -0.01
CA GLY A 689 10.69 -28.04 0.06
C GLY A 689 10.55 -27.32 1.37
N LYS A 690 11.65 -27.07 2.07
CA LYS A 690 11.59 -26.39 3.35
C LYS A 690 12.41 -25.11 3.40
N TYR A 691 13.28 -24.88 2.43
CA TYR A 691 14.08 -23.66 2.40
C TYR A 691 14.05 -23.10 0.99
N ALA A 692 13.38 -21.98 0.82
CA ALA A 692 13.38 -21.30 -0.47
C ALA A 692 14.69 -20.52 -0.62
N TYR A 693 14.91 -19.97 -1.81
CA TYR A 693 16.10 -19.20 -2.05
C TYR A 693 15.74 -17.99 -2.91
N LEU A 694 16.52 -16.94 -2.76
CA LEU A 694 16.35 -15.75 -3.57
C LEU A 694 17.62 -15.50 -4.35
N LEU A 695 17.50 -15.31 -5.65
CA LEU A 695 18.61 -14.83 -6.45
C LEU A 695 18.07 -14.13 -7.69
N GLU A 696 18.98 -13.85 -8.61
CA GLU A 696 18.67 -13.08 -9.81
C GLU A 696 18.31 -14.03 -10.95
N SER A 697 17.50 -13.51 -11.88
CA SER A 697 16.82 -14.34 -12.86
C SER A 697 17.78 -15.06 -13.81
N THR A 698 18.91 -14.44 -14.11
CA THR A 698 19.88 -15.06 -15.01
C THR A 698 20.53 -16.27 -14.37
N MET A 699 20.94 -16.10 -13.10
CA MET A 699 21.39 -17.22 -12.29
C MET A 699 20.36 -18.33 -12.23
N ASN A 700 19.09 -17.94 -12.11
CA ASN A 700 18.01 -18.91 -11.95
C ASN A 700 17.84 -19.74 -13.21
N GLU A 701 17.81 -19.09 -14.37
CA GLU A 701 17.62 -19.85 -15.59
C GLU A 701 18.86 -20.66 -15.94
N TYR A 702 20.05 -20.20 -15.55
CA TYR A 702 21.21 -21.04 -15.80
C TYR A 702 21.19 -22.28 -14.93
N ILE A 703 20.76 -22.15 -13.68
CA ILE A 703 20.62 -23.33 -12.84
C ILE A 703 19.52 -24.24 -13.36
N GLU A 704 18.49 -23.67 -13.98
CA GLU A 704 17.41 -24.48 -14.54
C GLU A 704 17.89 -25.27 -15.75
N GLN A 705 18.75 -24.70 -16.58
CA GLN A 705 19.18 -25.39 -17.79
C GLN A 705 20.33 -26.35 -17.57
N ARG A 706 20.57 -26.80 -16.35
CA ARG A 706 21.61 -27.77 -16.08
C ARG A 706 21.00 -29.01 -15.44
N LYS A 707 21.74 -30.09 -15.53
CA LYS A 707 21.41 -31.28 -14.78
C LYS A 707 21.64 -31.02 -13.29
N PRO A 708 20.84 -31.64 -12.41
CA PRO A 708 19.80 -32.62 -12.63
C PRO A 708 18.42 -32.05 -12.89
N CYS A 709 18.33 -30.76 -13.17
CA CYS A 709 17.07 -30.04 -13.41
C CYS A 709 16.05 -30.18 -12.28
N ASP A 710 16.50 -30.45 -11.06
CA ASP A 710 15.57 -30.63 -9.96
C ASP A 710 15.08 -29.33 -9.34
N THR A 711 15.50 -28.19 -9.88
CA THR A 711 15.09 -26.89 -9.40
C THR A 711 14.00 -26.34 -10.29
N MET A 712 13.43 -25.21 -9.87
CA MET A 712 12.31 -24.64 -10.61
C MET A 712 12.11 -23.17 -10.31
N LYS A 713 11.97 -22.35 -11.35
CA LYS A 713 11.58 -20.96 -11.15
C LYS A 713 10.08 -20.87 -10.96
N VAL A 714 9.66 -20.11 -9.95
CA VAL A 714 8.26 -19.84 -9.70
C VAL A 714 8.05 -18.33 -9.72
N GLY A 715 6.80 -17.94 -9.94
CA GLY A 715 6.42 -16.54 -9.92
C GLY A 715 7.03 -15.69 -11.01
N GLY A 716 6.88 -14.38 -10.90
CA GLY A 716 7.43 -13.43 -11.85
C GLY A 716 8.72 -12.80 -11.34
N ASN A 717 8.92 -11.55 -11.71
CA ASN A 717 10.07 -10.79 -11.26
C ASN A 717 9.65 -9.86 -10.13
N LEU A 718 10.57 -9.02 -9.69
CA LEU A 718 10.23 -8.08 -8.63
C LEU A 718 10.63 -6.66 -8.97
N ASP A 719 11.68 -6.49 -9.77
CA ASP A 719 12.18 -5.16 -10.11
C ASP A 719 12.99 -5.25 -11.40
N SER A 720 13.74 -4.19 -11.70
CA SER A 720 14.54 -4.11 -12.92
C SER A 720 15.94 -3.64 -12.56
N LYS A 721 16.81 -4.59 -12.24
CA LYS A 721 18.19 -4.29 -11.95
C LYS A 721 19.00 -4.33 -13.25
N GLY A 722 20.30 -4.09 -13.15
CA GLY A 722 21.15 -4.07 -14.32
C GLY A 722 22.63 -4.19 -14.02
N TYR A 723 23.31 -5.06 -14.76
CA TYR A 723 24.75 -5.18 -14.66
C TYR A 723 25.44 -4.13 -15.49
N GLY A 724 26.58 -3.68 -15.01
CA GLY A 724 27.35 -2.66 -15.72
C GLY A 724 28.82 -2.75 -15.40
N ILE A 725 29.58 -1.96 -16.08
CA ILE A 725 31.02 -1.92 -15.90
C ILE A 725 31.33 -0.86 -14.86
N ALA A 726 32.25 -1.19 -13.94
CA ALA A 726 32.55 -0.33 -12.81
C ALA A 726 33.98 0.17 -12.89
N THR A 727 34.16 1.48 -12.72
CA THR A 727 35.44 2.15 -12.74
C THR A 727 35.62 2.94 -11.45
N PRO A 728 36.85 3.18 -11.03
CA PRO A 728 37.09 4.14 -9.95
C PRO A 728 36.68 5.52 -10.39
N LYS A 729 36.21 6.30 -9.44
CA LYS A 729 35.52 7.54 -9.75
C LYS A 729 36.50 8.59 -10.25
N GLY A 730 36.38 8.93 -11.53
CA GLY A 730 37.11 10.03 -12.10
C GLY A 730 38.25 9.65 -13.01
N SER A 731 38.51 8.37 -13.22
CA SER A 731 39.60 7.99 -14.10
C SER A 731 39.25 8.25 -15.56
N SER A 732 40.27 8.17 -16.40
CA SER A 732 40.11 8.46 -17.81
C SER A 732 39.52 7.31 -18.60
N LEU A 733 39.26 6.17 -17.95
CA LEU A 733 38.73 5.03 -18.68
C LEU A 733 37.23 5.09 -18.86
N GLY A 734 36.55 5.95 -18.11
CA GLY A 734 35.10 5.96 -18.01
C GLY A 734 34.36 6.20 -19.31
N THR A 735 34.57 7.36 -19.91
CA THR A 735 33.94 7.65 -21.20
C THR A 735 34.35 6.73 -22.36
N PRO A 736 35.61 6.28 -22.53
CA PRO A 736 35.84 5.32 -23.62
C PRO A 736 35.22 3.95 -23.36
N VAL A 737 35.17 3.50 -22.11
CA VAL A 737 34.49 2.24 -21.81
C VAL A 737 33.00 2.37 -22.08
N ASN A 738 32.41 3.48 -21.63
CA ASN A 738 31.00 3.76 -21.85
C ASN A 738 30.70 3.86 -23.34
N LEU A 739 31.65 4.38 -24.12
CA LEU A 739 31.45 4.44 -25.55
C LEU A 739 31.54 3.04 -26.18
N ALA A 740 32.40 2.18 -25.63
CA ALA A 740 32.60 0.86 -26.25
C ALA A 740 31.39 -0.04 -26.04
N VAL A 741 30.72 0.10 -24.88
CA VAL A 741 29.59 -0.76 -24.54
C VAL A 741 28.46 -0.61 -25.56
N LEU A 742 28.24 0.62 -26.01
CA LEU A 742 27.16 0.88 -26.95
C LEU A 742 27.44 0.27 -28.31
N LYS A 743 28.70 0.28 -28.74
CA LYS A 743 29.03 -0.34 -30.02
C LYS A 743 28.79 -1.84 -29.97
N LEU A 744 29.16 -2.47 -28.85
CA LEU A 744 28.88 -3.90 -28.70
C LEU A 744 27.38 -4.19 -28.68
N SER A 745 26.62 -3.31 -28.03
CA SER A 745 25.18 -3.50 -27.93
C SER A 745 24.52 -3.35 -29.29
N GLU A 746 24.94 -2.37 -30.07
CA GLU A 746 24.30 -2.14 -31.35
C GLU A 746 24.75 -3.16 -32.39
N GLN A 747 25.92 -3.76 -32.22
CA GLN A 747 26.34 -4.80 -33.15
C GLN A 747 25.87 -6.19 -32.73
N GLY A 748 25.26 -6.33 -31.56
CA GLY A 748 24.60 -7.58 -31.25
C GLY A 748 25.52 -8.69 -30.79
N VAL A 749 26.79 -8.37 -30.56
CA VAL A 749 27.74 -9.31 -29.99
C VAL A 749 27.30 -9.74 -28.61
N LEU A 750 26.60 -8.85 -27.88
CA LEU A 750 26.03 -9.20 -26.58
C LEU A 750 25.03 -10.33 -26.70
N ASP A 751 24.13 -10.25 -27.67
CA ASP A 751 23.14 -11.31 -27.86
C ASP A 751 23.81 -12.59 -28.29
N LYS A 752 24.83 -12.48 -29.14
CA LYS A 752 25.58 -13.64 -29.59
C LYS A 752 26.24 -14.36 -28.43
N LEU A 753 26.93 -13.61 -27.57
CA LEU A 753 27.61 -14.19 -26.42
C LEU A 753 26.61 -14.74 -25.41
N LYS A 754 25.46 -14.06 -25.28
CA LYS A 754 24.45 -14.50 -24.33
C LYS A 754 23.87 -15.84 -24.74
N ASN A 755 23.57 -15.99 -26.03
CA ASN A 755 23.10 -17.27 -26.52
C ASN A 755 24.18 -18.33 -26.40
N LYS A 756 25.43 -17.95 -26.67
CA LYS A 756 26.57 -18.86 -26.60
C LYS A 756 26.75 -19.44 -25.20
N TRP A 757 26.55 -18.62 -24.19
CA TRP A 757 26.86 -19.07 -22.85
C TRP A 757 25.64 -19.39 -22.02
N TRP A 758 24.43 -19.21 -22.55
CA TRP A 758 23.26 -19.74 -21.88
C TRP A 758 22.59 -20.88 -22.64
N TYR A 759 22.20 -20.67 -23.88
CA TYR A 759 21.23 -21.59 -24.47
C TYR A 759 21.87 -22.63 -25.35
N ASP A 760 23.02 -22.34 -25.94
CA ASP A 760 23.71 -23.30 -26.78
C ASP A 760 24.30 -24.44 -25.97
N LYS A 761 24.44 -24.27 -24.66
CA LYS A 761 24.81 -25.32 -23.73
C LYS A 761 23.57 -26.00 -23.15
N GLY A 762 22.48 -26.04 -23.90
CA GLY A 762 21.30 -26.73 -23.43
C GLY A 762 21.54 -28.22 -23.39
N GLU A 763 21.74 -28.74 -22.19
CA GLU A 763 22.00 -30.15 -21.98
C GLU A 763 20.78 -30.85 -21.42
N CYS A 764 20.31 -30.40 -20.27
CA CYS A 764 19.11 -30.93 -19.64
C CYS A 764 17.89 -30.17 -20.17
N GLY A 765 17.66 -30.35 -21.47
CA GLY A 765 16.58 -29.65 -22.14
C GLY A 765 15.22 -30.20 -21.78
N ALA A 766 14.81 -30.00 -20.52
CA ALA A 766 13.52 -30.51 -20.05
C ALA A 766 12.38 -29.80 -20.74
N LYS A 767 12.43 -28.46 -20.79
CA LYS A 767 11.60 -27.62 -21.65
C LYS A 767 10.10 -27.75 -21.33
N ASP A 768 9.81 -27.80 -20.03
CA ASP A 768 8.43 -27.85 -19.56
C ASP A 768 7.93 -26.43 -19.30
N SER A 769 6.90 -26.02 -20.04
CA SER A 769 6.33 -24.69 -19.88
C SER A 769 4.88 -24.75 -19.38
N GLY A 770 4.02 -25.47 -20.07
CA GLY A 770 2.64 -25.63 -19.64
C GLY A 770 1.66 -24.73 -20.34
N SER A 771 0.79 -25.30 -21.16
CA SER A 771 -0.28 -24.58 -21.83
C SER A 771 -1.61 -25.02 -21.23
N LYS A 772 -2.44 -24.04 -20.88
CA LYS A 772 -3.73 -24.30 -20.26
C LYS A 772 -4.81 -24.72 -21.25
N GLU A 773 -4.45 -24.98 -22.50
CA GLU A 773 -5.39 -25.33 -23.55
C GLU A 773 -5.91 -26.74 -23.28
N LYS A 774 -7.09 -26.82 -22.68
CA LYS A 774 -7.69 -28.10 -22.33
C LYS A 774 -8.26 -28.84 -23.52
N THR A 775 -8.23 -28.24 -24.71
CA THR A 775 -8.66 -28.88 -25.94
C THR A 775 -7.51 -29.56 -26.66
N SER A 776 -6.54 -30.08 -25.93
CA SER A 776 -5.46 -30.86 -26.52
C SER A 776 -5.94 -32.29 -26.71
N ALA A 777 -5.72 -32.82 -27.90
CA ALA A 777 -6.18 -34.16 -28.22
C ALA A 777 -5.36 -35.20 -27.48
N LEU A 778 -5.76 -36.46 -27.64
CA LEU A 778 -5.03 -37.54 -27.00
C LEU A 778 -3.97 -38.08 -27.93
N SER A 779 -2.85 -38.46 -27.34
CA SER A 779 -1.82 -39.17 -28.08
C SER A 779 -2.13 -40.65 -28.05
N LEU A 780 -1.50 -41.37 -28.98
CA LEU A 780 -1.58 -42.82 -28.97
C LEU A 780 -0.91 -43.41 -27.74
N SER A 781 0.11 -42.71 -27.24
CA SER A 781 0.90 -43.17 -26.09
C SER A 781 0.09 -43.28 -24.82
N ASN A 782 -1.05 -42.61 -24.74
CA ASN A 782 -1.92 -42.80 -23.59
C ASN A 782 -2.78 -44.05 -23.72
N VAL A 783 -2.92 -44.60 -24.91
CA VAL A 783 -3.98 -45.56 -25.19
C VAL A 783 -3.44 -46.93 -25.59
N ALA A 784 -2.17 -47.02 -26.01
CA ALA A 784 -1.64 -48.19 -26.72
C ALA A 784 -1.72 -49.50 -25.94
N GLY A 785 -1.81 -49.42 -24.61
CA GLY A 785 -1.98 -50.61 -23.78
C GLY A 785 -3.21 -51.41 -24.15
N VAL A 786 -4.29 -50.72 -24.50
CA VAL A 786 -5.53 -51.36 -24.92
C VAL A 786 -5.29 -52.18 -26.18
N PHE A 787 -4.53 -51.61 -27.12
CA PHE A 787 -4.18 -52.34 -28.32
C PHE A 787 -3.34 -53.56 -28.03
N TYR A 788 -2.48 -53.48 -27.00
CA TYR A 788 -1.71 -54.67 -26.64
C TYR A 788 -2.61 -55.78 -26.13
N ILE A 789 -3.61 -55.43 -25.31
CA ILE A 789 -4.62 -56.41 -24.89
C ILE A 789 -5.36 -57.00 -26.09
N LEU A 790 -5.67 -56.15 -27.06
CA LEU A 790 -6.42 -56.60 -28.23
C LEU A 790 -5.63 -57.62 -29.05
N VAL A 791 -4.37 -57.30 -29.31
CA VAL A 791 -3.51 -58.19 -30.10
C VAL A 791 -3.31 -59.51 -29.39
N GLY A 792 -3.08 -59.46 -28.07
CA GLY A 792 -2.86 -60.69 -27.31
C GLY A 792 -4.09 -61.57 -27.28
N GLY A 793 -5.27 -60.95 -27.16
CA GLY A 793 -6.49 -61.72 -27.17
C GLY A 793 -6.76 -62.36 -28.53
N LEU A 794 -6.40 -61.65 -29.61
CA LEU A 794 -6.55 -62.21 -30.94
C LEU A 794 -5.70 -63.46 -31.13
N GLY A 795 -4.43 -63.37 -30.71
CA GLY A 795 -3.55 -64.52 -30.82
C GLY A 795 -4.01 -65.69 -29.95
N LEU A 796 -4.53 -65.38 -28.77
CA LEU A 796 -5.03 -66.41 -27.87
C LEU A 796 -6.21 -67.14 -28.48
N ALA A 797 -7.15 -66.39 -29.05
CA ALA A 797 -8.32 -67.00 -29.65
C ALA A 797 -7.95 -67.85 -30.85
N MET A 798 -6.99 -67.37 -31.65
CA MET A 798 -6.55 -68.13 -32.80
C MET A 798 -5.89 -69.44 -32.37
N LEU A 799 -5.12 -69.39 -31.28
CA LEU A 799 -4.49 -70.60 -30.78
C LEU A 799 -5.53 -71.59 -30.26
N VAL A 800 -6.57 -71.09 -29.59
CA VAL A 800 -7.59 -71.98 -29.03
C VAL A 800 -8.36 -72.65 -30.15
N ALA A 801 -8.70 -71.90 -31.20
CA ALA A 801 -9.38 -72.48 -32.34
C ALA A 801 -8.50 -73.53 -33.03
N LEU A 802 -7.20 -73.25 -33.13
CA LEU A 802 -6.30 -74.21 -33.77
C LEU A 802 -6.16 -75.49 -32.97
N ILE A 803 -6.07 -75.39 -31.65
CA ILE A 803 -5.90 -76.62 -30.87
C ILE A 803 -7.21 -77.39 -30.80
N GLU A 804 -8.35 -76.70 -30.90
CA GLU A 804 -9.61 -77.43 -30.98
C GLU A 804 -9.73 -78.16 -32.31
N PHE A 805 -9.23 -77.55 -33.38
CA PHE A 805 -9.21 -78.26 -34.65
C PHE A 805 -8.24 -79.43 -34.65
N CYS A 806 -7.14 -79.30 -33.91
CA CYS A 806 -6.22 -80.44 -33.78
C CYS A 806 -6.86 -81.58 -33.00
N TYR A 807 -7.65 -81.24 -31.97
CA TYR A 807 -8.38 -82.27 -31.23
C TYR A 807 -9.44 -82.93 -32.10
N LYS A 808 -10.08 -82.14 -32.97
CA LYS A 808 -11.05 -82.71 -33.91
C LYS A 808 -10.38 -83.61 -34.93
N SER A 809 -9.19 -83.20 -35.42
CA SER A 809 -8.47 -84.00 -36.39
C SER A 809 -7.97 -85.32 -35.79
N ARG A 810 -7.57 -85.27 -34.52
CA ARG A 810 -7.23 -86.50 -33.82
C ARG A 810 -8.48 -87.34 -33.53
N ALA A 811 -9.62 -86.69 -33.35
CA ALA A 811 -10.89 -87.38 -33.19
C ALA A 811 -11.36 -87.96 -34.52
N LEU A 821 -18.13 -83.28 -18.26
CA LEU A 821 -16.77 -83.60 -18.65
C LEU A 821 -16.70 -84.93 -19.38
N PHE A 822 -15.53 -85.56 -19.32
CA PHE A 822 -15.24 -86.78 -20.05
C PHE A 822 -15.18 -87.95 -19.07
N ASP A 823 -15.85 -89.05 -19.44
CA ASP A 823 -15.91 -90.31 -18.66
C ASP A 823 -16.48 -90.07 -17.26
N ARG A 824 -17.80 -89.80 -17.23
CA ARG A 824 -18.57 -89.67 -16.00
C ARG A 824 -18.32 -90.83 -15.05
N GLY A 825 -18.22 -90.52 -13.76
CA GLY A 825 -17.78 -91.45 -12.76
C GLY A 825 -16.61 -90.85 -12.01
N VAL A 826 -15.74 -90.18 -12.77
CA VAL A 826 -14.62 -89.44 -12.19
C VAL A 826 -15.08 -88.09 -11.66
N GLN A 827 -16.30 -87.68 -12.01
CA GLN A 827 -16.82 -86.38 -11.61
C GLN A 827 -17.04 -86.33 -10.11
N MET A 828 -17.41 -87.45 -9.50
CA MET A 828 -17.58 -87.50 -8.06
C MET A 828 -16.24 -87.38 -7.34
N LEU A 829 -15.21 -88.06 -7.86
CA LEU A 829 -13.85 -87.93 -7.33
C LEU A 829 -13.36 -86.49 -7.43
N LEU A 830 -13.64 -85.87 -8.58
CA LEU A 830 -13.19 -84.49 -8.81
C LEU A 830 -13.91 -83.52 -7.90
N THR A 831 -15.21 -83.71 -7.68
CA THR A 831 -15.93 -82.76 -6.84
C THR A 831 -15.60 -82.96 -5.37
N THR A 832 -15.26 -84.18 -4.96
CA THR A 832 -14.87 -84.40 -3.58
C THR A 832 -13.51 -83.78 -3.30
N VAL A 833 -12.55 -83.97 -4.21
CA VAL A 833 -11.23 -83.38 -3.97
C VAL A 833 -11.29 -81.86 -4.09
N GLY A 834 -12.20 -81.34 -4.92
CA GLY A 834 -12.35 -79.90 -5.02
C GLY A 834 -12.96 -79.31 -3.75
N ALA A 835 -13.99 -79.97 -3.22
CA ALA A 835 -14.61 -79.51 -1.98
C ALA A 835 -13.64 -79.60 -0.82
N PHE A 836 -12.82 -80.65 -0.80
CA PHE A 836 -11.83 -80.79 0.26
C PHE A 836 -10.77 -79.70 0.18
N ALA A 837 -10.31 -79.38 -1.03
CA ALA A 837 -9.31 -78.34 -1.20
C ALA A 837 -9.88 -76.96 -0.83
N ALA A 838 -11.15 -76.72 -1.18
CA ALA A 838 -11.79 -75.47 -0.83
C ALA A 838 -11.95 -75.34 0.68
N PHE A 839 -12.34 -76.43 1.34
CA PHE A 839 -12.49 -76.41 2.79
C PHE A 839 -11.15 -76.19 3.46
N SER A 840 -10.11 -76.82 2.92
CA SER A 840 -8.76 -76.66 3.47
C SER A 840 -8.28 -75.22 3.34
N LEU A 841 -8.43 -74.63 2.15
CA LEU A 841 -7.97 -73.26 1.94
C LEU A 841 -8.77 -72.26 2.75
N MET A 842 -10.07 -72.51 2.93
CA MET A 842 -10.88 -71.59 3.72
C MET A 842 -10.53 -71.66 5.19
N THR A 843 -10.31 -72.87 5.72
CA THR A 843 -9.92 -73.00 7.12
C THR A 843 -8.53 -72.44 7.38
N ILE A 844 -7.61 -72.59 6.41
CA ILE A 844 -6.30 -71.97 6.54
C ILE A 844 -6.43 -70.46 6.56
N ALA A 845 -7.22 -69.90 5.62
CA ALA A 845 -7.35 -68.45 5.50
C ALA A 845 -8.03 -67.84 6.71
N VAL A 846 -8.94 -68.58 7.35
CA VAL A 846 -9.51 -68.09 8.60
C VAL A 846 -8.49 -68.19 9.72
N GLY A 847 -7.87 -69.35 9.89
CA GLY A 847 -6.87 -69.52 10.93
C GLY A 847 -5.54 -68.94 10.51
N THR A 848 -5.43 -67.62 10.51
CA THR A 848 -4.34 -66.93 9.83
C THR A 848 -4.15 -65.54 10.42
N ASP A 849 -2.90 -65.18 10.72
CA ASP A 849 -2.54 -63.84 11.13
C ASP A 849 -1.85 -63.03 10.05
N TYR A 850 -1.79 -63.54 8.82
CA TYR A 850 -1.12 -62.84 7.73
C TYR A 850 -2.11 -62.64 6.58
N TRP A 851 -2.82 -61.51 6.61
CA TRP A 851 -3.53 -61.03 5.45
C TRP A 851 -2.90 -59.77 4.87
N LEU A 852 -2.81 -58.70 5.66
CA LEU A 852 -2.27 -57.47 5.13
C LEU A 852 -0.94 -57.14 5.79
N TYR A 853 -0.27 -56.15 5.20
CA TYR A 853 0.98 -55.62 5.74
C TYR A 853 0.95 -54.10 5.61
N SER A 854 1.03 -53.43 6.75
CA SER A 854 0.98 -51.98 6.81
C SER A 854 2.00 -51.51 7.83
N ARG A 855 1.91 -50.24 8.22
CA ARG A 855 2.78 -49.65 9.22
C ARG A 855 1.95 -49.27 10.44
N GLY A 856 2.22 -49.92 11.55
CA GLY A 856 1.48 -49.68 12.77
C GLY A 856 2.34 -49.93 13.98
N VAL A 857 1.69 -50.28 15.09
CA VAL A 857 2.37 -50.55 16.34
C VAL A 857 2.19 -52.02 16.69
N CYS A 858 2.87 -52.45 17.76
CA CYS A 858 2.73 -53.80 18.26
C CYS A 858 1.86 -53.85 19.51
N LYS A 859 2.26 -53.11 20.56
CA LYS A 859 1.50 -53.07 21.81
C LYS A 859 1.88 -51.79 22.54
N THR A 860 0.93 -50.86 22.63
CA THR A 860 1.16 -49.60 23.31
C THR A 860 0.64 -49.65 24.74
N LYS A 861 1.04 -48.65 25.52
CA LYS A 861 0.61 -48.43 26.90
C LYS A 861 0.87 -49.61 27.84
N VAL A 875 6.18 -49.17 12.14
CA VAL A 875 6.65 -50.55 12.21
C VAL A 875 5.83 -51.39 11.26
N MET A 876 6.51 -52.18 10.42
CA MET A 876 5.85 -53.06 9.46
C MET A 876 5.08 -54.14 10.19
N THR A 877 3.77 -54.17 9.97
CA THR A 877 2.85 -54.94 10.79
C THR A 877 2.43 -56.22 10.07
N HIS A 878 2.63 -57.35 10.73
CA HIS A 878 2.25 -58.68 10.25
C HIS A 878 0.77 -58.94 10.54
N SER A 879 -0.09 -58.07 10.01
CA SER A 879 -1.46 -57.98 10.51
C SER A 879 -2.35 -59.07 9.93
N GLY A 880 -3.35 -59.46 10.71
CA GLY A 880 -4.29 -60.49 10.30
C GLY A 880 -5.72 -60.19 10.69
N LEU A 881 -6.43 -61.21 11.19
CA LEU A 881 -7.85 -61.07 11.45
C LEU A 881 -8.11 -60.29 12.73
N TRP A 882 -7.65 -60.81 13.86
CA TRP A 882 -7.70 -60.09 15.11
C TRP A 882 -6.33 -59.96 15.75
N ARG A 883 -5.46 -60.94 15.57
CA ARG A 883 -4.08 -60.81 16.00
C ARG A 883 -3.36 -59.87 15.05
N THR A 884 -3.30 -58.58 15.38
CA THR A 884 -2.50 -57.62 14.62
C THR A 884 -1.02 -57.75 15.02
N CYS A 885 -0.47 -58.90 14.66
CA CYS A 885 0.88 -59.25 15.08
C CYS A 885 1.87 -58.44 14.26
N CYS A 886 3.13 -58.45 14.67
CA CYS A 886 4.08 -57.54 14.06
C CYS A 886 5.45 -58.20 13.97
N LEU A 887 6.34 -57.52 13.27
CA LEU A 887 7.72 -57.95 13.09
C LEU A 887 8.56 -56.71 12.82
N GLU A 888 9.87 -56.92 12.72
CA GLU A 888 10.87 -55.91 12.36
C GLU A 888 10.82 -54.73 13.34
N GLY A 889 11.22 -55.02 14.56
CA GLY A 889 11.30 -54.00 15.58
C GLY A 889 12.12 -54.40 16.78
N ASN A 890 11.77 -53.79 17.92
CA ASN A 890 12.36 -54.19 19.19
C ASN A 890 12.06 -55.64 19.52
N PHE A 891 10.84 -56.09 19.21
CA PHE A 891 10.48 -57.49 19.33
C PHE A 891 9.63 -57.90 18.13
N LYS A 892 9.78 -59.16 17.75
CA LYS A 892 9.18 -59.70 16.54
C LYS A 892 8.30 -60.89 16.92
N GLY A 893 6.99 -60.71 16.83
CA GLY A 893 6.09 -61.83 17.02
C GLY A 893 5.29 -61.78 18.29
N LEU A 894 4.94 -60.57 18.73
CA LEU A 894 4.05 -60.38 19.88
C LEU A 894 2.70 -59.96 19.32
N CYS A 895 1.76 -60.89 19.32
CA CYS A 895 0.53 -60.75 18.54
C CYS A 895 -0.55 -60.16 19.42
N LYS A 896 -0.77 -58.86 19.28
CA LYS A 896 -1.83 -58.18 20.02
C LYS A 896 -3.19 -58.51 19.42
N GLN A 897 -4.15 -58.84 20.26
CA GLN A 897 -5.51 -59.06 19.80
C GLN A 897 -6.22 -57.72 19.65
N ILE A 898 -6.83 -57.50 18.49
CA ILE A 898 -7.42 -56.20 18.17
C ILE A 898 -8.94 -56.31 18.20
N ASP A 899 -9.59 -55.19 18.48
CA ASP A 899 -11.03 -55.03 18.40
C ASP A 899 -11.29 -53.58 18.03
N HIS A 900 -12.52 -53.11 18.22
CA HIS A 900 -12.86 -51.73 17.94
C HIS A 900 -12.90 -50.94 19.24
N PHE A 901 -12.17 -49.82 19.28
CA PHE A 901 -12.40 -48.75 20.24
C PHE A 901 -11.75 -47.46 19.74
N PRO A 902 -12.45 -46.68 18.94
CA PRO A 902 -11.94 -45.36 18.55
C PRO A 902 -12.18 -44.33 19.66
N GLU A 903 -11.67 -43.13 19.42
CA GLU A 903 -11.92 -41.96 20.27
C GLU A 903 -12.49 -40.87 19.37
N ASP A 904 -13.79 -40.98 19.11
CA ASP A 904 -14.47 -40.20 18.11
C ASP A 904 -15.20 -39.02 18.72
N ALA A 905 -16.11 -38.45 17.95
CA ALA A 905 -17.03 -37.40 18.39
C ALA A 905 -18.28 -37.99 19.04
N ASP A 906 -18.17 -39.21 19.56
CA ASP A 906 -19.22 -39.96 20.25
C ASP A 906 -20.44 -40.16 19.35
N TYR A 907 -20.24 -40.95 18.30
CA TYR A 907 -21.34 -41.37 17.45
C TYR A 907 -22.28 -42.25 18.27
N GLU A 908 -23.56 -41.89 18.30
CA GLU A 908 -24.48 -42.55 19.22
C GLU A 908 -24.98 -43.87 18.68
N ALA A 909 -25.72 -43.82 17.57
CA ALA A 909 -26.17 -45.00 16.85
C ALA A 909 -25.98 -44.79 15.36
N ASP A 910 -24.81 -44.26 14.99
CA ASP A 910 -24.43 -44.12 13.61
C ASP A 910 -24.28 -45.52 13.03
N THR A 911 -25.28 -45.95 12.27
CA THR A 911 -25.46 -47.38 11.99
C THR A 911 -24.41 -47.88 11.02
N ALA A 912 -24.15 -47.13 9.95
CA ALA A 912 -23.17 -47.50 8.94
C ALA A 912 -21.75 -47.48 9.47
N GLU A 913 -21.50 -46.88 10.62
CA GLU A 913 -20.19 -46.91 11.25
C GLU A 913 -20.20 -47.68 12.56
N TYR A 914 -21.32 -48.26 12.96
CA TYR A 914 -21.40 -49.02 14.20
C TYR A 914 -21.75 -50.48 13.96
N PHE A 915 -22.87 -50.74 13.29
CA PHE A 915 -23.28 -52.11 12.98
C PHE A 915 -22.31 -52.73 12.00
N LEU A 916 -21.71 -51.92 11.13
CA LEU A 916 -20.64 -52.36 10.27
C LEU A 916 -19.44 -52.83 11.09
N ARG A 917 -19.08 -52.08 12.13
CA ARG A 917 -17.97 -52.49 13.00
C ARG A 917 -18.32 -53.74 13.78
N ALA A 918 -19.60 -53.90 14.13
CA ALA A 918 -20.04 -55.09 14.85
C ALA A 918 -19.91 -56.34 13.98
N VAL A 919 -20.26 -56.22 12.71
CA VAL A 919 -20.05 -57.33 11.79
C VAL A 919 -18.56 -57.50 11.50
N ARG A 920 -17.78 -56.42 11.54
CA ARG A 920 -16.35 -56.52 11.25
C ARG A 920 -15.60 -57.28 12.33
N ALA A 921 -15.62 -56.77 13.57
CA ALA A 921 -14.90 -57.47 14.63
C ALA A 921 -15.74 -58.55 15.30
N SER A 922 -16.49 -59.29 14.47
CA SER A 922 -17.00 -60.61 14.79
C SER A 922 -17.29 -61.23 13.43
N SER A 923 -16.35 -62.02 12.91
CA SER A 923 -16.42 -62.46 11.52
C SER A 923 -17.48 -63.54 11.41
N ILE A 924 -18.72 -63.12 11.18
CA ILE A 924 -19.83 -64.06 11.06
C ILE A 924 -20.00 -64.54 9.63
N PHE A 925 -19.98 -63.62 8.67
CA PHE A 925 -19.99 -64.00 7.26
C PHE A 925 -18.76 -64.80 6.84
N PRO A 926 -17.51 -64.48 7.26
CA PRO A 926 -16.42 -65.40 6.90
C PRO A 926 -16.53 -66.77 7.53
N ILE A 927 -17.00 -66.88 8.78
CA ILE A 927 -17.03 -68.18 9.43
C ILE A 927 -18.18 -69.04 8.88
N LEU A 928 -19.21 -68.38 8.34
CA LEU A 928 -20.33 -69.13 7.82
C LEU A 928 -19.99 -69.82 6.52
N SER A 929 -18.93 -69.36 5.84
CA SER A 929 -18.39 -70.09 4.69
C SER A 929 -17.92 -71.47 5.09
N VAL A 930 -17.16 -71.55 6.20
CA VAL A 930 -16.70 -72.84 6.71
C VAL A 930 -17.89 -73.72 7.08
N ILE A 931 -18.90 -73.10 7.70
CA ILE A 931 -20.09 -73.83 8.13
C ILE A 931 -20.80 -74.49 6.95
N LEU A 932 -21.19 -73.69 5.95
CA LEU A 932 -21.91 -74.23 4.81
C LEU A 932 -21.03 -75.13 3.96
N LEU A 933 -19.72 -74.87 3.92
CA LEU A 933 -18.83 -75.65 3.09
C LEU A 933 -18.69 -77.06 3.63
N PHE A 934 -18.53 -77.20 4.95
CA PHE A 934 -18.50 -78.55 5.50
C PHE A 934 -19.88 -79.19 5.50
N MET A 935 -20.95 -78.40 5.54
CA MET A 935 -22.29 -78.97 5.44
C MET A 935 -22.51 -79.60 4.06
N GLY A 936 -22.10 -78.91 3.00
CA GLY A 936 -22.14 -79.48 1.67
C GLY A 936 -21.20 -80.65 1.48
N GLY A 937 -20.04 -80.61 2.15
CA GLY A 937 -19.15 -81.76 2.12
C GLY A 937 -19.75 -82.99 2.78
N LEU A 938 -20.53 -82.77 3.84
CA LEU A 938 -21.26 -83.87 4.46
C LEU A 938 -22.31 -84.44 3.52
N CYS A 939 -22.99 -83.58 2.77
CA CYS A 939 -24.00 -84.10 1.85
C CYS A 939 -23.37 -84.86 0.69
N ILE A 940 -22.24 -84.36 0.17
CA ILE A 940 -21.60 -85.08 -0.93
C ILE A 940 -20.92 -86.35 -0.43
N ALA A 941 -20.58 -86.40 0.86
CA ALA A 941 -20.09 -87.66 1.41
C ALA A 941 -21.24 -88.63 1.65
N ALA A 942 -22.42 -88.11 1.98
CA ALA A 942 -23.61 -88.93 2.15
C ALA A 942 -24.32 -89.21 0.85
N SER A 943 -23.72 -88.83 -0.29
CA SER A 943 -24.23 -89.25 -1.60
C SER A 943 -24.33 -90.78 -1.73
N GLU A 944 -23.30 -91.51 -1.30
CA GLU A 944 -23.29 -92.97 -1.49
C GLU A 944 -24.33 -93.66 -0.61
N PHE A 945 -24.30 -93.37 0.68
CA PHE A 945 -25.26 -93.97 1.59
C PHE A 945 -26.63 -93.34 1.38
N TYR A 946 -27.69 -94.13 1.60
CA TYR A 946 -29.10 -93.69 1.50
C TYR A 946 -29.42 -93.21 0.08
N LYS A 947 -28.83 -93.84 -0.93
CA LYS A 947 -28.86 -93.36 -2.29
C LYS A 947 -30.13 -93.81 -3.01
N THR A 948 -30.14 -93.64 -4.34
CA THR A 948 -31.23 -94.00 -5.25
C THR A 948 -32.51 -93.29 -4.82
N ARG A 949 -32.38 -91.99 -4.59
CA ARG A 949 -33.52 -91.11 -4.41
C ARG A 949 -33.43 -89.89 -5.31
N HIS A 950 -32.32 -89.73 -6.04
CA HIS A 950 -32.03 -88.73 -7.06
C HIS A 950 -32.43 -87.32 -6.66
N ASN A 951 -32.31 -87.00 -5.38
CA ASN A 951 -32.73 -85.71 -4.85
C ASN A 951 -31.73 -85.13 -3.87
N ILE A 952 -30.85 -85.94 -3.28
CA ILE A 952 -30.07 -85.48 -2.15
C ILE A 952 -28.93 -84.56 -2.59
N ILE A 953 -28.30 -84.86 -3.74
CA ILE A 953 -27.09 -84.13 -4.07
C ILE A 953 -27.42 -82.78 -4.68
N LEU A 954 -28.67 -82.56 -5.07
CA LEU A 954 -29.14 -81.23 -5.42
C LEU A 954 -28.99 -80.28 -4.25
N SER A 955 -29.32 -80.75 -3.05
CA SER A 955 -29.21 -79.92 -1.86
C SER A 955 -27.76 -79.58 -1.54
N ALA A 956 -26.81 -80.41 -2.02
CA ALA A 956 -25.40 -80.25 -1.66
C ALA A 956 -24.81 -78.97 -2.23
N GLY A 957 -24.96 -78.76 -3.54
CA GLY A 957 -24.33 -77.63 -4.22
C GLY A 957 -24.85 -76.28 -3.77
N ILE A 958 -26.06 -76.24 -3.21
CA ILE A 958 -26.64 -75.01 -2.71
C ILE A 958 -25.78 -74.43 -1.61
N PHE A 959 -25.24 -75.29 -0.75
CA PHE A 959 -24.35 -74.86 0.32
C PHE A 959 -23.08 -74.25 -0.24
N PHE A 960 -22.53 -74.86 -1.31
CA PHE A 960 -21.29 -74.36 -1.90
C PHE A 960 -21.50 -72.97 -2.50
N VAL A 961 -22.63 -72.80 -3.18
CA VAL A 961 -22.97 -71.50 -3.77
C VAL A 961 -23.14 -70.44 -2.69
N SER A 962 -23.94 -70.75 -1.67
CA SER A 962 -24.21 -69.76 -0.64
C SER A 962 -22.98 -69.47 0.21
N ALA A 963 -22.08 -70.44 0.34
CA ALA A 963 -20.83 -70.22 1.06
C ALA A 963 -19.96 -69.24 0.31
N GLY A 964 -19.92 -69.37 -1.02
CA GLY A 964 -19.21 -68.36 -1.80
C GLY A 964 -19.82 -66.98 -1.68
N LEU A 965 -21.14 -66.92 -1.58
CA LEU A 965 -21.81 -65.63 -1.40
C LEU A 965 -21.47 -65.00 -0.06
N SER A 966 -21.40 -65.83 0.99
CA SER A 966 -20.98 -65.31 2.28
C SER A 966 -19.54 -64.85 2.24
N ASN A 967 -18.70 -65.56 1.46
CA ASN A 967 -17.30 -65.19 1.33
C ASN A 967 -17.14 -63.83 0.69
N ILE A 968 -17.90 -63.57 -0.38
CA ILE A 968 -17.71 -62.30 -1.08
C ILE A 968 -18.22 -61.14 -0.24
N ILE A 969 -19.28 -61.36 0.55
CA ILE A 969 -19.74 -60.31 1.46
C ILE A 969 -18.70 -60.03 2.53
N GLY A 970 -18.06 -61.08 3.03
CA GLY A 970 -17.03 -60.90 4.05
C GLY A 970 -15.82 -60.15 3.54
N ILE A 971 -15.44 -60.42 2.29
CA ILE A 971 -14.31 -59.70 1.69
C ILE A 971 -14.64 -58.22 1.55
N ILE A 972 -15.88 -57.93 1.12
CA ILE A 972 -16.32 -56.56 0.95
C ILE A 972 -16.29 -55.81 2.27
N VAL A 973 -16.83 -56.42 3.32
CA VAL A 973 -16.90 -55.70 4.59
C VAL A 973 -15.54 -55.59 5.23
N TYR A 974 -14.63 -56.52 4.94
CA TYR A 974 -13.29 -56.40 5.50
C TYR A 974 -12.54 -55.25 4.86
N ILE A 975 -12.65 -55.11 3.54
CA ILE A 975 -11.99 -53.99 2.87
C ILE A 975 -12.63 -52.67 3.28
N SER A 976 -13.95 -52.70 3.47
CA SER A 976 -14.70 -51.53 3.92
C SER A 976 -14.21 -51.04 5.27
N ALA A 977 -14.11 -51.94 6.23
CA ALA A 977 -13.73 -51.49 7.56
C ALA A 977 -12.22 -51.33 7.71
N ASN A 978 -11.43 -51.88 6.78
CA ASN A 978 -10.04 -51.47 6.73
C ASN A 978 -9.95 -50.01 6.33
N ALA A 979 -10.72 -49.62 5.33
CA ALA A 979 -10.73 -48.22 4.94
C ALA A 979 -11.59 -47.34 5.84
N GLY A 980 -12.29 -47.94 6.81
CA GLY A 980 -13.20 -47.20 7.67
C GLY A 980 -12.52 -46.23 8.63
N LYS A 988 -1.77 -40.63 4.35
CA LYS A 988 -1.94 -41.04 2.97
C LYS A 988 -0.57 -41.54 2.46
N LYS A 989 -0.58 -42.28 1.35
CA LYS A 989 0.59 -42.93 0.75
C LYS A 989 1.19 -43.94 1.73
N ASN A 990 0.33 -44.83 2.21
CA ASN A 990 0.74 -45.88 3.12
C ASN A 990 1.17 -47.14 2.40
N SER A 991 0.63 -47.38 1.20
CA SER A 991 0.98 -48.52 0.32
C SER A 991 0.83 -49.85 1.03
N TYR A 992 -0.28 -50.00 1.76
CA TYR A 992 -0.61 -51.26 2.41
C TYR A 992 -0.85 -52.33 1.35
N SER A 993 -0.41 -53.54 1.66
CA SER A 993 -0.50 -54.65 0.73
C SER A 993 -1.53 -55.64 1.23
N TYR A 994 -2.25 -56.27 0.31
CA TYR A 994 -3.15 -57.37 0.67
C TYR A 994 -2.43 -58.71 0.73
N GLY A 995 -1.13 -58.72 0.44
CA GLY A 995 -0.20 -59.80 0.73
C GLY A 995 -0.58 -61.22 0.39
N TRP A 996 -0.43 -62.10 1.36
CA TRP A 996 -0.69 -63.54 1.25
C TRP A 996 -2.11 -63.89 1.68
N SER A 997 -2.32 -65.09 2.21
CA SER A 997 -3.47 -66.00 2.12
C SER A 997 -4.90 -65.47 2.09
N PHE A 998 -5.11 -64.17 2.26
CA PHE A 998 -6.29 -63.52 1.72
C PHE A 998 -6.62 -63.98 0.29
N TYR A 999 -5.58 -64.07 -0.55
CA TYR A 999 -5.69 -64.74 -1.84
C TYR A 999 -6.14 -66.20 -1.72
N PHE A 1000 -5.78 -66.91 -0.64
CA PHE A 1000 -6.26 -68.29 -0.52
C PHE A 1000 -7.76 -68.31 -0.29
N GLY A 1001 -8.27 -67.31 0.44
CA GLY A 1001 -9.72 -67.15 0.54
C GLY A 1001 -10.38 -66.89 -0.80
N ALA A 1002 -9.74 -66.06 -1.62
CA ALA A 1002 -10.28 -65.76 -2.95
C ALA A 1002 -10.31 -67.00 -3.85
N LEU A 1003 -9.19 -67.74 -3.86
CA LEU A 1003 -9.12 -68.96 -4.66
C LEU A 1003 -10.10 -70.01 -4.17
N SER A 1004 -10.31 -70.06 -2.86
CA SER A 1004 -11.28 -70.99 -2.28
C SER A 1004 -12.70 -70.66 -2.74
N PHE A 1005 -13.01 -69.36 -2.87
CA PHE A 1005 -14.28 -68.95 -3.47
C PHE A 1005 -14.47 -69.55 -4.86
N ILE A 1006 -13.45 -69.37 -5.72
CA ILE A 1006 -13.57 -69.84 -7.10
C ILE A 1006 -13.72 -71.36 -7.16
N ILE A 1007 -12.95 -72.05 -6.33
CA ILE A 1007 -12.94 -73.52 -6.32
C ILE A 1007 -14.29 -74.05 -5.84
N ALA A 1008 -14.82 -73.46 -4.76
CA ALA A 1008 -16.09 -73.91 -4.20
C ALA A 1008 -17.22 -73.67 -5.18
N GLU A 1009 -17.12 -72.60 -5.97
CA GLU A 1009 -18.19 -72.34 -6.92
C GLU A 1009 -18.16 -73.31 -8.09
N MET A 1010 -16.96 -73.67 -8.53
CA MET A 1010 -16.82 -74.69 -9.57
C MET A 1010 -17.33 -76.05 -9.08
N VAL A 1011 -17.12 -76.34 -7.80
CA VAL A 1011 -17.66 -77.56 -7.21
C VAL A 1011 -19.18 -77.55 -7.25
N GLY A 1012 -19.79 -76.42 -6.90
CA GLY A 1012 -21.26 -76.35 -6.89
C GLY A 1012 -21.87 -76.52 -8.26
N VAL A 1013 -21.25 -75.93 -9.28
CA VAL A 1013 -21.84 -76.05 -10.62
C VAL A 1013 -21.68 -77.48 -11.14
N LEU A 1014 -20.59 -78.16 -10.76
CA LEU A 1014 -20.47 -79.55 -11.16
C LEU A 1014 -21.47 -80.43 -10.42
N ALA A 1015 -21.84 -80.05 -9.20
CA ALA A 1015 -22.89 -80.77 -8.48
C ALA A 1015 -24.22 -80.69 -9.20
N VAL A 1016 -24.53 -79.51 -9.75
CA VAL A 1016 -25.79 -79.38 -10.49
C VAL A 1016 -25.74 -80.19 -11.79
N HIS A 1017 -24.57 -80.24 -12.43
CA HIS A 1017 -24.37 -81.14 -13.57
C HIS A 1017 -24.70 -82.58 -13.21
N MET A 1018 -24.19 -83.04 -12.06
CA MET A 1018 -24.42 -84.41 -11.64
C MET A 1018 -25.90 -84.66 -11.37
N PHE A 1019 -26.60 -83.68 -10.80
CA PHE A 1019 -28.03 -83.84 -10.59
C PHE A 1019 -28.79 -83.98 -11.89
N ILE A 1020 -28.54 -83.08 -12.83
CA ILE A 1020 -29.39 -83.06 -14.01
C ILE A 1020 -29.10 -84.26 -14.90
N ASP A 1021 -27.83 -84.69 -14.96
CA ASP A 1021 -27.52 -85.88 -15.75
C ASP A 1021 -28.03 -87.13 -15.06
N ARG A 1022 -27.91 -87.21 -13.73
CA ARG A 1022 -28.37 -88.38 -12.99
C ARG A 1022 -29.89 -88.50 -13.02
N HIS A 1023 -30.60 -87.38 -13.07
CA HIS A 1023 -32.05 -87.46 -13.23
C HIS A 1023 -32.44 -87.76 -14.66
N LYS A 1024 -31.69 -87.26 -15.65
CA LYS A 1024 -31.99 -87.57 -17.04
C LYS A 1024 -31.74 -89.04 -17.35
N GLN A 1025 -30.88 -89.69 -16.58
CA GLN A 1025 -30.70 -91.13 -16.71
C GLN A 1025 -31.97 -91.91 -16.40
N LEU A 1026 -32.71 -91.53 -15.35
CA LEU A 1026 -34.00 -92.17 -15.10
C LEU A 1026 -35.16 -91.39 -15.75
N THR A 1027 -34.97 -91.07 -17.02
CA THR A 1027 -36.05 -90.55 -17.84
C THR A 1027 -36.34 -91.40 -19.07
N GLY A 1028 -35.34 -92.11 -19.59
CA GLY A 1028 -35.53 -92.95 -20.75
C GLY A 1028 -34.32 -93.01 -21.66
N GLY A 1029 -38.34 -94.34 -22.06
CA GLY A 1029 -37.53 -95.39 -22.67
C GLY A 1029 -37.78 -95.46 -24.17
N ASN B 1 65.93 39.04 57.54
CA ASN B 1 66.65 38.65 56.35
C ASN B 1 65.91 39.09 55.09
N SER B 2 66.07 40.35 54.71
CA SER B 2 65.47 40.87 53.49
C SER B 2 66.24 40.31 52.30
N ILE B 3 65.64 39.32 51.64
CA ILE B 3 66.30 38.58 50.58
C ILE B 3 65.94 39.18 49.23
N GLN B 4 66.96 39.40 48.40
CA GLN B 4 66.76 40.01 47.09
C GLN B 4 66.13 39.03 46.12
N ILE B 5 65.00 39.44 45.54
CA ILE B 5 64.32 38.69 44.49
C ILE B 5 64.06 39.65 43.33
N GLY B 6 63.55 39.10 42.23
CA GLY B 6 63.25 39.90 41.06
C GLY B 6 61.86 39.66 40.50
N GLY B 7 61.20 40.72 40.06
CA GLY B 7 59.83 40.61 39.58
C GLY B 7 59.65 41.20 38.21
N LEU B 8 59.07 40.42 37.30
CA LEU B 8 58.77 40.84 35.94
C LEU B 8 57.27 40.96 35.76
N PHE B 9 56.83 42.10 35.21
CA PHE B 9 55.41 42.34 35.08
C PHE B 9 55.13 43.10 33.79
N PRO B 10 54.10 42.71 33.06
CA PRO B 10 53.72 43.43 31.84
C PRO B 10 53.12 44.78 32.15
N ARG B 11 53.01 45.59 31.12
CA ARG B 11 52.44 46.93 31.26
C ARG B 11 50.95 46.81 30.97
N GLY B 12 50.18 46.49 32.01
CA GLY B 12 48.76 46.32 31.89
C GLY B 12 48.22 45.22 32.79
N ALA B 13 49.10 44.54 33.51
CA ALA B 13 48.70 43.50 34.44
C ALA B 13 48.51 44.06 35.86
N ASP B 14 47.67 45.10 35.93
CA ASP B 14 47.58 45.90 37.14
C ASP B 14 46.91 45.12 38.26
N GLN B 15 45.88 44.34 37.92
CA GLN B 15 45.20 43.53 38.92
C GLN B 15 46.13 42.51 39.53
N GLU B 16 46.97 41.92 38.70
CA GLU B 16 47.91 40.91 39.19
C GLU B 16 48.99 41.52 40.04
N TYR B 17 49.47 42.71 39.65
CA TYR B 17 50.52 43.35 40.45
C TYR B 17 49.96 43.82 41.79
N SER B 18 48.72 44.28 41.80
CA SER B 18 48.09 44.68 43.06
C SER B 18 47.82 43.48 43.94
N ALA B 19 47.45 42.34 43.34
CA ALA B 19 47.28 41.12 44.13
C ALA B 19 48.59 40.64 44.69
N PHE B 20 49.68 40.84 43.96
CA PHE B 20 51.00 40.53 44.49
C PHE B 20 51.34 41.43 45.67
N ARG B 21 51.01 42.71 45.58
CA ARG B 21 51.23 43.62 46.71
C ARG B 21 50.36 43.26 47.90
N VAL B 22 49.17 42.72 47.65
CA VAL B 22 48.31 42.24 48.73
C VAL B 22 48.94 41.05 49.42
N GLY B 23 49.31 40.03 48.64
CA GLY B 23 49.89 38.83 49.19
C GLY B 23 51.24 39.03 49.84
N MET B 24 51.93 40.12 49.49
CA MET B 24 53.20 40.48 50.11
C MET B 24 53.07 40.64 51.62
N VAL B 25 52.07 41.39 52.06
CA VAL B 25 51.84 41.61 53.48
C VAL B 25 50.66 40.85 54.00
N GLN B 26 50.02 40.02 53.17
CA GLN B 26 48.90 39.22 53.65
C GLN B 26 49.35 38.18 54.65
N PHE B 27 50.58 37.69 54.51
CA PHE B 27 51.21 36.81 55.48
C PHE B 27 52.71 36.84 55.25
N SER B 28 53.44 37.37 56.23
CA SER B 28 54.90 37.48 56.23
C SER B 28 55.37 37.98 57.58
N THR B 29 56.69 38.17 57.71
CA THR B 29 57.33 38.96 58.76
C THR B 29 57.08 38.36 60.16
N SER B 30 57.57 37.14 60.32
CA SER B 30 58.02 36.63 61.61
C SER B 30 59.49 36.28 61.51
N GLU B 31 60.13 36.69 60.42
CA GLU B 31 61.35 36.10 59.90
C GLU B 31 61.86 36.97 58.78
N PHE B 32 62.65 36.36 57.89
CA PHE B 32 63.07 36.89 56.60
C PHE B 32 61.99 37.70 55.88
N ARG B 33 62.41 38.81 55.29
CA ARG B 33 61.56 39.57 54.41
C ARG B 33 62.03 39.41 52.97
N LEU B 34 61.35 40.06 52.06
CA LEU B 34 61.65 39.96 50.64
C LEU B 34 62.03 41.33 50.12
N THR B 35 62.87 41.36 49.08
CA THR B 35 63.29 42.58 48.42
C THR B 35 62.83 42.51 46.97
N PRO B 36 61.57 42.85 46.69
CA PRO B 36 61.09 42.79 45.31
C PRO B 36 61.53 44.01 44.52
N HIS B 37 62.41 43.79 43.55
CA HIS B 37 62.68 44.80 42.54
C HIS B 37 61.81 44.50 41.34
N ILE B 38 60.93 45.43 41.01
CA ILE B 38 59.87 45.23 40.03
C ILE B 38 60.30 45.84 38.70
N ASP B 39 60.00 45.14 37.62
CA ASP B 39 60.32 45.61 36.28
C ASP B 39 59.02 45.60 35.45
N ASN B 40 58.33 46.74 35.40
CA ASN B 40 57.09 46.87 34.64
C ASN B 40 57.43 47.06 33.17
N LEU B 41 57.82 45.95 32.54
CA LEU B 41 58.34 45.99 31.19
C LEU B 41 57.57 45.00 30.33
N GLU B 42 57.85 45.03 29.02
CA GLU B 42 57.07 44.27 28.07
C GLU B 42 57.42 42.79 28.11
N VAL B 43 56.71 42.01 27.30
CA VAL B 43 56.91 40.57 27.25
C VAL B 43 57.08 40.05 25.82
N ALA B 44 56.74 40.81 24.79
CA ALA B 44 56.92 40.32 23.43
C ALA B 44 58.38 40.40 23.01
N ASN B 45 59.05 41.50 23.34
CA ASN B 45 60.44 41.70 22.93
C ASN B 45 61.34 40.86 23.83
N SER B 46 61.89 39.79 23.27
CA SER B 46 62.80 38.96 24.02
C SER B 46 64.11 39.66 24.29
N PHE B 47 64.48 40.65 23.46
CA PHE B 47 65.60 41.51 23.80
C PHE B 47 65.32 42.30 25.07
N ALA B 48 64.09 42.77 25.23
CA ALA B 48 63.73 43.46 26.46
C ALA B 48 63.74 42.51 27.64
N VAL B 49 63.27 41.28 27.42
CA VAL B 49 63.31 40.26 28.46
C VAL B 49 64.74 39.96 28.85
N THR B 50 65.63 39.93 27.86
CA THR B 50 67.05 39.65 28.10
C THR B 50 67.69 40.78 28.87
N ASN B 51 67.34 42.01 28.53
CA ASN B 51 67.89 43.18 29.21
C ASN B 51 67.45 43.19 30.68
N ALA B 52 66.17 42.93 30.92
CA ALA B 52 65.68 42.89 32.30
C ALA B 52 66.27 41.73 33.07
N PHE B 53 66.48 40.61 32.40
CA PHE B 53 67.01 39.42 33.06
C PHE B 53 68.47 39.64 33.46
N CYS B 54 69.27 40.21 32.56
CA CYS B 54 70.66 40.50 32.91
C CYS B 54 70.75 41.64 33.92
N SER B 55 69.77 42.54 33.95
CA SER B 55 69.75 43.57 34.99
C SER B 55 69.52 42.95 36.37
N GLN B 56 68.54 42.06 36.48
CA GLN B 56 68.30 41.40 37.75
C GLN B 56 69.38 40.40 38.12
N PHE B 57 70.12 39.89 37.13
CA PHE B 57 71.25 39.06 37.47
C PHE B 57 72.46 39.88 37.90
N SER B 58 72.63 41.09 37.34
CA SER B 58 73.66 41.99 37.85
C SER B 58 73.32 42.43 39.26
N ARG B 59 72.03 42.56 39.56
CA ARG B 59 71.58 42.68 40.94
C ARG B 59 72.00 41.45 41.75
N GLY B 60 71.85 40.27 41.17
CA GLY B 60 72.34 39.08 41.83
C GLY B 60 71.34 38.52 42.82
N VAL B 61 70.07 38.55 42.44
CA VAL B 61 68.98 38.09 43.29
C VAL B 61 68.99 36.56 43.36
N TYR B 62 68.22 35.99 44.28
CA TYR B 62 68.22 34.55 44.46
C TYR B 62 67.09 33.85 43.73
N ALA B 63 66.02 34.56 43.38
CA ALA B 63 64.91 33.95 42.66
C ALA B 63 64.17 35.06 41.92
N ILE B 64 63.66 34.72 40.75
CA ILE B 64 62.95 35.67 39.90
C ILE B 64 61.57 35.13 39.61
N PHE B 65 60.57 35.98 39.77
CA PHE B 65 59.18 35.64 39.50
C PHE B 65 58.63 36.56 38.43
N GLY B 66 57.74 36.04 37.59
CA GLY B 66 57.10 36.87 36.60
C GLY B 66 56.29 36.04 35.62
N PHE B 67 55.95 36.67 34.50
CA PHE B 67 55.21 36.02 33.43
C PHE B 67 56.15 35.69 32.29
N TYR B 68 55.59 35.10 31.24
CA TYR B 68 56.28 35.01 29.96
C TYR B 68 55.25 34.82 28.87
N ASP B 69 55.67 35.14 27.66
CA ASP B 69 54.90 34.95 26.46
C ASP B 69 55.50 33.80 25.67
N LYS B 70 54.74 33.31 24.70
CA LYS B 70 55.20 32.21 23.85
C LYS B 70 56.38 32.58 22.99
N LYS B 71 56.65 33.86 22.76
CA LYS B 71 57.84 34.27 22.04
C LYS B 71 59.03 34.46 22.95
N SER B 72 58.91 34.06 24.20
CA SER B 72 59.96 34.27 25.19
C SER B 72 60.29 33.03 25.98
N VAL B 73 59.49 31.97 25.85
CA VAL B 73 59.61 30.80 26.70
C VAL B 73 60.94 30.11 26.46
N ASN B 74 61.39 30.09 25.21
CA ASN B 74 62.68 29.50 24.90
C ASN B 74 63.81 30.30 25.50
N THR B 75 63.66 31.62 25.52
CA THR B 75 64.67 32.48 26.11
C THR B 75 64.77 32.24 27.62
N ILE B 76 63.61 32.13 28.27
CA ILE B 76 63.59 31.95 29.71
C ILE B 76 64.17 30.59 30.09
N THR B 77 63.77 29.54 29.37
CA THR B 77 64.32 28.22 29.63
C THR B 77 65.81 28.15 29.33
N SER B 78 66.24 28.83 28.26
CA SER B 78 67.63 28.77 27.84
C SER B 78 68.54 29.47 28.84
N PHE B 79 68.06 30.58 29.42
CA PHE B 79 68.89 31.23 30.43
C PHE B 79 68.80 30.52 31.77
N CYS B 80 67.64 29.97 32.12
CA CYS B 80 67.49 29.39 33.44
C CYS B 80 68.18 28.04 33.55
N GLY B 81 68.06 27.21 32.52
CA GLY B 81 68.77 25.95 32.51
C GLY B 81 70.28 26.12 32.46
N THR B 82 70.73 27.24 31.90
CA THR B 82 72.15 27.56 31.98
C THR B 82 72.53 27.99 33.38
N LEU B 83 71.96 29.10 33.85
CA LEU B 83 72.48 29.77 35.02
C LEU B 83 71.92 29.23 36.32
N HIS B 84 71.14 28.14 36.27
CA HIS B 84 70.65 27.42 37.45
C HIS B 84 69.78 28.27 38.35
N VAL B 85 69.22 29.34 37.81
CA VAL B 85 68.39 30.25 38.60
C VAL B 85 66.95 29.75 38.50
N SER B 86 66.36 29.44 39.65
CA SER B 86 65.00 28.95 39.68
C SER B 86 64.02 30.06 39.29
N PHE B 87 63.08 29.72 38.43
CA PHE B 87 62.12 30.69 37.91
C PHE B 87 60.72 30.15 38.13
N ILE B 88 59.83 31.01 38.59
CA ILE B 88 58.47 30.62 38.94
C ILE B 88 57.53 31.51 38.14
N THR B 89 56.45 30.94 37.63
CA THR B 89 55.56 31.66 36.73
C THR B 89 54.15 31.13 36.84
N PRO B 90 53.15 31.97 36.58
CA PRO B 90 51.76 31.51 36.47
C PRO B 90 51.29 31.25 35.05
N SER B 91 52.14 31.36 34.04
CA SER B 91 51.70 31.43 32.66
C SER B 91 51.30 30.04 32.14
N PHE B 92 51.14 29.91 30.83
CA PHE B 92 50.78 28.63 30.24
C PHE B 92 51.91 27.62 30.44
N PRO B 93 51.58 26.33 30.61
CA PRO B 93 52.62 25.34 30.94
C PRO B 93 53.58 25.13 29.79
N THR B 94 54.80 24.75 30.13
CA THR B 94 55.78 24.46 29.09
C THR B 94 55.48 23.10 28.47
N ASP B 95 56.05 22.89 27.31
CA ASP B 95 55.85 21.62 26.61
C ASP B 95 56.84 20.58 27.09
N GLY B 96 58.12 20.90 27.02
CA GLY B 96 59.15 19.99 27.47
C GLY B 96 59.45 20.19 28.94
N THR B 97 59.88 19.11 29.58
CA THR B 97 60.27 19.16 30.98
C THR B 97 61.57 19.94 31.07
N HIS B 98 61.51 21.11 31.58
CA HIS B 98 62.74 21.83 31.69
C HIS B 98 63.11 21.99 33.15
N PRO B 99 64.41 22.05 33.48
CA PRO B 99 64.81 22.28 34.87
C PRO B 99 64.65 23.75 35.24
N PHE B 100 64.63 23.97 36.56
CA PHE B 100 64.64 25.29 37.19
C PHE B 100 63.42 26.13 36.82
N VAL B 101 62.30 25.50 36.49
CA VAL B 101 61.07 26.22 36.18
C VAL B 101 59.95 25.60 36.99
N ILE B 102 59.32 26.41 37.84
CA ILE B 102 58.15 26.02 38.59
C ILE B 102 56.97 26.76 37.99
N GLN B 103 55.94 26.03 37.58
CA GLN B 103 54.85 26.66 36.85
C GLN B 103 53.53 26.42 37.55
N MET B 104 52.78 27.51 37.74
CA MET B 104 51.62 27.57 38.62
C MET B 104 50.32 27.22 37.93
N ARG B 105 50.31 27.08 36.67
CA ARG B 105 49.02 26.80 36.07
C ARG B 105 48.84 25.31 35.93
N PRO B 106 47.71 24.75 36.32
CA PRO B 106 47.50 23.31 36.11
C PRO B 106 47.25 22.99 34.66
N ASP B 107 47.20 21.72 34.33
CA ASP B 107 46.86 21.32 32.98
C ASP B 107 45.37 21.54 32.74
N LEU B 108 45.02 21.69 31.47
CA LEU B 108 43.66 21.75 31.02
C LEU B 108 43.27 20.61 30.11
N LYS B 109 44.23 19.94 29.48
CA LYS B 109 43.96 19.14 28.29
C LYS B 109 43.23 17.85 28.62
N GLY B 110 43.66 17.16 29.68
CA GLY B 110 42.98 15.94 30.07
C GLY B 110 41.57 16.19 30.57
N ALA B 111 41.38 17.30 31.28
CA ALA B 111 40.05 17.74 31.68
C ALA B 111 39.17 17.98 30.46
N LEU B 112 39.73 18.62 29.43
CA LEU B 112 38.92 18.97 28.28
C LEU B 112 38.55 17.74 27.47
N LEU B 113 39.47 16.78 27.38
CA LEU B 113 39.15 15.50 26.77
C LEU B 113 38.07 14.77 27.54
N SER B 114 38.15 14.82 28.87
CA SER B 114 37.14 14.21 29.72
C SER B 114 35.77 14.82 29.48
N LEU B 115 35.73 16.14 29.34
CA LEU B 115 34.46 16.83 29.13
C LEU B 115 33.86 16.48 27.78
N ILE B 116 34.70 16.41 26.75
CA ILE B 116 34.21 16.07 25.42
C ILE B 116 33.67 14.66 25.40
N GLU B 117 34.36 13.75 26.07
CA GLU B 117 33.86 12.37 26.14
C GLU B 117 32.58 12.28 26.94
N TYR B 118 32.41 13.15 27.94
CA TYR B 118 31.18 13.11 28.72
C TYR B 118 30.00 13.58 27.90
N TYR B 119 30.13 14.71 27.22
CA TYR B 119 29.03 15.19 26.39
C TYR B 119 28.81 14.34 25.16
N GLN B 120 29.80 13.54 24.77
CA GLN B 120 29.71 12.55 23.69
C GLN B 120 29.38 13.23 22.35
N TRP B 121 30.33 14.02 21.90
CA TRP B 121 30.23 14.59 20.57
C TRP B 121 30.93 13.71 19.55
N ASP B 122 30.75 14.04 18.28
CA ASP B 122 31.44 13.36 17.20
C ASP B 122 32.02 14.33 16.18
N LYS B 123 31.40 15.50 16.08
CA LYS B 123 31.70 16.46 15.04
C LYS B 123 31.52 17.86 15.60
N PHE B 124 32.54 18.69 15.43
CA PHE B 124 32.48 20.05 15.97
C PHE B 124 33.54 20.90 15.28
N ALA B 125 33.59 22.16 15.69
CA ALA B 125 34.61 23.08 15.24
C ALA B 125 35.43 23.56 16.43
N TYR B 126 36.59 24.13 16.14
CA TYR B 126 37.56 24.45 17.18
C TYR B 126 38.25 25.76 16.79
N LEU B 127 37.74 26.86 17.31
CA LEU B 127 38.38 28.15 17.11
C LEU B 127 39.50 28.30 18.11
N TYR B 128 40.70 28.58 17.62
CA TYR B 128 41.85 28.72 18.49
C TYR B 128 42.53 30.06 18.27
N ASP B 129 43.32 30.45 19.26
CA ASP B 129 44.17 31.63 19.16
C ASP B 129 45.62 31.18 19.10
N SER B 130 46.35 31.70 18.12
CA SER B 130 47.73 31.28 17.91
C SER B 130 48.62 31.75 19.04
N ASP B 131 48.37 32.95 19.56
CA ASP B 131 49.31 33.59 20.46
C ASP B 131 49.31 32.98 21.86
N ARG B 132 48.42 32.03 22.14
CA ARG B 132 48.53 31.25 23.35
C ARG B 132 49.23 29.92 23.13
N GLY B 133 49.76 29.68 21.94
CA GLY B 133 50.37 28.40 21.64
C GLY B 133 49.35 27.44 21.06
N LEU B 134 49.83 26.22 20.78
CA LEU B 134 49.03 25.25 20.05
C LEU B 134 49.10 23.88 20.68
N SER B 135 49.49 23.80 21.95
CA SER B 135 49.67 22.51 22.61
C SER B 135 48.35 21.77 22.74
N THR B 136 47.29 22.50 23.06
CA THR B 136 45.97 21.90 23.16
C THR B 136 45.47 21.47 21.78
N LEU B 137 45.85 22.22 20.74
CA LEU B 137 45.47 21.83 19.38
C LEU B 137 46.12 20.51 18.99
N GLN B 138 47.42 20.39 19.28
CA GLN B 138 48.13 19.14 19.02
C GLN B 138 47.53 18.01 19.84
N ALA B 139 47.09 18.31 21.06
CA ALA B 139 46.51 17.28 21.91
C ALA B 139 45.15 16.83 21.42
N VAL B 140 44.32 17.75 20.94
CA VAL B 140 42.97 17.34 20.57
C VAL B 140 43.00 16.59 19.26
N LEU B 141 43.99 16.84 18.40
CA LEU B 141 43.94 16.19 17.10
C LEU B 141 44.26 14.69 17.19
N ASP B 142 45.15 14.30 18.10
CA ASP B 142 45.51 12.89 18.23
C ASP B 142 44.32 12.07 18.69
N SER B 143 43.70 12.50 19.78
CA SER B 143 42.52 11.84 20.29
C SER B 143 41.34 11.98 19.34
N ALA B 144 41.35 13.00 18.49
CA ALA B 144 40.32 13.09 17.45
C ALA B 144 40.52 11.99 16.43
N ALA B 145 41.76 11.71 16.08
CA ALA B 145 42.04 10.63 15.14
C ALA B 145 41.68 9.29 15.74
N GLU B 146 42.00 9.09 17.01
CA GLU B 146 41.73 7.79 17.62
C GLU B 146 40.25 7.59 17.86
N LYS B 147 39.57 8.62 18.37
CA LYS B 147 38.17 8.54 18.75
C LYS B 147 37.23 8.90 17.62
N LYS B 148 37.71 8.82 16.37
CA LYS B 148 36.96 9.07 15.12
C LYS B 148 36.13 10.37 15.14
N TRP B 149 36.74 11.43 15.65
CA TRP B 149 36.07 12.71 15.62
C TRP B 149 36.29 13.39 14.28
N GLN B 150 35.51 14.43 14.02
CA GLN B 150 35.63 15.23 12.81
C GLN B 150 35.83 16.67 13.23
N VAL B 151 37.04 17.17 13.13
CA VAL B 151 37.39 18.46 13.68
C VAL B 151 37.61 19.45 12.56
N THR B 152 36.99 20.61 12.68
CA THR B 152 37.23 21.72 11.76
C THR B 152 37.89 22.83 12.58
N ALA B 153 39.22 22.79 12.66
CA ALA B 153 39.94 23.83 13.36
C ALA B 153 40.09 25.06 12.48
N ILE B 154 40.06 26.23 13.10
CA ILE B 154 40.16 27.49 12.37
C ILE B 154 40.97 28.46 13.22
N ASN B 155 42.01 29.05 12.64
CA ASN B 155 42.70 30.14 13.32
C ASN B 155 41.87 31.40 13.23
N VAL B 156 41.91 32.19 14.29
CA VAL B 156 41.10 33.40 14.32
C VAL B 156 41.95 34.55 14.82
N GLY B 157 43.11 34.22 15.40
CA GLY B 157 43.82 35.18 16.25
C GLY B 157 44.46 36.33 15.50
N ASN B 158 44.84 36.14 14.26
CA ASN B 158 45.59 37.14 13.54
C ASN B 158 44.73 38.19 12.86
N ILE B 159 43.45 38.26 13.21
CA ILE B 159 42.56 39.22 12.57
C ILE B 159 42.71 40.58 13.24
N ASN B 160 42.94 41.61 12.42
CA ASN B 160 43.10 42.96 12.90
C ASN B 160 41.78 43.52 13.44
N ASN B 161 41.84 44.73 13.99
CA ASN B 161 40.66 45.32 14.61
C ASN B 161 39.74 45.96 13.58
N ASP B 162 40.29 46.47 12.49
CA ASP B 162 39.52 47.31 11.59
C ASP B 162 38.58 46.52 10.68
N LYS B 163 38.70 45.20 10.65
CA LYS B 163 37.83 44.37 9.84
C LYS B 163 37.08 43.38 10.75
N LYS B 164 37.24 43.56 12.06
CA LYS B 164 36.76 42.68 13.12
C LYS B 164 35.29 42.98 13.41
N ASP B 165 34.49 43.06 12.36
CA ASP B 165 33.06 42.96 12.46
C ASP B 165 32.49 42.16 11.32
N GLU B 166 33.20 42.05 10.22
CA GLU B 166 32.78 41.31 9.05
C GLU B 166 33.56 40.03 8.85
N THR B 167 34.80 39.97 9.38
CA THR B 167 35.53 38.70 9.39
C THR B 167 34.76 37.62 10.11
N TYR B 168 34.21 37.94 11.28
CA TYR B 168 33.48 36.96 12.07
C TYR B 168 32.20 36.54 11.37
N ARG B 169 31.54 37.48 10.70
CA ARG B 169 30.32 37.15 9.96
C ARG B 169 30.63 36.18 8.84
N SER B 170 31.69 36.44 8.09
CA SER B 170 32.12 35.53 7.03
C SER B 170 32.48 34.16 7.61
N LEU B 171 33.10 34.16 8.79
CA LEU B 171 33.51 32.93 9.43
C LEU B 171 32.32 32.06 9.82
N PHE B 172 31.37 32.64 10.54
CA PHE B 172 30.23 31.86 10.97
C PHE B 172 29.30 31.51 9.83
N GLN B 173 29.28 32.33 8.77
CA GLN B 173 28.49 31.93 7.61
C GLN B 173 29.15 30.79 6.86
N ASP B 174 30.47 30.70 6.93
CA ASP B 174 31.12 29.50 6.42
C ASP B 174 30.85 28.31 7.33
N LEU B 175 30.69 28.56 8.63
CA LEU B 175 30.30 27.47 9.52
C LEU B 175 28.88 27.01 9.25
N GLU B 176 28.05 27.89 8.71
CA GLU B 176 26.69 27.52 8.35
C GLU B 176 26.63 26.56 7.17
N LEU B 177 27.72 26.39 6.44
CA LEU B 177 27.73 25.50 5.28
C LEU B 177 27.55 24.05 5.72
N LYS B 178 28.36 23.61 6.68
CA LYS B 178 28.14 22.30 7.24
C LYS B 178 27.07 22.28 8.31
N LYS B 179 26.50 23.45 8.64
CA LYS B 179 25.52 23.63 9.70
C LYS B 179 26.08 23.15 11.05
N GLU B 180 27.09 23.89 11.48
CA GLU B 180 27.76 23.58 12.72
C GLU B 180 26.86 23.82 13.91
N ARG B 181 27.00 22.98 14.91
CA ARG B 181 26.22 23.12 16.12
C ARG B 181 27.05 23.14 17.37
N ARG B 182 28.35 22.87 17.30
CA ARG B 182 29.15 22.63 18.48
C ARG B 182 30.50 23.33 18.32
N VAL B 183 30.76 24.28 19.20
CA VAL B 183 31.93 25.13 19.11
C VAL B 183 32.73 24.98 20.39
N ILE B 184 34.04 24.89 20.27
CA ILE B 184 34.93 25.06 21.40
C ILE B 184 35.73 26.32 21.17
N LEU B 185 35.67 27.24 22.11
CA LEU B 185 36.51 28.41 22.06
C LEU B 185 37.75 28.18 22.90
N ASP B 186 38.85 28.81 22.49
CA ASP B 186 40.09 28.73 23.24
C ASP B 186 40.80 30.06 23.01
N CYS B 187 40.59 31.00 23.92
CA CYS B 187 41.11 32.34 23.75
C CYS B 187 41.43 32.95 25.11
N GLU B 188 42.01 34.14 25.06
CA GLU B 188 42.04 35.02 26.19
C GLU B 188 40.66 35.63 26.39
N ARG B 189 40.43 36.18 27.59
CA ARG B 189 39.14 36.72 27.97
C ARG B 189 38.71 37.88 27.07
N ASP B 190 39.68 38.65 26.56
CA ASP B 190 39.36 39.76 25.68
C ASP B 190 38.78 39.25 24.35
N LYS B 191 39.42 38.23 23.78
CA LYS B 191 38.88 37.65 22.56
C LYS B 191 37.56 36.95 22.83
N VAL B 192 37.37 36.41 24.03
CA VAL B 192 36.10 35.79 24.38
C VAL B 192 34.99 36.84 24.40
N ASN B 193 35.24 37.95 25.08
CA ASN B 193 34.24 39.01 25.16
C ASN B 193 34.01 39.68 23.82
N ASP B 194 34.96 39.61 22.90
CA ASP B 194 34.66 40.10 21.56
C ASP B 194 33.79 39.11 20.78
N ILE B 195 34.15 37.82 20.84
CA ILE B 195 33.47 36.86 19.99
C ILE B 195 32.06 36.60 20.47
N VAL B 196 31.82 36.69 21.78
CA VAL B 196 30.47 36.47 22.29
C VAL B 196 29.57 37.61 21.84
N ASP B 197 30.11 38.83 21.82
CA ASP B 197 29.34 39.98 21.37
C ASP B 197 29.01 39.86 19.88
N GLN B 198 29.94 39.35 19.09
CA GLN B 198 29.62 39.22 17.68
C GLN B 198 28.64 38.08 17.42
N VAL B 199 28.71 37.03 18.23
CA VAL B 199 27.74 35.94 18.13
C VAL B 199 26.35 36.44 18.50
N ILE B 200 26.26 37.20 19.58
CA ILE B 200 24.97 37.68 20.04
C ILE B 200 24.42 38.74 19.10
N THR B 201 25.28 39.41 18.34
CA THR B 201 24.77 40.32 17.33
C THR B 201 24.21 39.57 16.15
N ILE B 202 24.94 38.57 15.64
CA ILE B 202 24.42 37.85 14.48
C ILE B 202 23.38 36.82 14.85
N GLY B 203 23.04 36.69 16.12
CA GLY B 203 21.92 35.86 16.51
C GLY B 203 22.22 34.39 16.39
N LYS B 204 23.17 33.92 17.19
CA LYS B 204 23.53 32.52 17.20
C LYS B 204 23.67 32.02 18.62
N HIS B 205 22.67 32.31 19.44
CA HIS B 205 22.68 31.89 20.83
C HIS B 205 21.29 31.41 21.23
N VAL B 206 20.54 30.92 20.27
CA VAL B 206 19.23 30.32 20.48
C VAL B 206 19.41 28.92 21.04
N LYS B 207 18.31 28.29 21.41
CA LYS B 207 18.34 26.85 21.66
C LYS B 207 18.77 26.09 20.42
N GLY B 208 19.71 25.17 20.60
CA GLY B 208 20.21 24.35 19.52
C GLY B 208 21.72 24.36 19.45
N TYR B 209 22.31 25.52 19.70
CA TYR B 209 23.75 25.62 19.71
C TYR B 209 24.30 25.19 21.07
N HIS B 210 25.63 25.14 21.16
CA HIS B 210 26.27 24.67 22.37
C HIS B 210 27.71 25.14 22.35
N TYR B 211 28.23 25.51 23.51
CA TYR B 211 29.50 26.20 23.58
C TYR B 211 30.32 25.73 24.78
N ILE B 212 31.63 25.72 24.61
CA ILE B 212 32.57 25.33 25.65
C ILE B 212 33.71 26.33 25.67
N ILE B 213 33.90 27.00 26.79
CA ILE B 213 35.01 27.92 26.98
C ILE B 213 36.18 27.17 27.58
N ALA B 214 37.33 27.23 26.94
CA ALA B 214 38.53 26.60 27.46
C ALA B 214 39.40 27.63 28.16
N ASN B 215 38.97 28.01 29.35
CA ASN B 215 39.78 28.87 30.20
C ASN B 215 39.65 28.39 31.63
N LEU B 216 40.19 29.17 32.54
CA LEU B 216 40.11 28.87 33.95
C LEU B 216 39.19 29.81 34.68
N GLY B 217 39.10 31.07 34.24
CA GLY B 217 38.13 32.00 34.75
C GLY B 217 36.85 32.00 33.94
N PHE B 218 36.06 30.94 34.10
CA PHE B 218 34.81 30.79 33.34
C PHE B 218 33.84 31.92 33.61
N THR B 219 33.63 32.25 34.87
CA THR B 219 32.79 33.38 35.20
C THR B 219 33.57 34.67 35.27
N ASP B 220 34.88 34.64 35.02
CA ASP B 220 35.66 35.87 35.07
C ASP B 220 35.32 36.78 33.89
N GLY B 221 34.80 36.20 32.81
CA GLY B 221 34.30 36.98 31.70
C GLY B 221 32.83 37.32 31.86
N ASP B 222 32.29 37.93 30.82
CA ASP B 222 30.89 38.36 30.82
C ASP B 222 29.98 37.21 30.46
N LEU B 223 28.92 37.03 31.22
CA LEU B 223 27.95 36.00 30.89
C LEU B 223 26.51 36.47 30.98
N LEU B 224 26.25 37.71 31.37
CA LEU B 224 24.88 38.22 31.37
C LEU B 224 24.33 38.40 29.97
N LYS B 225 25.20 38.42 28.95
CA LYS B 225 24.75 38.55 27.58
C LYS B 225 23.97 37.32 27.14
N ILE B 226 24.60 36.16 27.18
CA ILE B 226 24.00 34.96 26.64
C ILE B 226 23.37 34.10 27.74
N GLN B 227 23.11 34.68 28.90
CA GLN B 227 22.55 33.88 29.99
C GLN B 227 21.14 33.42 29.66
N PHE B 228 20.31 34.32 29.15
CA PHE B 228 18.91 34.04 28.91
C PHE B 228 18.67 33.50 27.52
N GLY B 229 19.71 33.04 26.85
CA GLY B 229 19.59 32.77 25.43
C GLY B 229 18.75 31.57 25.05
N GLY B 230 19.22 30.38 25.39
CA GLY B 230 18.67 29.16 24.85
C GLY B 230 19.80 28.23 24.53
N ALA B 231 20.94 28.79 24.18
CA ALA B 231 22.14 28.00 24.05
C ALA B 231 22.65 27.57 25.42
N GLU B 232 23.59 26.63 25.42
CA GLU B 232 24.11 26.07 26.65
C GLU B 232 25.61 26.20 26.68
N VAL B 233 26.13 26.79 27.75
CA VAL B 233 27.53 27.15 27.86
C VAL B 233 28.10 26.48 29.10
N SER B 234 29.25 25.82 28.95
CA SER B 234 29.93 25.18 30.06
C SER B 234 31.41 25.55 30.02
N GLY B 235 32.03 25.53 31.19
CA GLY B 235 33.44 25.82 31.26
C GLY B 235 34.11 25.22 32.47
N PHE B 236 35.12 25.91 32.97
CA PHE B 236 35.98 25.37 34.01
C PHE B 236 36.37 26.46 35.00
N GLN B 237 36.43 26.07 36.27
CA GLN B 237 36.91 26.95 37.32
C GLN B 237 37.89 26.23 38.23
N ILE B 238 38.90 26.97 38.66
CA ILE B 238 39.84 26.51 39.67
C ILE B 238 39.73 27.32 40.95
N VAL B 239 38.92 28.37 40.96
CA VAL B 239 38.71 29.22 42.11
C VAL B 239 37.24 29.08 42.49
N ASP B 240 36.96 28.27 43.51
CA ASP B 240 35.60 27.98 43.92
C ASP B 240 35.20 28.89 45.06
N TYR B 241 34.14 29.67 44.86
CA TYR B 241 33.78 30.74 45.78
C TYR B 241 33.13 30.24 47.07
N ASP B 242 32.87 28.94 47.19
CA ASP B 242 32.15 28.45 48.36
C ASP B 242 33.03 28.26 49.58
N ASP B 243 34.35 28.23 49.42
CA ASP B 243 35.18 27.80 50.53
C ASP B 243 35.45 28.94 51.50
N SER B 244 35.95 28.56 52.68
CA SER B 244 36.07 29.47 53.80
C SER B 244 37.16 30.50 53.58
N LEU B 245 38.38 30.03 53.31
CA LEU B 245 39.49 30.92 53.03
C LEU B 245 39.24 31.73 51.76
N VAL B 246 38.54 31.12 50.81
CA VAL B 246 38.17 31.82 49.58
C VAL B 246 37.28 33.00 49.89
N SER B 247 36.19 32.77 50.63
CA SER B 247 35.26 33.84 50.96
C SER B 247 35.87 34.87 51.89
N LYS B 248 36.81 34.43 52.73
CA LYS B 248 37.58 35.37 53.55
C LYS B 248 38.39 36.32 52.68
N PHE B 249 39.04 35.77 51.66
CA PHE B 249 39.77 36.62 50.73
C PHE B 249 38.84 37.46 49.90
N ILE B 250 37.62 36.97 49.63
CA ILE B 250 36.63 37.74 48.90
C ILE B 250 36.22 38.98 49.68
N GLU B 251 35.96 38.80 50.97
CA GLU B 251 35.57 39.93 51.81
C GLU B 251 36.73 40.90 51.97
N ARG B 252 37.93 40.36 52.24
CA ARG B 252 39.13 41.18 52.37
C ARG B 252 39.42 41.95 51.08
N TRP B 253 39.14 41.34 49.93
CA TRP B 253 39.41 41.95 48.64
C TRP B 253 38.38 43.03 48.30
N SER B 254 37.11 42.73 48.54
CA SER B 254 36.04 43.68 48.24
C SER B 254 36.15 44.92 49.12
N THR B 255 36.57 44.76 50.37
CA THR B 255 36.63 45.92 51.24
C THR B 255 37.78 46.87 50.92
N LEU B 256 38.71 46.51 50.04
CA LEU B 256 39.83 47.38 49.80
C LEU B 256 39.45 48.55 48.91
N GLU B 257 40.31 49.56 48.89
CA GLU B 257 40.09 50.77 48.12
C GLU B 257 40.58 50.59 46.69
N GLU B 258 39.75 51.03 45.73
CA GLU B 258 40.11 50.93 44.32
C GLU B 258 41.29 51.82 43.98
N LYS B 259 41.37 52.99 44.63
CA LYS B 259 42.42 53.95 44.30
C LYS B 259 43.80 53.45 44.71
N GLU B 260 43.88 52.73 45.82
CA GLU B 260 45.17 52.19 46.25
C GLU B 260 45.57 50.99 45.42
N TYR B 261 44.63 50.08 45.16
CA TYR B 261 44.89 48.89 44.36
C TYR B 261 43.88 48.89 43.23
N PRO B 262 44.30 49.16 42.00
CA PRO B 262 43.35 49.21 40.88
C PRO B 262 42.78 47.84 40.55
N GLY B 263 41.50 47.84 40.20
CA GLY B 263 40.81 46.60 39.91
C GLY B 263 40.63 45.69 41.09
N ALA B 264 40.65 46.23 42.31
CA ALA B 264 40.52 45.41 43.50
C ALA B 264 39.17 45.56 44.20
N HIS B 265 38.41 46.60 43.91
CA HIS B 265 37.19 46.86 44.65
C HIS B 265 35.99 46.22 43.93
N THR B 266 36.11 44.93 43.67
CA THR B 266 35.07 44.17 42.99
C THR B 266 34.65 42.97 43.83
N ALA B 267 33.81 42.11 43.26
CA ALA B 267 33.34 40.90 43.92
C ALA B 267 34.16 39.68 43.55
N THR B 268 34.35 39.45 42.26
CA THR B 268 35.14 38.32 41.78
C THR B 268 36.56 38.78 41.46
N ILE B 269 37.41 37.83 41.05
CA ILE B 269 38.82 38.10 40.83
C ILE B 269 39.31 37.19 39.72
N LYS B 270 40.42 37.58 39.09
CA LYS B 270 41.04 36.77 38.06
C LYS B 270 41.84 35.62 38.66
N TYR B 271 41.76 34.48 37.98
CA TYR B 271 42.51 33.30 38.39
C TYR B 271 44.01 33.53 38.32
N THR B 272 44.46 34.38 37.40
CA THR B 272 45.86 34.74 37.32
C THR B 272 46.32 35.43 38.59
N SER B 273 45.53 36.38 39.07
CA SER B 273 45.86 37.05 40.32
C SER B 273 45.79 36.09 41.50
N ALA B 274 44.86 35.12 41.43
CA ALA B 274 44.77 34.10 42.47
C ALA B 274 46.03 33.25 42.52
N LEU B 275 46.53 32.86 41.36
CA LEU B 275 47.76 32.09 41.33
C LEU B 275 48.95 32.92 41.77
N THR B 276 48.94 34.22 41.50
CA THR B 276 50.00 35.10 41.99
C THR B 276 50.02 35.12 43.51
N TYR B 277 48.82 35.21 44.10
CA TYR B 277 48.68 35.19 45.55
C TYR B 277 49.20 33.88 46.13
N ASP B 278 48.91 32.76 45.47
CA ASP B 278 49.40 31.49 45.96
C ASP B 278 50.90 31.33 45.74
N ALA B 279 51.43 32.01 44.71
CA ALA B 279 52.85 31.96 44.43
C ALA B 279 53.65 32.60 45.55
N VAL B 280 53.12 33.67 46.14
CA VAL B 280 53.77 34.27 47.31
C VAL B 280 53.83 33.26 48.46
N GLN B 281 52.77 32.47 48.64
CA GLN B 281 52.72 31.47 49.70
C GLN B 281 53.81 30.41 49.51
N VAL B 282 53.94 29.92 48.28
CA VAL B 282 54.97 28.92 47.97
C VAL B 282 56.36 29.51 48.17
N MET B 283 56.53 30.75 47.71
CA MET B 283 57.84 31.38 47.71
C MET B 283 58.30 31.69 49.13
N THR B 284 57.37 31.97 50.02
CA THR B 284 57.74 32.18 51.42
C THR B 284 58.00 30.85 52.12
N GLU B 285 57.22 29.82 51.79
CA GLU B 285 57.39 28.50 52.38
C GLU B 285 58.76 27.92 52.05
N ALA B 286 59.30 28.28 50.88
CA ALA B 286 60.65 27.87 50.48
C ALA B 286 61.70 28.33 51.48
N PHE B 287 61.81 29.64 51.68
CA PHE B 287 62.83 30.19 52.57
C PHE B 287 62.55 29.83 54.02
N ARG B 288 61.27 29.62 54.36
CA ARG B 288 60.89 29.11 55.67
C ARG B 288 61.53 27.75 55.93
N ASN B 289 61.40 26.84 54.96
CA ASN B 289 61.96 25.50 55.12
C ASN B 289 63.49 25.52 55.05
N LEU B 290 64.08 26.47 54.34
CA LEU B 290 65.54 26.56 54.32
C LEU B 290 66.08 27.04 55.67
N ARG B 291 65.38 27.96 56.32
CA ARG B 291 65.80 28.31 57.68
C ARG B 291 65.44 27.23 58.68
N LYS B 292 64.45 26.38 58.36
CA LYS B 292 64.23 25.18 59.17
C LYS B 292 65.43 24.25 59.10
N GLN B 293 65.90 23.95 57.90
CA GLN B 293 67.09 23.13 57.75
C GLN B 293 68.38 23.91 57.91
N ARG B 294 68.28 25.23 58.15
CA ARG B 294 69.39 26.11 58.53
C ARG B 294 70.49 26.16 57.48
N ILE B 295 70.12 26.01 56.20
CA ILE B 295 71.09 26.02 55.13
C ILE B 295 71.29 27.46 54.66
N GLU B 296 72.52 27.95 54.79
CA GLU B 296 72.82 29.33 54.48
C GLU B 296 72.90 29.53 52.97
N ILE B 297 72.36 30.66 52.53
CA ILE B 297 72.30 30.98 51.11
C ILE B 297 73.22 32.16 50.83
N SER B 298 74.27 32.30 51.62
CA SER B 298 75.20 33.41 51.49
C SER B 298 75.88 33.42 50.13
N ARG B 299 75.62 34.47 49.35
CA ARG B 299 76.19 34.57 48.01
C ARG B 299 77.70 34.73 48.08
N ARG B 300 78.20 35.39 49.13
CA ARG B 300 79.60 35.53 49.52
C ARG B 300 80.44 36.26 48.48
N GLY B 301 79.80 36.98 47.57
CA GLY B 301 80.49 37.67 46.50
C GLY B 301 79.46 38.31 45.60
N ASN B 302 79.95 39.02 44.60
CA ASN B 302 79.04 39.63 43.65
C ASN B 302 78.79 38.69 42.48
N ALA B 303 77.70 38.96 41.76
CA ALA B 303 77.53 38.39 40.45
C ALA B 303 78.32 39.22 39.44
N GLY B 304 78.31 38.80 38.19
CA GLY B 304 79.06 39.47 37.15
C GLY B 304 78.27 39.58 35.88
N ASP B 305 78.94 39.40 34.75
CA ASP B 305 78.28 39.44 33.47
C ASP B 305 77.43 38.20 33.28
N CYS B 306 76.21 38.40 32.74
CA CYS B 306 75.41 37.28 32.27
C CYS B 306 75.97 36.68 30.99
N LEU B 307 76.89 37.37 30.33
CA LEU B 307 77.60 36.86 29.17
C LEU B 307 78.99 36.33 29.54
N ALA B 308 79.14 35.80 30.75
CA ALA B 308 80.43 35.29 31.18
C ALA B 308 80.78 34.02 30.40
N ASN B 309 81.98 34.00 29.86
CA ASN B 309 82.40 32.94 28.93
C ASN B 309 83.61 32.21 29.51
N PRO B 310 83.43 31.00 30.06
CA PRO B 310 82.12 30.41 30.33
C PRO B 310 81.60 30.84 31.68
N ALA B 311 80.29 31.08 31.79
CA ALA B 311 79.70 31.36 33.09
C ALA B 311 79.57 30.07 33.90
N VAL B 312 79.80 30.18 35.20
CA VAL B 312 79.69 29.07 36.11
C VAL B 312 78.64 29.38 37.18
N PRO B 313 77.62 28.57 37.33
CA PRO B 313 76.59 28.84 38.33
C PRO B 313 76.86 28.18 39.67
N TRP B 314 75.90 28.29 40.60
CA TRP B 314 76.08 27.86 41.98
C TRP B 314 74.92 26.96 42.39
N GLY B 315 75.25 25.75 42.85
CA GLY B 315 74.30 24.68 43.08
C GLY B 315 73.48 24.79 44.34
N GLN B 316 73.68 25.85 45.13
CA GLN B 316 72.73 26.09 46.20
C GLN B 316 71.38 26.49 45.62
N GLY B 317 71.36 27.06 44.41
CA GLY B 317 70.12 27.22 43.69
C GLY B 317 69.48 25.91 43.29
N VAL B 318 70.32 24.89 43.02
CA VAL B 318 69.78 23.54 42.76
C VAL B 318 69.10 23.02 44.01
N GLU B 319 69.71 23.25 45.17
CA GLU B 319 69.06 22.85 46.41
C GLU B 319 67.82 23.70 46.69
N ILE B 320 67.83 24.97 46.25
CA ILE B 320 66.64 25.83 46.36
C ILE B 320 65.49 25.22 45.59
N GLU B 321 65.73 24.86 44.34
CA GLU B 321 64.68 24.27 43.51
C GLU B 321 64.26 22.91 44.05
N ARG B 322 65.21 22.19 44.64
CA ARG B 322 64.93 20.90 45.26
C ARG B 322 64.00 21.06 46.44
N ALA B 323 64.16 22.12 47.21
CA ALA B 323 63.22 22.38 48.29
C ALA B 323 61.90 22.94 47.74
N LEU B 324 61.96 23.63 46.61
CA LEU B 324 60.75 24.16 45.99
C LEU B 324 59.82 23.06 45.53
N LYS B 325 60.39 21.97 45.01
CA LYS B 325 59.53 20.89 44.51
C LYS B 325 58.87 20.08 45.62
N GLN B 326 59.20 20.35 46.87
CA GLN B 326 58.66 19.58 47.99
C GLN B 326 57.62 20.37 48.78
N VAL B 327 57.35 21.61 48.39
CA VAL B 327 56.37 22.43 49.08
C VAL B 327 54.98 21.86 48.89
N GLN B 328 54.20 21.82 49.97
CA GLN B 328 52.82 21.35 49.86
C GLN B 328 51.98 22.11 50.88
N VAL B 329 51.31 23.16 50.40
CA VAL B 329 50.44 23.98 51.24
C VAL B 329 49.04 23.99 50.66
N GLU B 330 48.16 24.75 51.27
CA GLU B 330 46.82 24.96 50.73
C GLU B 330 46.71 26.39 50.24
N GLY B 331 45.95 26.59 49.17
CA GLY B 331 45.83 27.91 48.58
C GLY B 331 44.50 28.14 47.91
N LEU B 332 44.45 29.14 47.03
CA LEU B 332 43.19 29.53 46.42
C LEU B 332 42.70 28.49 45.43
N SER B 333 43.63 27.81 44.76
CA SER B 333 43.27 26.69 43.92
C SER B 333 43.05 25.42 44.73
N GLY B 334 43.42 25.41 46.00
CA GLY B 334 43.31 24.20 46.80
C GLY B 334 44.67 23.64 47.19
N ASN B 335 44.80 22.32 47.21
CA ASN B 335 46.08 21.70 47.49
C ASN B 335 46.98 21.79 46.27
N ILE B 336 48.28 21.85 46.53
CA ILE B 336 49.28 21.84 45.46
C ILE B 336 50.32 20.76 45.78
N LYS B 337 50.82 20.13 44.71
CA LYS B 337 51.98 19.26 44.75
C LYS B 337 52.71 19.39 43.42
N PHE B 338 53.98 19.05 43.42
CA PHE B 338 54.82 19.22 42.25
C PHE B 338 55.36 17.88 41.79
N ASP B 339 55.85 17.87 40.55
CA ASP B 339 56.52 16.71 40.02
C ASP B 339 58.02 16.82 40.30
N GLN B 340 58.81 16.01 39.61
CA GLN B 340 60.25 16.13 39.64
C GLN B 340 60.76 17.24 38.73
N ASN B 341 59.87 17.96 38.06
CA ASN B 341 60.27 18.89 37.03
C ASN B 341 59.83 20.32 37.29
N GLY B 342 58.73 20.53 38.00
CA GLY B 342 58.16 21.85 38.15
C GLY B 342 56.73 21.99 37.67
N LYS B 343 56.08 20.90 37.28
CA LYS B 343 54.68 20.92 36.92
C LYS B 343 53.81 20.58 38.11
N ARG B 344 52.63 21.17 38.12
CA ARG B 344 51.71 20.94 39.24
C ARG B 344 50.98 19.64 39.06
N ILE B 345 50.91 18.89 40.17
CA ILE B 345 50.05 17.74 40.29
C ILE B 345 49.20 17.95 41.54
N ASN B 346 48.30 17.00 41.79
CA ASN B 346 47.35 17.01 42.90
C ASN B 346 46.51 18.28 42.90
N TYR B 347 45.71 18.43 41.86
CA TYR B 347 44.80 19.55 41.72
C TYR B 347 43.41 19.04 41.36
N THR B 348 42.44 19.95 41.39
CA THR B 348 41.05 19.59 41.19
C THR B 348 40.36 20.75 40.50
N ILE B 349 39.57 20.44 39.47
CA ILE B 349 38.94 21.44 38.63
C ILE B 349 37.43 21.20 38.61
N ASN B 350 36.67 22.25 38.88
CA ASN B 350 35.22 22.17 38.92
C ASN B 350 34.62 22.45 37.56
N ILE B 351 33.64 21.64 37.18
CA ILE B 351 32.94 21.79 35.92
C ILE B 351 31.75 22.71 36.14
N MET B 352 31.71 23.81 35.41
CA MET B 352 30.74 24.87 35.65
C MET B 352 29.83 25.01 34.44
N GLU B 353 28.54 24.82 34.66
CA GLU B 353 27.53 24.98 33.63
C GLU B 353 26.67 26.21 33.92
N LEU B 354 26.35 26.97 32.89
CA LEU B 354 25.52 28.15 33.01
C LEU B 354 24.05 27.78 32.93
N LYS B 355 23.27 28.27 33.88
CA LYS B 355 21.83 28.11 33.87
C LYS B 355 21.16 29.47 33.96
N THR B 356 19.83 29.44 34.01
CA THR B 356 19.03 30.66 33.93
C THR B 356 19.27 31.55 35.14
N ASN B 357 19.30 30.94 36.32
CA ASN B 357 19.66 31.70 37.52
C ASN B 357 21.11 32.14 37.51
N GLY B 358 21.97 31.41 36.81
CA GLY B 358 23.35 31.76 36.74
C GLY B 358 24.26 30.54 36.70
N PRO B 359 25.53 30.74 36.98
CA PRO B 359 26.47 29.63 36.96
C PRO B 359 26.24 28.68 38.12
N ARG B 360 26.64 27.43 37.91
CA ARG B 360 26.56 26.41 38.94
C ARG B 360 27.52 25.29 38.56
N LYS B 361 27.82 24.44 39.53
CA LYS B 361 28.71 23.32 39.30
C LYS B 361 27.90 22.04 39.19
N ILE B 362 28.46 21.08 38.45
CA ILE B 362 27.88 19.76 38.32
C ILE B 362 28.87 18.65 38.69
N GLY B 363 30.15 18.96 38.81
CA GLY B 363 31.10 17.92 39.14
C GLY B 363 32.52 18.47 39.16
N TYR B 364 33.42 17.60 39.56
CA TYR B 364 34.84 17.94 39.63
C TYR B 364 35.62 16.95 38.79
N TRP B 365 36.88 17.31 38.55
CA TRP B 365 37.81 16.45 37.84
C TRP B 365 39.16 16.56 38.52
N SER B 366 39.82 15.43 38.72
CA SER B 366 41.07 15.41 39.45
C SER B 366 42.24 15.19 38.52
N GLU B 367 43.44 15.23 39.10
CA GLU B 367 44.66 15.00 38.33
C GLU B 367 44.77 13.55 37.87
N VAL B 368 44.16 12.62 38.61
CA VAL B 368 44.18 11.21 38.27
C VAL B 368 42.78 10.67 38.04
N ASP B 369 41.81 11.11 38.82
CA ASP B 369 40.47 10.60 38.70
C ASP B 369 39.74 11.34 37.60
N LYS B 370 38.83 10.65 36.96
CA LYS B 370 38.12 11.21 35.83
C LYS B 370 36.97 12.08 36.32
N MET B 371 36.08 12.45 35.41
CA MET B 371 34.98 13.34 35.75
C MET B 371 34.01 12.68 36.71
N VAL B 372 33.94 13.22 37.92
CA VAL B 372 32.99 12.76 38.93
C VAL B 372 31.96 13.86 39.07
N LEU B 373 30.79 13.65 38.49
CA LEU B 373 29.67 14.54 38.72
C LEU B 373 29.20 14.42 40.16
N THR B 374 28.73 15.54 40.70
CA THR B 374 28.36 15.59 42.11
C THR B 374 26.90 15.21 42.36
N GLU B 375 26.25 14.54 41.40
CA GLU B 375 24.91 13.99 41.53
C GLU B 375 23.87 15.05 41.84
N ASP B 376 24.09 16.27 41.35
CA ASP B 376 23.20 17.39 41.64
C ASP B 376 21.96 17.23 40.77
N ASP B 377 21.01 16.45 41.27
CA ASP B 377 19.78 16.15 40.54
C ASP B 377 18.68 17.08 41.03
N THR B 378 18.63 18.28 40.44
CA THR B 378 17.57 19.24 40.70
C THR B 378 16.44 19.15 39.69
N SER B 379 16.38 18.07 38.93
CA SER B 379 15.31 17.87 37.95
C SER B 379 14.05 17.52 38.72
N GLY B 380 13.22 18.54 38.99
CA GLY B 380 12.00 18.31 39.72
C GLY B 380 10.88 17.68 38.92
N LEU B 381 10.89 17.86 37.61
CA LEU B 381 9.83 17.36 36.73
C LEU B 381 10.41 16.22 35.90
N GLU B 382 10.03 15.00 36.24
CA GLU B 382 10.35 13.84 35.43
C GLU B 382 9.04 13.22 34.94
N GLN B 383 8.94 13.01 33.63
CA GLN B 383 7.76 12.40 33.03
C GLN B 383 7.71 10.93 33.41
N LYS B 384 6.80 10.57 34.31
CA LYS B 384 6.77 9.24 34.86
C LYS B 384 6.29 8.24 33.82
N THR B 385 6.99 7.11 33.73
CA THR B 385 6.55 5.99 32.91
C THR B 385 5.26 5.46 33.49
N VAL B 386 4.15 5.70 32.80
CA VAL B 386 2.84 5.50 33.40
C VAL B 386 2.55 4.00 33.54
N VAL B 387 1.62 3.70 34.43
CA VAL B 387 1.30 2.33 34.76
C VAL B 387 0.32 1.79 33.73
N VAL B 388 0.74 0.79 32.98
CA VAL B 388 -0.12 0.18 31.97
C VAL B 388 -0.35 -1.26 32.38
N THR B 389 -1.57 -1.57 32.81
CA THR B 389 -1.91 -2.92 33.21
C THR B 389 -2.65 -3.62 32.08
N THR B 390 -2.50 -4.94 32.05
CA THR B 390 -3.12 -5.79 31.05
C THR B 390 -3.11 -7.21 31.57
N ILE B 391 -3.45 -8.16 30.69
CA ILE B 391 -3.37 -9.57 31.03
C ILE B 391 -2.92 -10.32 29.78
N LEU B 392 -2.20 -11.42 30.01
CA LEU B 392 -1.73 -12.25 28.91
C LEU B 392 -2.91 -12.93 28.22
N GLU B 393 -3.04 -12.69 26.92
CA GLU B 393 -4.04 -13.37 26.12
C GLU B 393 -3.61 -13.36 24.67
N SER B 394 -3.69 -14.50 24.02
CA SER B 394 -3.32 -14.52 22.63
C SER B 394 -4.45 -13.95 21.78
N PRO B 395 -4.13 -13.18 20.74
CA PRO B 395 -2.80 -12.64 20.46
C PRO B 395 -2.71 -11.21 20.93
N TYR B 396 -3.49 -10.91 21.96
CA TYR B 396 -3.55 -9.55 22.50
C TYR B 396 -2.24 -9.18 23.17
N VAL B 397 -1.86 -9.94 24.18
CA VAL B 397 -0.63 -9.75 24.94
C VAL B 397 -0.01 -11.12 25.11
N MET B 398 1.13 -11.35 24.45
CA MET B 398 1.79 -12.64 24.51
C MET B 398 3.25 -12.46 24.91
N MET B 399 3.76 -13.46 25.63
CA MET B 399 5.17 -13.52 25.93
C MET B 399 5.98 -13.72 24.66
N LYS B 400 7.26 -13.37 24.74
CA LYS B 400 8.22 -13.77 23.75
C LYS B 400 9.10 -14.86 24.32
N LYS B 401 9.62 -15.73 23.44
CA LYS B 401 10.38 -16.89 23.87
C LYS B 401 11.72 -16.52 24.48
N ASN B 402 12.22 -15.32 24.21
CA ASN B 402 13.53 -14.89 24.65
C ASN B 402 13.40 -13.78 25.67
N HIS B 403 12.36 -13.89 26.52
CA HIS B 403 11.99 -12.81 27.43
C HIS B 403 13.01 -12.60 28.52
N GLU B 404 13.76 -13.65 28.88
CA GLU B 404 14.77 -13.51 29.92
C GLU B 404 15.94 -12.67 29.44
N MET B 405 16.39 -12.91 28.21
CA MET B 405 17.47 -12.11 27.65
C MET B 405 17.02 -10.71 27.32
N LEU B 406 15.75 -10.53 27.01
CA LEU B 406 15.20 -9.21 26.74
C LEU B 406 14.71 -8.58 28.03
N GLU B 407 14.15 -7.38 27.94
CA GLU B 407 13.85 -6.62 29.14
C GLU B 407 12.55 -5.83 29.00
N GLY B 408 11.71 -5.93 30.02
CA GLY B 408 10.61 -5.02 30.27
C GLY B 408 9.57 -4.95 29.19
N ASN B 409 9.46 -3.76 28.59
CA ASN B 409 8.49 -3.51 27.55
C ASN B 409 8.83 -4.23 26.25
N GLU B 410 10.08 -4.67 26.08
CA GLU B 410 10.45 -5.45 24.91
C GLU B 410 9.98 -6.88 25.00
N ARG B 411 9.71 -7.37 26.21
CA ARG B 411 9.39 -8.77 26.43
C ARG B 411 8.02 -9.14 25.89
N TYR B 412 7.13 -8.17 25.75
CA TYR B 412 5.74 -8.47 25.47
C TYR B 412 5.44 -8.17 24.00
N GLU B 413 4.52 -8.94 23.44
CA GLU B 413 4.25 -8.84 22.01
C GLU B 413 2.79 -9.17 21.75
N GLY B 414 2.14 -8.33 20.96
CA GLY B 414 0.79 -8.62 20.55
C GLY B 414 0.07 -7.40 20.02
N TYR B 415 -1.23 -7.61 19.79
CA TYR B 415 -2.12 -6.57 19.28
C TYR B 415 -2.18 -5.39 20.22
N CYS B 416 -2.36 -5.66 21.51
CA CYS B 416 -2.41 -4.60 22.50
C CYS B 416 -1.07 -3.90 22.63
N VAL B 417 0.02 -4.65 22.42
CA VAL B 417 1.37 -4.08 22.49
C VAL B 417 1.56 -3.04 21.39
N ASP B 418 1.19 -3.42 20.17
CA ASP B 418 1.28 -2.50 19.04
C ASP B 418 0.37 -1.30 19.24
N LEU B 419 -0.82 -1.53 19.78
CA LEU B 419 -1.78 -0.45 20.00
C LEU B 419 -1.27 0.53 21.04
N ALA B 420 -0.68 0.02 22.12
CA ALA B 420 -0.15 0.88 23.17
C ALA B 420 1.03 1.69 22.66
N ALA B 421 1.84 1.09 21.79
CA ALA B 421 2.92 1.84 21.16
C ALA B 421 2.37 2.97 20.30
N GLU B 422 1.26 2.73 19.61
CA GLU B 422 0.67 3.78 18.79
C GLU B 422 0.10 4.91 19.64
N ILE B 423 -0.55 4.56 20.74
CA ILE B 423 -1.14 5.56 21.63
C ILE B 423 -0.06 6.42 22.26
N ALA B 424 1.02 5.77 22.71
CA ALA B 424 2.12 6.52 23.31
C ALA B 424 2.84 7.37 22.29
N LYS B 425 2.89 6.93 21.03
CA LYS B 425 3.45 7.77 19.97
C LYS B 425 2.58 9.00 19.73
N HIS B 426 1.27 8.82 19.72
CA HIS B 426 0.42 9.96 19.45
C HIS B 426 0.29 10.92 20.63
N CYS B 427 0.49 10.43 21.85
CA CYS B 427 0.29 11.29 23.01
C CYS B 427 1.58 11.70 23.71
N GLY B 428 2.72 11.15 23.31
CA GLY B 428 4.00 11.64 23.75
C GLY B 428 4.43 11.31 25.16
N PHE B 429 3.79 10.36 25.82
CA PHE B 429 4.13 10.06 27.21
C PHE B 429 5.00 8.80 27.30
N LYS B 430 5.51 8.58 28.50
CA LYS B 430 6.26 7.37 28.83
C LYS B 430 5.34 6.39 29.55
N TYR B 431 5.62 5.11 29.36
CA TYR B 431 4.78 4.07 29.93
C TYR B 431 5.64 2.88 30.31
N LYS B 432 5.08 2.03 31.15
CA LYS B 432 5.69 0.75 31.49
C LYS B 432 4.60 -0.31 31.49
N LEU B 433 4.88 -1.42 30.82
CA LEU B 433 3.89 -2.48 30.63
C LEU B 433 3.93 -3.41 31.82
N THR B 434 2.81 -3.49 32.53
CA THR B 434 2.69 -4.31 33.73
C THR B 434 1.60 -5.36 33.51
N ILE B 435 1.48 -6.25 34.47
CA ILE B 435 0.51 -7.33 34.44
C ILE B 435 -0.33 -7.24 35.71
N VAL B 436 -1.61 -7.56 35.60
CA VAL B 436 -2.45 -7.69 36.78
C VAL B 436 -1.95 -8.85 37.64
N GLY B 437 -2.08 -8.70 38.95
CA GLY B 437 -1.57 -9.70 39.88
C GLY B 437 -2.42 -10.95 39.96
N ASP B 438 -3.71 -10.78 40.30
CA ASP B 438 -4.57 -11.93 40.55
C ASP B 438 -4.98 -12.66 39.27
N GLY B 439 -4.69 -12.12 38.09
CA GLY B 439 -4.98 -12.81 36.86
C GLY B 439 -6.46 -12.89 36.53
N LYS B 440 -7.22 -11.88 36.89
CA LYS B 440 -8.65 -11.84 36.60
C LYS B 440 -8.98 -10.58 35.83
N TYR B 441 -10.13 -10.61 35.17
CA TYR B 441 -10.68 -9.38 34.60
C TYR B 441 -11.20 -8.47 35.71
N GLY B 442 -12.07 -9.00 36.56
CA GLY B 442 -12.44 -8.20 37.72
C GLY B 442 -13.94 -7.98 37.84
N ALA B 443 -14.44 -8.21 39.05
CA ALA B 443 -15.82 -7.90 39.40
C ALA B 443 -15.84 -7.41 40.84
N ARG B 444 -16.99 -6.94 41.27
CA ARG B 444 -17.07 -6.41 42.63
C ARG B 444 -17.33 -7.56 43.60
N ASP B 445 -17.01 -7.30 44.86
CA ASP B 445 -17.26 -8.27 45.91
C ASP B 445 -18.68 -8.10 46.42
N ALA B 446 -19.28 -9.23 46.79
CA ALA B 446 -20.55 -9.22 47.48
C ALA B 446 -20.39 -8.55 48.83
N ASP B 447 -21.29 -7.61 49.11
CA ASP B 447 -21.51 -6.96 50.40
C ASP B 447 -20.39 -5.97 50.78
N THR B 448 -19.32 -5.91 50.01
CA THR B 448 -18.23 -5.00 50.29
C THR B 448 -17.77 -4.20 49.07
N LYS B 449 -18.25 -4.53 47.87
CA LYS B 449 -17.95 -3.80 46.63
C LYS B 449 -16.46 -3.75 46.31
N ILE B 450 -15.71 -4.76 46.75
CA ILE B 450 -14.28 -4.79 46.51
C ILE B 450 -14.08 -5.28 45.09
N TRP B 451 -13.84 -4.35 44.17
CA TRP B 451 -13.56 -4.69 42.78
C TRP B 451 -12.18 -5.32 42.72
N ASN B 452 -12.11 -6.58 42.30
CA ASN B 452 -10.82 -7.23 42.12
C ASN B 452 -10.36 -7.07 40.67
N GLY B 453 -9.34 -7.83 40.29
CA GLY B 453 -8.85 -7.93 38.94
C GLY B 453 -8.32 -6.61 38.42
N MET B 454 -8.47 -6.42 37.11
CA MET B 454 -8.07 -5.17 36.50
C MET B 454 -8.99 -4.01 36.82
N VAL B 455 -10.15 -4.28 37.42
CA VAL B 455 -11.06 -3.20 37.77
C VAL B 455 -10.51 -2.42 38.95
N GLY B 456 -10.20 -3.12 40.05
CA GLY B 456 -9.75 -2.44 41.25
C GLY B 456 -8.40 -1.79 41.12
N GLU B 457 -7.61 -2.22 40.13
CA GLU B 457 -6.34 -1.55 39.84
C GLU B 457 -6.55 -0.13 39.37
N LEU B 458 -7.67 0.14 38.68
CA LEU B 458 -7.99 1.48 38.27
C LEU B 458 -8.92 2.18 39.26
N VAL B 459 -9.75 1.43 39.96
CA VAL B 459 -10.64 2.00 40.95
C VAL B 459 -9.85 2.52 42.14
N TYR B 460 -8.95 1.70 42.66
CA TYR B 460 -8.22 1.98 43.88
C TYR B 460 -6.92 2.72 43.63
N GLY B 461 -6.82 3.41 42.49
CA GLY B 461 -5.68 4.26 42.20
C GLY B 461 -4.38 3.53 41.99
N LYS B 462 -4.42 2.22 41.76
CA LYS B 462 -3.20 1.44 41.65
C LYS B 462 -2.57 1.61 40.27
N ALA B 463 -3.32 1.27 39.24
CA ALA B 463 -2.84 1.35 37.87
C ALA B 463 -3.30 2.65 37.23
N ASP B 464 -2.57 3.06 36.19
CA ASP B 464 -2.82 4.36 35.57
C ASP B 464 -3.72 4.25 34.34
N ILE B 465 -3.53 3.23 33.50
CA ILE B 465 -4.31 3.08 32.28
C ILE B 465 -4.29 1.60 31.90
N ALA B 466 -5.31 1.17 31.14
CA ALA B 466 -5.47 -0.25 30.83
C ALA B 466 -5.90 -0.41 29.37
N ILE B 467 -4.91 -0.65 28.51
CA ILE B 467 -5.16 -1.05 27.12
C ILE B 467 -5.18 -2.57 27.12
N ALA B 468 -6.37 -3.14 27.01
CA ALA B 468 -6.58 -4.56 27.32
C ALA B 468 -7.93 -4.96 26.74
N PRO B 469 -8.17 -6.28 26.57
CA PRO B 469 -9.52 -6.72 26.18
C PRO B 469 -10.52 -6.59 27.31
N LEU B 470 -11.06 -5.40 27.50
CA LEU B 470 -12.05 -5.15 28.52
C LEU B 470 -13.36 -4.74 27.86
N THR B 471 -14.45 -5.30 28.36
CA THR B 471 -15.77 -5.10 27.78
C THR B 471 -16.51 -4.00 28.52
N ILE B 472 -17.04 -3.04 27.77
CA ILE B 472 -17.86 -1.99 28.34
C ILE B 472 -19.18 -2.56 28.81
N THR B 473 -19.49 -2.38 30.10
CA THR B 473 -20.76 -2.81 30.63
C THR B 473 -21.51 -1.63 31.23
N LEU B 474 -22.64 -1.89 31.85
CA LEU B 474 -23.31 -0.86 32.62
C LEU B 474 -22.67 -0.67 33.98
N VAL B 475 -22.24 -1.76 34.62
CA VAL B 475 -21.74 -1.67 35.99
C VAL B 475 -20.29 -1.22 36.06
N ARG B 476 -19.67 -0.91 34.93
CA ARG B 476 -18.30 -0.45 34.95
C ARG B 476 -18.15 1.04 34.69
N GLU B 477 -19.14 1.67 34.07
CA GLU B 477 -19.09 3.11 33.86
C GLU B 477 -19.21 3.90 35.15
N GLU B 478 -19.75 3.31 36.20
CA GLU B 478 -19.94 4.06 37.43
C GLU B 478 -18.63 4.29 38.17
N VAL B 479 -17.65 3.41 37.98
CA VAL B 479 -16.43 3.50 38.76
C VAL B 479 -15.29 4.01 37.89
N ILE B 480 -15.27 3.63 36.61
CA ILE B 480 -14.24 4.06 35.68
C ILE B 480 -14.90 4.53 34.40
N ASP B 481 -14.08 5.00 33.47
CA ASP B 481 -14.59 5.54 32.23
C ASP B 481 -13.95 4.80 31.06
N PHE B 482 -14.61 4.90 29.92
CA PHE B 482 -14.17 4.24 28.70
C PHE B 482 -14.13 5.24 27.56
N SER B 483 -13.28 4.96 26.58
CA SER B 483 -13.25 5.74 25.35
C SER B 483 -14.33 5.22 24.43
N LYS B 484 -14.33 5.69 23.19
CA LYS B 484 -15.19 5.09 22.19
C LYS B 484 -14.67 3.68 21.88
N PRO B 485 -15.57 2.74 21.59
CA PRO B 485 -15.13 1.37 21.37
C PRO B 485 -14.42 1.20 20.04
N PHE B 486 -13.39 0.37 20.06
CA PHE B 486 -12.50 0.25 18.92
C PHE B 486 -12.62 -1.08 18.19
N MET B 487 -13.26 -2.09 18.78
CA MET B 487 -13.39 -3.35 18.08
C MET B 487 -14.66 -4.04 18.54
N SER B 488 -15.48 -4.46 17.57
CA SER B 488 -16.78 -5.05 17.83
C SER B 488 -16.66 -6.55 18.01
N LEU B 489 -17.60 -7.10 18.78
CA LEU B 489 -17.65 -8.53 19.08
C LEU B 489 -18.99 -8.92 19.69
N GLY B 490 -19.15 -10.21 19.96
CA GLY B 490 -20.34 -10.70 20.60
C GLY B 490 -20.08 -12.02 21.29
N ILE B 491 -21.09 -12.47 22.03
CA ILE B 491 -21.02 -13.75 22.71
C ILE B 491 -21.13 -14.87 21.68
N SER B 492 -20.14 -15.76 21.66
CA SER B 492 -20.08 -16.83 20.69
C SER B 492 -19.99 -18.17 21.41
N ILE B 493 -20.33 -19.23 20.68
CA ILE B 493 -20.33 -20.59 21.20
C ILE B 493 -19.20 -21.36 20.54
N MET B 494 -18.34 -21.96 21.34
CA MET B 494 -17.30 -22.84 20.86
C MET B 494 -17.60 -24.27 21.30
N ILE B 495 -17.60 -25.20 20.35
CA ILE B 495 -17.56 -26.62 20.66
C ILE B 495 -16.42 -27.21 19.87
N LYS B 496 -16.31 -28.54 19.90
CA LYS B 496 -15.20 -29.24 19.30
C LYS B 496 -15.24 -29.19 17.78
N LYS B 497 -14.30 -29.88 17.17
CA LYS B 497 -14.53 -30.18 15.77
C LYS B 497 -15.36 -31.46 15.65
N PRO B 498 -16.27 -31.53 14.69
CA PRO B 498 -16.93 -32.82 14.42
C PRO B 498 -16.10 -33.56 13.38
N GLN B 499 -16.47 -34.81 13.16
CA GLN B 499 -15.78 -35.66 12.19
C GLN B 499 -16.52 -35.66 10.87
N LYS B 500 -15.76 -35.81 9.79
CA LYS B 500 -16.30 -35.70 8.45
C LYS B 500 -17.16 -36.92 8.13
N SER B 501 -18.47 -36.71 8.12
CA SER B 501 -19.40 -37.80 7.87
C SER B 501 -19.40 -38.16 6.39
N LYS B 502 -18.86 -39.34 6.08
CA LYS B 502 -18.83 -39.88 4.74
C LYS B 502 -20.24 -40.34 4.33
N PRO B 503 -20.57 -40.34 3.04
CA PRO B 503 -21.93 -40.66 2.63
C PRO B 503 -22.25 -42.14 2.84
N GLY B 504 -23.52 -42.39 3.13
CA GLY B 504 -23.96 -43.68 3.60
C GLY B 504 -24.16 -44.70 2.51
N VAL B 505 -24.92 -45.74 2.87
CA VAL B 505 -25.14 -46.86 1.96
C VAL B 505 -25.99 -46.43 0.78
N PHE B 506 -27.21 -45.98 1.06
CA PHE B 506 -28.14 -45.57 0.00
C PHE B 506 -27.82 -44.17 -0.49
N SER B 507 -26.61 -44.03 -1.04
CA SER B 507 -26.16 -42.76 -1.57
C SER B 507 -26.07 -42.76 -3.08
N PHE B 508 -26.33 -43.90 -3.71
CA PHE B 508 -26.27 -43.95 -5.17
C PHE B 508 -27.44 -43.21 -5.79
N LEU B 509 -28.61 -43.27 -5.16
CA LEU B 509 -29.80 -42.64 -5.71
C LEU B 509 -29.91 -41.19 -5.29
N ASP B 510 -28.90 -40.69 -4.60
CA ASP B 510 -28.89 -39.32 -4.09
C ASP B 510 -29.09 -38.20 -5.11
N PRO B 511 -28.47 -38.19 -6.31
CA PRO B 511 -28.57 -36.98 -7.15
C PRO B 511 -29.95 -36.69 -7.70
N LEU B 512 -30.90 -37.60 -7.55
CA LEU B 512 -32.28 -37.34 -7.92
C LEU B 512 -33.14 -37.33 -6.67
N ALA B 513 -34.18 -36.52 -6.69
CA ALA B 513 -35.02 -36.35 -5.51
C ALA B 513 -36.07 -37.45 -5.42
N TYR B 514 -36.49 -37.70 -4.18
CA TYR B 514 -37.38 -38.81 -3.85
C TYR B 514 -38.71 -38.72 -4.58
N GLU B 515 -39.19 -37.49 -4.78
CA GLU B 515 -40.43 -37.27 -5.51
C GLU B 515 -40.28 -37.68 -6.96
N ILE B 516 -39.11 -37.42 -7.53
CA ILE B 516 -38.84 -37.80 -8.91
C ILE B 516 -38.80 -39.31 -9.03
N TRP B 517 -38.18 -39.98 -8.05
CA TRP B 517 -38.19 -41.45 -8.04
C TRP B 517 -39.60 -42.00 -7.96
N MET B 518 -40.46 -41.35 -7.17
CA MET B 518 -41.84 -41.79 -7.03
C MET B 518 -42.60 -41.67 -8.33
N CYS B 519 -42.42 -40.53 -9.01
CA CYS B 519 -43.07 -40.33 -10.30
C CYS B 519 -42.53 -41.31 -11.35
N ILE B 520 -41.25 -41.67 -11.23
CA ILE B 520 -40.67 -42.70 -12.10
C ILE B 520 -41.40 -44.01 -11.94
N VAL B 521 -41.58 -44.45 -10.70
CA VAL B 521 -42.24 -45.73 -10.43
C VAL B 521 -43.66 -45.73 -10.96
N PHE B 522 -44.38 -44.62 -10.73
CA PHE B 522 -45.77 -44.53 -11.15
C PHE B 522 -45.88 -44.53 -12.67
N ALA B 523 -44.97 -43.82 -13.33
CA ALA B 523 -44.98 -43.77 -14.79
C ALA B 523 -44.61 -45.12 -15.38
N TYR B 524 -43.71 -45.83 -14.72
CA TYR B 524 -43.33 -47.18 -15.15
C TYR B 524 -44.52 -48.11 -15.16
N ILE B 525 -45.25 -48.13 -14.05
CA ILE B 525 -46.43 -48.97 -13.94
C ILE B 525 -47.47 -48.57 -14.98
N GLY B 526 -47.68 -47.27 -15.14
CA GLY B 526 -48.70 -46.80 -16.07
C GLY B 526 -48.38 -47.13 -17.51
N VAL B 527 -47.13 -46.95 -17.91
CA VAL B 527 -46.71 -47.22 -19.28
C VAL B 527 -46.85 -48.71 -19.58
N SER B 528 -46.44 -49.56 -18.64
CA SER B 528 -46.56 -50.99 -18.84
C SER B 528 -48.02 -51.43 -18.99
N VAL B 529 -48.89 -50.86 -18.15
CA VAL B 529 -50.30 -51.24 -18.20
C VAL B 529 -50.94 -50.76 -19.50
N VAL B 530 -50.61 -49.56 -19.95
CA VAL B 530 -51.21 -49.00 -21.15
C VAL B 530 -50.77 -49.80 -22.38
N LEU B 531 -49.50 -50.20 -22.42
CA LEU B 531 -49.04 -51.03 -23.52
C LEU B 531 -49.73 -52.38 -23.52
N PHE B 532 -49.96 -52.94 -22.33
CA PHE B 532 -50.73 -54.17 -22.24
C PHE B 532 -52.14 -53.99 -22.76
N LEU B 533 -52.72 -52.81 -22.51
CA LEU B 533 -54.08 -52.56 -22.98
C LEU B 533 -54.13 -52.43 -24.50
N VAL B 534 -53.10 -51.82 -25.08
CA VAL B 534 -53.09 -51.62 -26.52
C VAL B 534 -52.96 -52.96 -27.23
N SER B 535 -52.10 -53.84 -26.73
CA SER B 535 -52.16 -55.17 -27.28
C SER B 535 -53.29 -55.96 -26.64
N ARG B 536 -53.49 -57.19 -27.13
CA ARG B 536 -54.41 -58.18 -26.54
C ARG B 536 -55.85 -57.66 -26.50
N PHE B 537 -56.26 -57.03 -27.58
CA PHE B 537 -57.47 -56.23 -27.59
C PHE B 537 -58.46 -56.80 -28.60
N SER B 538 -58.63 -58.13 -28.56
CA SER B 538 -59.23 -58.96 -29.60
C SER B 538 -58.65 -58.62 -30.96
N PRO B 539 -57.39 -59.00 -31.26
CA PRO B 539 -56.86 -58.71 -32.60
C PRO B 539 -57.47 -59.57 -33.68
N TYR B 540 -58.38 -59.00 -34.46
CA TYR B 540 -58.93 -59.70 -35.60
C TYR B 540 -58.83 -58.83 -36.84
N GLN B 554 -56.01 -69.76 -36.75
CA GLN B 554 -57.16 -69.23 -36.01
C GLN B 554 -56.69 -68.27 -34.94
N SER B 555 -55.48 -67.75 -35.10
CA SER B 555 -54.87 -66.87 -34.11
C SER B 555 -55.60 -65.53 -34.13
N SER B 556 -56.53 -65.36 -33.20
CA SER B 556 -57.26 -64.11 -33.04
C SER B 556 -57.00 -63.43 -31.71
N GLU B 557 -56.23 -64.04 -30.81
CA GLU B 557 -55.88 -63.40 -29.55
C GLU B 557 -54.38 -63.50 -29.28
N SER B 558 -53.76 -64.60 -29.72
CA SER B 558 -52.34 -64.82 -29.51
C SER B 558 -51.49 -64.28 -30.66
N THR B 559 -51.96 -63.22 -31.32
CA THR B 559 -51.18 -62.60 -32.38
C THR B 559 -49.90 -62.00 -31.83
N ASN B 560 -49.96 -61.40 -30.66
CA ASN B 560 -48.79 -60.83 -30.00
C ASN B 560 -48.33 -61.75 -28.87
N GLU B 561 -47.13 -61.47 -28.38
CA GLU B 561 -46.56 -62.19 -27.26
C GLU B 561 -46.58 -61.33 -26.00
N PHE B 562 -47.14 -60.13 -26.10
CA PHE B 562 -47.17 -59.20 -24.97
C PHE B 562 -48.23 -59.61 -23.98
N GLY B 563 -47.84 -60.39 -22.99
CA GLY B 563 -48.63 -60.51 -21.80
C GLY B 563 -48.42 -59.31 -20.90
N ILE B 564 -49.18 -59.28 -19.81
CA ILE B 564 -48.98 -58.23 -18.82
C ILE B 564 -47.58 -58.32 -18.22
N PHE B 565 -47.14 -59.56 -17.97
CA PHE B 565 -45.84 -59.75 -17.38
C PHE B 565 -44.73 -59.48 -18.39
N ASN B 566 -44.99 -59.82 -19.66
CA ASN B 566 -44.03 -59.52 -20.71
C ASN B 566 -43.89 -58.02 -20.92
N SER B 567 -45.01 -57.28 -20.85
CA SER B 567 -44.95 -55.83 -21.00
C SER B 567 -44.21 -55.18 -19.85
N LEU B 568 -44.42 -55.71 -18.65
CA LEU B 568 -43.66 -55.28 -17.48
C LEU B 568 -42.17 -55.46 -17.71
N TRP B 569 -41.80 -56.64 -18.20
CA TRP B 569 -40.41 -56.94 -18.50
C TRP B 569 -39.85 -56.01 -19.56
N PHE B 570 -40.66 -55.71 -20.58
CA PHE B 570 -40.21 -54.89 -21.69
C PHE B 570 -39.93 -53.47 -21.24
N SER B 571 -40.80 -52.92 -20.40
CA SER B 571 -40.61 -51.57 -19.92
C SER B 571 -39.35 -51.48 -19.07
N LEU B 572 -39.17 -52.45 -18.17
CA LEU B 572 -37.97 -52.44 -17.33
C LEU B 572 -36.71 -52.60 -18.16
N GLY B 573 -36.76 -53.42 -19.20
CA GLY B 573 -35.57 -53.63 -20.00
C GLY B 573 -35.23 -52.40 -20.83
N ALA B 574 -36.26 -51.78 -21.41
CA ALA B 574 -36.04 -50.59 -22.20
C ALA B 574 -35.58 -49.43 -21.35
N PHE B 575 -35.91 -49.43 -20.06
CA PHE B 575 -35.48 -48.32 -19.22
C PHE B 575 -33.98 -48.34 -18.98
N MET B 576 -33.40 -49.51 -18.79
CA MET B 576 -31.99 -49.60 -18.44
C MET B 576 -31.14 -50.08 -19.60
N GLN B 577 -31.44 -49.63 -20.80
CA GLN B 577 -30.53 -49.58 -21.94
C GLN B 577 -30.18 -50.93 -22.55
N GLN B 578 -30.78 -52.02 -22.12
CA GLN B 578 -30.65 -53.29 -22.85
C GLN B 578 -32.03 -53.66 -23.36
N GLY B 579 -32.20 -53.60 -24.67
CA GLY B 579 -33.46 -53.99 -25.26
C GLY B 579 -33.67 -55.49 -25.13
N CYS B 580 -34.92 -55.87 -24.89
CA CYS B 580 -35.26 -57.28 -24.77
C CYS B 580 -35.39 -57.88 -26.17
N ASP B 581 -35.84 -59.12 -26.22
CA ASP B 581 -35.89 -59.82 -27.50
C ASP B 581 -37.11 -59.39 -28.31
N ILE B 582 -38.25 -59.26 -27.68
CA ILE B 582 -39.49 -58.97 -28.40
C ILE B 582 -39.53 -57.52 -28.82
N SER B 583 -40.47 -57.18 -29.67
CA SER B 583 -40.68 -55.85 -30.20
C SER B 583 -42.17 -55.61 -30.29
N PRO B 584 -42.63 -54.35 -30.23
CA PRO B 584 -44.08 -54.08 -30.21
C PRO B 584 -44.86 -54.58 -31.41
N ARG B 585 -44.23 -54.58 -32.59
CA ARG B 585 -44.64 -55.34 -33.77
C ARG B 585 -45.92 -54.80 -34.44
N SER B 586 -46.62 -53.88 -33.79
CA SER B 586 -47.83 -53.32 -34.36
C SER B 586 -47.93 -51.85 -33.97
N LEU B 587 -48.77 -51.14 -34.71
CA LEU B 587 -48.97 -49.73 -34.46
C LEU B 587 -49.73 -49.53 -33.15
N SER B 588 -49.57 -48.32 -32.60
CA SER B 588 -50.27 -47.71 -31.48
C SER B 588 -49.83 -48.25 -30.15
N GLY B 589 -49.00 -49.28 -30.10
CA GLY B 589 -48.30 -49.60 -28.88
C GLY B 589 -46.94 -48.97 -28.98
N ARG B 590 -46.55 -48.71 -30.21
CA ARG B 590 -45.23 -48.16 -30.40
C ARG B 590 -45.21 -46.67 -30.23
N ILE B 591 -46.35 -45.99 -30.41
CA ILE B 591 -46.36 -44.61 -29.99
C ILE B 591 -46.55 -44.48 -28.49
N VAL B 592 -46.70 -45.60 -27.78
CA VAL B 592 -46.30 -45.63 -26.39
C VAL B 592 -44.79 -45.80 -26.28
N GLY B 593 -44.25 -46.78 -27.01
CA GLY B 593 -42.88 -47.21 -26.75
C GLY B 593 -41.84 -46.18 -27.13
N GLY B 594 -42.06 -45.44 -28.20
CA GLY B 594 -41.11 -44.42 -28.61
C GLY B 594 -41.12 -43.25 -27.65
N VAL B 595 -42.29 -42.92 -27.11
CA VAL B 595 -42.37 -41.92 -26.08
C VAL B 595 -41.63 -42.39 -24.84
N TRP B 596 -41.75 -43.69 -24.53
CA TRP B 596 -41.05 -44.25 -23.40
C TRP B 596 -39.55 -44.25 -23.62
N TRP B 597 -39.13 -44.41 -24.87
CA TRP B 597 -37.72 -44.32 -25.21
C TRP B 597 -37.21 -42.90 -25.07
N PHE B 598 -37.99 -41.92 -25.51
CA PHE B 598 -37.59 -40.52 -25.35
C PHE B 598 -37.47 -40.18 -23.88
N PHE B 599 -38.39 -40.71 -23.08
CA PHE B 599 -38.34 -40.57 -21.64
C PHE B 599 -37.06 -41.14 -21.06
N THR B 600 -36.70 -42.36 -21.46
CA THR B 600 -35.56 -42.99 -20.81
C THR B 600 -34.26 -42.30 -21.22
N LEU B 601 -34.22 -41.74 -22.43
CA LEU B 601 -33.04 -41.01 -22.85
C LEU B 601 -32.86 -39.75 -22.03
N ILE B 602 -33.90 -38.92 -21.98
CA ILE B 602 -33.79 -37.64 -21.29
C ILE B 602 -33.63 -37.82 -19.79
N ILE B 603 -34.13 -38.91 -19.23
CA ILE B 603 -33.99 -39.12 -17.81
C ILE B 603 -32.57 -39.54 -17.47
N ILE B 604 -32.08 -40.62 -18.08
CA ILE B 604 -30.82 -41.12 -17.54
C ILE B 604 -29.64 -40.31 -18.04
N SER B 605 -29.80 -39.54 -19.12
CA SER B 605 -28.75 -38.61 -19.48
C SER B 605 -28.63 -37.53 -18.44
N SER B 606 -29.76 -37.10 -17.90
CA SER B 606 -29.73 -36.17 -16.78
C SER B 606 -29.17 -36.85 -15.54
N TYR B 607 -29.41 -38.15 -15.40
CA TYR B 607 -28.93 -38.86 -14.22
C TYR B 607 -27.41 -38.90 -14.18
N THR B 608 -26.81 -39.28 -15.29
CA THR B 608 -25.39 -39.54 -15.30
C THR B 608 -24.57 -38.31 -15.59
N ALA B 609 -25.09 -37.13 -15.27
CA ALA B 609 -24.38 -35.90 -15.58
C ALA B 609 -23.15 -35.74 -14.70
N ASN B 610 -23.35 -35.79 -13.39
CA ASN B 610 -22.28 -35.50 -12.44
C ASN B 610 -22.34 -36.47 -11.27
N LEU B 611 -22.46 -37.76 -11.60
CA LEU B 611 -22.64 -38.78 -10.58
C LEU B 611 -21.46 -38.87 -9.63
N ALA B 612 -20.24 -38.67 -10.14
CA ALA B 612 -19.04 -38.86 -9.35
C ALA B 612 -18.91 -37.84 -8.23
N ALA B 613 -19.50 -36.66 -8.42
CA ALA B 613 -19.49 -35.66 -7.36
C ALA B 613 -20.37 -36.10 -6.19
N PHE B 614 -21.40 -36.87 -6.46
CA PHE B 614 -22.33 -37.27 -5.42
C PHE B 614 -21.88 -38.48 -4.64
N LEU B 615 -20.71 -39.02 -4.91
CA LEU B 615 -20.25 -40.15 -4.14
C LEU B 615 -18.98 -39.86 -3.36
N THR B 616 -18.48 -38.62 -3.40
CA THR B 616 -17.45 -38.13 -2.48
C THR B 616 -17.89 -36.73 -2.04
N VAL B 617 -18.66 -36.67 -0.96
CA VAL B 617 -19.15 -35.37 -0.52
C VAL B 617 -18.53 -34.99 0.83
N GLU B 618 -18.80 -35.79 1.87
CA GLU B 618 -18.26 -35.65 3.22
C GLU B 618 -18.59 -34.28 3.82
N ARG B 619 -19.88 -34.08 4.05
CA ARG B 619 -20.34 -32.88 4.73
C ARG B 619 -20.47 -33.15 6.24
N MET B 620 -20.57 -32.06 7.01
CA MET B 620 -20.54 -32.11 8.46
C MET B 620 -21.94 -32.33 9.02
N VAL B 621 -22.04 -32.34 10.34
CA VAL B 621 -23.25 -32.74 11.03
C VAL B 621 -23.88 -31.60 11.82
N SER B 622 -23.06 -30.84 12.59
CA SER B 622 -23.42 -29.64 13.35
C SER B 622 -24.62 -29.87 14.28
N PRO B 623 -24.42 -30.50 15.44
CA PRO B 623 -25.57 -30.84 16.31
C PRO B 623 -26.43 -29.67 16.75
N ILE B 624 -25.84 -28.54 17.15
CA ILE B 624 -26.61 -27.39 17.61
C ILE B 624 -26.01 -26.11 17.04
N GLU B 625 -26.86 -25.10 16.82
CA GLU B 625 -26.27 -23.83 16.42
C GLU B 625 -26.77 -22.61 17.17
N SER B 626 -28.06 -22.50 17.47
CA SER B 626 -28.64 -21.31 18.09
C SER B 626 -29.18 -21.79 19.43
N ALA B 627 -28.29 -21.83 20.41
CA ALA B 627 -28.05 -23.04 21.17
C ALA B 627 -29.30 -23.80 21.59
N GLU B 628 -30.00 -23.32 22.62
CA GLU B 628 -31.38 -23.65 22.99
C GLU B 628 -31.66 -25.14 23.26
N ASP B 629 -30.81 -26.02 22.78
CA ASP B 629 -30.73 -27.36 23.28
C ASP B 629 -29.81 -27.40 24.48
N LEU B 630 -28.96 -26.39 24.64
CA LEU B 630 -28.30 -26.20 25.91
C LEU B 630 -29.31 -25.86 27.00
N SER B 631 -30.47 -25.33 26.63
CA SER B 631 -31.61 -25.36 27.53
C SER B 631 -32.29 -26.72 27.53
N LYS B 632 -32.51 -27.31 26.34
CA LYS B 632 -33.44 -28.44 26.24
C LYS B 632 -32.84 -29.75 26.76
N GLN B 633 -31.77 -30.24 26.15
CA GLN B 633 -31.19 -31.49 26.60
C GLN B 633 -30.43 -31.30 27.91
N THR B 634 -29.99 -32.42 28.48
CA THR B 634 -29.11 -32.42 29.61
C THR B 634 -27.74 -32.99 29.29
N GLU B 635 -27.46 -33.29 28.01
CA GLU B 635 -26.30 -34.11 27.69
C GLU B 635 -25.01 -33.29 27.69
N ILE B 636 -24.90 -32.34 26.77
CA ILE B 636 -23.66 -31.61 26.61
C ILE B 636 -23.62 -30.49 27.63
N ALA B 637 -22.53 -30.41 28.37
CA ALA B 637 -22.36 -29.34 29.33
C ALA B 637 -21.90 -28.06 28.62
N TYR B 638 -21.90 -26.96 29.37
CA TYR B 638 -21.48 -25.66 28.87
C TYR B 638 -21.28 -24.74 30.06
N GLY B 639 -20.26 -23.91 29.99
CA GLY B 639 -19.95 -23.00 31.07
C GLY B 639 -19.20 -21.81 30.55
N THR B 640 -18.96 -20.85 31.44
CA THR B 640 -18.25 -19.63 31.10
C THR B 640 -17.04 -19.46 31.99
N LEU B 641 -16.37 -18.33 31.78
CA LEU B 641 -15.23 -17.96 32.59
C LEU B 641 -15.69 -17.45 33.96
N ASP B 642 -14.84 -17.64 34.96
CA ASP B 642 -15.08 -17.02 36.26
C ASP B 642 -14.82 -15.53 36.19
N SER B 643 -15.52 -14.80 37.07
CA SER B 643 -15.43 -13.34 37.19
C SER B 643 -15.70 -12.67 35.86
N GLY B 644 -16.66 -13.22 35.12
CA GLY B 644 -16.89 -12.85 33.74
C GLY B 644 -18.03 -11.85 33.59
N SER B 645 -17.84 -10.91 32.67
CA SER B 645 -18.93 -10.01 32.33
C SER B 645 -20.07 -10.79 31.68
N THR B 646 -19.75 -11.85 30.94
CA THR B 646 -20.78 -12.72 30.40
C THR B 646 -21.47 -13.49 31.51
N LYS B 647 -20.71 -13.88 32.54
CA LYS B 647 -21.27 -14.53 33.72
C LYS B 647 -22.28 -13.62 34.40
N GLU B 648 -21.95 -12.34 34.53
CA GLU B 648 -22.90 -11.40 35.11
C GLU B 648 -24.03 -11.07 34.13
N PHE B 649 -23.74 -11.13 32.83
CA PHE B 649 -24.76 -10.93 31.81
C PHE B 649 -25.85 -11.97 31.93
N PHE B 650 -25.47 -13.23 32.14
CA PHE B 650 -26.47 -14.24 32.37
C PHE B 650 -27.07 -14.14 33.76
N ARG B 651 -26.34 -13.61 34.73
CA ARG B 651 -26.92 -13.41 36.05
C ARG B 651 -28.02 -12.35 36.04
N ARG B 652 -27.88 -11.34 35.20
CA ARG B 652 -28.81 -10.21 35.20
C ARG B 652 -29.77 -10.25 34.01
N SER B 653 -29.63 -11.22 33.11
CA SER B 653 -30.45 -11.26 31.91
C SER B 653 -31.92 -11.51 32.23
N LYS B 654 -32.77 -11.26 31.24
CA LYS B 654 -34.21 -11.34 31.42
C LYS B 654 -34.93 -12.19 30.40
N ILE B 655 -34.29 -12.60 29.31
CA ILE B 655 -34.93 -13.48 28.35
C ILE B 655 -35.09 -14.85 28.98
N ALA B 656 -36.20 -15.52 28.66
CA ALA B 656 -36.56 -16.77 29.34
C ALA B 656 -35.60 -17.90 29.00
N VAL B 657 -35.14 -17.96 27.75
CA VAL B 657 -34.16 -18.98 27.38
C VAL B 657 -32.85 -18.76 28.11
N PHE B 658 -32.45 -17.49 28.25
CA PHE B 658 -31.24 -17.17 28.99
C PHE B 658 -31.42 -17.42 30.47
N ASP B 659 -32.65 -17.27 30.95
CA ASP B 659 -32.96 -17.53 32.35
C ASP B 659 -32.82 -19.01 32.64
N LYS B 660 -33.32 -19.86 31.73
CA LYS B 660 -33.17 -21.30 31.89
C LYS B 660 -31.70 -21.69 31.80
N MET B 661 -30.94 -20.99 30.95
CA MET B 661 -29.51 -21.21 30.86
C MET B 661 -28.80 -20.89 32.18
N TRP B 662 -29.08 -19.71 32.74
CA TRP B 662 -28.46 -19.31 33.99
C TRP B 662 -28.93 -20.18 35.15
N THR B 663 -30.14 -20.71 35.06
CA THR B 663 -30.61 -21.67 36.04
C THR B 663 -29.76 -22.92 36.01
N TYR B 664 -29.47 -23.42 34.81
CA TYR B 664 -28.56 -24.57 34.70
C TYR B 664 -27.16 -24.22 35.17
N MET B 665 -26.72 -23.01 34.87
CA MET B 665 -25.37 -22.56 35.24
C MET B 665 -25.19 -22.52 36.75
N ARG B 666 -26.18 -21.99 37.47
CA ARG B 666 -26.06 -21.96 38.92
C ARG B 666 -26.37 -23.32 39.54
N SER B 667 -27.16 -24.15 38.87
CA SER B 667 -27.44 -25.49 39.37
C SER B 667 -26.45 -26.53 38.85
N ALA B 668 -25.35 -26.08 38.27
CA ALA B 668 -24.34 -26.99 37.74
C ALA B 668 -23.63 -27.73 38.86
N GLU B 669 -23.60 -29.06 38.75
CA GLU B 669 -22.89 -29.93 39.66
C GLU B 669 -22.18 -31.02 38.85
N PRO B 670 -20.85 -31.01 38.76
CA PRO B 670 -19.89 -30.06 39.34
C PRO B 670 -19.78 -28.76 38.57
N SER B 671 -18.66 -28.06 38.76
CA SER B 671 -18.48 -26.73 38.19
C SER B 671 -18.36 -26.79 36.68
N VAL B 672 -19.32 -26.15 36.00
CA VAL B 672 -19.11 -25.80 34.61
C VAL B 672 -18.25 -24.56 34.49
N PHE B 673 -18.10 -23.82 35.58
CA PHE B 673 -17.29 -22.63 35.59
C PHE B 673 -15.81 -23.01 35.61
N VAL B 674 -15.02 -22.26 34.86
CA VAL B 674 -13.58 -22.47 34.81
C VAL B 674 -12.89 -21.13 35.03
N ARG B 675 -11.62 -21.20 35.40
CA ARG B 675 -10.89 -20.00 35.80
C ARG B 675 -10.15 -19.32 34.67
N THR B 676 -9.63 -20.07 33.70
CA THR B 676 -8.84 -19.45 32.65
C THR B 676 -9.28 -19.95 31.27
N THR B 677 -8.81 -19.18 30.27
CA THR B 677 -9.17 -19.42 28.87
C THR B 677 -8.70 -20.77 28.39
N ALA B 678 -7.41 -21.04 28.55
CA ALA B 678 -6.85 -22.31 28.09
C ALA B 678 -7.38 -23.48 28.88
N GLU B 679 -7.74 -23.25 30.15
CA GLU B 679 -8.45 -24.26 30.94
C GLU B 679 -9.75 -24.66 30.25
N GLY B 680 -10.55 -23.67 29.87
CA GLY B 680 -11.79 -23.98 29.17
C GLY B 680 -11.56 -24.63 27.82
N VAL B 681 -10.51 -24.20 27.12
CA VAL B 681 -10.17 -24.76 25.81
C VAL B 681 -9.83 -26.24 25.94
N ALA B 682 -8.95 -26.56 26.89
CA ALA B 682 -8.55 -27.94 27.08
C ALA B 682 -9.70 -28.79 27.61
N ARG B 683 -10.60 -28.19 28.40
CA ARG B 683 -11.76 -28.93 28.86
C ARG B 683 -12.68 -29.29 27.70
N VAL B 684 -12.87 -28.35 26.77
CA VAL B 684 -13.65 -28.65 25.57
C VAL B 684 -12.96 -29.71 24.72
N ARG B 685 -11.63 -29.61 24.59
CA ARG B 685 -10.89 -30.56 23.75
C ARG B 685 -10.94 -31.97 24.32
N LYS B 686 -10.81 -32.11 25.63
CA LYS B 686 -10.78 -33.42 26.24
C LYS B 686 -12.16 -33.95 26.58
N SER B 687 -13.20 -33.11 26.52
CA SER B 687 -14.54 -33.58 26.86
C SER B 687 -15.14 -34.49 25.80
N LYS B 688 -14.62 -34.42 24.56
CA LYS B 688 -15.11 -35.20 23.42
C LYS B 688 -16.60 -34.96 23.19
N GLY B 689 -16.96 -33.70 22.99
CA GLY B 689 -18.34 -33.36 22.67
C GLY B 689 -19.30 -33.47 23.84
N LYS B 690 -18.82 -33.20 25.04
CA LYS B 690 -19.67 -33.21 26.21
C LYS B 690 -19.72 -31.88 26.94
N TYR B 691 -18.83 -30.94 26.61
CA TYR B 691 -18.78 -29.66 27.29
C TYR B 691 -18.61 -28.56 26.27
N ALA B 692 -19.66 -27.77 26.09
CA ALA B 692 -19.58 -26.60 25.25
C ALA B 692 -18.92 -25.46 26.03
N TYR B 693 -18.73 -24.33 25.35
CA TYR B 693 -18.06 -23.20 25.98
C TYR B 693 -18.65 -21.92 25.41
N LEU B 694 -18.60 -20.87 26.20
CA LEU B 694 -19.07 -19.57 25.77
C LEU B 694 -17.92 -18.59 25.89
N LEU B 695 -17.64 -17.87 24.80
CA LEU B 695 -16.63 -16.82 24.85
C LEU B 695 -16.96 -15.79 23.77
N GLU B 696 -16.02 -14.88 23.54
CA GLU B 696 -16.20 -13.77 22.62
C GLU B 696 -15.63 -14.12 21.26
N SER B 697 -16.31 -13.64 20.22
CA SER B 697 -16.17 -14.18 18.87
C SER B 697 -14.76 -14.00 18.29
N THR B 698 -14.05 -12.95 18.69
CA THR B 698 -12.68 -12.75 18.22
C THR B 698 -11.78 -13.85 18.69
N MET B 699 -11.86 -14.17 19.98
CA MET B 699 -11.09 -15.28 20.53
C MET B 699 -11.53 -16.60 19.90
N ASN B 700 -12.82 -16.72 19.58
CA ASN B 700 -13.34 -17.95 18.97
C ASN B 700 -12.70 -18.20 17.62
N GLU B 701 -12.75 -17.20 16.74
CA GLU B 701 -12.20 -17.41 15.41
C GLU B 701 -10.69 -17.44 15.41
N TYR B 702 -10.05 -16.78 16.39
CA TYR B 702 -8.61 -16.87 16.46
C TYR B 702 -8.16 -18.27 16.85
N ILE B 703 -8.85 -18.88 17.84
CA ILE B 703 -8.53 -20.27 18.19
C ILE B 703 -8.97 -21.21 17.08
N GLU B 704 -9.97 -20.83 16.29
CA GLU B 704 -10.35 -21.62 15.14
C GLU B 704 -9.27 -21.61 14.06
N GLN B 705 -8.49 -20.53 13.98
CA GLN B 705 -7.38 -20.48 13.04
C GLN B 705 -6.06 -20.94 13.64
N ARG B 706 -6.10 -21.76 14.69
CA ARG B 706 -4.88 -22.33 15.24
C ARG B 706 -4.85 -23.82 15.00
N LYS B 707 -3.69 -24.37 15.15
CA LYS B 707 -3.56 -25.81 15.09
C LYS B 707 -4.02 -26.41 16.41
N PRO B 708 -4.63 -27.60 16.39
CA PRO B 708 -4.86 -28.48 15.24
C PRO B 708 -6.28 -28.42 14.69
N CYS B 709 -6.86 -27.23 14.60
CA CYS B 709 -8.20 -27.02 14.03
C CYS B 709 -9.28 -27.86 14.70
N ASP B 710 -9.12 -28.10 15.99
CA ASP B 710 -10.06 -28.97 16.68
C ASP B 710 -11.26 -28.23 17.24
N THR B 711 -11.33 -26.92 17.06
CA THR B 711 -12.47 -26.13 17.50
C THR B 711 -13.39 -25.86 16.32
N MET B 712 -14.59 -25.35 16.64
CA MET B 712 -15.52 -24.90 15.61
C MET B 712 -16.57 -23.94 16.16
N LYS B 713 -16.69 -22.78 15.53
CA LYS B 713 -17.74 -21.84 15.85
C LYS B 713 -19.07 -22.35 15.30
N VAL B 714 -20.13 -22.21 16.09
CA VAL B 714 -21.47 -22.55 15.62
C VAL B 714 -22.38 -21.35 15.83
N GLY B 715 -23.40 -21.26 14.98
CA GLY B 715 -24.43 -20.24 15.08
C GLY B 715 -23.97 -18.81 14.93
N GLY B 716 -24.86 -17.86 15.18
CA GLY B 716 -24.53 -16.45 15.16
C GLY B 716 -24.11 -15.96 16.53
N ASN B 717 -24.14 -14.64 16.68
CA ASN B 717 -23.80 -14.05 17.95
C ASN B 717 -25.06 -13.92 18.80
N LEU B 718 -24.92 -13.29 19.96
CA LEU B 718 -26.05 -13.08 20.84
C LEU B 718 -26.29 -11.62 21.18
N ASP B 719 -25.29 -10.76 20.99
CA ASP B 719 -25.40 -9.35 21.28
C ASP B 719 -24.35 -8.60 20.46
N SER B 720 -24.09 -7.36 20.83
CA SER B 720 -23.06 -6.56 20.16
C SER B 720 -22.32 -5.77 21.21
N LYS B 721 -21.13 -6.21 21.57
CA LYS B 721 -20.33 -5.55 22.57
C LYS B 721 -19.01 -5.11 21.97
N GLY B 722 -18.32 -4.23 22.68
CA GLY B 722 -17.09 -3.66 22.18
C GLY B 722 -16.07 -3.42 23.27
N TYR B 723 -14.81 -3.52 22.88
CA TYR B 723 -13.70 -3.21 23.77
C TYR B 723 -13.44 -1.73 23.77
N GLY B 724 -13.01 -1.22 24.91
CA GLY B 724 -12.70 0.20 25.04
C GLY B 724 -11.50 0.42 25.94
N ILE B 725 -10.81 1.52 25.69
CA ILE B 725 -9.70 1.90 26.55
C ILE B 725 -10.25 2.36 27.88
N ALA B 726 -9.70 1.83 28.97
CA ALA B 726 -10.22 2.09 30.30
C ALA B 726 -9.28 3.00 31.07
N THR B 727 -9.83 4.10 31.60
CA THR B 727 -9.09 5.00 32.47
C THR B 727 -9.83 5.13 33.80
N PRO B 728 -9.11 5.38 34.89
CA PRO B 728 -9.78 5.77 36.14
C PRO B 728 -10.49 7.09 35.95
N LYS B 729 -11.57 7.25 36.72
CA LYS B 729 -12.51 8.34 36.50
C LYS B 729 -11.88 9.68 36.84
N GLY B 730 -12.24 10.69 36.08
CA GLY B 730 -11.80 12.04 36.35
C GLY B 730 -10.38 12.35 35.97
N SER B 731 -9.71 11.43 35.26
CA SER B 731 -8.35 11.69 34.83
C SER B 731 -8.33 12.75 33.75
N SER B 732 -7.15 13.31 33.54
CA SER B 732 -6.94 14.25 32.44
C SER B 732 -6.58 13.54 31.15
N LEU B 733 -6.46 12.22 31.17
CA LEU B 733 -6.04 11.46 30.01
C LEU B 733 -7.21 11.01 29.15
N GLY B 734 -8.43 11.46 29.46
CA GLY B 734 -9.60 10.95 28.77
C GLY B 734 -9.72 11.43 27.34
N THR B 735 -9.96 12.72 27.17
CA THR B 735 -10.07 13.31 25.84
C THR B 735 -8.87 13.13 24.90
N PRO B 736 -7.59 13.05 25.34
CA PRO B 736 -6.56 12.69 24.35
C PRO B 736 -6.71 11.29 23.79
N VAL B 737 -7.04 10.31 24.63
CA VAL B 737 -7.30 8.96 24.13
C VAL B 737 -8.54 8.96 23.24
N ASN B 738 -9.55 9.74 23.63
CA ASN B 738 -10.79 9.84 22.86
C ASN B 738 -10.53 10.36 21.45
N LEU B 739 -9.63 11.33 21.32
CA LEU B 739 -9.27 11.79 19.98
C LEU B 739 -8.37 10.80 19.26
N ALA B 740 -7.49 10.13 19.99
CA ALA B 740 -6.48 9.30 19.35
C ALA B 740 -7.08 8.05 18.73
N VAL B 741 -8.04 7.43 19.42
CA VAL B 741 -8.68 6.23 18.91
C VAL B 741 -9.43 6.53 17.62
N LEU B 742 -10.01 7.73 17.54
CA LEU B 742 -10.69 8.14 16.32
C LEU B 742 -9.70 8.38 15.19
N LYS B 743 -8.52 8.90 15.51
CA LYS B 743 -7.50 9.02 14.48
C LYS B 743 -7.11 7.66 13.92
N LEU B 744 -6.99 6.66 14.79
CA LEU B 744 -6.62 5.33 14.34
C LEU B 744 -7.73 4.70 13.49
N SER B 745 -8.98 4.89 13.91
CA SER B 745 -10.09 4.35 13.15
C SER B 745 -10.27 5.06 11.82
N GLU B 746 -9.90 6.34 11.77
CA GLU B 746 -10.01 7.07 10.52
C GLU B 746 -8.94 6.63 9.54
N GLN B 747 -7.73 6.37 10.02
CA GLN B 747 -6.64 6.04 9.13
C GLN B 747 -6.44 4.55 8.93
N GLY B 748 -7.31 3.72 9.51
CA GLY B 748 -7.28 2.31 9.15
C GLY B 748 -6.17 1.52 9.77
N VAL B 749 -5.49 2.10 10.75
CA VAL B 749 -4.46 1.42 11.50
C VAL B 749 -5.05 0.22 12.23
N LEU B 750 -6.30 0.36 12.71
CA LEU B 750 -7.00 -0.75 13.33
C LEU B 750 -7.18 -1.91 12.36
N ASP B 751 -7.55 -1.59 11.13
CA ASP B 751 -7.68 -2.61 10.08
C ASP B 751 -6.36 -3.29 9.83
N LYS B 752 -5.30 -2.49 9.73
CA LYS B 752 -3.97 -3.02 9.46
C LYS B 752 -3.51 -3.95 10.57
N LEU B 753 -3.73 -3.56 11.83
CA LEU B 753 -3.28 -4.37 12.96
C LEU B 753 -4.13 -5.63 13.09
N LYS B 754 -5.43 -5.52 12.81
CA LYS B 754 -6.29 -6.69 12.86
C LYS B 754 -5.91 -7.68 11.77
N ASN B 755 -5.52 -7.19 10.61
CA ASN B 755 -5.03 -8.05 9.55
C ASN B 755 -3.73 -8.73 9.96
N LYS B 756 -2.84 -7.97 10.60
CA LYS B 756 -1.53 -8.52 11.00
C LYS B 756 -1.69 -9.61 12.03
N TRP B 757 -2.60 -9.45 12.97
CA TRP B 757 -2.69 -10.40 14.07
C TRP B 757 -3.86 -11.35 13.98
N TRP B 758 -4.60 -11.35 12.88
CA TRP B 758 -5.49 -12.48 12.66
C TRP B 758 -5.33 -13.12 11.30
N TYR B 759 -5.11 -12.34 10.25
CA TYR B 759 -5.26 -12.88 8.92
C TYR B 759 -3.96 -13.21 8.24
N ASP B 760 -2.87 -12.57 8.65
CA ASP B 760 -1.56 -12.95 8.13
C ASP B 760 -1.06 -14.26 8.71
N LYS B 761 -1.63 -14.70 9.83
CA LYS B 761 -1.25 -15.96 10.45
C LYS B 761 -2.28 -17.04 10.21
N GLY B 762 -2.83 -17.07 9.00
CA GLY B 762 -3.65 -18.20 8.61
C GLY B 762 -2.78 -19.42 8.43
N GLU B 763 -2.88 -20.35 9.38
CA GLU B 763 -1.95 -21.46 9.49
C GLU B 763 -2.63 -22.81 9.27
N CYS B 764 -3.67 -23.09 10.03
CA CYS B 764 -4.19 -24.44 10.18
C CYS B 764 -5.24 -24.70 9.11
N GLY B 765 -4.89 -25.53 8.14
CA GLY B 765 -5.85 -26.25 7.34
C GLY B 765 -6.76 -25.45 6.43
N ALA B 766 -8.02 -25.32 6.84
CA ALA B 766 -9.12 -25.06 5.92
C ALA B 766 -9.04 -23.68 5.29
N LYS B 767 -8.44 -22.71 5.98
CA LYS B 767 -8.27 -21.37 5.41
C LYS B 767 -7.33 -21.41 4.20
N ASP B 768 -6.24 -22.15 4.32
CA ASP B 768 -5.26 -22.23 3.24
C ASP B 768 -5.69 -23.21 2.17
N SER B 769 -6.16 -24.40 2.57
CA SER B 769 -6.47 -25.49 1.67
C SER B 769 -7.96 -25.61 1.33
N GLY B 770 -8.76 -24.58 1.61
CA GLY B 770 -10.17 -24.64 1.27
C GLY B 770 -10.49 -24.30 -0.16
N SER B 771 -9.52 -23.81 -0.94
CA SER B 771 -9.74 -23.40 -2.31
C SER B 771 -8.85 -24.15 -3.30
N LYS B 772 -8.56 -25.41 -3.01
CA LYS B 772 -7.77 -26.27 -3.87
C LYS B 772 -8.62 -27.39 -4.42
N GLU B 773 -8.01 -28.25 -5.24
CA GLU B 773 -8.77 -29.25 -5.97
C GLU B 773 -7.98 -30.54 -6.09
N LYS B 774 -8.66 -31.65 -5.80
CA LYS B 774 -8.17 -32.99 -6.09
C LYS B 774 -9.18 -33.65 -7.01
N THR B 775 -8.70 -34.50 -7.92
CA THR B 775 -9.59 -34.95 -9.00
C THR B 775 -10.55 -36.02 -8.51
N SER B 776 -10.04 -37.24 -8.29
CA SER B 776 -10.73 -38.38 -7.67
C SER B 776 -9.82 -39.58 -7.65
N ALA B 777 -10.28 -40.61 -6.95
CA ALA B 777 -9.95 -42.01 -7.16
C ALA B 777 -11.03 -42.82 -6.44
N LEU B 778 -11.81 -43.59 -7.19
CA LEU B 778 -12.93 -44.28 -6.56
C LEU B 778 -12.48 -45.45 -5.72
N SER B 779 -12.93 -45.46 -4.47
CA SER B 779 -12.63 -46.54 -3.53
C SER B 779 -13.87 -47.39 -3.32
N LEU B 780 -13.65 -48.58 -2.76
CA LEU B 780 -14.73 -49.51 -2.53
C LEU B 780 -15.70 -49.02 -1.46
N SER B 781 -15.22 -48.23 -0.51
CA SER B 781 -16.09 -47.73 0.56
C SER B 781 -17.17 -46.80 0.03
N ASN B 782 -16.95 -46.20 -1.13
CA ASN B 782 -17.99 -45.42 -1.77
C ASN B 782 -19.12 -46.33 -2.25
N VAL B 783 -18.77 -47.40 -2.93
CA VAL B 783 -19.74 -48.25 -3.59
C VAL B 783 -19.75 -49.58 -2.84
N ALA B 784 -20.64 -49.70 -1.91
CA ALA B 784 -20.79 -50.97 -1.22
C ALA B 784 -22.22 -51.45 -1.19
N GLY B 785 -23.17 -50.53 -1.08
CA GLY B 785 -24.57 -50.89 -1.05
C GLY B 785 -25.03 -51.48 -2.37
N VAL B 786 -24.35 -51.15 -3.46
CA VAL B 786 -24.66 -51.72 -4.76
C VAL B 786 -24.38 -53.22 -4.75
N PHE B 787 -23.21 -53.60 -4.24
CA PHE B 787 -22.88 -55.00 -4.08
C PHE B 787 -23.82 -55.68 -3.11
N TYR B 788 -24.23 -54.97 -2.06
CA TYR B 788 -25.15 -55.53 -1.09
C TYR B 788 -26.49 -55.86 -1.73
N ILE B 789 -27.00 -54.93 -2.54
CA ILE B 789 -28.25 -55.12 -3.26
C ILE B 789 -28.13 -56.28 -4.24
N LEU B 790 -26.97 -56.40 -4.89
CA LEU B 790 -26.74 -57.47 -5.86
C LEU B 790 -26.83 -58.84 -5.20
N VAL B 791 -26.11 -59.01 -4.09
CA VAL B 791 -26.08 -60.31 -3.44
C VAL B 791 -27.43 -60.64 -2.82
N GLY B 792 -28.11 -59.63 -2.28
CA GLY B 792 -29.43 -59.86 -1.71
C GLY B 792 -30.45 -60.27 -2.76
N GLY B 793 -30.36 -59.66 -3.94
CA GLY B 793 -31.24 -60.07 -5.02
C GLY B 793 -30.96 -61.48 -5.50
N LEU B 794 -29.68 -61.87 -5.48
CA LEU B 794 -29.31 -63.25 -5.80
C LEU B 794 -29.99 -64.22 -4.85
N GLY B 795 -29.88 -63.95 -3.55
CA GLY B 795 -30.49 -64.83 -2.57
C GLY B 795 -32.00 -64.88 -2.68
N LEU B 796 -32.61 -63.74 -2.99
CA LEU B 796 -34.06 -63.67 -3.16
C LEU B 796 -34.52 -64.52 -4.34
N ALA B 797 -33.82 -64.41 -5.47
CA ALA B 797 -34.18 -65.17 -6.66
C ALA B 797 -34.03 -66.67 -6.43
N MET B 798 -32.96 -67.05 -5.74
CA MET B 798 -32.74 -68.47 -5.46
C MET B 798 -33.83 -69.01 -4.56
N LEU B 799 -34.26 -68.22 -3.57
CA LEU B 799 -35.36 -68.62 -2.70
C LEU B 799 -36.67 -68.78 -3.47
N VAL B 800 -36.91 -67.88 -4.44
CA VAL B 800 -38.13 -67.95 -5.25
C VAL B 800 -38.16 -69.23 -6.07
N ALA B 801 -37.03 -69.59 -6.66
CA ALA B 801 -36.97 -70.83 -7.43
C ALA B 801 -37.15 -72.05 -6.54
N LEU B 802 -36.60 -72.01 -5.32
CA LEU B 802 -36.77 -73.13 -4.41
C LEU B 802 -38.23 -73.34 -4.04
N ILE B 803 -38.95 -72.25 -3.75
CA ILE B 803 -40.33 -72.47 -3.37
C ILE B 803 -41.20 -72.79 -4.59
N GLU B 804 -40.76 -72.39 -5.78
CA GLU B 804 -41.47 -72.80 -6.99
C GLU B 804 -41.37 -74.31 -7.20
N PHE B 805 -40.16 -74.86 -7.05
CA PHE B 805 -40.01 -76.30 -7.16
C PHE B 805 -40.69 -77.02 -6.00
N CYS B 806 -40.79 -76.37 -4.84
CA CYS B 806 -41.52 -76.97 -3.73
C CYS B 806 -43.02 -77.03 -4.02
N TYR B 807 -43.56 -76.01 -4.69
CA TYR B 807 -44.98 -76.03 -5.04
C TYR B 807 -45.26 -77.04 -6.14
N LYS B 808 -44.48 -77.00 -7.21
CA LYS B 808 -44.72 -77.90 -8.34
C LYS B 808 -43.97 -79.22 -8.16
N SER B 809 -44.15 -79.80 -6.98
CA SER B 809 -43.76 -81.16 -6.67
C SER B 809 -44.91 -81.97 -6.15
N ARG B 810 -45.95 -81.30 -5.66
CA ARG B 810 -47.18 -81.94 -5.24
C ARG B 810 -48.21 -81.72 -6.32
N LEU B 821 -56.54 -66.01 -12.29
CA LEU B 821 -56.65 -66.46 -10.90
C LEU B 821 -57.48 -67.73 -10.78
N PHE B 822 -58.01 -67.94 -9.59
CA PHE B 822 -58.81 -69.11 -9.25
C PHE B 822 -60.28 -68.74 -9.26
N ASP B 823 -61.10 -69.61 -9.86
CA ASP B 823 -62.55 -69.43 -10.02
C ASP B 823 -62.88 -68.13 -10.75
N ARG B 824 -62.58 -68.16 -12.05
CA ARG B 824 -63.27 -67.32 -13.02
C ARG B 824 -64.76 -67.34 -12.72
N GLY B 825 -65.31 -66.18 -12.39
CA GLY B 825 -66.31 -66.16 -11.36
C GLY B 825 -65.90 -65.16 -10.31
N VAL B 826 -65.40 -65.62 -9.15
CA VAL B 826 -65.09 -64.78 -7.99
C VAL B 826 -64.03 -63.71 -8.25
N GLN B 827 -63.37 -63.78 -9.41
CA GLN B 827 -62.64 -62.64 -9.94
C GLN B 827 -63.53 -61.41 -10.07
N MET B 828 -64.82 -61.62 -10.41
CA MET B 828 -65.78 -60.53 -10.42
C MET B 828 -65.98 -59.95 -9.03
N LEU B 829 -66.04 -60.80 -8.01
CA LEU B 829 -66.14 -60.35 -6.63
C LEU B 829 -64.91 -59.53 -6.24
N LEU B 830 -63.74 -60.01 -6.65
CA LEU B 830 -62.48 -59.34 -6.34
C LEU B 830 -62.41 -57.98 -7.01
N THR B 831 -62.83 -57.89 -8.27
CA THR B 831 -62.73 -56.61 -8.96
C THR B 831 -63.78 -55.63 -8.48
N THR B 832 -64.94 -56.11 -8.03
CA THR B 832 -65.94 -55.20 -7.48
C THR B 832 -65.48 -54.64 -6.13
N VAL B 833 -64.96 -55.49 -5.25
CA VAL B 833 -64.50 -54.98 -3.96
C VAL B 833 -63.26 -54.12 -4.13
N GLY B 834 -62.45 -54.40 -5.17
CA GLY B 834 -61.31 -53.55 -5.44
C GLY B 834 -61.71 -52.19 -5.97
N ALA B 835 -62.72 -52.15 -6.83
CA ALA B 835 -63.21 -50.87 -7.34
C ALA B 835 -63.81 -50.02 -6.24
N PHE B 836 -64.55 -50.66 -5.31
CA PHE B 836 -65.09 -49.91 -4.19
C PHE B 836 -63.99 -49.40 -3.27
N ALA B 837 -63.01 -50.25 -2.97
CA ALA B 837 -61.91 -49.85 -2.09
C ALA B 837 -61.04 -48.77 -2.73
N ALA B 838 -60.98 -48.77 -4.05
CA ALA B 838 -60.29 -47.69 -4.74
C ALA B 838 -61.06 -46.39 -4.64
N PHE B 839 -62.36 -46.43 -4.98
CA PHE B 839 -63.14 -45.21 -5.09
C PHE B 839 -63.33 -44.53 -3.75
N SER B 840 -63.62 -45.32 -2.71
CA SER B 840 -63.88 -44.75 -1.39
C SER B 840 -62.64 -44.09 -0.84
N LEU B 841 -61.50 -44.78 -0.92
CA LEU B 841 -60.27 -44.21 -0.38
C LEU B 841 -59.78 -43.06 -1.25
N MET B 842 -60.14 -43.07 -2.54
CA MET B 842 -59.84 -41.93 -3.40
C MET B 842 -60.60 -40.68 -2.95
N THR B 843 -61.90 -40.83 -2.68
CA THR B 843 -62.70 -39.70 -2.22
C THR B 843 -62.25 -39.20 -0.86
N ILE B 844 -61.88 -40.14 0.04
CA ILE B 844 -61.34 -39.75 1.35
C ILE B 844 -60.05 -38.96 1.17
N ALA B 845 -59.17 -39.42 0.27
CA ALA B 845 -57.93 -38.72 0.00
C ALA B 845 -58.17 -37.33 -0.60
N VAL B 846 -59.25 -37.18 -1.37
CA VAL B 846 -59.59 -35.87 -1.89
C VAL B 846 -60.02 -34.94 -0.75
N GLY B 847 -61.08 -35.32 -0.04
CA GLY B 847 -61.58 -34.45 1.01
C GLY B 847 -60.86 -34.61 2.34
N THR B 848 -59.63 -34.10 2.44
CA THR B 848 -58.80 -34.34 3.61
C THR B 848 -57.81 -33.18 3.78
N ASP B 849 -57.57 -32.80 5.04
CA ASP B 849 -56.66 -31.72 5.39
C ASP B 849 -55.22 -32.16 5.64
N TYR B 850 -54.89 -33.44 5.68
CA TYR B 850 -53.49 -33.85 5.84
C TYR B 850 -52.88 -34.22 4.50
N TRP B 851 -52.45 -33.19 3.78
CA TRP B 851 -51.62 -33.34 2.58
C TRP B 851 -50.15 -33.09 2.86
N LEU B 852 -49.78 -31.94 3.41
CA LEU B 852 -48.41 -31.69 3.78
C LEU B 852 -48.34 -30.98 5.13
N TYR B 853 -47.33 -31.31 5.92
CA TYR B 853 -47.03 -30.60 7.15
C TYR B 853 -45.85 -29.68 6.89
N SER B 854 -46.05 -28.38 7.07
CA SER B 854 -44.99 -27.39 6.91
C SER B 854 -45.21 -26.31 7.96
N ARG B 855 -44.52 -25.19 7.81
CA ARG B 855 -44.73 -24.07 8.72
C ARG B 855 -44.97 -22.79 7.93
N GLY B 856 -46.02 -22.07 8.32
CA GLY B 856 -46.42 -20.85 7.66
C GLY B 856 -47.16 -19.93 8.62
N VAL B 857 -48.30 -19.41 8.18
CA VAL B 857 -49.21 -18.68 9.05
C VAL B 857 -50.56 -19.40 9.05
N CYS B 858 -51.46 -18.93 9.90
CA CYS B 858 -52.82 -19.46 9.97
C CYS B 858 -53.81 -18.54 9.26
N LYS B 859 -53.89 -17.30 9.71
CA LYS B 859 -54.85 -16.32 9.18
C LYS B 859 -54.36 -14.94 9.56
N THR B 860 -54.08 -14.10 8.56
CA THR B 860 -53.53 -12.78 8.78
C THR B 860 -54.55 -11.71 8.42
N LYS B 861 -54.31 -10.51 8.94
CA LYS B 861 -55.04 -9.28 8.64
C LYS B 861 -56.54 -9.37 8.94
N VAL B 875 -45.20 -21.05 11.92
CA VAL B 875 -46.30 -21.75 12.55
C VAL B 875 -46.60 -23.04 11.80
N MET B 876 -46.39 -24.18 12.47
CA MET B 876 -46.66 -25.50 11.89
C MET B 876 -48.13 -25.62 11.50
N THR B 877 -48.36 -26.30 10.38
CA THR B 877 -49.67 -26.24 9.75
C THR B 877 -50.10 -27.63 9.29
N HIS B 878 -51.32 -28.00 9.65
CA HIS B 878 -51.99 -29.21 9.16
C HIS B 878 -52.65 -28.95 7.80
N SER B 879 -51.85 -28.49 6.85
CA SER B 879 -52.38 -27.93 5.62
C SER B 879 -52.78 -29.03 4.64
N GLY B 880 -53.86 -28.78 3.92
CA GLY B 880 -54.40 -29.70 2.95
C GLY B 880 -54.47 -29.09 1.57
N LEU B 881 -55.39 -29.63 0.77
CA LEU B 881 -55.52 -29.19 -0.62
C LEU B 881 -56.12 -27.79 -0.72
N TRP B 882 -57.21 -27.55 -0.01
CA TRP B 882 -57.78 -26.20 0.05
C TRP B 882 -57.58 -25.54 1.40
N ARG B 883 -57.64 -26.30 2.48
CA ARG B 883 -57.53 -25.73 3.81
C ARG B 883 -56.08 -25.75 4.27
N THR B 884 -55.52 -24.58 4.57
CA THR B 884 -54.25 -24.49 5.28
C THR B 884 -54.53 -24.40 6.78
N CYS B 885 -55.35 -25.32 7.27
CA CYS B 885 -55.85 -25.30 8.63
C CYS B 885 -54.72 -25.71 9.56
N CYS B 886 -54.39 -24.87 10.53
CA CYS B 886 -53.16 -25.02 11.27
C CYS B 886 -53.40 -25.64 12.65
N LEU B 887 -52.30 -26.09 13.24
CA LEU B 887 -52.24 -26.55 14.62
C LEU B 887 -51.09 -25.83 15.31
N GLU B 888 -50.93 -26.12 16.61
CA GLU B 888 -49.81 -25.66 17.45
C GLU B 888 -49.73 -24.13 17.47
N GLY B 889 -50.74 -23.53 18.10
CA GLY B 889 -50.72 -22.09 18.22
C GLY B 889 -51.68 -21.61 19.28
N ASN B 890 -51.85 -20.29 19.30
CA ASN B 890 -52.86 -19.65 20.14
C ASN B 890 -54.27 -20.08 19.79
N PHE B 891 -54.53 -20.48 18.55
CA PHE B 891 -55.75 -21.14 18.18
C PHE B 891 -55.41 -22.32 17.28
N LYS B 892 -56.09 -23.44 17.53
CA LYS B 892 -55.87 -24.67 16.78
C LYS B 892 -57.17 -25.09 16.12
N GLY B 893 -57.09 -25.51 14.86
CA GLY B 893 -58.23 -26.02 14.14
C GLY B 893 -59.03 -24.98 13.40
N LEU B 894 -58.65 -23.71 13.47
CA LEU B 894 -59.32 -22.65 12.71
C LEU B 894 -58.70 -22.62 11.32
N CYS B 895 -59.50 -22.89 10.31
CA CYS B 895 -59.00 -23.19 8.98
C CYS B 895 -58.99 -21.92 8.12
N LYS B 896 -58.22 -21.98 7.05
CA LYS B 896 -58.18 -20.89 6.07
C LYS B 896 -58.10 -21.53 4.69
N GLN B 897 -58.81 -20.92 3.74
CA GLN B 897 -58.83 -21.42 2.37
C GLN B 897 -57.73 -20.76 1.56
N ILE B 898 -56.81 -21.57 1.02
CA ILE B 898 -55.57 -21.07 0.44
C ILE B 898 -55.56 -21.33 -1.06
N ASP B 899 -55.05 -20.35 -1.81
CA ASP B 899 -54.83 -20.42 -3.24
C ASP B 899 -53.78 -19.37 -3.60
N HIS B 900 -53.69 -19.02 -4.89
CA HIS B 900 -52.64 -18.13 -5.36
C HIS B 900 -52.93 -16.70 -4.93
N PHE B 901 -52.05 -15.80 -5.39
CA PHE B 901 -52.10 -14.41 -5.00
C PHE B 901 -51.39 -13.56 -6.05
N PRO B 902 -51.91 -12.38 -6.37
CA PRO B 902 -51.26 -11.52 -7.37
C PRO B 902 -50.13 -10.70 -6.76
N GLU B 903 -48.92 -10.93 -7.25
CA GLU B 903 -47.75 -10.15 -6.86
C GLU B 903 -47.55 -8.98 -7.81
N ASP B 904 -46.36 -8.38 -7.78
CA ASP B 904 -46.01 -7.27 -8.65
C ASP B 904 -46.01 -7.69 -10.11
N ALA B 905 -47.02 -7.23 -10.85
CA ALA B 905 -47.25 -7.42 -12.30
C ALA B 905 -47.51 -8.87 -12.70
N ASP B 906 -47.54 -9.81 -11.76
CA ASP B 906 -47.90 -11.22 -11.89
C ASP B 906 -46.97 -12.03 -12.79
N TYR B 907 -45.92 -11.41 -13.34
CA TYR B 907 -45.15 -11.89 -14.50
C TYR B 907 -46.05 -12.55 -15.55
N GLU B 908 -47.00 -11.75 -16.06
CA GLU B 908 -48.00 -12.22 -17.01
C GLU B 908 -47.37 -12.61 -18.36
N ALA B 909 -46.12 -12.20 -18.62
CA ALA B 909 -45.38 -12.73 -19.75
C ALA B 909 -45.19 -14.25 -19.65
N ASP B 910 -45.06 -14.77 -18.42
CA ASP B 910 -45.11 -16.22 -18.18
C ASP B 910 -46.56 -16.66 -17.98
N THR B 911 -47.35 -16.47 -19.04
CA THR B 911 -48.74 -16.90 -19.02
C THR B 911 -48.86 -18.42 -19.04
N ALA B 912 -47.79 -19.13 -19.43
CA ALA B 912 -47.71 -20.56 -19.18
C ALA B 912 -47.71 -20.85 -17.68
N GLU B 913 -46.96 -20.07 -16.90
CA GLU B 913 -46.97 -20.24 -15.45
C GLU B 913 -48.33 -19.87 -14.88
N TYR B 914 -48.96 -18.82 -15.41
CA TYR B 914 -50.32 -18.47 -15.00
C TYR B 914 -51.30 -19.61 -15.28
N PHE B 915 -51.14 -20.26 -16.44
CA PHE B 915 -51.96 -21.39 -16.82
C PHE B 915 -51.77 -22.56 -15.85
N LEU B 916 -50.51 -22.87 -15.51
CA LEU B 916 -50.23 -23.97 -14.59
C LEU B 916 -50.73 -23.65 -13.18
N ARG B 917 -50.59 -22.39 -12.76
CA ARG B 917 -51.09 -21.96 -11.47
C ARG B 917 -52.61 -22.09 -11.39
N ALA B 918 -53.30 -21.71 -12.48
CA ALA B 918 -54.75 -21.79 -12.51
C ALA B 918 -55.22 -23.24 -12.49
N VAL B 919 -54.49 -24.12 -13.17
CA VAL B 919 -54.83 -25.53 -13.11
C VAL B 919 -54.55 -26.09 -11.71
N ARG B 920 -53.58 -25.54 -11.00
CA ARG B 920 -53.34 -25.96 -9.62
C ARG B 920 -54.50 -25.55 -8.72
N ALA B 921 -54.90 -24.28 -8.79
CA ALA B 921 -55.93 -23.77 -7.88
C ALA B 921 -57.28 -24.42 -8.17
N SER B 922 -57.59 -24.63 -9.44
CA SER B 922 -58.74 -25.41 -9.83
C SER B 922 -58.26 -26.82 -10.13
N SER B 923 -58.09 -27.60 -9.06
CA SER B 923 -57.50 -28.92 -9.18
C SER B 923 -58.46 -29.88 -9.86
N ILE B 924 -58.64 -29.70 -11.17
CA ILE B 924 -59.64 -30.42 -11.91
C ILE B 924 -59.24 -31.87 -12.15
N PHE B 925 -57.94 -32.16 -12.11
CA PHE B 925 -57.51 -33.52 -12.42
C PHE B 925 -57.82 -34.53 -11.31
N PRO B 926 -57.60 -34.27 -10.01
CA PRO B 926 -58.07 -35.25 -9.02
C PRO B 926 -59.59 -35.37 -8.98
N ILE B 927 -60.28 -34.26 -9.24
CA ILE B 927 -61.74 -34.27 -9.28
C ILE B 927 -62.22 -35.16 -10.43
N LEU B 928 -61.65 -34.95 -11.62
CA LEU B 928 -62.02 -35.75 -12.78
C LEU B 928 -61.60 -37.19 -12.63
N SER B 929 -60.52 -37.44 -11.88
CA SER B 929 -60.15 -38.79 -11.50
C SER B 929 -61.26 -39.46 -10.72
N VAL B 930 -61.80 -38.75 -9.72
CA VAL B 930 -62.94 -39.26 -8.96
C VAL B 930 -64.16 -39.44 -9.86
N ILE B 931 -64.32 -38.55 -10.85
CA ILE B 931 -65.46 -38.61 -11.77
C ILE B 931 -65.43 -39.88 -12.60
N LEU B 932 -64.30 -40.14 -13.25
CA LEU B 932 -64.22 -41.34 -14.08
C LEU B 932 -64.15 -42.60 -13.25
N LEU B 933 -63.62 -42.51 -12.03
CA LEU B 933 -63.62 -43.68 -11.16
C LEU B 933 -65.03 -44.02 -10.71
N PHE B 934 -65.84 -43.00 -10.46
CA PHE B 934 -67.26 -43.21 -10.15
C PHE B 934 -68.01 -43.76 -11.35
N MET B 935 -67.67 -43.27 -12.55
CA MET B 935 -68.27 -43.80 -13.77
C MET B 935 -67.91 -45.26 -13.97
N GLY B 936 -66.68 -45.64 -13.67
CA GLY B 936 -66.29 -47.03 -13.77
C GLY B 936 -66.95 -47.89 -12.72
N GLY B 937 -67.23 -47.32 -11.55
CA GLY B 937 -68.00 -48.03 -10.54
C GLY B 937 -69.43 -48.30 -11.00
N LEU B 938 -70.06 -47.30 -11.63
CA LEU B 938 -71.39 -47.51 -12.21
C LEU B 938 -71.35 -48.56 -13.30
N CYS B 939 -70.29 -48.53 -14.12
CA CYS B 939 -70.16 -49.46 -15.22
C CYS B 939 -69.90 -50.89 -14.73
N ILE B 940 -69.15 -51.05 -13.65
CA ILE B 940 -68.86 -52.39 -13.15
C ILE B 940 -70.07 -52.93 -12.39
N ALA B 941 -70.89 -52.06 -11.81
CA ALA B 941 -72.13 -52.55 -11.19
C ALA B 941 -73.17 -52.91 -12.24
N ALA B 942 -73.12 -52.28 -13.41
CA ALA B 942 -74.10 -52.51 -14.46
C ALA B 942 -73.72 -53.66 -15.39
N SER B 943 -72.96 -54.63 -14.89
CA SER B 943 -72.39 -55.66 -15.77
C SER B 943 -73.35 -56.82 -15.99
N GLU B 944 -73.71 -57.53 -14.92
CA GLU B 944 -74.55 -58.71 -15.06
C GLU B 944 -76.01 -58.32 -15.27
N PHE B 945 -76.44 -57.25 -14.62
CA PHE B 945 -77.70 -56.63 -14.96
C PHE B 945 -77.60 -56.05 -16.35
N TYR B 946 -78.44 -56.57 -17.26
CA TYR B 946 -78.32 -56.38 -18.72
C TYR B 946 -76.93 -56.81 -19.19
N LYS B 947 -76.67 -58.10 -19.03
CA LYS B 947 -75.43 -58.72 -19.50
C LYS B 947 -75.61 -59.16 -20.95
N THR B 948 -74.66 -59.97 -21.44
CA THR B 948 -74.55 -60.57 -22.78
C THR B 948 -74.31 -59.50 -23.86
N ARG B 949 -74.26 -58.22 -23.48
CA ARG B 949 -73.71 -57.20 -24.37
C ARG B 949 -72.20 -57.30 -24.41
N HIS B 950 -71.58 -57.54 -23.24
CA HIS B 950 -70.16 -57.82 -22.98
C HIS B 950 -69.16 -56.95 -23.74
N ASN B 951 -69.51 -55.70 -23.95
CA ASN B 951 -68.60 -54.69 -24.45
C ASN B 951 -68.52 -53.50 -23.49
N ILE B 952 -69.57 -53.29 -22.72
CA ILE B 952 -69.53 -52.28 -21.68
C ILE B 952 -68.57 -52.71 -20.58
N ILE B 953 -68.50 -54.01 -20.32
CA ILE B 953 -67.52 -54.55 -19.38
C ILE B 953 -66.10 -54.33 -19.91
N LEU B 954 -65.92 -54.30 -21.24
CA LEU B 954 -64.64 -53.93 -21.81
C LEU B 954 -64.36 -52.47 -21.54
N SER B 955 -65.34 -51.61 -21.83
CA SER B 955 -65.13 -50.17 -21.68
C SER B 955 -64.96 -49.74 -20.24
N ALA B 956 -65.30 -50.61 -19.27
CA ALA B 956 -65.11 -50.33 -17.86
C ALA B 956 -63.66 -50.03 -17.48
N GLY B 957 -62.72 -50.82 -18.01
CA GLY B 957 -61.33 -50.69 -17.57
C GLY B 957 -60.63 -49.46 -18.11
N ILE B 958 -61.10 -48.94 -19.24
CA ILE B 958 -60.50 -47.75 -19.85
C ILE B 958 -60.65 -46.55 -18.93
N PHE B 959 -61.79 -46.46 -18.26
CA PHE B 959 -61.99 -45.38 -17.29
C PHE B 959 -61.04 -45.51 -16.11
N PHE B 960 -60.75 -46.75 -15.70
CA PHE B 960 -59.83 -46.96 -14.59
C PHE B 960 -58.42 -46.54 -14.96
N VAL B 961 -57.99 -46.91 -16.17
CA VAL B 961 -56.66 -46.54 -16.63
C VAL B 961 -56.55 -45.03 -16.78
N SER B 962 -57.59 -44.41 -17.34
CA SER B 962 -57.59 -42.97 -17.52
C SER B 962 -57.60 -42.25 -16.17
N ALA B 963 -58.28 -42.84 -15.19
CA ALA B 963 -58.29 -42.26 -13.85
C ALA B 963 -56.92 -42.32 -13.21
N GLY B 964 -56.19 -43.43 -13.43
CA GLY B 964 -54.84 -43.50 -12.93
C GLY B 964 -53.92 -42.47 -13.58
N LEU B 965 -54.10 -42.25 -14.88
CA LEU B 965 -53.33 -41.22 -15.58
C LEU B 965 -53.64 -39.83 -15.03
N SER B 966 -54.91 -39.56 -14.79
CA SER B 966 -55.31 -38.27 -14.23
C SER B 966 -54.76 -38.10 -12.83
N ASN B 967 -54.71 -39.19 -12.06
CA ASN B 967 -54.19 -39.15 -10.70
C ASN B 967 -52.73 -38.76 -10.69
N ILE B 968 -51.92 -39.42 -11.52
CA ILE B 968 -50.49 -39.12 -11.48
C ILE B 968 -50.21 -37.72 -12.02
N ILE B 969 -50.98 -37.28 -13.03
CA ILE B 969 -50.68 -35.96 -13.58
C ILE B 969 -51.10 -34.86 -12.61
N GLY B 970 -52.13 -35.10 -11.81
CA GLY B 970 -52.50 -34.13 -10.79
C GLY B 970 -51.50 -34.09 -9.66
N ILE B 971 -50.94 -35.26 -9.30
CA ILE B 971 -49.89 -35.30 -8.28
C ILE B 971 -48.68 -34.51 -8.74
N ILE B 972 -48.36 -34.60 -10.04
CA ILE B 972 -47.25 -33.86 -10.62
C ILE B 972 -47.46 -32.37 -10.49
N VAL B 973 -48.64 -31.88 -10.87
CA VAL B 973 -48.82 -30.43 -10.87
C VAL B 973 -48.90 -29.89 -9.44
N TYR B 974 -49.36 -30.71 -8.50
CA TYR B 974 -49.38 -30.29 -7.10
C TYR B 974 -47.98 -30.15 -6.54
N ILE B 975 -47.13 -31.15 -6.79
CA ILE B 975 -45.77 -31.10 -6.27
C ILE B 975 -44.97 -30.00 -6.95
N SER B 976 -45.27 -29.71 -8.22
CA SER B 976 -44.60 -28.62 -8.91
C SER B 976 -44.98 -27.27 -8.32
N ALA B 977 -46.27 -27.01 -8.16
CA ALA B 977 -46.67 -25.71 -7.69
C ALA B 977 -46.50 -25.55 -6.18
N ASN B 978 -46.15 -26.60 -5.45
CA ASN B 978 -45.75 -26.42 -4.05
C ASN B 978 -44.53 -25.52 -3.95
N ALA B 979 -43.42 -25.94 -4.54
CA ALA B 979 -42.22 -25.10 -4.53
C ALA B 979 -42.26 -24.03 -5.61
N GLY B 980 -43.27 -24.03 -6.47
CA GLY B 980 -43.41 -22.97 -7.46
C GLY B 980 -43.66 -21.57 -6.92
N LYS B 988 -33.04 -27.93 2.53
CA LYS B 988 -34.26 -27.53 1.82
C LYS B 988 -34.75 -26.06 2.09
N LYS B 989 -34.89 -25.53 3.33
CA LYS B 989 -34.74 -26.20 4.64
C LYS B 989 -36.07 -26.73 5.12
N ASN B 990 -36.97 -25.82 5.51
CA ASN B 990 -38.45 -25.88 5.53
C ASN B 990 -39.13 -27.12 6.10
N SER B 991 -38.36 -28.16 6.43
CA SER B 991 -38.74 -29.37 7.18
C SER B 991 -40.11 -29.95 6.80
N TYR B 992 -40.40 -29.99 5.51
CA TYR B 992 -41.75 -30.38 5.14
C TYR B 992 -41.88 -31.90 5.12
N SER B 993 -43.13 -32.36 5.16
CA SER B 993 -43.44 -33.78 5.09
C SER B 993 -44.80 -33.92 4.44
N TYR B 994 -45.23 -35.15 4.23
CA TYR B 994 -46.46 -35.43 3.52
C TYR B 994 -47.47 -36.12 4.43
N GLY B 995 -48.69 -35.59 4.45
CA GLY B 995 -49.76 -36.21 5.18
C GLY B 995 -50.25 -37.48 4.51
N TRP B 996 -51.19 -38.15 5.18
CA TRP B 996 -51.57 -39.48 4.74
C TRP B 996 -52.43 -39.44 3.48
N SER B 997 -53.10 -38.31 3.21
CA SER B 997 -53.96 -38.20 2.05
C SER B 997 -53.18 -38.31 0.75
N PHE B 998 -51.95 -37.81 0.76
CA PHE B 998 -51.08 -37.93 -0.42
C PHE B 998 -50.72 -39.40 -0.70
N TYR B 999 -50.27 -40.10 0.34
CA TYR B 999 -50.00 -41.52 0.23
C TYR B 999 -51.28 -42.30 -0.08
N PHE B 1000 -52.43 -41.80 0.40
CA PHE B 1000 -53.71 -42.41 0.06
C PHE B 1000 -54.01 -42.25 -1.43
N GLY B 1001 -53.67 -41.10 -2.02
CA GLY B 1001 -53.86 -40.94 -3.45
C GLY B 1001 -52.94 -41.84 -4.26
N ALA B 1002 -51.72 -42.03 -3.76
CA ALA B 1002 -50.79 -42.96 -4.40
C ALA B 1002 -51.32 -44.39 -4.36
N LEU B 1003 -51.83 -44.79 -3.19
CA LEU B 1003 -52.41 -46.11 -3.04
C LEU B 1003 -53.62 -46.29 -3.92
N SER B 1004 -54.42 -45.22 -4.06
CA SER B 1004 -55.59 -45.27 -4.94
C SER B 1004 -55.19 -45.48 -6.39
N PHE B 1005 -54.09 -44.84 -6.81
CA PHE B 1005 -53.57 -45.07 -8.16
C PHE B 1005 -53.19 -46.53 -8.38
N ILE B 1006 -52.41 -47.10 -7.45
CA ILE B 1006 -51.94 -48.47 -7.60
C ILE B 1006 -53.13 -49.44 -7.63
N ILE B 1007 -54.10 -49.23 -6.75
CA ILE B 1007 -55.27 -50.11 -6.68
C ILE B 1007 -56.11 -49.98 -7.95
N ALA B 1008 -56.25 -48.76 -8.47
CA ALA B 1008 -57.02 -48.56 -9.69
C ALA B 1008 -56.39 -49.26 -10.88
N GLU B 1009 -55.05 -49.25 -10.93
CA GLU B 1009 -54.37 -49.97 -12.01
C GLU B 1009 -54.54 -51.47 -11.84
N MET B 1010 -54.46 -51.97 -10.61
CA MET B 1010 -54.61 -53.40 -10.36
C MET B 1010 -56.03 -53.87 -10.65
N VAL B 1011 -57.01 -52.98 -10.56
CA VAL B 1011 -58.37 -53.33 -10.97
C VAL B 1011 -58.50 -53.32 -12.48
N GLY B 1012 -57.94 -52.29 -13.11
CA GLY B 1012 -58.07 -52.13 -14.55
C GLY B 1012 -57.40 -53.24 -15.34
N VAL B 1013 -56.31 -53.79 -14.80
CA VAL B 1013 -55.67 -54.92 -15.50
C VAL B 1013 -56.54 -56.16 -15.42
N LEU B 1014 -57.29 -56.32 -14.34
CA LEU B 1014 -58.16 -57.49 -14.21
C LEU B 1014 -59.38 -57.36 -15.09
N ALA B 1015 -59.79 -56.12 -15.37
CA ALA B 1015 -60.93 -55.89 -16.25
C ALA B 1015 -60.71 -56.47 -17.65
N VAL B 1016 -59.49 -56.35 -18.17
CA VAL B 1016 -59.21 -56.84 -19.50
C VAL B 1016 -59.17 -58.36 -19.50
N HIS B 1017 -58.66 -58.96 -18.43
CA HIS B 1017 -58.70 -60.42 -18.30
C HIS B 1017 -60.13 -60.94 -18.25
N MET B 1018 -61.02 -60.21 -17.58
CA MET B 1018 -62.43 -60.59 -17.57
C MET B 1018 -63.05 -60.48 -18.95
N PHE B 1019 -62.68 -59.44 -19.70
CA PHE B 1019 -63.17 -59.29 -21.07
C PHE B 1019 -62.69 -60.43 -21.96
N ILE B 1020 -61.40 -60.76 -21.87
CA ILE B 1020 -60.84 -61.83 -22.69
C ILE B 1020 -61.44 -63.17 -22.32
N ASP B 1021 -61.75 -63.37 -21.03
CA ASP B 1021 -62.39 -64.59 -20.59
C ASP B 1021 -63.80 -64.71 -21.18
N ARG B 1022 -64.60 -63.65 -21.06
CA ARG B 1022 -65.98 -63.70 -21.58
C ARG B 1022 -65.99 -63.79 -23.10
N HIS B 1023 -65.01 -63.16 -23.76
CA HIS B 1023 -64.95 -63.23 -25.21
C HIS B 1023 -64.49 -64.61 -25.67
N LYS B 1024 -63.59 -65.23 -24.91
CA LYS B 1024 -63.15 -66.58 -25.23
C LYS B 1024 -64.27 -67.59 -25.02
N GLN B 1025 -65.08 -67.37 -23.97
CA GLN B 1025 -66.27 -68.20 -23.76
C GLN B 1025 -67.28 -68.00 -24.88
N LEU B 1026 -67.38 -66.78 -25.42
CA LEU B 1026 -68.25 -66.54 -26.56
C LEU B 1026 -67.75 -67.26 -27.81
N THR B 1027 -66.43 -67.17 -28.07
CA THR B 1027 -65.87 -67.80 -29.28
C THR B 1027 -65.89 -69.31 -29.19
N GLY B 1028 -65.77 -69.87 -27.99
CA GLY B 1028 -65.82 -71.31 -27.82
C GLY B 1028 -64.47 -71.98 -27.97
N ASN C 1 -23.63 74.29 63.07
CA ASN C 1 -22.44 74.55 62.27
C ASN C 1 -22.77 74.50 60.79
N SER C 2 -23.21 75.64 60.25
CA SER C 2 -23.53 75.72 58.83
C SER C 2 -22.24 75.66 58.02
N ILE C 3 -22.07 74.59 57.26
CA ILE C 3 -20.82 74.32 56.54
C ILE C 3 -21.10 74.41 55.05
N GLN C 4 -20.33 75.25 54.36
CA GLN C 4 -20.49 75.40 52.92
C GLN C 4 -20.00 74.15 52.19
N ILE C 5 -20.84 73.62 51.30
CA ILE C 5 -20.47 72.55 50.41
C ILE C 5 -20.89 72.96 49.00
N GLY C 6 -20.39 72.21 48.02
CA GLY C 6 -20.59 72.56 46.62
C GLY C 6 -21.03 71.36 45.81
N GLY C 7 -22.10 71.55 45.04
CA GLY C 7 -22.66 70.49 44.24
C GLY C 7 -22.74 70.80 42.77
N LEU C 8 -22.33 69.85 41.93
CA LEU C 8 -22.32 70.02 40.48
C LEU C 8 -23.21 68.96 39.85
N PHE C 9 -24.32 69.40 39.29
CA PHE C 9 -25.16 68.44 38.62
C PHE C 9 -25.22 68.71 37.13
N PRO C 10 -25.18 67.66 36.30
CA PRO C 10 -25.44 67.85 34.89
C PRO C 10 -26.90 68.19 34.68
N ARG C 11 -27.15 69.02 33.68
CA ARG C 11 -28.50 69.51 33.42
C ARG C 11 -29.34 68.38 32.83
N GLY C 12 -30.14 67.75 33.68
CA GLY C 12 -30.95 66.61 33.30
C GLY C 12 -31.01 65.53 34.37
N ALA C 13 -30.25 65.72 35.45
CA ALA C 13 -30.19 64.76 36.55
C ALA C 13 -31.16 65.12 37.67
N ASP C 14 -32.42 65.30 37.29
CA ASP C 14 -33.44 65.78 38.23
C ASP C 14 -33.73 64.74 39.29
N GLN C 15 -33.67 63.47 38.90
CA GLN C 15 -33.86 62.38 39.85
C GLN C 15 -32.77 62.38 40.91
N GLU C 16 -31.53 62.61 40.50
CA GLU C 16 -30.43 62.64 41.44
C GLU C 16 -30.48 63.87 42.32
N TYR C 17 -30.93 65.00 41.79
CA TYR C 17 -31.07 66.20 42.61
C TYR C 17 -32.16 66.02 43.65
N SER C 18 -33.27 65.39 43.26
CA SER C 18 -34.33 65.08 44.21
C SER C 18 -33.83 64.11 45.27
N ALA C 19 -33.01 63.13 44.85
CA ALA C 19 -32.42 62.19 45.80
C ALA C 19 -31.48 62.89 46.75
N PHE C 20 -30.78 63.91 46.26
CA PHE C 20 -29.88 64.69 47.09
C PHE C 20 -30.66 65.46 48.15
N ARG C 21 -31.79 66.05 47.76
CA ARG C 21 -32.63 66.74 48.72
C ARG C 21 -33.25 65.78 49.73
N VAL C 22 -33.59 64.56 49.27
CA VAL C 22 -34.12 63.53 50.16
C VAL C 22 -33.10 63.15 51.20
N GLY C 23 -31.84 62.98 50.78
CA GLY C 23 -30.77 62.70 51.73
C GLY C 23 -30.52 63.85 52.68
N MET C 24 -30.67 65.08 52.18
CA MET C 24 -30.55 66.26 53.04
C MET C 24 -31.61 66.24 54.14
N VAL C 25 -32.84 65.86 53.77
CA VAL C 25 -33.92 65.69 54.74
C VAL C 25 -33.58 64.58 55.72
N GLN C 26 -33.16 63.42 55.21
CA GLN C 26 -32.97 62.25 56.05
C GLN C 26 -31.77 62.34 56.96
N PHE C 27 -30.82 63.23 56.68
CA PHE C 27 -29.60 63.23 57.46
C PHE C 27 -29.22 64.60 57.99
N SER C 28 -30.10 65.59 57.87
CA SER C 28 -29.87 66.87 58.55
C SER C 28 -30.00 66.69 60.07
N THR C 29 -28.95 67.06 60.80
CA THR C 29 -28.93 66.93 62.25
C THR C 29 -29.17 68.28 62.92
N SER C 30 -29.03 68.33 64.25
CA SER C 30 -29.29 69.54 65.01
C SER C 30 -28.08 70.46 65.09
N GLU C 31 -26.89 69.90 65.35
CA GLU C 31 -25.72 70.74 65.54
C GLU C 31 -25.21 71.35 64.25
N PHE C 32 -24.74 70.51 63.32
CA PHE C 32 -24.10 70.99 62.10
C PHE C 32 -25.05 70.89 60.92
N ARG C 33 -25.07 71.93 60.11
CA ARG C 33 -25.98 72.02 58.99
C ARG C 33 -25.15 72.24 57.73
N LEU C 34 -25.82 72.19 56.60
CA LEU C 34 -25.13 72.20 55.31
C LEU C 34 -25.56 73.43 54.52
N THR C 35 -24.62 74.00 53.79
CA THR C 35 -24.91 75.10 52.89
C THR C 35 -24.63 74.60 51.48
N PRO C 36 -25.61 73.95 50.83
CA PRO C 36 -25.37 73.44 49.48
C PRO C 36 -25.38 74.57 48.47
N HIS C 37 -24.35 74.63 47.65
CA HIS C 37 -24.32 75.56 46.52
C HIS C 37 -24.47 74.72 45.26
N ILE C 38 -25.70 74.59 44.79
CA ILE C 38 -26.02 73.69 43.70
C ILE C 38 -25.75 74.41 42.39
N ASP C 39 -25.07 73.73 41.47
CA ASP C 39 -24.77 74.28 40.16
C ASP C 39 -25.17 73.28 39.08
N ASN C 40 -26.34 73.49 38.49
CA ASN C 40 -26.83 72.67 37.39
C ASN C 40 -26.17 73.15 36.11
N LEU C 41 -24.97 72.65 35.85
CA LEU C 41 -24.18 73.09 34.72
C LEU C 41 -23.70 71.88 33.93
N GLU C 42 -23.05 72.15 32.80
CA GLU C 42 -22.69 71.09 31.86
C GLU C 42 -21.54 70.25 32.37
N VAL C 43 -21.18 69.22 31.59
CA VAL C 43 -20.08 68.34 31.96
C VAL C 43 -19.09 68.11 30.83
N ALA C 44 -19.43 68.39 29.57
CA ALA C 44 -18.49 68.08 28.50
C ALA C 44 -17.48 69.20 28.25
N ASN C 45 -17.81 70.43 28.63
CA ASN C 45 -16.95 71.58 28.37
C ASN C 45 -16.09 71.82 29.60
N SER C 46 -14.80 71.50 29.48
CA SER C 46 -13.88 71.67 30.58
C SER C 46 -13.68 73.14 30.93
N PHE C 47 -13.90 74.04 29.96
CA PHE C 47 -13.89 75.46 30.24
C PHE C 47 -14.94 75.83 31.28
N ALA C 48 -16.17 75.38 31.07
CA ALA C 48 -17.25 75.69 32.01
C ALA C 48 -17.05 74.95 33.32
N VAL C 49 -16.50 73.74 33.26
CA VAL C 49 -16.19 72.98 34.48
C VAL C 49 -15.17 73.73 35.31
N THR C 50 -14.12 74.22 34.65
CA THR C 50 -13.08 74.99 35.32
C THR C 50 -13.65 76.28 35.87
N ASN C 51 -14.55 76.92 35.12
CA ASN C 51 -15.19 78.15 35.56
C ASN C 51 -15.97 77.92 36.84
N ALA C 52 -16.76 76.85 36.88
CA ALA C 52 -17.55 76.53 38.06
C ALA C 52 -16.67 76.18 39.25
N PHE C 53 -15.58 75.46 38.98
CA PHE C 53 -14.72 75.02 40.07
C PHE C 53 -13.96 76.19 40.68
N CYS C 54 -13.41 77.06 39.82
CA CYS C 54 -12.74 78.27 40.31
C CYS C 54 -13.73 79.18 41.03
N SER C 55 -14.96 79.26 40.53
CA SER C 55 -15.96 80.11 41.15
C SER C 55 -16.31 79.63 42.54
N GLN C 56 -16.50 78.32 42.71
CA GLN C 56 -16.86 77.84 44.04
C GLN C 56 -15.67 77.80 44.98
N PHE C 57 -14.45 77.66 44.46
CA PHE C 57 -13.32 77.77 45.37
C PHE C 57 -13.10 79.22 45.78
N SER C 58 -13.46 80.17 44.92
CA SER C 58 -13.50 81.57 45.33
C SER C 58 -14.59 81.80 46.37
N ARG C 59 -15.70 81.08 46.23
CA ARG C 59 -16.75 81.10 47.25
C ARG C 59 -16.26 80.48 48.55
N GLY C 60 -15.25 79.63 48.50
CA GLY C 60 -14.66 79.11 49.71
C GLY C 60 -15.37 77.87 50.19
N VAL C 61 -15.62 76.97 49.25
CA VAL C 61 -16.26 75.71 49.55
C VAL C 61 -15.35 74.85 50.43
N TYR C 62 -15.93 74.13 51.38
CA TYR C 62 -15.20 73.21 52.22
C TYR C 62 -15.19 71.80 51.68
N ALA C 63 -16.17 71.42 50.87
CA ALA C 63 -16.27 70.06 50.37
C ALA C 63 -17.00 70.10 49.04
N ILE C 64 -16.33 69.63 48.00
CA ILE C 64 -16.85 69.71 46.64
C ILE C 64 -17.43 68.36 46.23
N PHE C 65 -18.55 68.41 45.53
CA PHE C 65 -19.25 67.22 45.08
C PHE C 65 -19.80 67.47 43.69
N GLY C 66 -19.83 66.43 42.88
CA GLY C 66 -20.35 66.55 41.53
C GLY C 66 -20.01 65.32 40.72
N PHE C 67 -20.43 65.35 39.46
CA PHE C 67 -20.18 64.25 38.55
C PHE C 67 -19.07 64.65 37.59
N TYR C 68 -18.67 63.72 36.73
CA TYR C 68 -17.74 64.05 35.67
C TYR C 68 -17.84 63.00 34.57
N ASP C 69 -17.62 63.45 33.35
CA ASP C 69 -17.58 62.62 32.18
C ASP C 69 -16.13 62.24 31.93
N LYS C 70 -15.85 61.58 30.81
CA LYS C 70 -14.50 61.16 30.50
C LYS C 70 -13.62 62.31 30.02
N LYS C 71 -14.18 63.47 29.73
CA LYS C 71 -13.36 64.53 29.19
C LYS C 71 -12.93 65.55 30.23
N SER C 72 -13.54 65.54 31.40
CA SER C 72 -13.20 66.49 32.44
C SER C 72 -12.44 65.85 33.58
N VAL C 73 -12.18 64.54 33.47
CA VAL C 73 -11.65 63.77 34.59
C VAL C 73 -10.25 64.24 34.96
N ASN C 74 -9.44 64.51 33.93
CA ASN C 74 -8.09 64.98 34.17
C ASN C 74 -8.09 66.38 34.75
N THR C 75 -9.03 67.20 34.29
CA THR C 75 -9.16 68.57 34.81
C THR C 75 -9.49 68.55 36.29
N ILE C 76 -10.44 67.70 36.67
CA ILE C 76 -10.86 67.64 38.07
C ILE C 76 -9.77 67.05 38.93
N THR C 77 -9.11 65.97 38.48
CA THR C 77 -8.09 65.38 39.31
C THR C 77 -6.85 66.27 39.39
N SER C 78 -6.60 67.09 38.37
CA SER C 78 -5.46 67.98 38.38
C SER C 78 -5.67 69.12 39.36
N PHE C 79 -6.86 69.73 39.29
CA PHE C 79 -7.24 70.78 40.25
C PHE C 79 -7.27 70.25 41.68
N CYS C 80 -7.75 69.02 41.88
CA CYS C 80 -7.85 68.55 43.25
C CYS C 80 -6.51 68.12 43.81
N GLY C 81 -5.64 67.55 42.95
CA GLY C 81 -4.30 67.22 43.40
C GLY C 81 -3.50 68.45 43.75
N THR C 82 -3.71 69.55 43.01
CA THR C 82 -3.05 70.79 43.39
C THR C 82 -3.66 71.38 44.66
N LEU C 83 -4.95 71.72 44.62
CA LEU C 83 -5.52 72.55 45.66
C LEU C 83 -5.91 71.79 46.91
N HIS C 84 -5.77 70.45 46.92
CA HIS C 84 -5.97 69.61 48.10
C HIS C 84 -7.38 69.75 48.67
N VAL C 85 -8.36 69.61 47.78
CA VAL C 85 -9.76 69.75 48.13
C VAL C 85 -10.44 68.42 47.92
N SER C 86 -11.18 67.97 48.93
CA SER C 86 -11.78 66.64 48.91
C SER C 86 -12.97 66.60 47.96
N PHE C 87 -12.88 65.74 46.94
CA PHE C 87 -13.92 65.61 45.93
C PHE C 87 -14.55 64.22 46.00
N ILE C 88 -15.87 64.19 45.87
CA ILE C 88 -16.65 62.96 46.00
C ILE C 88 -17.47 62.82 44.73
N THR C 89 -17.62 61.58 44.26
CA THR C 89 -18.34 61.38 43.02
C THR C 89 -19.01 60.02 42.99
N PRO C 90 -20.12 59.89 42.27
CA PRO C 90 -20.67 58.58 41.91
C PRO C 90 -20.30 58.14 40.50
N SER C 91 -19.43 58.85 39.81
CA SER C 91 -19.17 58.59 38.40
C SER C 91 -18.29 57.36 38.25
N PHE C 92 -17.81 57.12 37.03
CA PHE C 92 -16.99 55.96 36.75
C PHE C 92 -15.66 56.06 37.48
N PRO C 93 -15.13 54.94 37.97
CA PRO C 93 -13.86 54.98 38.70
C PRO C 93 -12.70 55.26 37.77
N THR C 94 -11.62 55.78 38.35
CA THR C 94 -10.47 56.18 37.60
C THR C 94 -9.57 54.99 37.35
N ASP C 95 -8.36 55.25 36.88
CA ASP C 95 -7.38 54.21 36.62
C ASP C 95 -6.15 54.34 37.50
N GLY C 96 -5.52 55.52 37.48
CA GLY C 96 -4.42 55.77 38.38
C GLY C 96 -4.92 56.16 39.76
N THR C 97 -4.11 55.84 40.75
CA THR C 97 -4.43 56.17 42.13
C THR C 97 -4.33 57.68 42.31
N HIS C 98 -5.46 58.32 42.39
CA HIS C 98 -5.39 59.76 42.54
C HIS C 98 -5.87 60.19 43.92
N PRO C 99 -5.20 61.14 44.54
CA PRO C 99 -5.61 61.62 45.86
C PRO C 99 -6.85 62.49 45.77
N PHE C 100 -7.49 62.67 46.93
CA PHE C 100 -8.61 63.58 47.15
C PHE C 100 -9.82 63.25 46.28
N VAL C 101 -9.96 62.00 45.85
CA VAL C 101 -11.09 61.58 45.05
C VAL C 101 -11.72 60.36 45.71
N ILE C 102 -12.88 60.56 46.30
CA ILE C 102 -13.67 59.48 46.86
C ILE C 102 -14.75 59.15 45.85
N GLN C 103 -14.93 57.87 45.55
CA GLN C 103 -15.84 57.48 44.48
C GLN C 103 -16.74 56.33 44.90
N MET C 104 -18.04 56.50 44.70
CA MET C 104 -19.04 55.58 45.24
C MET C 104 -19.29 54.40 44.31
N ARG C 105 -19.04 54.55 43.04
CA ARG C 105 -19.33 53.48 42.09
C ARG C 105 -18.30 52.38 42.23
N PRO C 106 -18.69 51.16 42.57
CA PRO C 106 -17.70 50.09 42.77
C PRO C 106 -17.17 49.60 41.45
N ASP C 107 -16.11 48.82 41.54
CA ASP C 107 -15.50 48.25 40.36
C ASP C 107 -16.36 47.11 39.85
N LEU C 108 -16.15 46.77 38.59
CA LEU C 108 -17.00 45.81 37.89
C LEU C 108 -16.23 44.73 37.18
N LYS C 109 -14.95 44.94 36.93
CA LYS C 109 -14.19 44.12 35.99
C LYS C 109 -13.97 42.71 36.50
N GLY C 110 -13.68 42.59 37.80
CA GLY C 110 -13.47 41.27 38.37
C GLY C 110 -14.72 40.41 38.36
N ALA C 111 -15.85 41.02 38.71
CA ALA C 111 -17.12 40.29 38.69
C ALA C 111 -17.50 39.90 37.26
N LEU C 112 -17.22 40.77 36.30
CA LEU C 112 -17.60 40.46 34.92
C LEU C 112 -16.73 39.33 34.37
N LEU C 113 -15.43 39.37 34.68
CA LEU C 113 -14.55 38.26 34.30
C LEU C 113 -14.97 36.97 34.98
N SER C 114 -15.39 37.05 36.24
CA SER C 114 -15.83 35.87 36.96
C SER C 114 -17.09 35.28 36.33
N LEU C 115 -17.99 36.15 35.87
CA LEU C 115 -19.18 35.68 35.17
C LEU C 115 -18.82 35.01 33.86
N ILE C 116 -17.82 35.55 33.17
CA ILE C 116 -17.34 34.95 31.94
C ILE C 116 -16.81 33.55 32.20
N GLU C 117 -16.01 33.40 33.26
CA GLU C 117 -15.49 32.08 33.58
C GLU C 117 -16.58 31.12 34.03
N TYR C 118 -17.62 31.65 34.68
CA TYR C 118 -18.69 30.77 35.15
C TYR C 118 -19.51 30.25 34.00
N TYR C 119 -19.92 31.12 33.08
CA TYR C 119 -20.62 30.65 31.90
C TYR C 119 -19.71 29.89 30.95
N GLN C 120 -18.39 30.00 31.12
CA GLN C 120 -17.40 29.16 30.45
C GLN C 120 -17.47 29.34 28.93
N TRP C 121 -17.08 30.53 28.50
CA TRP C 121 -17.10 30.87 27.10
C TRP C 121 -15.70 30.85 26.49
N ASP C 122 -15.65 30.93 25.17
CA ASP C 122 -14.38 31.08 24.48
C ASP C 122 -14.43 32.14 23.38
N LYS C 123 -15.61 32.35 22.80
CA LYS C 123 -15.76 33.19 21.61
C LYS C 123 -17.03 34.02 21.74
N PHE C 124 -16.89 35.34 21.59
CA PHE C 124 -18.01 36.24 21.82
C PHE C 124 -17.71 37.59 21.23
N ALA C 125 -18.75 38.40 21.12
CA ALA C 125 -18.63 39.78 20.69
C ALA C 125 -18.79 40.74 21.87
N TYR C 126 -18.34 41.97 21.68
CA TYR C 126 -18.26 42.92 22.78
C TYR C 126 -18.53 44.30 22.19
N LEU C 127 -19.69 44.85 22.51
CA LEU C 127 -20.08 46.15 22.00
C LEU C 127 -19.92 47.19 23.10
N TYR C 128 -19.16 48.24 22.82
CA TYR C 128 -18.78 49.22 23.82
C TYR C 128 -19.11 50.63 23.36
N ASP C 129 -19.29 51.50 24.34
CA ASP C 129 -19.34 52.93 24.12
C ASP C 129 -18.10 53.56 24.71
N SER C 130 -17.66 54.64 24.10
CA SER C 130 -16.42 55.28 24.51
C SER C 130 -16.62 56.23 25.67
N ASP C 131 -17.83 56.76 25.86
CA ASP C 131 -18.03 57.89 26.76
C ASP C 131 -17.79 57.53 28.22
N ARG C 132 -18.09 56.30 28.61
CA ARG C 132 -17.90 55.90 29.99
C ARG C 132 -16.46 55.50 30.27
N GLY C 133 -15.63 55.41 29.24
CA GLY C 133 -14.25 54.99 29.37
C GLY C 133 -13.99 53.73 28.57
N LEU C 134 -12.74 53.30 28.61
CA LEU C 134 -12.32 52.09 27.90
C LEU C 134 -11.56 51.14 28.81
N SER C 135 -11.70 51.32 30.12
CA SER C 135 -10.92 50.56 31.09
C SER C 135 -11.27 49.08 31.04
N THR C 136 -12.56 48.77 30.94
CA THR C 136 -12.97 47.37 30.85
C THR C 136 -12.55 46.75 29.54
N LEU C 137 -12.53 47.56 28.48
CA LEU C 137 -12.05 47.06 27.19
C LEU C 137 -10.58 46.71 27.26
N GLN C 138 -9.80 47.56 27.92
CA GLN C 138 -8.39 47.23 28.16
C GLN C 138 -8.25 46.02 29.06
N ALA C 139 -9.20 45.82 29.97
CA ALA C 139 -9.09 44.75 30.95
C ALA C 139 -9.36 43.39 30.32
N VAL C 140 -10.40 43.29 29.50
CA VAL C 140 -10.82 41.98 29.02
C VAL C 140 -9.88 41.44 27.96
N LEU C 141 -9.11 42.31 27.32
CA LEU C 141 -8.24 41.86 26.26
C LEU C 141 -7.02 41.13 26.81
N ASP C 142 -6.58 41.51 28.01
CA ASP C 142 -5.48 40.78 28.64
C ASP C 142 -5.90 39.37 29.00
N SER C 143 -7.10 39.23 29.56
CA SER C 143 -7.63 37.90 29.86
C SER C 143 -7.91 37.13 28.59
N ALA C 144 -8.21 37.83 27.50
CA ALA C 144 -8.32 37.19 26.21
C ALA C 144 -6.99 36.65 25.75
N ALA C 145 -5.92 37.39 26.00
CA ALA C 145 -4.60 36.90 25.63
C ALA C 145 -4.19 35.72 26.49
N GLU C 146 -4.59 35.72 27.76
CA GLU C 146 -4.19 34.64 28.66
C GLU C 146 -4.99 33.38 28.41
N LYS C 147 -6.31 33.49 28.47
CA LYS C 147 -7.19 32.35 28.36
C LYS C 147 -7.54 31.98 26.93
N LYS C 148 -6.81 32.54 25.96
CA LYS C 148 -6.95 32.33 24.51
C LYS C 148 -8.42 32.36 24.04
N TRP C 149 -9.02 33.52 24.23
CA TRP C 149 -10.38 33.72 23.78
C TRP C 149 -10.39 34.30 22.37
N GLN C 150 -11.52 34.13 21.69
CA GLN C 150 -11.75 34.75 20.39
C GLN C 150 -12.68 35.92 20.60
N VAL C 151 -12.14 37.13 20.53
CA VAL C 151 -12.87 38.32 20.92
C VAL C 151 -13.07 39.18 19.69
N THR C 152 -14.28 39.70 19.53
CA THR C 152 -14.58 40.70 18.52
C THR C 152 -15.16 41.91 19.21
N ALA C 153 -14.47 43.04 19.14
CA ALA C 153 -14.90 44.27 19.77
C ALA C 153 -15.23 45.30 18.70
N ILE C 154 -16.33 46.01 18.89
CA ILE C 154 -16.82 46.97 17.89
C ILE C 154 -17.33 48.20 18.62
N ASN C 155 -16.86 49.37 18.20
CA ASN C 155 -17.40 50.63 18.71
C ASN C 155 -18.79 50.87 18.19
N VAL C 156 -19.61 51.54 18.99
CA VAL C 156 -20.97 51.84 18.59
C VAL C 156 -21.27 53.31 18.90
N GLY C 157 -20.40 53.94 19.69
CA GLY C 157 -20.74 55.21 20.31
C GLY C 157 -20.73 56.42 19.40
N ASN C 158 -20.21 56.29 18.18
CA ASN C 158 -20.12 57.43 17.29
C ASN C 158 -21.31 57.58 16.37
N ILE C 159 -22.24 56.62 16.39
CA ILE C 159 -23.32 56.62 15.41
C ILE C 159 -24.34 57.70 15.77
N ASN C 160 -24.62 58.58 14.82
CA ASN C 160 -25.57 59.65 15.02
C ASN C 160 -27.00 59.13 14.91
N ASN C 161 -27.94 59.92 15.45
CA ASN C 161 -29.30 59.45 15.63
C ASN C 161 -30.05 59.34 14.30
N ASP C 162 -29.56 59.99 13.26
CA ASP C 162 -30.27 59.99 11.99
C ASP C 162 -30.11 58.69 11.22
N LYS C 163 -29.23 57.80 11.68
CA LYS C 163 -28.91 56.57 10.96
C LYS C 163 -29.04 55.34 11.83
N LYS C 164 -29.69 55.45 12.99
CA LYS C 164 -29.72 54.36 13.96
C LYS C 164 -30.92 53.45 13.76
N ASP C 165 -31.14 53.13 12.53
CA ASP C 165 -32.03 52.05 12.14
C ASP C 165 -31.36 51.14 11.13
N GLU C 166 -30.47 51.68 10.30
CA GLU C 166 -29.76 50.89 9.31
C GLU C 166 -28.32 50.62 9.69
N THR C 167 -27.68 51.52 10.43
CA THR C 167 -26.31 51.25 10.87
C THR C 167 -26.25 50.06 11.79
N TYR C 168 -27.18 49.98 12.74
CA TYR C 168 -27.24 48.82 13.62
C TYR C 168 -27.59 47.56 12.86
N ARG C 169 -28.41 47.70 11.83
CA ARG C 169 -28.79 46.54 11.02
C ARG C 169 -27.58 46.00 10.27
N SER C 170 -26.80 46.90 9.68
CA SER C 170 -25.54 46.52 9.05
C SER C 170 -24.60 45.89 10.05
N LEU C 171 -24.59 46.39 11.29
CA LEU C 171 -23.75 45.85 12.34
C LEU C 171 -24.13 44.41 12.68
N PHE C 172 -25.42 44.15 12.89
CA PHE C 172 -25.84 42.79 13.21
C PHE C 172 -25.69 41.85 12.04
N GLN C 173 -25.81 42.36 10.81
CA GLN C 173 -25.54 41.50 9.66
C GLN C 173 -24.07 41.15 9.58
N ASP C 174 -23.20 42.08 9.96
CA ASP C 174 -21.79 41.77 10.01
C ASP C 174 -21.47 40.81 11.13
N LEU C 175 -22.24 40.84 12.21
CA LEU C 175 -22.12 39.81 13.22
C LEU C 175 -22.56 38.46 12.67
N GLU C 176 -23.63 38.45 11.87
CA GLU C 176 -24.12 37.20 11.31
C GLU C 176 -23.23 36.65 10.21
N LEU C 177 -22.24 37.43 9.76
CA LEU C 177 -21.19 36.86 8.93
C LEU C 177 -20.41 35.80 9.68
N LYS C 178 -20.28 35.95 10.99
CA LYS C 178 -19.68 34.92 11.82
C LYS C 178 -20.68 34.16 12.66
N LYS C 179 -21.94 34.62 12.69
CA LYS C 179 -23.02 34.05 13.49
C LYS C 179 -22.64 33.96 14.97
N GLU C 180 -22.46 35.15 15.54
CA GLU C 180 -22.18 35.23 16.96
C GLU C 180 -23.38 34.81 17.78
N ARG C 181 -23.09 34.33 18.97
CA ARG C 181 -24.11 33.81 19.86
C ARG C 181 -24.04 34.40 21.25
N ARG C 182 -22.98 35.10 21.58
CA ARG C 182 -22.69 35.54 22.93
C ARG C 182 -22.25 36.98 22.85
N VAL C 183 -23.04 37.87 23.42
CA VAL C 183 -22.86 39.29 23.26
C VAL C 183 -22.77 39.94 24.62
N ILE C 184 -21.74 40.73 24.84
CA ILE C 184 -21.66 41.57 26.02
C ILE C 184 -21.86 43.01 25.58
N LEU C 185 -22.94 43.61 26.04
CA LEU C 185 -23.13 45.02 25.80
C LEU C 185 -22.49 45.80 26.93
N ASP C 186 -22.01 46.99 26.61
CA ASP C 186 -21.36 47.83 27.61
C ASP C 186 -21.66 49.28 27.25
N CYS C 187 -22.74 49.81 27.80
CA CYS C 187 -23.22 51.13 27.44
C CYS C 187 -23.90 51.75 28.65
N GLU C 188 -24.58 52.86 28.42
CA GLU C 188 -25.47 53.44 29.40
C GLU C 188 -26.90 53.00 29.12
N ARG C 189 -27.80 53.36 30.03
CA ARG C 189 -29.17 52.87 30.02
C ARG C 189 -29.92 53.33 28.77
N ASP C 190 -29.60 54.53 28.29
CA ASP C 190 -30.23 55.04 27.08
C ASP C 190 -29.83 54.24 25.86
N LYS C 191 -28.54 53.97 25.72
CA LYS C 191 -28.07 53.17 24.58
C LYS C 191 -28.56 51.74 24.67
N VAL C 192 -28.72 51.23 25.90
CA VAL C 192 -29.25 49.88 26.08
C VAL C 192 -30.69 49.79 25.60
N ASN C 193 -31.52 50.75 26.03
CA ASN C 193 -32.90 50.77 25.57
C ASN C 193 -32.99 51.02 24.08
N ASP C 194 -32.03 51.75 23.52
CA ASP C 194 -32.03 51.96 22.08
C ASP C 194 -31.64 50.71 21.33
N ILE C 195 -30.71 49.92 21.86
CA ILE C 195 -30.21 48.79 21.08
C ILE C 195 -31.11 47.57 21.24
N VAL C 196 -31.77 47.40 22.38
CA VAL C 196 -32.61 46.23 22.58
C VAL C 196 -33.84 46.31 21.69
N ASP C 197 -34.32 47.53 21.44
CA ASP C 197 -35.41 47.73 20.49
C ASP C 197 -35.01 47.32 19.09
N GLN C 198 -33.76 47.61 18.72
CA GLN C 198 -33.26 47.17 17.42
C GLN C 198 -33.12 45.66 17.37
N VAL C 199 -32.76 45.05 18.49
CA VAL C 199 -32.66 43.59 18.57
C VAL C 199 -34.05 42.96 18.40
N ILE C 200 -35.07 43.60 18.94
CA ILE C 200 -36.44 43.12 18.75
C ILE C 200 -36.84 43.24 17.30
N THR C 201 -36.51 44.38 16.68
CA THR C 201 -36.87 44.62 15.28
C THR C 201 -36.19 43.61 14.35
N ILE C 202 -34.96 43.21 14.67
CA ILE C 202 -34.34 42.16 13.87
C ILE C 202 -34.77 40.77 14.31
N GLY C 203 -35.44 40.66 15.46
CA GLY C 203 -36.02 39.39 15.84
C GLY C 203 -35.04 38.37 16.37
N LYS C 204 -33.97 38.83 17.00
CA LYS C 204 -32.93 37.96 17.54
C LYS C 204 -33.10 37.73 19.03
N HIS C 205 -34.33 37.60 19.50
CA HIS C 205 -34.61 37.34 20.91
C HIS C 205 -35.10 35.93 21.15
N VAL C 206 -34.88 35.04 20.19
CA VAL C 206 -35.25 33.64 20.28
C VAL C 206 -34.21 32.89 21.09
N LYS C 207 -34.50 31.61 21.36
CA LYS C 207 -33.54 30.71 21.97
C LYS C 207 -32.24 30.63 21.17
N GLY C 208 -31.13 30.55 21.88
CA GLY C 208 -29.82 30.36 21.30
C GLY C 208 -28.89 31.51 21.61
N TYR C 209 -29.41 32.71 21.52
CA TYR C 209 -28.59 33.89 21.74
C TYR C 209 -28.44 34.13 23.24
N HIS C 210 -27.42 34.89 23.61
CA HIS C 210 -27.16 35.09 25.02
C HIS C 210 -26.66 36.52 25.21
N TYR C 211 -27.11 37.17 26.27
CA TYR C 211 -26.83 38.58 26.47
C TYR C 211 -26.39 38.86 27.89
N ILE C 212 -25.41 39.74 28.01
CA ILE C 212 -24.91 40.22 29.29
C ILE C 212 -24.89 41.73 29.25
N ILE C 213 -25.52 42.35 30.24
CA ILE C 213 -25.58 43.79 30.32
C ILE C 213 -24.61 44.23 31.41
N ALA C 214 -23.64 45.06 31.02
CA ALA C 214 -22.66 45.54 31.97
C ALA C 214 -23.08 46.87 32.61
N ASN C 215 -24.31 46.92 33.09
CA ASN C 215 -24.79 48.08 33.81
C ASN C 215 -25.22 47.66 35.21
N LEU C 216 -24.94 48.53 36.17
CA LEU C 216 -25.25 48.23 37.55
C LEU C 216 -26.75 48.22 37.78
N GLY C 217 -27.47 49.11 37.10
CA GLY C 217 -28.91 49.11 37.15
C GLY C 217 -29.52 48.14 36.18
N PHE C 218 -29.51 46.85 36.51
CA PHE C 218 -29.99 45.83 35.59
C PHE C 218 -31.49 45.94 35.34
N THR C 219 -32.24 46.38 36.35
CA THR C 219 -33.67 46.52 36.20
C THR C 219 -34.08 47.95 35.87
N ASP C 220 -33.14 48.82 35.57
CA ASP C 220 -33.54 50.16 35.16
C ASP C 220 -34.08 50.17 33.74
N GLY C 221 -33.52 49.34 32.86
CA GLY C 221 -34.02 49.26 31.51
C GLY C 221 -35.36 48.56 31.44
N ASP C 222 -36.02 48.72 30.29
CA ASP C 222 -37.33 48.12 30.07
C ASP C 222 -37.10 46.72 29.49
N LEU C 223 -36.98 45.74 30.39
CA LEU C 223 -36.68 44.39 29.97
C LEU C 223 -37.91 43.57 29.68
N LEU C 224 -39.11 44.14 29.91
CA LEU C 224 -40.35 43.38 29.73
C LEU C 224 -40.57 43.02 28.27
N LYS C 225 -40.04 43.82 27.36
CA LYS C 225 -40.23 43.59 25.94
C LYS C 225 -39.37 42.47 25.39
N ILE C 226 -38.47 41.88 26.19
CA ILE C 226 -37.77 40.66 25.78
C ILE C 226 -37.83 39.63 26.88
N GLN C 227 -38.71 39.83 27.87
CA GLN C 227 -38.83 38.85 28.95
C GLN C 227 -39.36 37.53 28.44
N PHE C 228 -40.26 37.56 27.46
CA PHE C 228 -40.94 36.37 26.99
C PHE C 228 -40.43 35.94 25.62
N GLY C 229 -39.29 36.47 25.19
CA GLY C 229 -38.80 36.19 23.87
C GLY C 229 -38.25 34.80 23.71
N GLY C 230 -37.19 34.48 24.45
CA GLY C 230 -36.55 33.19 24.30
C GLY C 230 -35.04 33.25 24.49
N ALA C 231 -34.48 34.46 24.43
CA ALA C 231 -33.06 34.63 24.66
C ALA C 231 -32.75 34.48 26.15
N GLU C 232 -31.47 34.64 26.50
CA GLU C 232 -31.04 34.51 27.89
C GLU C 232 -30.28 35.76 28.30
N VAL C 233 -30.87 36.53 29.18
CA VAL C 233 -30.34 37.83 29.59
C VAL C 233 -29.94 37.74 31.05
N SER C 234 -28.68 38.01 31.32
CA SER C 234 -28.19 38.07 32.68
C SER C 234 -27.55 39.43 32.92
N GLY C 235 -27.56 39.85 34.16
CA GLY C 235 -26.87 41.06 34.57
C GLY C 235 -26.64 41.03 36.05
N PHE C 236 -26.66 42.21 36.67
CA PHE C 236 -26.29 42.33 38.07
C PHE C 236 -26.79 43.63 38.66
N GLN C 237 -26.99 43.62 39.97
CA GLN C 237 -27.44 44.78 40.70
C GLN C 237 -26.49 45.11 41.84
N ILE C 238 -26.58 46.36 42.27
CA ILE C 238 -26.01 46.78 43.54
C ILE C 238 -27.09 47.16 44.54
N VAL C 239 -28.32 47.36 44.09
CA VAL C 239 -29.42 47.77 44.94
C VAL C 239 -30.25 46.53 45.24
N ASP C 240 -30.41 46.23 46.52
CA ASP C 240 -31.07 45.01 46.97
C ASP C 240 -32.48 45.39 47.42
N TYR C 241 -33.46 45.16 46.56
CA TYR C 241 -34.84 45.42 46.91
C TYR C 241 -35.39 44.48 47.97
N ASP C 242 -34.68 43.41 48.30
CA ASP C 242 -35.09 42.52 49.37
C ASP C 242 -34.69 43.01 50.75
N ASP C 243 -33.93 44.10 50.85
CA ASP C 243 -33.49 44.57 52.15
C ASP C 243 -34.52 45.47 52.79
N SER C 244 -34.53 45.44 54.13
CA SER C 244 -35.57 46.11 54.91
C SER C 244 -35.46 47.62 54.80
N LEU C 245 -34.24 48.15 54.98
CA LEU C 245 -34.03 49.59 54.88
C LEU C 245 -34.31 50.09 53.48
N VAL C 246 -33.99 49.27 52.48
CA VAL C 246 -34.26 49.62 51.09
C VAL C 246 -35.74 49.68 50.84
N SER C 247 -36.49 48.71 51.35
CA SER C 247 -37.94 48.71 51.17
C SER C 247 -38.59 49.87 51.90
N LYS C 248 -38.05 50.23 53.08
CA LYS C 248 -38.48 51.43 53.78
C LYS C 248 -38.25 52.67 52.92
N PHE C 249 -37.09 52.72 52.26
CA PHE C 249 -36.77 53.85 51.40
C PHE C 249 -37.71 53.92 50.21
N ILE C 250 -38.10 52.77 49.67
CA ILE C 250 -39.07 52.72 48.58
C ILE C 250 -40.42 53.22 49.05
N GLU C 251 -40.80 52.85 50.28
CA GLU C 251 -42.09 53.27 50.83
C GLU C 251 -42.13 54.77 51.05
N ARG C 252 -41.03 55.34 51.55
CA ARG C 252 -40.93 56.79 51.62
C ARG C 252 -40.87 57.41 50.24
N TRP C 253 -40.29 56.70 49.29
CA TRP C 253 -39.99 57.24 47.97
C TRP C 253 -41.23 57.41 47.11
N SER C 254 -41.91 56.29 46.85
CA SER C 254 -42.93 56.23 45.82
C SER C 254 -44.13 57.10 46.15
N THR C 255 -44.38 57.32 47.43
CA THR C 255 -45.53 58.10 47.86
C THR C 255 -45.36 59.60 47.68
N LEU C 256 -44.18 60.06 47.27
CA LEU C 256 -43.94 61.49 47.28
C LEU C 256 -44.58 62.17 46.06
N GLU C 257 -44.49 63.49 46.06
CA GLU C 257 -45.06 64.32 45.02
C GLU C 257 -44.10 64.37 43.83
N GLU C 258 -44.60 63.97 42.67
CA GLU C 258 -43.83 64.09 41.44
C GLU C 258 -43.57 65.54 41.08
N LYS C 259 -44.48 66.44 41.42
CA LYS C 259 -44.28 67.85 41.11
C LYS C 259 -43.20 68.45 42.01
N GLU C 260 -43.20 68.11 43.29
CA GLU C 260 -42.19 68.65 44.19
C GLU C 260 -40.84 68.00 43.95
N TYR C 261 -40.83 66.72 43.55
CA TYR C 261 -39.58 66.03 43.23
C TYR C 261 -39.79 65.25 41.94
N PRO C 262 -39.26 65.72 40.82
CA PRO C 262 -39.48 65.04 39.55
C PRO C 262 -38.74 63.72 39.47
N GLY C 263 -39.39 62.75 38.84
CA GLY C 263 -38.81 61.43 38.69
C GLY C 263 -38.73 60.63 39.96
N ALA C 264 -39.69 60.80 40.86
CA ALA C 264 -39.62 60.13 42.15
C ALA C 264 -40.88 59.37 42.53
N HIS C 265 -41.95 59.50 41.77
CA HIS C 265 -43.20 58.80 42.09
C HIS C 265 -43.27 57.47 41.36
N THR C 266 -42.24 56.66 41.58
CA THR C 266 -42.11 55.36 40.94
C THR C 266 -41.68 54.34 41.99
N ALA C 267 -41.67 53.08 41.59
CA ALA C 267 -41.27 52.00 42.47
C ALA C 267 -39.77 51.74 42.44
N THR C 268 -39.15 51.85 41.27
CA THR C 268 -37.73 51.59 41.12
C THR C 268 -36.96 52.89 41.14
N ILE C 269 -35.63 52.77 41.08
CA ILE C 269 -34.76 53.93 41.26
C ILE C 269 -33.45 53.61 40.55
N LYS C 270 -32.69 54.67 40.21
CA LYS C 270 -31.40 54.51 39.58
C LYS C 270 -30.30 54.42 40.64
N TYR C 271 -29.32 53.57 40.35
CA TYR C 271 -28.20 53.37 41.27
C TYR C 271 -27.37 54.64 41.41
N THR C 272 -27.37 55.47 40.37
CA THR C 272 -26.79 56.80 40.43
C THR C 272 -27.41 57.61 41.56
N SER C 273 -28.74 57.69 41.57
CA SER C 273 -29.44 58.41 42.62
C SER C 273 -29.29 57.71 43.97
N ALA C 274 -29.10 56.39 43.95
CA ALA C 274 -28.86 55.67 45.20
C ALA C 274 -27.54 56.08 45.82
N LEU C 275 -26.49 56.15 45.02
CA LEU C 275 -25.20 56.61 45.53
C LEU C 275 -25.25 58.08 45.90
N THR C 276 -26.10 58.85 45.21
CA THR C 276 -26.35 60.24 45.60
C THR C 276 -26.92 60.31 47.01
N TYR C 277 -27.92 59.47 47.30
CA TYR C 277 -28.49 59.40 48.64
C TYR C 277 -27.46 58.94 49.65
N ASP C 278 -26.55 58.06 49.25
CA ASP C 278 -25.56 57.53 50.19
C ASP C 278 -24.49 58.56 50.51
N ALA C 279 -24.16 59.42 49.55
CA ALA C 279 -23.08 60.38 49.74
C ALA C 279 -23.40 61.40 50.81
N VAL C 280 -24.68 61.74 50.96
CA VAL C 280 -25.09 62.71 51.99
C VAL C 280 -24.86 62.11 53.37
N GLN C 281 -25.16 60.82 53.54
CA GLN C 281 -24.88 60.13 54.78
C GLN C 281 -23.38 60.06 55.04
N VAL C 282 -22.60 59.87 53.97
CA VAL C 282 -21.14 59.86 54.10
C VAL C 282 -20.63 61.21 54.60
N MET C 283 -21.16 62.29 54.02
CA MET C 283 -20.75 63.64 54.38
C MET C 283 -21.12 63.98 55.83
N THR C 284 -22.35 63.63 56.22
CA THR C 284 -22.82 63.89 57.57
C THR C 284 -22.01 63.11 58.60
N GLU C 285 -21.72 61.84 58.32
CA GLU C 285 -20.92 61.04 59.23
C GLU C 285 -19.49 61.57 59.32
N ALA C 286 -18.96 62.07 58.21
CA ALA C 286 -17.62 62.66 58.20
C ALA C 286 -17.56 63.87 59.12
N PHE C 287 -18.46 64.84 58.93
CA PHE C 287 -18.43 66.03 59.77
C PHE C 287 -18.84 65.75 61.21
N ARG C 288 -19.62 64.70 61.44
CA ARG C 288 -19.88 64.21 62.79
C ARG C 288 -18.60 63.76 63.47
N ASN C 289 -17.81 62.92 62.80
CA ASN C 289 -16.56 62.48 63.37
C ASN C 289 -15.52 63.58 63.44
N LEU C 290 -15.65 64.61 62.61
CA LEU C 290 -14.84 65.82 62.79
C LEU C 290 -15.16 66.50 64.12
N ARG C 291 -16.44 66.60 64.47
CA ARG C 291 -16.79 67.19 65.76
C ARG C 291 -16.34 66.30 66.91
N LYS C 292 -16.45 64.98 66.75
CA LYS C 292 -16.08 64.11 67.85
C LYS C 292 -14.57 63.97 67.99
N GLN C 293 -13.83 64.11 66.91
CA GLN C 293 -12.38 64.18 67.00
C GLN C 293 -11.89 65.60 67.23
N ARG C 294 -12.82 66.57 67.28
CA ARG C 294 -12.57 67.97 67.62
C ARG C 294 -11.59 68.63 66.64
N ILE C 295 -11.64 68.18 65.39
CA ILE C 295 -10.82 68.76 64.33
C ILE C 295 -11.54 69.99 63.82
N GLU C 296 -10.90 71.14 63.92
CA GLU C 296 -11.50 72.39 63.47
C GLU C 296 -11.07 72.69 62.05
N ILE C 297 -12.06 72.88 61.18
CA ILE C 297 -11.84 73.11 59.76
C ILE C 297 -12.21 74.55 59.44
N SER C 298 -12.04 75.43 60.43
CA SER C 298 -12.48 76.81 60.36
C SER C 298 -11.82 77.56 59.22
N ARG C 299 -12.44 78.68 58.85
CA ARG C 299 -12.20 79.34 57.56
C ARG C 299 -10.76 79.82 57.42
N ARG C 300 -10.22 79.58 56.25
CA ARG C 300 -8.89 79.99 55.85
C ARG C 300 -8.99 81.31 55.09
N GLY C 301 -7.91 81.71 54.43
CA GLY C 301 -7.99 82.81 53.48
C GLY C 301 -9.04 82.57 52.43
N ASN C 302 -9.70 83.65 52.02
CA ASN C 302 -10.99 83.59 51.35
C ASN C 302 -10.96 82.89 50.00
N ALA C 303 -10.26 83.44 49.01
CA ALA C 303 -10.30 82.84 47.68
C ALA C 303 -8.96 82.31 47.20
N GLY C 304 -7.97 83.19 46.97
CA GLY C 304 -6.81 82.86 46.17
C GLY C 304 -7.17 82.12 44.89
N ASP C 305 -7.86 82.79 43.97
CA ASP C 305 -8.98 82.25 43.19
C ASP C 305 -8.79 80.85 42.62
N CYS C 306 -8.00 80.69 41.57
CA CYS C 306 -7.45 79.38 41.24
C CYS C 306 -6.09 79.52 40.58
N LEU C 307 -5.76 80.73 40.14
CA LEU C 307 -4.54 80.97 39.37
C LEU C 307 -3.40 81.46 40.24
N ALA C 308 -3.38 81.06 41.52
CA ALA C 308 -2.26 81.38 42.39
C ALA C 308 -1.02 80.65 41.91
N ASN C 309 0.01 81.41 41.48
CA ASN C 309 1.19 80.77 40.94
C ASN C 309 1.98 80.04 42.03
N PRO C 310 2.21 80.63 43.23
CA PRO C 310 2.52 79.72 44.36
C PRO C 310 1.25 79.26 45.08
N ALA C 311 0.58 78.26 44.50
CA ALA C 311 -0.69 77.79 45.01
C ALA C 311 -0.54 77.15 46.39
N VAL C 312 -1.36 77.60 47.33
CA VAL C 312 -1.20 77.29 48.75
C VAL C 312 -2.27 76.27 49.17
N PRO C 313 -1.88 75.09 49.59
CA PRO C 313 -2.84 74.14 50.16
C PRO C 313 -3.11 74.41 51.63
N TRP C 314 -3.91 73.54 52.25
CA TRP C 314 -4.10 73.56 53.70
C TRP C 314 -4.57 72.18 54.15
N GLY C 315 -3.80 71.56 55.03
CA GLY C 315 -3.91 70.16 55.40
C GLY C 315 -5.05 69.79 56.32
N GLN C 316 -5.87 70.75 56.72
CA GLN C 316 -7.13 70.39 57.37
C GLN C 316 -8.02 69.61 56.42
N GLY C 317 -7.96 69.93 55.12
CA GLY C 317 -8.61 69.10 54.11
C GLY C 317 -8.00 67.72 54.01
N VAL C 318 -6.69 67.60 54.27
CA VAL C 318 -6.06 66.29 54.29
C VAL C 318 -6.59 65.47 55.47
N GLU C 319 -6.81 66.12 56.61
CA GLU C 319 -7.38 65.39 57.74
C GLU C 319 -8.87 65.11 57.54
N ILE C 320 -9.57 65.98 56.80
CA ILE C 320 -10.92 65.66 56.32
C ILE C 320 -10.89 64.38 55.50
N GLU C 321 -9.92 64.28 54.59
CA GLU C 321 -9.76 63.10 53.76
C GLU C 321 -9.48 61.86 54.60
N ARG C 322 -8.61 62.00 55.61
CA ARG C 322 -8.32 60.88 56.52
C ARG C 322 -9.58 60.45 57.27
N ALA C 323 -10.41 61.41 57.66
CA ALA C 323 -11.69 61.09 58.28
C ALA C 323 -12.62 60.41 57.28
N LEU C 324 -12.50 60.77 55.99
CA LEU C 324 -13.34 60.17 54.97
C LEU C 324 -13.01 58.71 54.75
N LYS C 325 -11.70 58.39 54.68
CA LYS C 325 -11.29 57.00 54.47
C LYS C 325 -11.69 56.10 55.62
N GLN C 326 -11.81 56.65 56.83
CA GLN C 326 -12.14 55.85 57.99
C GLN C 326 -13.65 55.72 58.20
N VAL C 327 -14.47 56.19 57.25
CA VAL C 327 -15.91 56.02 57.38
C VAL C 327 -16.27 54.57 57.07
N GLN C 328 -17.09 53.96 57.93
CA GLN C 328 -17.66 52.65 57.66
C GLN C 328 -19.10 52.69 58.19
N VAL C 329 -20.03 52.98 57.29
CA VAL C 329 -21.45 52.99 57.62
C VAL C 329 -22.18 52.10 56.63
N GLU C 330 -23.49 52.07 56.75
CA GLU C 330 -24.32 51.19 55.96
C GLU C 330 -25.30 52.02 55.15
N GLY C 331 -25.37 51.74 53.86
CA GLY C 331 -26.26 52.49 52.99
C GLY C 331 -26.97 51.60 52.00
N LEU C 332 -27.45 52.20 50.90
CA LEU C 332 -28.27 51.48 49.95
C LEU C 332 -27.47 50.47 49.16
N SER C 333 -26.16 50.63 49.09
CA SER C 333 -25.30 49.59 48.55
C SER C 333 -24.85 48.61 49.61
N GLY C 334 -25.25 48.81 50.85
CA GLY C 334 -24.81 47.95 51.94
C GLY C 334 -23.60 48.54 52.66
N ASN C 335 -22.58 47.72 52.83
CA ASN C 335 -21.38 48.16 53.53
C ASN C 335 -20.49 48.96 52.58
N ILE C 336 -19.74 49.89 53.16
CA ILE C 336 -18.75 50.67 52.43
C ILE C 336 -17.43 50.63 53.20
N LYS C 337 -16.33 50.66 52.47
CA LYS C 337 -15.01 50.70 53.06
C LYS C 337 -14.05 51.25 52.02
N PHE C 338 -13.11 52.08 52.46
CA PHE C 338 -12.22 52.78 51.55
C PHE C 338 -10.81 52.31 51.71
N ASP C 339 -10.06 52.35 50.62
CA ASP C 339 -8.65 52.00 50.63
C ASP C 339 -7.84 53.22 51.04
N GLN C 340 -6.52 53.16 50.83
CA GLN C 340 -5.68 54.34 50.95
C GLN C 340 -5.91 55.32 49.81
N ASN C 341 -6.58 54.89 48.74
CA ASN C 341 -6.67 55.66 47.52
C ASN C 341 -8.06 56.24 47.28
N GLY C 342 -9.05 55.89 48.07
CA GLY C 342 -10.39 56.38 47.86
C GLY C 342 -11.27 55.48 47.03
N LYS C 343 -10.83 54.26 46.76
CA LYS C 343 -11.66 53.29 46.06
C LYS C 343 -12.35 52.38 47.07
N ARG C 344 -13.49 51.85 46.66
CA ARG C 344 -14.35 51.12 47.58
C ARG C 344 -14.00 49.64 47.62
N ILE C 345 -13.83 49.14 48.83
CA ILE C 345 -13.71 47.72 49.12
C ILE C 345 -14.77 47.37 50.15
N ASN C 346 -14.78 46.09 50.55
CA ASN C 346 -15.81 45.50 51.41
C ASN C 346 -17.20 45.76 50.83
N TYR C 347 -17.35 45.44 49.56
CA TYR C 347 -18.60 45.60 48.83
C TYR C 347 -19.00 44.26 48.23
N THR C 348 -20.25 44.18 47.78
CA THR C 348 -20.79 42.91 47.36
C THR C 348 -21.76 43.12 46.22
N ILE C 349 -21.58 42.38 45.14
CA ILE C 349 -22.36 42.53 43.92
C ILE C 349 -23.24 41.30 43.77
N ASN C 350 -24.51 41.52 43.44
CA ASN C 350 -25.48 40.45 43.30
C ASN C 350 -25.76 40.19 41.84
N ILE C 351 -25.72 38.94 41.44
CA ILE C 351 -25.88 38.52 40.05
C ILE C 351 -27.35 38.22 39.79
N MET C 352 -27.88 38.79 38.70
CA MET C 352 -29.28 38.66 38.36
C MET C 352 -29.44 37.93 37.03
N GLU C 353 -30.57 37.25 36.89
CA GLU C 353 -30.85 36.50 35.68
C GLU C 353 -32.33 36.63 35.31
N LEU C 354 -32.59 36.97 34.05
CA LEU C 354 -33.95 37.15 33.60
C LEU C 354 -34.60 35.80 33.36
N LYS C 355 -35.81 35.63 33.91
CA LYS C 355 -36.61 34.45 33.68
C LYS C 355 -38.02 34.87 33.27
N THR C 356 -38.91 33.88 33.19
CA THR C 356 -40.29 34.16 32.83
C THR C 356 -41.00 34.95 33.91
N ASN C 357 -40.75 34.62 35.17
CA ASN C 357 -41.30 35.40 36.27
C ASN C 357 -40.65 36.77 36.40
N GLY C 358 -39.47 36.96 35.81
CA GLY C 358 -38.80 38.24 35.86
C GLY C 358 -37.35 38.07 36.27
N PRO C 359 -36.77 39.14 36.79
CA PRO C 359 -35.40 39.05 37.28
C PRO C 359 -35.34 38.26 38.58
N ARG C 360 -34.25 37.51 38.75
CA ARG C 360 -34.05 36.76 39.97
C ARG C 360 -32.57 36.62 40.25
N LYS C 361 -32.24 36.50 41.53
CA LYS C 361 -30.87 36.35 41.96
C LYS C 361 -30.46 34.89 41.87
N ILE C 362 -29.20 34.64 41.53
CA ILE C 362 -28.66 33.29 41.50
C ILE C 362 -27.38 33.20 42.30
N GLY C 363 -26.87 34.34 42.76
CA GLY C 363 -25.65 34.32 43.53
C GLY C 363 -25.10 35.72 43.72
N TYR C 364 -23.98 35.79 44.44
CA TYR C 364 -23.36 37.06 44.74
C TYR C 364 -21.86 36.94 44.54
N TRP C 365 -21.19 38.07 44.70
CA TRP C 365 -19.75 38.13 44.51
C TRP C 365 -19.18 39.17 45.47
N SER C 366 -18.04 38.85 46.07
CA SER C 366 -17.43 39.72 47.06
C SER C 366 -16.10 40.26 46.53
N GLU C 367 -15.47 41.09 47.36
CA GLU C 367 -14.29 41.84 46.92
C GLU C 367 -13.07 40.94 46.79
N VAL C 368 -12.91 39.97 47.70
CA VAL C 368 -11.87 38.97 47.58
C VAL C 368 -12.45 37.56 47.54
N ASP C 369 -13.63 37.36 48.10
CA ASP C 369 -14.33 36.10 47.94
C ASP C 369 -14.97 36.10 46.57
N LYS C 370 -14.74 35.03 45.82
CA LYS C 370 -15.18 34.99 44.45
C LYS C 370 -16.62 34.50 44.38
N MET C 371 -17.07 34.12 43.18
CA MET C 371 -18.48 33.92 42.89
C MET C 371 -19.09 32.80 43.71
N VAL C 372 -20.02 33.17 44.58
CA VAL C 372 -20.73 32.23 45.43
C VAL C 372 -22.17 32.25 44.95
N LEU C 373 -22.58 31.19 44.27
CA LEU C 373 -23.96 31.06 43.86
C LEU C 373 -24.78 30.48 45.00
N THR C 374 -25.99 31.01 45.17
CA THR C 374 -26.92 30.53 46.19
C THR C 374 -28.20 30.12 45.47
N GLU C 375 -28.43 28.82 45.35
CA GLU C 375 -29.63 28.33 44.69
C GLU C 375 -30.84 28.62 45.56
N ASP C 376 -31.64 29.60 45.15
CA ASP C 376 -32.75 30.06 45.97
C ASP C 376 -33.97 29.16 45.82
N ASP C 377 -34.52 29.06 44.63
CA ASP C 377 -35.71 28.26 44.36
C ASP C 377 -35.39 27.26 43.25
N THR C 378 -34.88 26.09 43.65
CA THR C 378 -34.75 24.97 42.73
C THR C 378 -36.07 24.24 42.51
N SER C 379 -37.09 24.53 43.31
CA SER C 379 -38.41 23.92 43.17
C SER C 379 -39.21 24.69 42.10
N GLY C 380 -40.48 24.35 41.96
CA GLY C 380 -41.24 24.83 40.82
C GLY C 380 -40.67 24.19 39.58
N LEU C 381 -40.17 25.03 38.68
CA LEU C 381 -39.36 24.64 37.52
C LEU C 381 -40.14 23.67 36.62
N GLU C 382 -41.17 24.23 35.99
CA GLU C 382 -41.83 23.52 34.90
C GLU C 382 -40.82 23.14 33.84
N GLN C 383 -40.64 21.85 33.64
CA GLN C 383 -39.60 21.30 32.79
C GLN C 383 -39.78 21.76 31.36
N LYS C 384 -38.81 22.50 30.85
CA LYS C 384 -38.89 23.03 29.50
C LYS C 384 -38.84 21.89 28.50
N THR C 385 -39.58 22.07 27.41
CA THR C 385 -39.57 21.08 26.35
C THR C 385 -38.19 21.04 25.70
N VAL C 386 -37.62 19.85 25.59
CA VAL C 386 -36.29 19.68 25.06
C VAL C 386 -36.41 19.60 23.54
N VAL C 387 -35.86 20.60 22.85
CA VAL C 387 -36.05 20.68 21.41
C VAL C 387 -35.16 19.63 20.76
N VAL C 388 -35.79 18.55 20.31
CA VAL C 388 -35.09 17.44 19.70
C VAL C 388 -35.16 17.60 18.19
N THR C 389 -34.00 17.64 17.55
CA THR C 389 -33.96 17.73 16.10
C THR C 389 -33.65 16.35 15.51
N THR C 390 -34.14 16.15 14.30
CA THR C 390 -33.86 14.97 13.49
C THR C 390 -34.24 15.29 12.05
N ILE C 391 -33.89 14.38 11.17
CA ILE C 391 -34.18 14.51 9.75
C ILE C 391 -35.09 13.35 9.34
N LEU C 392 -36.03 13.63 8.44
CA LEU C 392 -36.90 12.57 7.95
C LEU C 392 -36.11 11.61 7.08
N GLU C 393 -36.21 10.32 7.41
CA GLU C 393 -35.47 9.30 6.68
C GLU C 393 -36.07 7.94 7.00
N SER C 394 -36.51 7.24 5.98
CA SER C 394 -36.94 5.88 6.17
C SER C 394 -35.74 5.02 6.48
N PRO C 395 -35.83 4.15 7.49
CA PRO C 395 -36.99 3.99 8.35
C PRO C 395 -36.82 4.66 9.71
N TYR C 396 -35.86 5.56 9.83
CA TYR C 396 -35.58 6.17 11.12
C TYR C 396 -36.69 7.14 11.51
N VAL C 397 -37.06 8.00 10.58
CA VAL C 397 -38.14 8.96 10.76
C VAL C 397 -39.03 8.90 9.53
N MET C 398 -40.28 8.54 9.71
CA MET C 398 -41.22 8.46 8.60
C MET C 398 -42.51 9.17 8.94
N MET C 399 -43.10 9.79 7.93
CA MET C 399 -44.37 10.46 8.10
C MET C 399 -45.49 9.43 8.25
N LYS C 400 -46.32 9.60 9.27
CA LYS C 400 -47.57 8.88 9.29
C LYS C 400 -48.52 9.53 8.30
N LYS C 401 -49.33 8.69 7.65
CA LYS C 401 -50.17 9.14 6.53
C LYS C 401 -51.26 10.11 6.95
N ASN C 402 -51.66 10.11 8.22
CA ASN C 402 -52.73 10.96 8.71
C ASN C 402 -52.19 12.15 9.49
N HIS C 403 -51.03 12.64 9.09
CA HIS C 403 -50.39 13.79 9.73
C HIS C 403 -51.19 15.07 9.58
N GLU C 404 -52.09 15.12 8.60
CA GLU C 404 -53.03 16.23 8.47
C GLU C 404 -53.90 16.34 9.71
N MET C 405 -54.56 15.24 10.09
CA MET C 405 -55.43 15.27 11.26
C MET C 405 -54.63 15.28 12.55
N LEU C 406 -53.50 14.59 12.59
CA LEU C 406 -52.79 14.44 13.84
C LEU C 406 -51.99 15.71 14.17
N GLU C 407 -51.29 15.67 15.28
CA GLU C 407 -50.69 16.87 15.83
C GLU C 407 -49.30 16.60 16.36
N GLY C 408 -48.34 17.42 15.91
CA GLY C 408 -47.02 17.54 16.50
C GLY C 408 -46.20 16.27 16.53
N ASN C 409 -46.03 15.72 17.74
CA ASN C 409 -45.22 14.52 17.91
C ASN C 409 -45.87 13.33 17.24
N GLU C 410 -47.19 13.26 17.28
CA GLU C 410 -47.87 12.05 16.84
C GLU C 410 -47.92 11.91 15.33
N ARG C 411 -47.51 12.93 14.58
CA ARG C 411 -47.46 12.84 13.14
C ARG C 411 -46.32 11.97 12.64
N TYR C 412 -45.39 11.59 13.51
CA TYR C 412 -44.14 10.99 13.10
C TYR C 412 -44.08 9.55 13.62
N GLU C 413 -43.55 8.65 12.79
CA GLU C 413 -43.26 7.29 13.21
C GLU C 413 -41.89 6.90 12.69
N GLY C 414 -41.36 5.84 13.26
CA GLY C 414 -40.08 5.35 12.81
C GLY C 414 -39.29 4.79 13.96
N TYR C 415 -38.02 4.51 13.65
CA TYR C 415 -37.12 3.86 14.58
C TYR C 415 -36.73 4.78 15.72
N CYS C 416 -36.17 5.94 15.36
CA CYS C 416 -35.80 6.91 16.38
C CYS C 416 -37.01 7.49 17.09
N VAL C 417 -38.18 7.41 16.49
CA VAL C 417 -39.41 7.87 17.14
C VAL C 417 -39.70 7.04 18.37
N ASP C 418 -39.53 5.73 18.26
CA ASP C 418 -39.60 4.87 19.44
C ASP C 418 -38.48 5.18 20.41
N LEU C 419 -37.27 5.36 19.86
CA LEU C 419 -36.10 5.52 20.71
C LEU C 419 -36.16 6.79 21.55
N ALA C 420 -36.76 7.85 21.00
CA ALA C 420 -36.88 9.12 21.71
C ALA C 420 -37.77 8.98 22.92
N ALA C 421 -38.90 8.29 22.76
CA ALA C 421 -39.77 8.04 23.90
C ALA C 421 -39.10 7.17 24.93
N GLU C 422 -38.24 6.24 24.48
CA GLU C 422 -37.48 5.42 25.41
C GLU C 422 -36.56 6.26 26.28
N ILE C 423 -35.80 7.15 25.64
CA ILE C 423 -34.83 7.97 26.38
C ILE C 423 -35.54 8.96 27.27
N ALA C 424 -36.68 9.50 26.82
CA ALA C 424 -37.41 10.47 27.63
C ALA C 424 -38.06 9.79 28.83
N LYS C 425 -38.52 8.55 28.67
CA LYS C 425 -39.02 7.80 29.81
C LYS C 425 -37.90 7.46 30.77
N HIS C 426 -36.69 7.23 30.24
CA HIS C 426 -35.61 6.90 31.15
C HIS C 426 -35.05 8.11 31.89
N CYS C 427 -35.17 9.32 31.31
CA CYS C 427 -34.57 10.49 31.94
C CYS C 427 -35.60 11.54 32.34
N GLY C 428 -36.88 11.18 32.37
CA GLY C 428 -37.91 11.97 33.04
C GLY C 428 -38.20 13.34 32.46
N PHE C 429 -37.88 13.57 31.20
CA PHE C 429 -38.06 14.90 30.63
C PHE C 429 -39.15 14.87 29.56
N LYS C 430 -39.46 16.05 29.04
CA LYS C 430 -40.38 16.23 27.94
C LYS C 430 -39.63 16.79 26.75
N TYR C 431 -40.29 16.77 25.60
CA TYR C 431 -39.58 17.15 24.37
C TYR C 431 -40.60 17.54 23.31
N LYS C 432 -40.10 17.76 22.10
CA LYS C 432 -40.87 18.14 20.93
C LYS C 432 -40.01 17.87 19.72
N LEU C 433 -40.57 17.21 18.72
CA LEU C 433 -39.79 16.85 17.55
C LEU C 433 -39.76 17.99 16.55
N THR C 434 -38.60 18.16 15.93
CA THR C 434 -38.40 19.16 14.89
C THR C 434 -37.62 18.53 13.76
N ILE C 435 -37.83 19.07 12.57
CA ILE C 435 -37.10 18.66 11.38
C ILE C 435 -36.16 19.79 10.99
N VAL C 436 -34.92 19.44 10.62
CA VAL C 436 -33.96 20.44 10.21
C VAL C 436 -34.42 21.12 8.92
N GLY C 437 -34.12 22.40 8.81
CA GLY C 437 -34.63 23.22 7.72
C GLY C 437 -34.07 22.84 6.37
N ASP C 438 -32.75 22.87 6.23
CA ASP C 438 -32.12 22.60 4.95
C ASP C 438 -32.27 21.15 4.54
N GLY C 439 -32.40 20.24 5.51
CA GLY C 439 -32.46 18.84 5.21
C GLY C 439 -31.13 18.23 4.87
N LYS C 440 -30.03 18.81 5.34
CA LYS C 440 -28.71 18.23 5.15
C LYS C 440 -28.17 17.80 6.50
N TYR C 441 -27.26 16.83 6.48
CA TYR C 441 -26.74 16.29 7.72
C TYR C 441 -25.83 17.29 8.41
N GLY C 442 -24.86 17.83 7.67
CA GLY C 442 -24.05 18.89 8.20
C GLY C 442 -22.57 18.66 8.05
N ALA C 443 -21.90 19.64 7.45
CA ALA C 443 -20.45 19.68 7.42
C ALA C 443 -20.02 21.12 7.55
N ARG C 444 -18.73 21.35 7.65
CA ARG C 444 -18.25 22.72 7.63
C ARG C 444 -18.18 23.21 6.20
N ASP C 445 -18.36 24.51 6.04
CA ASP C 445 -18.21 25.10 4.73
C ASP C 445 -16.73 25.17 4.38
N ALA C 446 -16.45 25.31 3.09
CA ALA C 446 -15.08 25.55 2.65
C ALA C 446 -14.64 26.94 3.08
N ASP C 447 -13.48 26.99 3.74
CA ASP C 447 -12.70 28.18 4.05
C ASP C 447 -13.36 29.10 5.06
N THR C 448 -14.56 28.79 5.55
CA THR C 448 -15.21 29.65 6.52
C THR C 448 -15.41 28.98 7.87
N LYS C 449 -15.43 27.64 7.91
CA LYS C 449 -15.78 26.83 9.07
C LYS C 449 -17.14 27.28 9.62
N ILE C 450 -18.15 27.04 8.79
CA ILE C 450 -19.54 27.28 9.16
C ILE C 450 -20.25 25.96 9.02
N TRP C 451 -20.65 25.38 10.14
CA TRP C 451 -21.38 24.12 10.14
C TRP C 451 -22.81 24.39 9.72
N ASN C 452 -23.20 23.90 8.55
CA ASN C 452 -24.60 23.91 8.20
C ASN C 452 -25.25 22.64 8.76
N GLY C 453 -26.52 22.42 8.44
CA GLY C 453 -27.14 21.16 8.80
C GLY C 453 -27.41 21.04 10.29
N MET C 454 -27.48 19.79 10.74
CA MET C 454 -27.90 19.51 12.11
C MET C 454 -26.80 19.79 13.10
N VAL C 455 -25.55 19.59 12.70
CA VAL C 455 -24.44 19.81 13.60
C VAL C 455 -24.34 21.29 13.94
N GLY C 456 -24.65 22.14 12.96
CA GLY C 456 -24.78 23.55 13.25
C GLY C 456 -25.95 23.88 14.15
N GLU C 457 -27.00 23.04 14.11
CA GLU C 457 -28.11 23.24 15.03
C GLU C 457 -27.72 22.89 16.45
N LEU C 458 -26.75 21.99 16.62
CA LEU C 458 -26.23 21.81 17.97
C LEU C 458 -25.22 22.87 18.36
N VAL C 459 -24.35 23.27 17.43
CA VAL C 459 -23.28 24.19 17.77
C VAL C 459 -23.82 25.59 18.03
N TYR C 460 -24.79 26.02 17.24
CA TYR C 460 -25.27 27.39 17.30
C TYR C 460 -26.39 27.57 18.31
N GLY C 461 -26.57 26.61 19.22
CA GLY C 461 -27.51 26.75 20.30
C GLY C 461 -28.96 26.68 19.91
N LYS C 462 -29.25 26.21 18.70
CA LYS C 462 -30.63 26.20 18.23
C LYS C 462 -31.37 24.94 18.66
N ALA C 463 -30.67 23.83 18.76
CA ALA C 463 -31.27 22.56 19.14
C ALA C 463 -30.82 22.22 20.57
N ASP C 464 -31.22 21.03 21.02
CA ASP C 464 -30.87 20.59 22.36
C ASP C 464 -30.22 19.22 22.33
N ILE C 465 -30.69 18.37 21.42
CA ILE C 465 -30.20 17.01 21.29
C ILE C 465 -30.61 16.51 19.92
N ALA C 466 -29.86 15.55 19.36
CA ALA C 466 -30.10 15.06 18.02
C ALA C 466 -30.06 13.54 18.05
N ILE C 467 -31.23 12.93 18.17
CA ILE C 467 -31.38 11.49 17.96
C ILE C 467 -31.64 11.29 16.47
N ALA C 468 -30.64 10.75 15.77
CA ALA C 468 -30.66 10.79 14.32
C ALA C 468 -29.65 9.77 13.81
N PRO C 469 -29.79 9.32 12.57
CA PRO C 469 -28.73 8.51 11.97
C PRO C 469 -27.50 9.33 11.67
N LEU C 470 -26.66 9.53 12.67
CA LEU C 470 -25.53 10.46 12.56
C LEU C 470 -24.22 9.71 12.80
N THR C 471 -23.28 9.86 11.90
CA THR C 471 -22.04 9.10 11.92
C THR C 471 -20.96 9.81 12.72
N ILE C 472 -20.37 9.10 13.68
CA ILE C 472 -19.25 9.63 14.46
C ILE C 472 -18.02 9.71 13.59
N THR C 473 -17.62 10.92 13.24
CA THR C 473 -16.40 11.17 12.50
C THR C 473 -15.33 11.71 13.45
N LEU C 474 -14.23 12.17 12.88
CA LEU C 474 -13.24 12.87 13.67
C LEU C 474 -13.69 14.29 13.99
N VAL C 475 -13.94 15.08 12.95
CA VAL C 475 -14.12 16.52 13.10
C VAL C 475 -15.39 16.90 13.82
N ARG C 476 -16.32 15.97 13.99
CA ARG C 476 -17.51 16.25 14.75
C ARG C 476 -17.26 16.17 16.26
N GLU C 477 -16.19 15.51 16.67
CA GLU C 477 -15.88 15.44 18.09
C GLU C 477 -15.42 16.76 18.65
N GLU C 478 -14.77 17.58 17.84
CA GLU C 478 -14.17 18.80 18.34
C GLU C 478 -15.18 19.89 18.63
N VAL C 479 -16.43 19.74 18.20
CA VAL C 479 -17.40 20.80 18.42
C VAL C 479 -18.57 20.31 19.26
N ILE C 480 -18.89 19.02 19.16
CA ILE C 480 -20.01 18.45 19.91
C ILE C 480 -19.59 17.10 20.45
N ASP C 481 -20.35 16.61 21.42
CA ASP C 481 -20.05 15.36 22.11
C ASP C 481 -20.95 14.24 21.63
N PHE C 482 -20.39 13.04 21.59
CA PHE C 482 -21.13 11.83 21.27
C PHE C 482 -21.20 10.89 22.46
N SER C 483 -22.24 10.08 22.49
CA SER C 483 -22.35 9.02 23.47
C SER C 483 -21.60 7.80 22.95
N LYS C 484 -21.77 6.67 23.61
CA LYS C 484 -21.30 5.43 23.05
C LYS C 484 -22.18 5.06 21.85
N PRO C 485 -21.66 4.33 20.89
CA PRO C 485 -22.46 4.00 19.71
C PRO C 485 -23.47 2.92 20.02
N PHE C 486 -24.57 2.94 19.29
CA PHE C 486 -25.65 1.99 19.51
C PHE C 486 -25.93 1.06 18.35
N MET C 487 -25.59 1.45 17.13
CA MET C 487 -25.86 0.57 16.00
C MET C 487 -24.66 0.55 15.06
N SER C 488 -24.16 -0.63 14.70
CA SER C 488 -22.93 -0.65 13.91
C SER C 488 -23.22 -0.77 12.42
N LEU C 489 -22.32 -0.21 11.60
CA LEU C 489 -22.53 -0.19 10.16
C LEU C 489 -21.22 0.05 9.43
N GLY C 490 -21.31 0.06 8.09
CA GLY C 490 -20.19 0.37 7.22
C GLY C 490 -20.65 0.79 5.84
N ILE C 491 -19.69 1.30 5.06
CA ILE C 491 -19.96 1.75 3.70
C ILE C 491 -20.16 0.54 2.80
N SER C 492 -21.23 0.58 2.00
CA SER C 492 -21.53 -0.47 1.05
C SER C 492 -21.82 0.13 -0.32
N ILE C 493 -21.91 -0.75 -1.32
CA ILE C 493 -22.13 -0.37 -2.71
C ILE C 493 -23.45 -0.95 -3.17
N MET C 494 -24.28 -0.12 -3.79
CA MET C 494 -25.60 -0.53 -4.24
C MET C 494 -25.69 -0.25 -5.74
N ILE C 495 -26.02 -1.28 -6.51
CA ILE C 495 -26.21 -1.17 -7.95
C ILE C 495 -27.49 -1.89 -8.34
N LYS C 496 -27.90 -1.66 -9.59
CA LYS C 496 -29.12 -2.27 -10.11
C LYS C 496 -28.95 -3.77 -10.27
N LYS C 497 -29.84 -4.53 -9.68
CA LYS C 497 -29.79 -5.99 -9.77
C LYS C 497 -30.06 -6.43 -11.20
N PRO C 498 -29.19 -7.22 -11.81
CA PRO C 498 -29.45 -7.70 -13.17
C PRO C 498 -30.58 -8.71 -13.16
N GLN C 499 -31.43 -8.65 -14.18
CA GLN C 499 -32.57 -9.54 -14.26
C GLN C 499 -32.11 -10.90 -14.77
N LYS C 500 -32.21 -11.90 -13.91
CA LYS C 500 -31.81 -13.25 -14.26
C LYS C 500 -32.92 -13.95 -15.05
N SER C 501 -32.52 -14.94 -15.84
CA SER C 501 -33.45 -15.67 -16.67
C SER C 501 -33.91 -16.93 -15.95
N LYS C 502 -35.20 -17.21 -16.06
CA LYS C 502 -35.62 -18.44 -15.41
C LYS C 502 -35.75 -19.56 -16.42
N PRO C 503 -35.40 -20.78 -16.04
CA PRO C 503 -35.59 -21.92 -16.94
C PRO C 503 -37.08 -22.18 -17.16
N GLY C 504 -37.46 -22.29 -18.42
CA GLY C 504 -38.85 -22.50 -18.77
C GLY C 504 -39.27 -23.94 -18.50
N VAL C 505 -40.47 -24.26 -19.01
CA VAL C 505 -40.98 -25.62 -18.89
C VAL C 505 -40.14 -26.56 -19.73
N PHE C 506 -39.96 -26.23 -21.00
CA PHE C 506 -39.19 -27.08 -21.90
C PHE C 506 -37.70 -26.70 -21.85
N SER C 507 -37.15 -26.77 -20.64
CA SER C 507 -35.77 -26.40 -20.42
C SER C 507 -34.83 -27.59 -20.50
N PHE C 508 -35.23 -28.67 -21.16
CA PHE C 508 -34.35 -29.78 -21.41
C PHE C 508 -33.94 -29.86 -22.87
N LEU C 509 -34.64 -29.18 -23.76
CA LEU C 509 -34.21 -29.09 -25.14
C LEU C 509 -33.20 -28.00 -25.36
N ASP C 510 -32.69 -27.43 -24.27
CA ASP C 510 -31.80 -26.27 -24.34
C ASP C 510 -30.50 -26.50 -25.09
N PRO C 511 -29.67 -27.54 -24.84
CA PRO C 511 -28.37 -27.54 -25.51
C PRO C 511 -28.36 -28.00 -26.95
N LEU C 512 -29.40 -27.64 -27.69
CA LEU C 512 -29.42 -27.65 -29.15
C LEU C 512 -30.33 -26.51 -29.57
N ALA C 513 -30.21 -26.11 -30.83
CA ALA C 513 -31.05 -25.03 -31.30
C ALA C 513 -32.17 -25.57 -32.18
N TYR C 514 -33.20 -24.75 -32.34
CA TYR C 514 -34.44 -25.16 -33.00
C TYR C 514 -34.22 -25.50 -34.46
N GLU C 515 -33.22 -24.86 -35.07
CA GLU C 515 -32.78 -25.24 -36.42
C GLU C 515 -32.27 -26.67 -36.43
N ILE C 516 -31.47 -27.03 -35.43
CA ILE C 516 -30.91 -28.37 -35.37
C ILE C 516 -32.00 -29.40 -35.15
N TRP C 517 -33.00 -29.05 -34.33
CA TRP C 517 -34.12 -29.96 -34.13
C TRP C 517 -34.94 -30.17 -35.40
N MET C 518 -35.17 -29.11 -36.18
CA MET C 518 -35.94 -29.36 -37.41
C MET C 518 -35.09 -30.10 -38.44
N CYS C 519 -33.78 -29.88 -38.42
CA CYS C 519 -32.91 -30.58 -39.36
C CYS C 519 -32.84 -32.05 -39.04
N ILE C 520 -32.81 -32.39 -37.76
CA ILE C 520 -32.72 -33.81 -37.40
C ILE C 520 -34.03 -34.52 -37.70
N VAL C 521 -35.16 -33.80 -37.61
CA VAL C 521 -36.43 -34.39 -38.01
C VAL C 521 -36.46 -34.67 -39.51
N PHE C 522 -36.01 -33.69 -40.30
CA PHE C 522 -35.98 -33.82 -41.76
C PHE C 522 -35.08 -34.97 -42.18
N ALA C 523 -33.91 -35.06 -41.58
CA ALA C 523 -32.96 -36.11 -41.92
C ALA C 523 -33.49 -37.48 -41.52
N TYR C 524 -34.22 -37.56 -40.41
CA TYR C 524 -34.88 -38.79 -40.01
C TYR C 524 -35.82 -39.30 -41.08
N ILE C 525 -36.68 -38.40 -41.57
CA ILE C 525 -37.63 -38.77 -42.63
C ILE C 525 -36.90 -39.24 -43.86
N GLY C 526 -35.88 -38.49 -44.27
CA GLY C 526 -35.18 -38.80 -45.51
C GLY C 526 -34.43 -40.12 -45.45
N VAL C 527 -33.79 -40.40 -44.33
CA VAL C 527 -33.03 -41.63 -44.22
C VAL C 527 -33.96 -42.83 -44.23
N SER C 528 -35.10 -42.72 -43.54
CA SER C 528 -36.00 -43.86 -43.51
C SER C 528 -36.63 -44.12 -44.88
N VAL C 529 -36.95 -43.07 -45.63
CA VAL C 529 -37.59 -43.30 -46.90
C VAL C 529 -36.58 -43.80 -47.93
N VAL C 530 -35.31 -43.39 -47.84
CA VAL C 530 -34.30 -43.90 -48.76
C VAL C 530 -34.04 -45.37 -48.47
N LEU C 531 -34.06 -45.75 -47.19
CA LEU C 531 -33.93 -47.14 -46.83
C LEU C 531 -35.08 -47.97 -47.38
N PHE C 532 -36.29 -47.40 -47.36
CA PHE C 532 -37.43 -48.10 -47.93
C PHE C 532 -37.25 -48.30 -49.43
N LEU C 533 -36.82 -47.24 -50.13
CA LEU C 533 -36.65 -47.29 -51.57
C LEU C 533 -35.62 -48.32 -51.97
N VAL C 534 -34.50 -48.37 -51.25
CA VAL C 534 -33.50 -49.35 -51.59
C VAL C 534 -33.95 -50.75 -51.19
N SER C 535 -34.84 -50.86 -50.20
CA SER C 535 -35.30 -52.16 -49.77
C SER C 535 -36.23 -52.80 -50.79
N ARG C 536 -37.37 -52.16 -51.05
CA ARG C 536 -38.38 -52.76 -51.91
C ARG C 536 -38.16 -52.25 -53.33
N PHE C 537 -37.41 -53.04 -54.12
CA PHE C 537 -36.98 -52.52 -55.42
C PHE C 537 -37.02 -53.60 -56.49
N SER C 538 -37.86 -54.63 -56.33
CA SER C 538 -37.93 -55.82 -57.16
C SER C 538 -36.56 -56.47 -57.31
N PRO C 539 -36.04 -57.14 -56.27
CA PRO C 539 -34.68 -57.68 -56.35
C PRO C 539 -34.54 -58.83 -57.35
N TYR C 540 -35.45 -59.81 -57.25
CA TYR C 540 -35.43 -61.10 -57.95
C TYR C 540 -34.04 -61.72 -58.16
N SER C 556 -39.30 -64.40 -53.20
CA SER C 556 -38.87 -63.65 -54.38
C SER C 556 -38.96 -62.16 -54.13
N GLU C 557 -40.19 -61.69 -53.88
CA GLU C 557 -40.42 -60.28 -53.57
C GLU C 557 -40.70 -60.03 -52.10
N SER C 558 -41.52 -60.88 -51.48
CA SER C 558 -41.77 -60.79 -50.04
C SER C 558 -40.67 -61.44 -49.21
N THR C 559 -39.49 -61.69 -49.79
CA THR C 559 -38.38 -62.28 -49.06
C THR C 559 -37.84 -61.32 -48.00
N ASN C 560 -37.52 -60.10 -48.42
CA ASN C 560 -37.06 -59.09 -47.48
C ASN C 560 -38.21 -58.64 -46.59
N GLU C 561 -37.88 -58.11 -45.43
CA GLU C 561 -38.87 -57.80 -44.41
C GLU C 561 -39.14 -56.31 -44.28
N PHE C 562 -38.40 -55.47 -44.97
CA PHE C 562 -38.53 -54.04 -44.78
C PHE C 562 -39.72 -53.48 -45.55
N GLY C 563 -40.43 -52.58 -44.90
CA GLY C 563 -41.41 -51.76 -45.54
C GLY C 563 -41.28 -50.36 -45.00
N ILE C 564 -42.24 -49.51 -45.35
CA ILE C 564 -42.24 -48.13 -44.88
C ILE C 564 -42.34 -48.08 -43.38
N PHE C 565 -43.14 -48.96 -42.80
CA PHE C 565 -43.49 -48.81 -41.40
C PHE C 565 -42.38 -49.38 -40.53
N ASN C 566 -41.92 -50.58 -40.91
CA ASN C 566 -40.73 -51.20 -40.33
C ASN C 566 -39.54 -50.26 -40.42
N SER C 567 -39.36 -49.61 -41.56
CA SER C 567 -38.24 -48.68 -41.72
C SER C 567 -38.40 -47.48 -40.82
N LEU C 568 -39.63 -46.96 -40.71
CA LEU C 568 -39.90 -45.78 -39.90
C LEU C 568 -39.55 -46.00 -38.45
N TRP C 569 -39.83 -47.18 -37.91
CA TRP C 569 -39.38 -47.28 -36.53
C TRP C 569 -38.02 -47.94 -36.40
N PHE C 570 -37.49 -48.53 -37.48
CA PHE C 570 -36.11 -48.99 -37.45
C PHE C 570 -35.16 -47.83 -37.28
N SER C 571 -35.40 -46.76 -38.02
CA SER C 571 -34.55 -45.58 -37.91
C SER C 571 -34.62 -45.00 -36.51
N LEU C 572 -35.80 -45.02 -35.90
CA LEU C 572 -35.97 -44.42 -34.60
C LEU C 572 -35.27 -45.26 -33.53
N GLY C 573 -35.49 -46.57 -33.56
CA GLY C 573 -34.82 -47.47 -32.64
C GLY C 573 -33.33 -47.56 -32.88
N ALA C 574 -32.86 -47.19 -34.06
CA ALA C 574 -31.44 -47.00 -34.22
C ALA C 574 -31.00 -45.70 -33.57
N PHE C 575 -31.83 -44.67 -33.68
CA PHE C 575 -31.45 -43.35 -33.20
C PHE C 575 -31.31 -43.33 -31.69
N MET C 576 -32.41 -43.57 -30.98
CA MET C 576 -32.29 -43.79 -29.55
C MET C 576 -31.73 -45.18 -29.36
N GLN C 577 -30.78 -45.32 -28.44
CA GLN C 577 -30.09 -46.60 -28.34
C GLN C 577 -30.98 -47.65 -27.69
N GLN C 578 -31.85 -48.24 -28.47
CA GLN C 578 -32.73 -49.29 -27.98
C GLN C 578 -32.61 -50.56 -28.79
N GLY C 579 -31.65 -50.62 -29.71
CA GLY C 579 -31.55 -51.78 -30.55
C GLY C 579 -32.64 -51.77 -31.61
N CYS C 580 -32.92 -52.96 -32.12
CA CYS C 580 -33.89 -53.08 -33.19
C CYS C 580 -34.53 -54.46 -33.08
N ASP C 581 -35.21 -54.87 -34.13
CA ASP C 581 -35.66 -56.24 -34.26
C ASP C 581 -35.00 -56.98 -35.39
N ILE C 582 -34.67 -56.28 -36.48
CA ILE C 582 -34.09 -56.88 -37.68
C ILE C 582 -33.05 -55.91 -38.23
N SER C 583 -32.32 -56.37 -39.24
CA SER C 583 -31.22 -55.59 -39.76
C SER C 583 -31.30 -55.60 -41.28
N PRO C 584 -30.77 -54.59 -41.94
CA PRO C 584 -30.63 -54.66 -43.40
C PRO C 584 -29.67 -55.77 -43.79
N ARG C 585 -30.07 -56.54 -44.80
CA ARG C 585 -29.25 -57.63 -45.29
C ARG C 585 -28.70 -57.39 -46.68
N SER C 586 -29.33 -56.51 -47.46
CA SER C 586 -28.77 -56.12 -48.74
C SER C 586 -27.58 -55.22 -48.52
N LEU C 587 -26.68 -55.21 -49.52
CA LEU C 587 -25.44 -54.44 -49.45
C LEU C 587 -25.72 -52.96 -49.28
N SER C 588 -26.63 -52.43 -50.08
CA SER C 588 -26.87 -51.00 -50.04
C SER C 588 -27.67 -50.61 -48.80
N GLY C 589 -28.54 -51.52 -48.33
CA GLY C 589 -29.22 -51.26 -47.07
C GLY C 589 -28.26 -51.20 -45.91
N ARG C 590 -27.27 -52.09 -45.91
CA ARG C 590 -26.24 -52.03 -44.89
C ARG C 590 -25.42 -50.76 -45.01
N ILE C 591 -25.10 -50.35 -46.24
CA ILE C 591 -24.21 -49.22 -46.42
C ILE C 591 -24.94 -47.90 -46.18
N VAL C 592 -26.27 -47.91 -46.11
CA VAL C 592 -26.93 -46.70 -45.66
C VAL C 592 -27.15 -46.73 -44.14
N GLY C 593 -27.37 -47.92 -43.58
CA GLY C 593 -27.57 -48.01 -42.15
C GLY C 593 -26.32 -47.66 -41.36
N GLY C 594 -25.16 -47.96 -41.93
CA GLY C 594 -23.92 -47.56 -41.29
C GLY C 594 -23.79 -46.05 -41.19
N VAL C 595 -24.27 -45.35 -42.21
CA VAL C 595 -24.20 -43.90 -42.18
C VAL C 595 -25.14 -43.37 -41.12
N TRP C 596 -26.29 -44.01 -40.95
CA TRP C 596 -27.20 -43.53 -39.92
C TRP C 596 -26.66 -43.78 -38.51
N TRP C 597 -25.96 -44.90 -38.34
CA TRP C 597 -25.27 -45.18 -37.08
C TRP C 597 -24.21 -44.14 -36.78
N PHE C 598 -23.42 -43.79 -37.78
CA PHE C 598 -22.40 -42.78 -37.57
C PHE C 598 -23.04 -41.43 -37.30
N PHE C 599 -24.23 -41.20 -37.85
CA PHE C 599 -24.93 -39.96 -37.61
C PHE C 599 -25.39 -39.84 -36.17
N THR C 600 -25.86 -40.94 -35.58
CA THR C 600 -26.35 -40.79 -34.21
C THR C 600 -25.22 -40.66 -33.22
N LEU C 601 -24.07 -41.30 -33.51
CA LEU C 601 -23.03 -41.37 -32.50
C LEU C 601 -22.40 -40.01 -32.20
N ILE C 602 -22.41 -39.11 -33.16
CA ILE C 602 -21.91 -37.77 -32.90
C ILE C 602 -22.91 -36.98 -32.07
N ILE C 603 -24.14 -36.91 -32.55
CA ILE C 603 -25.09 -35.94 -32.03
C ILE C 603 -25.52 -36.28 -30.61
N ILE C 604 -25.80 -37.56 -30.35
CA ILE C 604 -26.33 -37.87 -29.03
C ILE C 604 -25.23 -37.77 -27.98
N SER C 605 -23.98 -37.99 -28.39
CA SER C 605 -22.87 -37.77 -27.50
C SER C 605 -22.71 -36.30 -27.20
N SER C 606 -22.83 -35.46 -28.24
CA SER C 606 -22.81 -34.02 -28.05
C SER C 606 -23.90 -33.58 -27.10
N TYR C 607 -25.07 -34.20 -27.21
CA TYR C 607 -26.21 -33.86 -26.40
C TYR C 607 -25.94 -34.13 -24.93
N THR C 608 -25.50 -35.35 -24.62
CA THR C 608 -25.26 -35.69 -23.22
C THR C 608 -24.11 -34.89 -22.64
N ALA C 609 -23.04 -34.74 -23.42
CA ALA C 609 -21.88 -34.03 -22.94
C ALA C 609 -22.15 -32.56 -22.73
N ASN C 610 -23.09 -31.99 -23.46
CA ASN C 610 -23.40 -30.59 -23.24
C ASN C 610 -24.46 -30.39 -22.17
N LEU C 611 -25.35 -31.38 -22.00
CA LEU C 611 -26.30 -31.30 -20.90
C LEU C 611 -25.58 -31.40 -19.57
N ALA C 612 -24.47 -32.16 -19.55
CA ALA C 612 -23.56 -32.13 -18.42
C ALA C 612 -23.00 -30.73 -18.18
N ALA C 613 -22.81 -29.93 -19.23
CA ALA C 613 -22.34 -28.58 -19.00
C ALA C 613 -23.46 -27.69 -18.47
N PHE C 614 -24.67 -27.83 -19.00
CA PHE C 614 -25.78 -27.01 -18.53
C PHE C 614 -26.17 -27.32 -17.09
N LEU C 615 -25.89 -28.53 -16.63
CA LEU C 615 -26.30 -28.89 -15.28
C LEU C 615 -25.20 -28.71 -14.26
N THR C 616 -24.35 -27.71 -14.44
CA THR C 616 -23.32 -27.37 -13.46
C THR C 616 -23.49 -25.99 -12.86
N VAL C 617 -23.76 -24.97 -13.67
CA VAL C 617 -23.77 -23.59 -13.21
C VAL C 617 -25.00 -22.89 -13.77
N GLU C 618 -25.55 -21.96 -12.97
CA GLU C 618 -26.62 -21.09 -13.41
C GLU C 618 -26.40 -19.67 -12.91
N ARG C 619 -25.33 -19.42 -12.16
CA ARG C 619 -25.13 -18.18 -11.45
C ARG C 619 -24.43 -17.14 -12.33
N MET C 620 -24.79 -15.89 -12.13
CA MET C 620 -24.22 -14.79 -12.90
C MET C 620 -22.79 -14.51 -12.45
N VAL C 621 -22.04 -13.85 -13.34
CA VAL C 621 -20.59 -13.72 -13.18
C VAL C 621 -20.21 -12.64 -12.18
N SER C 622 -21.20 -11.94 -11.58
CA SER C 622 -20.99 -10.98 -10.50
C SER C 622 -20.05 -9.84 -10.88
N PRO C 623 -20.57 -8.75 -11.47
CA PRO C 623 -19.75 -7.59 -11.88
C PRO C 623 -19.04 -6.85 -10.75
N ILE C 624 -18.86 -5.54 -10.90
CA ILE C 624 -17.74 -4.66 -10.53
C ILE C 624 -17.17 -4.78 -9.10
N GLU C 625 -17.49 -5.87 -8.38
CA GLU C 625 -17.17 -6.20 -6.98
C GLU C 625 -15.85 -5.72 -6.40
N SER C 626 -15.91 -5.27 -5.14
CA SER C 626 -14.85 -4.81 -4.24
C SER C 626 -14.32 -3.45 -4.60
N ALA C 627 -15.00 -2.71 -5.49
CA ALA C 627 -14.77 -1.30 -5.82
C ALA C 627 -13.41 -1.01 -6.43
N GLU C 628 -12.59 -2.03 -6.65
CA GLU C 628 -11.30 -1.77 -7.26
C GLU C 628 -11.46 -1.51 -8.75
N ASP C 629 -12.39 -2.23 -9.39
CA ASP C 629 -12.73 -1.88 -10.76
C ASP C 629 -13.49 -0.58 -10.83
N LEU C 630 -14.14 -0.15 -9.74
CA LEU C 630 -14.67 1.20 -9.70
C LEU C 630 -13.56 2.24 -9.76
N SER C 631 -12.36 1.88 -9.30
CA SER C 631 -11.21 2.73 -9.54
C SER C 631 -10.60 2.50 -10.92
N LYS C 632 -10.75 1.30 -11.48
CA LYS C 632 -10.00 0.96 -12.69
C LYS C 632 -10.73 1.37 -13.97
N GLN C 633 -11.98 0.93 -14.14
CA GLN C 633 -12.71 1.26 -15.36
C GLN C 633 -13.09 2.73 -15.38
N THR C 634 -13.60 3.16 -16.53
CA THR C 634 -14.20 4.48 -16.65
C THR C 634 -15.65 4.40 -17.08
N GLU C 635 -16.28 3.23 -17.01
CA GLU C 635 -17.60 3.07 -17.60
C GLU C 635 -18.73 3.47 -16.67
N ILE C 636 -18.83 2.81 -15.52
CA ILE C 636 -19.95 3.05 -14.61
C ILE C 636 -19.57 4.13 -13.62
N ALA C 637 -20.35 5.20 -13.59
CA ALA C 637 -20.10 6.29 -12.68
C ALA C 637 -20.56 5.91 -11.28
N TYR C 638 -20.26 6.79 -10.31
CA TYR C 638 -20.58 6.58 -8.91
C TYR C 638 -20.39 7.88 -8.16
N GLY C 639 -21.28 8.14 -7.20
CA GLY C 639 -21.19 9.33 -6.39
C GLY C 639 -21.68 9.05 -4.99
N THR C 640 -21.71 10.11 -4.17
CA THR C 640 -22.12 9.99 -2.78
C THR C 640 -23.25 10.94 -2.47
N LEU C 641 -23.52 11.10 -1.17
CA LEU C 641 -24.46 12.09 -0.69
C LEU C 641 -23.72 13.35 -0.28
N ASP C 642 -24.14 14.49 -0.81
CA ASP C 642 -23.52 15.75 -0.47
C ASP C 642 -23.80 16.13 0.97
N SER C 643 -22.92 16.96 1.53
CA SER C 643 -22.87 17.30 2.95
C SER C 643 -22.82 16.04 3.82
N GLY C 644 -22.09 15.03 3.35
CA GLY C 644 -22.13 13.71 3.93
C GLY C 644 -20.76 13.26 4.44
N SER C 645 -20.82 12.43 5.49
CA SER C 645 -19.59 11.94 6.12
C SER C 645 -18.82 11.03 5.19
N THR C 646 -19.52 10.30 4.32
CA THR C 646 -18.83 9.46 3.34
C THR C 646 -18.06 10.31 2.34
N LYS C 647 -18.67 11.42 1.92
CA LYS C 647 -18.03 12.31 0.97
C LYS C 647 -16.81 12.96 1.59
N GLU C 648 -16.93 13.37 2.86
CA GLU C 648 -15.77 13.91 3.56
C GLU C 648 -14.72 12.83 3.80
N PHE C 649 -15.16 11.58 3.97
CA PHE C 649 -14.23 10.47 4.16
C PHE C 649 -13.39 10.24 2.92
N PHE C 650 -14.02 10.29 1.75
CA PHE C 650 -13.24 10.16 0.53
C PHE C 650 -12.39 11.39 0.26
N ARG C 651 -12.80 12.55 0.75
CA ARG C 651 -11.92 13.71 0.66
C ARG C 651 -10.65 13.50 1.48
N ARG C 652 -10.80 13.17 2.75
CA ARG C 652 -9.67 13.10 3.66
C ARG C 652 -8.93 11.77 3.57
N SER C 653 -9.43 10.82 2.79
CA SER C 653 -8.84 9.49 2.75
C SER C 653 -7.45 9.51 2.13
N LYS C 654 -6.61 8.59 2.60
CA LYS C 654 -5.23 8.51 2.15
C LYS C 654 -4.88 7.20 1.49
N ILE C 655 -5.76 6.20 1.55
CA ILE C 655 -5.55 4.98 0.79
C ILE C 655 -5.66 5.29 -0.68
N ALA C 656 -4.74 4.76 -1.49
CA ALA C 656 -4.51 5.27 -2.84
C ALA C 656 -5.68 4.95 -3.77
N VAL C 657 -6.31 3.80 -3.58
CA VAL C 657 -7.48 3.46 -4.40
C VAL C 657 -8.63 4.42 -4.11
N PHE C 658 -8.83 4.75 -2.83
CA PHE C 658 -9.85 5.71 -2.46
C PHE C 658 -9.48 7.11 -2.95
N ASP C 659 -8.18 7.39 -3.03
CA ASP C 659 -7.71 8.66 -3.54
C ASP C 659 -8.05 8.80 -5.01
N LYS C 660 -7.85 7.73 -5.77
CA LYS C 660 -8.20 7.78 -7.18
C LYS C 660 -9.71 7.86 -7.37
N MET C 661 -10.46 7.22 -6.46
CA MET C 661 -11.91 7.32 -6.50
C MET C 661 -12.36 8.76 -6.24
N TRP C 662 -11.74 9.41 -5.26
CA TRP C 662 -12.03 10.81 -4.97
C TRP C 662 -11.62 11.71 -6.11
N THR C 663 -10.54 11.35 -6.80
CA THR C 663 -10.09 12.09 -7.98
C THR C 663 -11.15 12.03 -9.08
N TYR C 664 -11.67 10.83 -9.34
CA TYR C 664 -12.72 10.68 -10.33
C TYR C 664 -14.00 11.39 -9.91
N MET C 665 -14.30 11.37 -8.61
CA MET C 665 -15.54 11.98 -8.15
C MET C 665 -15.46 13.51 -8.22
N ARG C 666 -14.30 14.09 -7.91
CA ARG C 666 -14.18 15.54 -8.02
C ARG C 666 -14.05 15.95 -9.48
N SER C 667 -13.55 15.06 -10.34
CA SER C 667 -13.45 15.33 -11.78
C SER C 667 -14.63 14.65 -12.45
N ALA C 668 -15.80 15.27 -12.32
CA ALA C 668 -17.04 14.65 -12.74
C ALA C 668 -17.75 15.53 -13.74
N GLU C 669 -18.28 14.92 -14.80
CA GLU C 669 -19.06 15.60 -15.82
C GLU C 669 -20.21 14.71 -16.25
N PRO C 670 -21.46 15.01 -15.83
CA PRO C 670 -21.88 16.06 -14.89
C PRO C 670 -21.63 15.67 -13.45
N SER C 671 -22.38 16.31 -12.55
CA SER C 671 -22.27 16.03 -11.11
C SER C 671 -22.66 14.59 -10.80
N VAL C 672 -21.70 13.84 -10.27
CA VAL C 672 -22.00 12.50 -9.78
C VAL C 672 -22.61 12.52 -8.40
N PHE C 673 -22.58 13.65 -7.72
CA PHE C 673 -23.16 13.76 -6.39
C PHE C 673 -24.65 13.99 -6.50
N VAL C 674 -25.35 13.76 -5.39
CA VAL C 674 -26.78 14.03 -5.29
C VAL C 674 -27.03 14.85 -4.04
N ARG C 675 -28.28 15.25 -3.87
CA ARG C 675 -28.70 16.04 -2.72
C ARG C 675 -29.46 15.24 -1.68
N THR C 676 -30.10 14.14 -2.08
CA THR C 676 -30.76 13.30 -1.10
C THR C 676 -30.70 11.84 -1.53
N THR C 677 -31.03 10.99 -0.54
CA THR C 677 -30.85 9.56 -0.67
C THR C 677 -31.75 8.99 -1.75
N ALA C 678 -33.03 9.35 -1.72
CA ALA C 678 -33.98 8.84 -2.71
C ALA C 678 -33.69 9.37 -4.10
N GLU C 679 -33.06 10.56 -4.19
CA GLU C 679 -32.57 11.06 -5.47
C GLU C 679 -31.55 10.10 -6.06
N GLY C 680 -30.54 9.74 -5.27
CA GLY C 680 -29.58 8.77 -5.74
C GLY C 680 -30.17 7.39 -6.02
N VAL C 681 -31.19 7.01 -5.24
CA VAL C 681 -31.91 5.76 -5.45
C VAL C 681 -32.54 5.74 -6.83
N ALA C 682 -33.27 6.80 -7.17
CA ALA C 682 -33.94 6.87 -8.46
C ALA C 682 -32.93 6.96 -9.59
N ARG C 683 -31.79 7.62 -9.34
CA ARG C 683 -30.76 7.72 -10.36
C ARG C 683 -30.17 6.34 -10.68
N VAL C 684 -29.95 5.52 -9.67
CA VAL C 684 -29.42 4.18 -9.95
C VAL C 684 -30.51 3.28 -10.52
N ARG C 685 -31.76 3.46 -10.09
CA ARG C 685 -32.86 2.68 -10.67
C ARG C 685 -33.14 3.04 -12.12
N LYS C 686 -32.68 4.19 -12.58
CA LYS C 686 -32.86 4.54 -13.98
C LYS C 686 -31.59 4.50 -14.80
N SER C 687 -30.42 4.35 -14.16
CA SER C 687 -29.16 4.44 -14.89
C SER C 687 -28.87 3.22 -15.74
N LYS C 688 -29.53 2.09 -15.48
CA LYS C 688 -29.36 0.84 -16.21
C LYS C 688 -27.91 0.36 -16.20
N GLY C 689 -27.37 0.22 -14.99
CA GLY C 689 -26.02 -0.26 -14.85
C GLY C 689 -24.96 0.70 -15.30
N LYS C 690 -25.21 2.00 -15.18
CA LYS C 690 -24.24 2.99 -15.59
C LYS C 690 -23.85 3.95 -14.49
N TYR C 691 -24.57 3.97 -13.38
CA TYR C 691 -24.24 4.84 -12.25
C TYR C 691 -24.37 4.04 -10.97
N ALA C 692 -23.24 3.76 -10.34
CA ALA C 692 -23.25 3.09 -9.05
C ALA C 692 -23.61 4.11 -7.97
N TYR C 693 -23.76 3.61 -6.75
CA TYR C 693 -24.07 4.49 -5.63
C TYR C 693 -23.33 4.00 -4.41
N LEU C 694 -23.04 4.92 -3.51
CA LEU C 694 -22.40 4.60 -2.25
C LEU C 694 -23.30 5.03 -1.12
N LEU C 695 -23.57 4.13 -0.19
CA LEU C 695 -24.22 4.50 1.07
C LEU C 695 -23.84 3.49 2.13
N GLU C 696 -24.55 3.57 3.25
CA GLU C 696 -24.27 2.78 4.44
C GLU C 696 -25.11 1.51 4.41
N SER C 697 -24.58 0.47 5.07
CA SER C 697 -25.09 -0.88 4.91
C SER C 697 -26.53 -1.04 5.39
N THR C 698 -26.92 -0.29 6.43
CA THR C 698 -28.28 -0.40 6.94
C THR C 698 -29.29 0.15 5.95
N MET C 699 -28.97 1.33 5.38
CA MET C 699 -29.74 1.88 4.27
C MET C 699 -29.84 0.89 3.12
N ASN C 700 -28.73 0.20 2.84
CA ASN C 700 -28.66 -0.71 1.71
C ASN C 700 -29.59 -1.89 1.90
N GLU C 701 -29.54 -2.51 3.08
CA GLU C 701 -30.39 -3.66 3.30
C GLU C 701 -31.85 -3.26 3.43
N TYR C 702 -32.14 -2.04 3.91
CA TYR C 702 -33.53 -1.64 3.94
C TYR C 702 -34.06 -1.41 2.55
N ILE C 703 -33.25 -0.84 1.66
CA ILE C 703 -33.68 -0.71 0.27
C ILE C 703 -33.81 -2.07 -0.39
N GLU C 704 -32.99 -3.03 0.02
CA GLU C 704 -33.09 -4.37 -0.54
C GLU C 704 -34.37 -5.07 -0.13
N GLN C 705 -34.82 -4.87 1.11
CA GLN C 705 -36.00 -5.58 1.60
C GLN C 705 -37.31 -4.89 1.24
N ARG C 706 -37.33 -4.03 0.22
CA ARG C 706 -38.55 -3.40 -0.23
C ARG C 706 -38.79 -3.73 -1.69
N LYS C 707 -40.02 -3.57 -2.08
CA LYS C 707 -40.38 -3.63 -3.48
C LYS C 707 -39.80 -2.41 -4.20
N PRO C 708 -39.41 -2.54 -5.47
CA PRO C 708 -39.52 -3.69 -6.37
C PRO C 708 -38.37 -4.66 -6.31
N CYS C 709 -37.51 -4.56 -5.30
CA CYS C 709 -36.31 -5.39 -5.12
C CYS C 709 -35.37 -5.38 -6.32
N ASP C 710 -35.38 -4.33 -7.13
CA ASP C 710 -34.54 -4.29 -8.31
C ASP C 710 -33.11 -3.85 -8.01
N THR C 711 -32.78 -3.62 -6.75
CA THR C 711 -31.44 -3.22 -6.34
C THR C 711 -30.70 -4.42 -5.79
N MET C 712 -29.41 -4.24 -5.51
CA MET C 712 -28.60 -5.35 -5.06
C MET C 712 -27.34 -4.88 -4.34
N LYS C 713 -27.05 -5.45 -3.17
CA LYS C 713 -25.78 -5.19 -2.52
C LYS C 713 -24.71 -6.08 -3.11
N VAL C 714 -23.56 -5.48 -3.42
CA VAL C 714 -22.40 -6.22 -3.91
C VAL C 714 -21.24 -5.96 -2.97
N GLY C 715 -20.26 -6.87 -3.01
CA GLY C 715 -19.05 -6.74 -2.24
C GLY C 715 -19.24 -6.79 -0.74
N GLY C 716 -18.19 -6.46 0.01
CA GLY C 716 -18.22 -6.44 1.46
C GLY C 716 -18.40 -5.05 2.01
N ASN C 717 -17.80 -4.80 3.16
CA ASN C 717 -17.83 -3.50 3.78
C ASN C 717 -16.51 -2.77 3.52
N LEU C 718 -16.34 -1.61 4.14
CA LEU C 718 -15.10 -0.88 3.95
C LEU C 718 -14.49 -0.43 5.27
N ASP C 719 -15.31 -0.23 6.30
CA ASP C 719 -14.84 0.27 7.58
C ASP C 719 -15.88 -0.05 8.65
N SER C 720 -15.72 0.55 9.83
CA SER C 720 -16.61 0.31 10.96
C SER C 720 -17.03 1.66 11.54
N LYS C 721 -18.10 2.21 11.00
CA LYS C 721 -18.66 3.45 11.51
C LYS C 721 -19.65 3.13 12.63
N GLY C 722 -20.27 4.16 13.19
CA GLY C 722 -21.21 3.97 14.27
C GLY C 722 -22.12 5.16 14.54
N TYR C 723 -23.40 4.90 14.68
CA TYR C 723 -24.35 5.94 15.04
C TYR C 723 -24.36 6.14 16.55
N GLY C 724 -24.58 7.38 16.95
CA GLY C 724 -24.61 7.72 18.37
C GLY C 724 -25.47 8.93 18.63
N ILE C 725 -25.63 9.23 19.88
CA ILE C 725 -26.43 10.35 20.31
C ILE C 725 -25.53 11.56 20.45
N ALA C 726 -26.00 12.71 19.97
CA ALA C 726 -25.19 13.92 19.91
C ALA C 726 -25.77 14.99 20.83
N THR C 727 -24.91 15.57 21.65
CA THR C 727 -25.25 16.64 22.57
C THR C 727 -24.35 17.83 22.32
N PRO C 728 -24.81 19.05 22.65
CA PRO C 728 -23.90 20.19 22.67
C PRO C 728 -22.84 20.00 23.73
N LYS C 729 -21.66 20.52 23.45
CA LYS C 729 -20.47 20.17 24.22
C LYS C 729 -20.54 20.81 25.59
N GLY C 730 -20.72 19.98 26.62
CA GLY C 730 -20.60 20.41 27.99
C GLY C 730 -21.90 20.48 28.75
N SER C 731 -23.04 20.16 28.13
CA SER C 731 -24.31 20.23 28.84
C SER C 731 -24.42 19.10 29.84
N SER C 732 -25.41 19.21 30.71
CA SER C 732 -25.63 18.24 31.77
C SER C 732 -26.34 16.99 31.30
N LEU C 733 -26.74 16.93 30.03
CA LEU C 733 -27.47 15.77 29.54
C LEU C 733 -26.56 14.62 29.15
N GLY C 734 -25.26 14.89 28.99
CA GLY C 734 -24.31 13.96 28.42
C GLY C 734 -24.16 12.65 29.15
N THR C 735 -23.70 12.71 30.40
CA THR C 735 -23.57 11.48 31.20
C THR C 735 -24.88 10.75 31.49
N PRO C 736 -26.05 11.38 31.76
CA PRO C 736 -27.24 10.54 31.90
C PRO C 736 -27.70 9.92 30.60
N VAL C 737 -27.55 10.60 29.47
CA VAL C 737 -27.89 9.98 28.19
C VAL C 737 -26.96 8.80 27.90
N ASN C 738 -25.66 9.01 28.13
CA ASN C 738 -24.67 7.95 27.95
C ASN C 738 -24.93 6.78 28.87
N LEU C 739 -25.46 7.06 30.07
CA LEU C 739 -25.80 5.98 30.97
C LEU C 739 -27.05 5.24 30.49
N ALA C 740 -28.00 5.95 29.87
CA ALA C 740 -29.24 5.32 29.47
C ALA C 740 -29.05 4.37 28.30
N VAL C 741 -28.12 4.72 27.40
CA VAL C 741 -27.89 3.92 26.19
C VAL C 741 -27.44 2.51 26.55
N LEU C 742 -26.61 2.39 27.58
CA LEU C 742 -26.10 1.09 27.98
C LEU C 742 -27.19 0.20 28.56
N LYS C 743 -28.13 0.79 29.29
CA LYS C 743 -29.23 0.00 29.83
C LYS C 743 -30.09 -0.55 28.71
N LEU C 744 -30.36 0.28 27.70
CA LEU C 744 -31.13 -0.21 26.56
C LEU C 744 -30.38 -1.31 25.80
N SER C 745 -29.06 -1.15 25.68
CA SER C 745 -28.25 -2.13 24.97
C SER C 745 -28.23 -3.46 25.70
N GLU C 746 -28.09 -3.42 27.03
CA GLU C 746 -28.00 -4.65 27.78
C GLU C 746 -29.36 -5.31 27.94
N GLN C 747 -30.45 -4.56 27.86
CA GLN C 747 -31.77 -5.18 27.93
C GLN C 747 -32.28 -5.61 26.56
N GLY C 748 -31.58 -5.29 25.48
CA GLY C 748 -31.92 -5.88 24.20
C GLY C 748 -33.10 -5.24 23.50
N VAL C 749 -33.59 -4.12 24.02
CA VAL C 749 -34.63 -3.36 23.37
C VAL C 749 -34.15 -2.86 22.02
N LEU C 750 -32.84 -2.61 21.89
CA LEU C 750 -32.25 -2.23 20.60
C LEU C 750 -32.45 -3.31 19.56
N ASP C 751 -32.18 -4.56 19.92
CA ASP C 751 -32.37 -5.66 18.99
C ASP C 751 -33.83 -5.85 18.64
N LYS C 752 -34.69 -5.68 19.66
CA LYS C 752 -36.13 -5.78 19.44
C LYS C 752 -36.62 -4.74 18.44
N LEU C 753 -36.22 -3.48 18.63
CA LEU C 753 -36.63 -2.41 17.74
C LEU C 753 -36.01 -2.57 16.36
N LYS C 754 -34.79 -3.09 16.31
CA LYS C 754 -34.11 -3.28 15.04
C LYS C 754 -34.83 -4.32 14.20
N ASN C 755 -35.21 -5.43 14.82
CA ASN C 755 -35.99 -6.44 14.13
C ASN C 755 -37.35 -5.91 13.73
N LYS C 756 -37.96 -5.11 14.61
CA LYS C 756 -39.28 -4.53 14.36
C LYS C 756 -39.29 -3.63 13.14
N TRP C 757 -38.23 -2.86 12.95
CA TRP C 757 -38.25 -1.88 11.90
C TRP C 757 -37.40 -2.26 10.70
N TRP C 758 -36.73 -3.40 10.72
CA TRP C 758 -36.10 -3.91 9.51
C TRP C 758 -36.76 -5.19 9.01
N TYR C 759 -36.82 -6.24 9.82
CA TYR C 759 -37.06 -7.55 9.23
C TYR C 759 -38.50 -7.98 9.32
N ASP C 760 -39.23 -7.50 10.33
CA ASP C 760 -40.64 -7.85 10.48
C ASP C 760 -41.50 -7.21 9.41
N LYS C 761 -40.99 -6.19 8.72
CA LYS C 761 -41.62 -5.61 7.55
C LYS C 761 -41.10 -6.26 6.26
N GLY C 762 -40.72 -7.53 6.34
CA GLY C 762 -40.29 -8.23 5.14
C GLY C 762 -41.46 -8.45 4.21
N GLU C 763 -41.51 -7.64 3.15
CA GLU C 763 -42.59 -7.72 2.17
C GLU C 763 -42.09 -8.37 0.89
N CYS C 764 -41.07 -7.79 0.27
CA CYS C 764 -40.46 -8.35 -0.92
C CYS C 764 -39.37 -9.34 -0.51
N GLY C 765 -39.82 -10.43 0.12
CA GLY C 765 -38.90 -11.41 0.64
C GLY C 765 -38.30 -12.27 -0.46
N ALA C 766 -37.46 -11.66 -1.29
CA ALA C 766 -36.85 -12.37 -2.41
C ALA C 766 -35.88 -13.44 -1.90
N LYS C 767 -35.01 -13.06 -0.96
CA LYS C 767 -34.21 -13.98 -0.13
C LYS C 767 -33.25 -14.83 -0.98
N ASP C 768 -32.63 -14.19 -1.96
CA ASP C 768 -31.62 -14.85 -2.79
C ASP C 768 -30.24 -14.61 -2.19
N SER C 769 -29.58 -15.69 -1.80
CA SER C 769 -28.24 -15.59 -1.22
C SER C 769 -27.20 -16.28 -2.11
N GLY C 770 -27.40 -17.55 -2.44
CA GLY C 770 -26.47 -18.25 -3.31
C GLY C 770 -25.51 -19.17 -2.59
N SER C 771 -25.65 -20.48 -2.82
CA SER C 771 -24.74 -21.48 -2.27
C SER C 771 -24.00 -22.13 -3.43
N LYS C 772 -22.67 -22.21 -3.30
CA LYS C 772 -21.81 -22.77 -4.34
C LYS C 772 -21.81 -24.30 -4.36
N GLU C 773 -22.68 -24.94 -3.60
CA GLU C 773 -22.73 -26.39 -3.48
C GLU C 773 -23.27 -26.97 -4.78
N LYS C 774 -22.36 -27.40 -5.65
CA LYS C 774 -22.73 -27.93 -6.96
C LYS C 774 -23.31 -29.33 -6.88
N THR C 775 -23.36 -29.93 -5.69
CA THR C 775 -23.96 -31.23 -5.49
C THR C 775 -25.42 -31.11 -5.05
N SER C 776 -26.12 -30.11 -5.54
CA SER C 776 -27.54 -29.98 -5.27
C SER C 776 -28.30 -30.83 -6.28
N ALA C 777 -29.25 -31.62 -5.78
CA ALA C 777 -30.01 -32.52 -6.62
C ALA C 777 -30.97 -31.74 -7.52
N LEU C 778 -31.67 -32.47 -8.37
CA LEU C 778 -32.63 -31.83 -9.25
C LEU C 778 -34.02 -31.86 -8.63
N SER C 779 -34.76 -30.79 -8.86
CA SER C 779 -36.15 -30.77 -8.48
C SER C 779 -36.99 -31.39 -9.59
N LEU C 780 -38.21 -31.76 -9.24
CA LEU C 780 -39.15 -32.22 -10.24
C LEU C 780 -39.54 -31.10 -11.20
N SER C 781 -39.51 -29.87 -10.69
CA SER C 781 -39.91 -28.68 -11.45
C SER C 781 -39.02 -28.43 -12.65
N ASN C 782 -37.81 -28.97 -12.67
CA ASN C 782 -36.98 -28.85 -13.86
C ASN C 782 -37.35 -29.88 -14.92
N VAL C 783 -38.08 -30.93 -14.55
CA VAL C 783 -38.18 -32.11 -15.40
C VAL C 783 -39.61 -32.37 -15.86
N ALA C 784 -40.62 -31.81 -15.18
CA ALA C 784 -42.02 -32.24 -15.30
C ALA C 784 -42.59 -32.14 -16.71
N GLY C 785 -42.00 -31.28 -17.57
CA GLY C 785 -42.42 -31.19 -18.96
C GLY C 785 -42.34 -32.51 -19.70
N VAL C 786 -41.31 -33.29 -19.40
CA VAL C 786 -41.14 -34.61 -20.00
C VAL C 786 -42.31 -35.50 -19.63
N PHE C 787 -42.73 -35.45 -18.37
CA PHE C 787 -43.90 -36.20 -17.94
C PHE C 787 -45.16 -35.76 -18.66
N TYR C 788 -45.26 -34.47 -18.95
CA TYR C 788 -46.43 -34.02 -19.70
C TYR C 788 -46.46 -34.61 -21.10
N ILE C 789 -45.29 -34.66 -21.77
CA ILE C 789 -45.19 -35.34 -23.06
C ILE C 789 -45.57 -36.82 -22.94
N LEU C 790 -45.14 -37.45 -21.85
CA LEU C 790 -45.41 -38.87 -21.66
C LEU C 790 -46.89 -39.15 -21.52
N VAL C 791 -47.57 -38.37 -20.68
CA VAL C 791 -49.00 -38.54 -20.45
C VAL C 791 -49.79 -38.29 -21.74
N GLY C 792 -49.41 -37.24 -22.46
CA GLY C 792 -50.12 -36.92 -23.70
C GLY C 792 -49.96 -37.99 -24.76
N GLY C 793 -48.75 -38.56 -24.85
CA GLY C 793 -48.53 -39.64 -25.80
C GLY C 793 -49.28 -40.89 -25.44
N LEU C 794 -49.42 -41.16 -24.13
CA LEU C 794 -50.19 -42.32 -23.69
C LEU C 794 -51.65 -42.19 -24.09
N GLY C 795 -52.23 -41.02 -23.84
CA GLY C 795 -53.62 -40.79 -24.22
C GLY C 795 -53.83 -40.85 -25.72
N LEU C 796 -52.86 -40.33 -26.49
CA LEU C 796 -52.93 -40.37 -27.94
C LEU C 796 -52.93 -41.79 -28.46
N ALA C 797 -52.02 -42.61 -27.93
CA ALA C 797 -51.93 -44.00 -28.37
C ALA C 797 -53.19 -44.77 -28.02
N MET C 798 -53.74 -44.51 -26.83
CA MET C 798 -54.96 -45.18 -26.43
C MET C 798 -56.12 -44.80 -27.34
N LEU C 799 -56.18 -43.53 -27.74
CA LEU C 799 -57.22 -43.09 -28.65
C LEU C 799 -57.07 -43.73 -30.03
N VAL C 800 -55.83 -43.87 -30.50
CA VAL C 800 -55.60 -44.46 -31.82
C VAL C 800 -55.99 -45.93 -31.83
N ALA C 801 -55.65 -46.63 -30.76
CA ALA C 801 -56.05 -48.03 -30.65
C ALA C 801 -57.56 -48.17 -30.58
N LEU C 802 -58.21 -47.26 -29.87
CA LEU C 802 -59.68 -47.33 -29.76
C LEU C 802 -60.36 -47.05 -31.09
N ILE C 803 -59.87 -46.08 -31.85
CA ILE C 803 -60.54 -45.78 -33.11
C ILE C 803 -60.23 -46.86 -34.14
N GLU C 804 -59.08 -47.52 -34.03
CA GLU C 804 -58.82 -48.65 -34.92
C GLU C 804 -59.73 -49.82 -34.58
N PHE C 805 -60.02 -50.01 -33.30
CA PHE C 805 -60.98 -51.05 -32.93
C PHE C 805 -62.39 -50.69 -33.37
N CYS C 806 -62.74 -49.40 -33.37
CA CYS C 806 -64.04 -48.99 -33.89
C CYS C 806 -64.14 -49.24 -35.38
N TYR C 807 -63.05 -49.00 -36.11
CA TYR C 807 -63.04 -49.30 -37.55
C TYR C 807 -63.14 -50.80 -37.79
N LYS C 808 -62.51 -51.60 -36.94
CA LYS C 808 -62.64 -53.05 -37.05
C LYS C 808 -64.06 -53.52 -36.74
N SER C 809 -64.70 -52.90 -35.74
CA SER C 809 -66.06 -53.27 -35.36
C SER C 809 -67.05 -52.88 -36.45
N ARG C 810 -66.82 -51.75 -37.12
CA ARG C 810 -67.63 -51.38 -38.27
C ARG C 810 -67.32 -52.29 -39.46
N ALA C 811 -66.08 -52.77 -39.56
CA ALA C 811 -65.72 -53.75 -40.58
C ALA C 811 -66.32 -55.11 -40.24
N LEU C 821 -52.92 -47.69 -50.20
CA LEU C 821 -54.12 -47.10 -49.66
C LEU C 821 -55.36 -47.89 -50.05
N PHE C 822 -56.50 -47.20 -50.08
CA PHE C 822 -57.79 -47.82 -50.31
C PHE C 822 -58.29 -47.46 -51.70
N ASP C 823 -58.77 -48.48 -52.44
CA ASP C 823 -59.32 -48.35 -53.80
C ASP C 823 -58.30 -47.74 -54.76
N ARG C 824 -57.28 -48.55 -55.08
CA ARG C 824 -56.27 -48.23 -56.09
C ARG C 824 -56.89 -47.74 -57.39
N GLY C 825 -56.28 -46.71 -57.98
CA GLY C 825 -56.83 -45.99 -59.09
C GLY C 825 -56.87 -44.52 -58.74
N VAL C 826 -57.24 -44.24 -57.49
CA VAL C 826 -57.20 -42.89 -56.96
C VAL C 826 -55.78 -42.48 -56.57
N GLN C 827 -54.86 -43.45 -56.54
CA GLN C 827 -53.49 -43.18 -56.12
C GLN C 827 -52.78 -42.31 -57.14
N MET C 828 -53.11 -42.49 -58.43
CA MET C 828 -52.51 -41.65 -59.46
C MET C 828 -53.02 -40.21 -59.36
N LEU C 829 -54.31 -40.03 -59.10
CA LEU C 829 -54.87 -38.70 -58.86
C LEU C 829 -54.22 -38.03 -57.65
N LEU C 830 -54.02 -38.82 -56.59
CA LEU C 830 -53.43 -38.29 -55.37
C LEU C 830 -51.97 -37.91 -55.58
N THR C 831 -51.21 -38.71 -56.33
CA THR C 831 -49.81 -38.40 -56.51
C THR C 831 -49.62 -37.23 -57.48
N THR C 832 -50.54 -37.07 -58.43
CA THR C 832 -50.45 -35.93 -59.34
C THR C 832 -50.76 -34.63 -58.61
N VAL C 833 -51.81 -34.62 -57.79
CA VAL C 833 -52.14 -33.39 -57.06
C VAL C 833 -51.09 -33.10 -56.01
N GLY C 834 -50.46 -34.15 -55.45
CA GLY C 834 -49.39 -33.93 -54.50
C GLY C 834 -48.15 -33.33 -55.15
N ALA C 835 -47.79 -33.86 -56.32
CA ALA C 835 -46.63 -33.33 -57.04
C ALA C 835 -46.88 -31.90 -57.50
N PHE C 836 -48.12 -31.61 -57.89
CA PHE C 836 -48.46 -30.26 -58.32
C PHE C 836 -48.38 -29.29 -57.16
N ALA C 837 -48.88 -29.69 -55.99
CA ALA C 837 -48.83 -28.83 -54.81
C ALA C 837 -47.40 -28.61 -54.35
N ALA C 838 -46.56 -29.65 -54.44
CA ALA C 838 -45.16 -29.52 -54.08
C ALA C 838 -44.44 -28.58 -55.02
N PHE C 839 -44.71 -28.70 -56.32
CA PHE C 839 -44.08 -27.83 -57.30
C PHE C 839 -44.52 -26.38 -57.10
N SER C 840 -45.80 -26.20 -56.79
CA SER C 840 -46.34 -24.86 -56.55
C SER C 840 -45.69 -24.23 -55.33
N LEU C 841 -45.63 -24.97 -54.22
CA LEU C 841 -45.05 -24.42 -53.00
C LEU C 841 -43.56 -24.16 -53.15
N MET C 842 -42.86 -25.00 -53.92
CA MET C 842 -41.43 -24.79 -54.11
C MET C 842 -41.16 -23.56 -54.96
N THR C 843 -41.96 -23.36 -56.03
CA THR C 843 -41.77 -22.17 -56.84
C THR C 843 -42.15 -20.89 -56.09
N ILE C 844 -43.22 -20.95 -55.28
CA ILE C 844 -43.58 -19.81 -54.45
C ILE C 844 -42.47 -19.51 -53.44
N ALA C 845 -41.87 -20.56 -52.88
CA ALA C 845 -40.83 -20.37 -51.87
C ALA C 845 -39.56 -19.81 -52.47
N VAL C 846 -39.23 -20.21 -53.70
CA VAL C 846 -38.05 -19.66 -54.35
C VAL C 846 -38.28 -18.22 -54.76
N GLY C 847 -39.36 -17.96 -55.48
CA GLY C 847 -39.61 -16.59 -55.91
C GLY C 847 -40.27 -15.76 -54.83
N THR C 848 -39.51 -15.38 -53.81
CA THR C 848 -40.10 -14.80 -52.61
C THR C 848 -39.21 -13.69 -52.07
N ASP C 849 -39.84 -12.62 -51.58
CA ASP C 849 -39.13 -11.61 -50.80
C ASP C 849 -39.16 -11.87 -49.30
N TYR C 850 -40.02 -12.75 -48.81
CA TYR C 850 -40.17 -12.94 -47.37
C TYR C 850 -39.77 -14.38 -46.98
N TRP C 851 -38.56 -14.51 -46.42
CA TRP C 851 -38.21 -15.67 -45.60
C TRP C 851 -37.97 -15.28 -44.16
N LEU C 852 -37.02 -14.41 -43.89
CA LEU C 852 -36.70 -14.06 -42.52
C LEU C 852 -37.01 -12.59 -42.24
N TYR C 853 -36.92 -12.25 -40.96
CA TYR C 853 -37.10 -10.88 -40.50
C TYR C 853 -36.05 -10.57 -39.44
N SER C 854 -35.23 -9.57 -39.70
CA SER C 854 -34.16 -9.17 -38.79
C SER C 854 -34.10 -7.65 -38.78
N ARG C 855 -33.01 -7.12 -38.23
CA ARG C 855 -32.77 -5.68 -38.18
C ARG C 855 -31.56 -5.36 -39.03
N GLY C 856 -31.75 -4.57 -40.07
CA GLY C 856 -30.67 -4.21 -40.97
C GLY C 856 -30.93 -2.87 -41.60
N VAL C 857 -30.34 -2.66 -42.77
CA VAL C 857 -30.48 -1.43 -43.51
C VAL C 857 -31.26 -1.71 -44.80
N CYS C 858 -31.59 -0.64 -45.52
CA CYS C 858 -32.26 -0.74 -46.80
C CYS C 858 -31.30 -0.53 -47.96
N LYS C 859 -30.65 0.63 -48.00
CA LYS C 859 -29.70 0.96 -49.07
C LYS C 859 -28.78 2.05 -48.55
N THR C 860 -27.51 1.72 -48.33
CA THR C 860 -26.53 2.68 -47.84
C THR C 860 -25.74 3.27 -49.00
N LYS C 861 -25.02 4.34 -48.69
CA LYS C 861 -24.10 5.03 -49.60
C LYS C 861 -24.75 5.53 -50.89
N VAL C 875 -33.46 -1.21 -38.52
CA VAL C 875 -34.68 -1.22 -39.32
C VAL C 875 -35.11 -2.65 -39.56
N MET C 876 -36.38 -2.95 -39.29
CA MET C 876 -36.94 -4.28 -39.49
C MET C 876 -36.95 -4.62 -40.97
N THR C 877 -36.29 -5.72 -41.32
CA THR C 877 -35.95 -6.04 -42.70
C THR C 877 -36.85 -7.17 -43.21
N HIS C 878 -37.52 -6.90 -44.32
CA HIS C 878 -38.38 -7.84 -45.04
C HIS C 878 -37.54 -8.77 -45.92
N SER C 879 -36.59 -9.46 -45.31
CA SER C 879 -35.49 -10.05 -46.07
C SER C 879 -35.91 -11.35 -46.77
N GLY C 880 -35.26 -11.62 -47.90
CA GLY C 880 -35.54 -12.81 -48.67
C GLY C 880 -34.30 -13.47 -49.22
N LEU C 881 -34.35 -13.88 -50.49
CA LEU C 881 -33.27 -14.67 -51.07
C LEU C 881 -32.08 -13.77 -51.43
N TRP C 882 -32.30 -12.84 -52.35
CA TRP C 882 -31.29 -11.84 -52.67
C TRP C 882 -31.81 -10.43 -52.49
N ARG C 883 -33.10 -10.22 -52.72
CA ARG C 883 -33.71 -8.94 -52.42
C ARG C 883 -33.87 -8.81 -50.91
N THR C 884 -32.90 -8.18 -50.24
CA THR C 884 -33.02 -7.88 -48.81
C THR C 884 -33.89 -6.62 -48.64
N CYS C 885 -35.15 -6.79 -48.99
CA CYS C 885 -36.08 -5.68 -49.03
C CYS C 885 -36.46 -5.32 -47.61
N CYS C 886 -37.02 -4.13 -47.42
CA CYS C 886 -37.21 -3.63 -46.07
C CYS C 886 -38.55 -2.93 -45.96
N LEU C 887 -38.91 -2.61 -44.73
CA LEU C 887 -40.13 -1.89 -44.42
C LEU C 887 -39.90 -1.14 -43.10
N GLU C 888 -40.91 -0.35 -42.71
CA GLU C 888 -40.96 0.38 -41.44
C GLU C 888 -39.75 1.32 -41.32
N GLY C 889 -39.75 2.33 -42.16
CA GLY C 889 -38.72 3.33 -42.11
C GLY C 889 -39.06 4.60 -42.86
N ASN C 890 -38.01 5.26 -43.33
CA ASN C 890 -38.19 6.42 -44.21
C ASN C 890 -38.89 6.03 -45.51
N PHE C 891 -38.57 4.85 -46.03
CA PHE C 891 -39.28 4.30 -47.18
C PHE C 891 -39.46 2.80 -46.98
N LYS C 892 -40.58 2.30 -47.50
CA LYS C 892 -41.02 0.93 -47.28
C LYS C 892 -41.16 0.25 -48.62
N GLY C 893 -40.26 -0.67 -48.92
CA GLY C 893 -40.41 -1.47 -50.11
C GLY C 893 -39.40 -1.18 -51.20
N LEU C 894 -38.19 -0.78 -50.81
CA LEU C 894 -37.09 -0.60 -51.75
C LEU C 894 -36.16 -1.79 -51.59
N CYS C 895 -36.20 -2.69 -52.56
CA CYS C 895 -35.64 -4.02 -52.42
C CYS C 895 -34.22 -4.02 -52.98
N LYS C 896 -33.24 -3.93 -52.08
CA LYS C 896 -31.85 -3.98 -52.50
C LYS C 896 -31.43 -5.41 -52.81
N GLN C 897 -30.76 -5.60 -53.93
CA GLN C 897 -30.23 -6.91 -54.28
C GLN C 897 -28.90 -7.12 -53.57
N ILE C 898 -28.76 -8.24 -52.86
CA ILE C 898 -27.61 -8.47 -52.01
C ILE C 898 -26.74 -9.57 -52.61
N ASP C 899 -25.45 -9.51 -52.29
CA ASP C 899 -24.47 -10.53 -52.64
C ASP C 899 -23.44 -10.53 -51.51
N HIS C 900 -22.28 -11.14 -51.76
CA HIS C 900 -21.21 -11.16 -50.77
C HIS C 900 -20.17 -10.12 -51.12
N PHE C 901 -19.84 -9.27 -50.14
CA PHE C 901 -18.60 -8.48 -50.15
C PHE C 901 -18.29 -8.01 -48.75
N PRO C 902 -17.58 -8.80 -47.95
CA PRO C 902 -17.14 -8.34 -46.63
C PRO C 902 -15.87 -7.50 -46.75
N GLU C 903 -15.43 -6.98 -45.61
CA GLU C 903 -14.15 -6.29 -45.47
C GLU C 903 -13.37 -6.98 -44.35
N ASP C 904 -12.74 -8.08 -44.73
CA ASP C 904 -12.14 -9.01 -43.79
C ASP C 904 -10.64 -8.79 -43.67
N ALA C 905 -9.97 -9.79 -43.09
CA ALA C 905 -8.53 -9.89 -43.03
C ALA C 905 -7.92 -10.45 -44.32
N ASP C 906 -8.65 -10.37 -45.43
CA ASP C 906 -8.26 -10.85 -46.76
C ASP C 906 -7.95 -12.35 -46.74
N TYR C 907 -9.00 -13.13 -46.49
CA TYR C 907 -8.92 -14.57 -46.62
C TYR C 907 -8.65 -14.93 -48.09
N GLU C 908 -7.58 -15.68 -48.33
CA GLU C 908 -7.15 -15.89 -49.70
C GLU C 908 -7.97 -16.95 -50.41
N ALA C 909 -7.89 -18.18 -49.92
CA ALA C 909 -8.69 -19.29 -50.41
C ALA C 909 -9.22 -20.10 -49.25
N ASP C 910 -9.73 -19.39 -48.25
CA ASP C 910 -10.37 -20.02 -47.09
C ASP C 910 -11.65 -20.67 -47.60
N THR C 911 -11.59 -21.99 -47.79
CA THR C 911 -12.56 -22.69 -48.62
C THR C 911 -13.92 -22.75 -47.93
N ALA C 912 -13.93 -23.09 -46.65
CA ALA C 912 -15.17 -23.19 -45.88
C ALA C 912 -15.86 -21.84 -45.69
N GLU C 913 -15.17 -20.74 -45.94
CA GLU C 913 -15.78 -19.42 -45.90
C GLU C 913 -15.87 -18.77 -47.26
N TYR C 914 -15.41 -19.43 -48.32
CA TYR C 914 -15.45 -18.88 -49.67
C TYR C 914 -16.33 -19.68 -50.61
N PHE C 915 -16.05 -20.98 -50.75
CA PHE C 915 -16.84 -21.84 -51.61
C PHE C 915 -18.24 -22.00 -51.05
N LEU C 916 -18.36 -21.94 -49.72
CA LEU C 916 -19.66 -21.89 -49.07
C LEU C 916 -20.43 -20.64 -49.48
N ARG C 917 -19.76 -19.48 -49.53
CA ARG C 917 -20.42 -18.26 -49.96
C ARG C 917 -20.79 -18.32 -51.43
N ALA C 918 -19.97 -19.03 -52.23
CA ALA C 918 -20.26 -19.17 -53.65
C ALA C 918 -21.51 -20.00 -53.87
N VAL C 919 -21.68 -21.07 -53.09
CA VAL C 919 -22.92 -21.84 -53.16
C VAL C 919 -24.07 -21.05 -52.56
N ARG C 920 -23.79 -20.19 -51.57
CA ARG C 920 -24.86 -19.42 -50.93
C ARG C 920 -25.45 -18.38 -51.86
N ALA C 921 -24.64 -17.44 -52.33
CA ALA C 921 -25.19 -16.42 -53.22
C ALA C 921 -25.17 -16.84 -54.69
N SER C 922 -25.51 -18.11 -54.92
CA SER C 922 -26.01 -18.61 -56.19
C SER C 922 -26.73 -19.90 -55.83
N SER C 923 -28.04 -19.82 -55.66
CA SER C 923 -28.80 -20.91 -55.06
C SER C 923 -28.94 -22.03 -56.09
N ILE C 924 -27.95 -22.91 -56.13
CA ILE C 924 -27.96 -24.00 -57.09
C ILE C 924 -28.71 -25.21 -56.54
N PHE C 925 -28.43 -25.59 -55.29
CA PHE C 925 -29.20 -26.64 -54.64
C PHE C 925 -30.68 -26.30 -54.45
N PRO C 926 -31.08 -25.08 -54.06
CA PRO C 926 -32.53 -24.81 -54.03
C PRO C 926 -33.19 -24.84 -55.40
N ILE C 927 -32.53 -24.36 -56.44
CA ILE C 927 -33.16 -24.30 -57.76
C ILE C 927 -33.23 -25.70 -58.37
N LEU C 928 -32.33 -26.58 -57.97
CA LEU C 928 -32.32 -27.92 -58.54
C LEU C 928 -33.49 -28.74 -58.03
N SER C 929 -34.07 -28.34 -56.90
CA SER C 929 -35.32 -28.93 -56.44
C SER C 929 -36.44 -28.71 -57.44
N VAL C 930 -36.56 -27.48 -57.95
CA VAL C 930 -37.56 -27.16 -58.98
C VAL C 930 -37.29 -27.98 -60.23
N ILE C 931 -36.00 -28.12 -60.58
CA ILE C 931 -35.61 -28.85 -61.79
C ILE C 931 -36.06 -30.31 -61.71
N LEU C 932 -35.62 -31.01 -60.66
CA LEU C 932 -35.96 -32.43 -60.52
C LEU C 932 -37.44 -32.64 -60.27
N LEU C 933 -38.08 -31.69 -59.60
CA LEU C 933 -39.49 -31.84 -59.26
C LEU C 933 -40.36 -31.75 -60.51
N PHE C 934 -40.07 -30.81 -61.39
CA PHE C 934 -40.82 -30.77 -62.65
C PHE C 934 -40.41 -31.91 -63.57
N MET C 935 -39.19 -32.41 -63.45
CA MET C 935 -38.80 -33.59 -64.25
C MET C 935 -39.61 -34.82 -63.86
N GLY C 936 -39.77 -35.03 -62.54
CA GLY C 936 -40.60 -36.12 -62.08
C GLY C 936 -42.07 -35.91 -62.40
N GLY C 937 -42.52 -34.66 -62.39
CA GLY C 937 -43.88 -34.36 -62.82
C GLY C 937 -44.10 -34.67 -64.28
N LEU C 938 -43.09 -34.43 -65.12
CA LEU C 938 -43.17 -34.82 -66.52
C LEU C 938 -43.23 -36.33 -66.68
N CYS C 939 -42.48 -37.06 -65.85
CA CYS C 939 -42.51 -38.52 -65.96
C CYS C 939 -43.87 -39.08 -65.51
N ILE C 940 -44.43 -38.52 -64.43
CA ILE C 940 -45.73 -39.02 -63.98
C ILE C 940 -46.84 -38.55 -64.92
N ALA C 941 -46.62 -37.46 -65.66
CA ALA C 941 -47.58 -37.09 -66.69
C ALA C 941 -47.44 -37.99 -67.91
N ALA C 942 -46.23 -38.44 -68.20
CA ALA C 942 -45.99 -39.38 -69.30
C ALA C 942 -46.21 -40.82 -68.89
N SER C 943 -46.73 -41.06 -67.68
CA SER C 943 -47.16 -42.39 -67.29
C SER C 943 -48.21 -42.98 -68.24
N GLU C 944 -49.22 -42.18 -68.62
CA GLU C 944 -50.31 -42.70 -69.44
C GLU C 944 -49.85 -43.03 -70.85
N PHE C 945 -49.21 -42.08 -71.52
CA PHE C 945 -48.72 -42.32 -72.86
C PHE C 945 -47.49 -43.22 -72.79
N TYR C 946 -47.29 -44.03 -73.85
CA TYR C 946 -46.14 -44.94 -74.00
C TYR C 946 -46.11 -45.97 -72.86
N LYS C 947 -47.29 -46.41 -72.43
CA LYS C 947 -47.42 -47.23 -71.22
C LYS C 947 -47.20 -48.71 -71.54
N THR C 948 -47.57 -49.55 -70.55
CA THR C 948 -47.45 -51.01 -70.59
C THR C 948 -46.00 -51.41 -70.86
N ARG C 949 -45.11 -50.80 -70.08
CA ARG C 949 -43.72 -51.23 -70.02
C ARG C 949 -43.27 -51.43 -68.59
N HIS C 950 -44.13 -51.10 -67.61
CA HIS C 950 -44.00 -51.31 -66.16
C HIS C 950 -42.63 -50.94 -65.62
N ASN C 951 -42.01 -49.92 -66.19
CA ASN C 951 -40.67 -49.51 -65.80
C ASN C 951 -40.53 -48.01 -65.73
N ILE C 952 -41.45 -47.25 -66.29
CA ILE C 952 -41.23 -45.81 -66.46
C ILE C 952 -41.46 -45.06 -65.16
N ILE C 953 -42.45 -45.47 -64.37
CA ILE C 953 -42.82 -44.65 -63.23
C ILE C 953 -41.89 -44.91 -62.05
N LEU C 954 -41.10 -45.99 -62.12
CA LEU C 954 -40.01 -46.18 -61.16
C LEU C 954 -39.01 -45.04 -61.25
N SER C 955 -38.72 -44.60 -62.46
CA SER C 955 -37.78 -43.49 -62.65
C SER C 955 -38.34 -42.19 -62.10
N ALA C 956 -39.67 -42.09 -61.99
CA ALA C 956 -40.31 -40.82 -61.61
C ALA C 956 -39.99 -40.45 -60.17
N GLY C 957 -40.23 -41.37 -59.23
CA GLY C 957 -40.08 -41.08 -57.81
C GLY C 957 -38.67 -40.75 -57.38
N ILE C 958 -37.68 -41.21 -58.16
CA ILE C 958 -36.27 -40.94 -57.89
C ILE C 958 -36.02 -39.44 -57.90
N PHE C 959 -36.65 -38.75 -58.85
CA PHE C 959 -36.52 -37.30 -58.92
C PHE C 959 -37.11 -36.62 -57.70
N PHE C 960 -38.25 -37.12 -57.20
CA PHE C 960 -38.88 -36.51 -56.04
C PHE C 960 -38.02 -36.67 -54.80
N VAL C 961 -37.43 -37.86 -54.64
CA VAL C 961 -36.53 -38.14 -53.53
C VAL C 961 -35.31 -37.24 -53.59
N SER C 962 -34.66 -37.19 -54.74
CA SER C 962 -33.42 -36.42 -54.85
C SER C 962 -33.68 -34.93 -54.77
N ALA C 963 -34.88 -34.49 -55.18
CA ALA C 963 -35.23 -33.09 -55.04
C ALA C 963 -35.38 -32.70 -53.58
N GLY C 964 -35.97 -33.59 -52.79
CA GLY C 964 -36.01 -33.35 -51.36
C GLY C 964 -34.62 -33.31 -50.73
N LEU C 965 -33.71 -34.15 -51.24
CA LEU C 965 -32.34 -34.13 -50.73
C LEU C 965 -31.63 -32.83 -51.06
N SER C 966 -31.87 -32.32 -52.26
CA SER C 966 -31.31 -31.02 -52.62
C SER C 966 -31.91 -29.92 -51.76
N ASN C 967 -33.19 -30.06 -51.43
CA ASN C 967 -33.86 -29.07 -50.59
C ASN C 967 -33.24 -29.01 -49.20
N ILE C 968 -32.98 -30.18 -48.60
CA ILE C 968 -32.48 -30.17 -47.24
C ILE C 968 -31.05 -29.63 -47.20
N ILE C 969 -30.26 -29.90 -48.25
CA ILE C 969 -28.92 -29.33 -48.31
C ILE C 969 -28.98 -27.82 -48.43
N GLY C 970 -29.93 -27.32 -49.23
CA GLY C 970 -30.08 -25.89 -49.41
C GLY C 970 -30.50 -25.19 -48.13
N ILE C 971 -31.37 -25.82 -47.35
CA ILE C 971 -31.79 -25.24 -46.08
C ILE C 971 -30.61 -25.17 -45.13
N ILE C 972 -29.81 -26.22 -45.09
CA ILE C 972 -28.64 -26.26 -44.22
C ILE C 972 -27.66 -25.16 -44.57
N VAL C 973 -27.37 -25.00 -45.86
CA VAL C 973 -26.36 -24.01 -46.24
C VAL C 973 -26.90 -22.60 -46.08
N TYR C 974 -28.22 -22.42 -46.18
CA TYR C 974 -28.78 -21.09 -45.99
C TYR C 974 -28.67 -20.68 -44.53
N ILE C 975 -28.99 -21.60 -43.62
CA ILE C 975 -28.87 -21.28 -42.19
C ILE C 975 -27.41 -21.08 -41.82
N SER C 976 -26.54 -21.88 -42.44
CA SER C 976 -25.10 -21.78 -42.22
C SER C 976 -24.58 -20.40 -42.61
N ALA C 977 -24.91 -19.94 -43.80
CA ALA C 977 -24.35 -18.67 -44.22
C ALA C 977 -25.13 -17.49 -43.67
N ASN C 978 -26.33 -17.70 -43.15
CA ASN C 978 -26.95 -16.66 -42.33
C ASN C 978 -26.13 -16.45 -41.07
N ALA C 979 -25.74 -17.54 -40.43
CA ALA C 979 -24.91 -17.42 -39.25
C ALA C 979 -23.43 -17.19 -39.57
N GLY C 980 -23.07 -17.17 -40.85
CA GLY C 980 -21.68 -17.03 -41.26
C GLY C 980 -21.08 -15.68 -40.99
N LYS C 988 -25.39 -9.36 -30.41
CA LYS C 988 -26.06 -10.55 -29.91
C LYS C 988 -27.45 -10.12 -29.43
N LYS C 989 -28.35 -11.10 -29.24
CA LYS C 989 -29.76 -10.92 -28.86
C LYS C 989 -30.48 -10.12 -29.95
N ASN C 990 -30.40 -10.64 -31.17
CA ASN C 990 -31.05 -10.03 -32.30
C ASN C 990 -32.46 -10.55 -32.52
N SER C 991 -32.72 -11.81 -32.11
CA SER C 991 -34.04 -12.45 -32.16
C SER C 991 -34.63 -12.46 -33.57
N TYR C 992 -33.77 -12.78 -34.54
CA TYR C 992 -34.21 -12.92 -35.92
C TYR C 992 -35.19 -14.08 -36.04
N SER C 993 -36.19 -13.91 -36.88
CA SER C 993 -37.25 -14.89 -37.04
C SER C 993 -37.13 -15.53 -38.41
N TYR C 994 -37.39 -16.84 -38.48
CA TYR C 994 -37.46 -17.52 -39.77
C TYR C 994 -38.81 -17.37 -40.45
N GLY C 995 -39.75 -16.68 -39.79
CA GLY C 995 -40.97 -16.16 -40.38
C GLY C 995 -41.84 -17.09 -41.20
N TRP C 996 -42.26 -16.60 -42.35
CA TRP C 996 -43.12 -17.28 -43.32
C TRP C 996 -42.30 -18.00 -44.38
N SER C 997 -42.81 -18.10 -45.61
CA SER C 997 -42.70 -19.15 -46.64
C SER C 997 -41.47 -20.06 -46.73
N PHE C 998 -40.38 -19.73 -46.04
CA PHE C 998 -39.40 -20.75 -45.67
C PHE C 998 -40.04 -22.05 -45.17
N TYR C 999 -41.06 -21.92 -44.32
CA TYR C 999 -41.94 -23.03 -43.98
C TYR C 999 -42.61 -23.66 -45.20
N PHE C 1000 -42.93 -22.88 -46.24
CA PHE C 1000 -43.55 -23.49 -47.43
C PHE C 1000 -42.55 -24.38 -48.14
N GLY C 1001 -41.28 -23.99 -48.13
CA GLY C 1001 -40.24 -24.88 -48.63
C GLY C 1001 -40.13 -26.17 -47.82
N ALA C 1002 -40.25 -26.04 -46.50
CA ALA C 1002 -40.19 -27.23 -45.63
C ALA C 1002 -41.36 -28.18 -45.88
N LEU C 1003 -42.56 -27.62 -45.97
CA LEU C 1003 -43.75 -28.43 -46.23
C LEU C 1003 -43.68 -29.08 -47.60
N SER C 1004 -43.11 -28.35 -48.57
CA SER C 1004 -42.95 -28.90 -49.91
C SER C 1004 -42.00 -30.09 -49.92
N PHE C 1005 -40.96 -30.04 -49.08
CA PHE C 1005 -40.10 -31.21 -48.88
C PHE C 1005 -40.89 -32.43 -48.44
N ILE C 1006 -41.72 -32.25 -47.39
CA ILE C 1006 -42.46 -33.38 -46.85
C ILE C 1006 -43.44 -33.94 -47.88
N ILE C 1007 -44.12 -33.05 -48.60
CA ILE C 1007 -45.12 -33.44 -49.58
C ILE C 1007 -44.47 -34.19 -50.74
N ALA C 1008 -43.34 -33.68 -51.23
CA ALA C 1008 -42.65 -34.32 -52.35
C ALA C 1008 -42.14 -35.69 -51.96
N GLU C 1009 -41.75 -35.85 -50.70
CA GLU C 1009 -41.23 -37.15 -50.31
C GLU C 1009 -42.36 -38.18 -50.18
N MET C 1010 -43.52 -37.74 -49.68
CA MET C 1010 -44.69 -38.62 -49.64
C MET C 1010 -45.13 -39.02 -51.05
N VAL C 1011 -45.00 -38.10 -52.01
CA VAL C 1011 -45.29 -38.41 -53.40
C VAL C 1011 -44.35 -39.50 -53.92
N GLY C 1012 -43.06 -39.38 -53.61
CA GLY C 1012 -42.10 -40.36 -54.10
C GLY C 1012 -42.33 -41.75 -53.54
N VAL C 1013 -42.67 -41.84 -52.25
CA VAL C 1013 -42.87 -43.17 -51.68
C VAL C 1013 -44.15 -43.80 -52.24
N LEU C 1014 -45.16 -42.98 -52.54
CA LEU C 1014 -46.35 -43.55 -53.16
C LEU C 1014 -46.07 -43.99 -54.60
N ALA C 1015 -45.13 -43.33 -55.27
CA ALA C 1015 -44.72 -43.78 -56.61
C ALA C 1015 -44.09 -45.16 -56.56
N VAL C 1016 -43.27 -45.41 -55.53
CA VAL C 1016 -42.67 -46.74 -55.41
C VAL C 1016 -43.73 -47.80 -55.09
N HIS C 1017 -44.73 -47.42 -54.29
CA HIS C 1017 -45.89 -48.30 -54.07
C HIS C 1017 -46.55 -48.68 -55.39
N MET C 1018 -46.77 -47.68 -56.25
CA MET C 1018 -47.42 -47.94 -57.53
C MET C 1018 -46.58 -48.85 -58.41
N PHE C 1019 -45.24 -48.69 -58.37
CA PHE C 1019 -44.39 -49.59 -59.14
C PHE C 1019 -44.49 -51.02 -58.66
N ILE C 1020 -44.36 -51.23 -57.35
CA ILE C 1020 -44.24 -52.59 -56.88
C ILE C 1020 -45.58 -53.32 -56.98
N ASP C 1021 -46.69 -52.60 -56.79
CA ASP C 1021 -47.98 -53.23 -56.95
C ASP C 1021 -48.29 -53.48 -58.43
N ARG C 1022 -47.94 -52.53 -59.29
CA ARG C 1022 -48.20 -52.67 -60.72
C ARG C 1022 -47.34 -53.77 -61.33
N HIS C 1023 -46.13 -54.00 -60.81
CA HIS C 1023 -45.34 -55.12 -61.27
C HIS C 1023 -45.82 -56.44 -60.70
N LYS C 1024 -46.30 -56.44 -59.45
CA LYS C 1024 -46.83 -57.66 -58.85
C LYS C 1024 -48.11 -58.10 -59.55
N GLN C 1025 -48.83 -57.17 -60.18
CA GLN C 1025 -49.99 -57.52 -60.99
C GLN C 1025 -49.61 -58.42 -62.17
N LEU C 1026 -48.50 -58.12 -62.85
CA LEU C 1026 -48.04 -59.03 -63.91
C LEU C 1026 -47.02 -60.05 -63.39
N THR C 1027 -47.37 -60.67 -62.27
CA THR C 1027 -46.64 -61.83 -61.79
C THR C 1027 -47.49 -63.07 -61.67
N GLY C 1028 -48.78 -62.93 -61.45
CA GLY C 1028 -49.67 -64.07 -61.32
C GLY C 1028 -50.80 -63.85 -60.33
N GLY C 1029 -49.32 -67.27 -62.43
CA GLY C 1029 -50.77 -67.40 -62.46
C GLY C 1029 -51.23 -68.58 -61.59
N ASN D 1 6.77 94.80 12.45
CA ASN D 1 5.61 94.39 13.23
C ASN D 1 5.91 93.15 14.06
N SER D 2 6.56 93.35 15.20
CA SER D 2 6.84 92.25 16.11
C SER D 2 5.54 91.83 16.78
N ILE D 3 4.99 90.72 16.34
CA ILE D 3 3.66 90.27 16.77
C ILE D 3 3.81 89.28 17.92
N GLN D 4 3.02 89.50 18.97
CA GLN D 4 3.09 88.66 20.16
C GLN D 4 2.45 87.31 19.92
N ILE D 5 3.23 86.24 20.14
CA ILE D 5 2.74 84.86 20.10
C ILE D 5 3.15 84.19 21.39
N GLY D 6 2.69 82.95 21.55
CA GLY D 6 2.99 82.19 22.75
C GLY D 6 3.48 80.79 22.42
N GLY D 7 4.45 80.32 23.20
CA GLY D 7 5.08 79.04 22.94
C GLY D 7 5.10 78.16 24.17
N LEU D 8 4.62 76.93 24.01
CA LEU D 8 4.60 75.93 25.07
C LEU D 8 5.55 74.80 24.74
N PHE D 9 6.41 74.44 25.68
CA PHE D 9 7.42 73.44 25.43
C PHE D 9 7.66 72.59 26.67
N PRO D 10 7.77 71.28 26.51
CA PRO D 10 8.04 70.41 27.65
C PRO D 10 9.47 70.58 28.14
N ARG D 11 9.73 70.02 29.30
CA ARG D 11 11.06 70.08 29.89
C ARG D 11 11.81 68.82 29.47
N GLY D 12 12.44 68.90 28.31
CA GLY D 12 13.16 67.78 27.74
C GLY D 12 13.07 67.71 26.24
N ALA D 13 12.31 68.62 25.64
CA ALA D 13 12.18 68.69 24.18
C ALA D 13 13.21 69.65 23.58
N ASP D 14 14.47 69.41 23.92
CA ASP D 14 15.52 70.37 23.63
C ASP D 14 15.81 70.44 22.14
N GLN D 15 15.78 69.29 21.46
CA GLN D 15 16.01 69.26 20.03
C GLN D 15 14.94 70.02 19.29
N GLU D 16 13.70 69.89 19.74
CA GLU D 16 12.60 70.58 19.09
C GLU D 16 12.66 72.08 19.33
N TYR D 17 13.03 72.48 20.55
CA TYR D 17 13.11 73.91 20.82
C TYR D 17 14.27 74.55 20.07
N SER D 18 15.38 73.81 19.93
CA SER D 18 16.49 74.33 19.15
C SER D 18 16.15 74.40 17.67
N ALA D 19 15.37 73.43 17.16
CA ALA D 19 14.93 73.51 15.78
C ALA D 19 13.97 74.65 15.56
N PHE D 20 13.17 74.97 16.57
CA PHE D 20 12.32 76.16 16.50
C PHE D 20 13.17 77.43 16.44
N ARG D 21 14.23 77.50 17.24
CA ARG D 21 15.13 78.65 17.19
C ARG D 21 15.86 78.74 15.86
N VAL D 22 16.13 77.59 15.23
CA VAL D 22 16.73 77.58 13.89
C VAL D 22 15.75 78.16 12.88
N GLY D 23 14.54 77.62 12.84
CA GLY D 23 13.54 78.07 11.90
C GLY D 23 13.08 79.49 12.10
N MET D 24 13.27 80.03 13.32
CA MET D 24 12.96 81.41 13.62
C MET D 24 13.71 82.38 12.70
N VAL D 25 15.00 82.17 12.52
CA VAL D 25 15.80 83.04 11.67
C VAL D 25 16.21 82.34 10.38
N GLN D 26 15.74 81.11 10.14
CA GLN D 26 16.06 80.44 8.90
C GLN D 26 15.42 81.13 7.70
N PHE D 27 14.26 81.75 7.92
CA PHE D 27 13.62 82.59 6.92
C PHE D 27 12.61 83.48 7.62
N SER D 28 12.86 84.79 7.61
CA SER D 28 12.02 85.83 8.21
C SER D 28 12.57 87.19 7.84
N THR D 29 11.91 88.24 8.35
CA THR D 29 12.43 89.60 8.42
C THR D 29 12.71 90.20 7.03
N SER D 30 11.63 90.31 6.27
CA SER D 30 11.47 91.35 5.26
C SER D 30 10.29 92.22 5.63
N GLU D 31 9.79 92.05 6.84
CA GLU D 31 8.44 92.39 7.24
C GLU D 31 8.31 92.23 8.75
N PHE D 32 7.08 92.02 9.19
CA PHE D 32 6.73 91.61 10.56
C PHE D 32 7.69 90.60 11.17
N ARG D 33 7.94 90.77 12.45
CA ARG D 33 8.70 89.81 13.23
C ARG D 33 7.74 89.12 14.21
N LEU D 34 8.29 88.22 15.01
CA LEU D 34 7.53 87.47 15.97
C LEU D 34 8.05 87.75 17.37
N THR D 35 7.16 87.65 18.35
CA THR D 35 7.51 87.84 19.76
C THR D 35 7.21 86.53 20.48
N PRO D 36 8.14 85.56 20.44
CA PRO D 36 7.89 84.28 21.11
C PRO D 36 8.16 84.41 22.60
N HIS D 37 7.12 84.33 23.41
CA HIS D 37 7.28 84.12 24.83
C HIS D 37 7.18 82.62 25.11
N ILE D 38 8.27 82.06 25.62
CA ILE D 38 8.43 80.62 25.73
C ILE D 38 8.11 80.20 27.16
N ASP D 39 7.41 79.08 27.30
CA ASP D 39 7.07 78.53 28.60
C ASP D 39 7.56 77.09 28.67
N ASN D 40 8.76 76.89 29.21
CA ASN D 40 9.36 75.56 29.33
C ASN D 40 8.73 74.86 30.54
N LEU D 41 7.50 74.41 30.36
CA LEU D 41 6.71 73.89 31.46
C LEU D 41 6.20 72.50 31.10
N GLU D 42 5.58 71.84 32.05
CA GLU D 42 5.20 70.44 31.88
C GLU D 42 3.96 70.31 31.00
N VAL D 43 3.58 69.06 30.75
CA VAL D 43 2.42 68.77 29.90
C VAL D 43 1.45 67.79 30.53
N ALA D 44 1.82 67.08 31.59
CA ALA D 44 0.88 66.16 32.22
C ALA D 44 -0.13 66.90 33.08
N ASN D 45 0.32 67.91 33.82
CA ASN D 45 -0.57 68.64 34.72
C ASN D 45 -1.38 69.63 33.91
N SER D 46 -2.66 69.34 33.77
CA SER D 46 -3.55 70.25 33.05
C SER D 46 -3.77 71.53 33.82
N PHE D 47 -3.61 71.50 35.15
CA PHE D 47 -3.60 72.75 35.91
C PHE D 47 -2.42 73.61 35.50
N ALA D 48 -1.26 73.00 35.26
CA ALA D 48 -0.11 73.75 34.80
C ALA D 48 -0.36 74.28 33.39
N VAL D 49 -0.99 73.48 32.55
CA VAL D 49 -1.34 73.92 31.21
C VAL D 49 -2.31 75.09 31.26
N THR D 50 -3.25 75.03 32.21
CA THR D 50 -4.22 76.09 32.39
C THR D 50 -3.57 77.37 32.86
N ASN D 51 -2.62 77.24 33.80
CA ASN D 51 -1.91 78.40 34.32
C ASN D 51 -1.10 79.08 33.21
N ALA D 52 -0.40 78.28 32.41
CA ALA D 52 0.39 78.84 31.31
C ALA D 52 -0.50 79.45 30.24
N PHE D 53 -1.66 78.84 30.02
CA PHE D 53 -2.57 79.32 29.00
C PHE D 53 -3.19 80.65 29.40
N CYS D 54 -3.61 80.77 30.66
CA CYS D 54 -4.15 82.04 31.12
C CYS D 54 -3.06 83.09 31.26
N SER D 55 -1.81 82.68 31.48
CA SER D 55 -0.70 83.64 31.48
C SER D 55 -0.50 84.22 30.10
N GLN D 56 -0.46 83.37 29.07
CA GLN D 56 -0.30 83.89 27.71
C GLN D 56 -1.55 84.60 27.21
N PHE D 57 -2.71 84.31 27.78
CA PHE D 57 -3.87 85.09 27.41
C PHE D 57 -3.90 86.44 28.11
N SER D 58 -3.38 86.52 29.34
CA SER D 58 -3.21 87.82 29.99
C SER D 58 -2.18 88.65 29.24
N ARG D 59 -1.18 88.00 28.66
CA ARG D 59 -0.32 88.63 27.68
C ARG D 59 -1.14 89.13 26.49
N GLY D 60 -2.08 88.31 26.02
CA GLY D 60 -2.97 88.75 24.97
C GLY D 60 -2.37 88.57 23.60
N VAL D 61 -1.68 87.44 23.40
CA VAL D 61 -1.03 87.13 22.14
C VAL D 61 -2.06 86.76 21.09
N TYR D 62 -1.64 86.69 19.83
CA TYR D 62 -2.58 86.41 18.76
C TYR D 62 -2.63 84.95 18.35
N ALA D 63 -1.59 84.19 18.66
CA ALA D 63 -1.58 82.77 18.34
C ALA D 63 -0.62 82.07 19.29
N ILE D 64 -0.95 80.82 19.64
CA ILE D 64 -0.16 80.04 20.58
C ILE D 64 0.22 78.73 19.90
N PHE D 65 1.49 78.38 20.00
CA PHE D 65 2.02 77.14 19.44
C PHE D 65 2.61 76.30 20.56
N GLY D 66 2.51 74.99 20.43
CA GLY D 66 3.13 74.11 21.41
C GLY D 66 2.70 72.68 21.20
N PHE D 67 2.96 71.86 22.22
CA PHE D 67 2.58 70.45 22.20
C PHE D 67 1.35 70.27 23.07
N TYR D 68 0.92 69.00 23.16
CA TYR D 68 -0.04 68.61 24.18
C TYR D 68 0.07 67.11 24.39
N ASP D 69 -0.40 66.69 25.55
CA ASP D 69 -0.48 65.29 25.93
C ASP D 69 -1.95 64.87 25.89
N LYS D 70 -2.17 63.56 25.93
CA LYS D 70 -3.51 63.01 25.91
C LYS D 70 -4.32 63.36 27.14
N LYS D 71 -3.68 63.74 28.24
CA LYS D 71 -4.40 64.20 29.42
C LYS D 71 -4.68 65.68 29.38
N SER D 72 -4.45 66.33 28.25
CA SER D 72 -4.60 67.77 28.13
C SER D 72 -5.37 68.18 26.90
N VAL D 73 -5.65 67.25 26.00
CA VAL D 73 -6.22 67.58 24.71
C VAL D 73 -7.62 68.15 24.88
N ASN D 74 -8.37 67.63 25.85
CA ASN D 74 -9.69 68.13 26.14
C ASN D 74 -9.63 69.54 26.67
N THR D 75 -8.61 69.83 27.49
CA THR D 75 -8.44 71.16 28.04
C THR D 75 -8.12 72.16 26.93
N ILE D 76 -7.23 71.77 26.02
CA ILE D 76 -6.83 72.66 24.94
C ILE D 76 -7.99 72.93 24.00
N THR D 77 -8.73 71.89 23.63
CA THR D 77 -9.88 72.07 22.77
C THR D 77 -10.97 72.88 23.46
N SER D 78 -11.17 72.67 24.77
CA SER D 78 -12.23 73.34 25.50
C SER D 78 -11.94 74.82 25.65
N PHE D 79 -10.67 75.18 25.84
CA PHE D 79 -10.38 76.60 25.91
C PHE D 79 -10.32 77.25 24.54
N CYS D 80 -9.85 76.52 23.52
CA CYS D 80 -9.68 77.15 22.22
C CYS D 80 -11.00 77.32 21.49
N GLY D 81 -11.88 76.32 21.57
CA GLY D 81 -13.20 76.46 20.99
C GLY D 81 -14.03 77.51 21.68
N THR D 82 -13.75 77.77 22.96
CA THR D 82 -14.38 78.89 23.63
C THR D 82 -13.81 80.21 23.15
N LEU D 83 -12.53 80.43 23.38
CA LEU D 83 -11.97 81.76 23.25
C LEU D 83 -11.51 82.08 21.85
N HIS D 84 -11.80 81.21 20.87
CA HIS D 84 -11.56 81.44 19.44
C HIS D 84 -10.10 81.67 19.11
N VAL D 85 -9.20 81.22 19.97
CA VAL D 85 -7.78 81.42 19.77
C VAL D 85 -7.26 80.22 18.98
N SER D 86 -6.69 80.50 17.82
CA SER D 86 -6.16 79.43 16.97
C SER D 86 -4.94 78.81 17.61
N PHE D 87 -4.90 77.49 17.61
CA PHE D 87 -3.82 76.75 18.24
C PHE D 87 -3.23 75.77 17.24
N ILE D 88 -1.91 75.71 17.19
CA ILE D 88 -1.20 74.90 16.21
C ILE D 88 -0.30 73.95 16.98
N THR D 89 -0.20 72.71 16.54
CA THR D 89 0.53 71.70 17.28
C THR D 89 1.09 70.65 16.33
N PRO D 90 2.20 70.00 16.71
CA PRO D 90 2.71 68.84 15.97
C PRO D 90 2.31 67.50 16.54
N SER D 91 1.48 67.45 17.58
CA SER D 91 1.32 66.23 18.37
C SER D 91 0.41 65.24 17.64
N PHE D 92 -0.05 64.21 18.35
CA PHE D 92 -0.93 63.21 17.75
C PHE D 92 -2.26 63.85 17.36
N PRO D 93 -2.89 63.38 16.28
CA PRO D 93 -4.10 64.05 15.78
C PRO D 93 -5.26 63.90 16.74
N THR D 94 -6.17 64.87 16.69
CA THR D 94 -7.36 64.79 17.52
C THR D 94 -8.33 63.79 16.93
N ASP D 95 -9.26 63.36 17.76
CA ASP D 95 -10.25 62.40 17.30
C ASP D 95 -11.43 63.11 16.65
N GLY D 96 -12.04 64.04 17.38
CA GLY D 96 -13.14 64.80 16.85
C GLY D 96 -12.67 66.04 16.12
N THR D 97 -13.45 66.45 15.14
CA THR D 97 -13.16 67.67 14.40
C THR D 97 -13.40 68.85 15.31
N HIS D 98 -12.35 69.47 15.76
CA HIS D 98 -12.59 70.60 16.61
C HIS D 98 -12.17 71.88 15.90
N PRO D 99 -12.82 72.99 16.19
CA PRO D 99 -12.41 74.27 15.59
C PRO D 99 -11.17 74.81 16.26
N PHE D 100 -10.51 75.73 15.55
CA PHE D 100 -9.37 76.53 16.02
C PHE D 100 -8.17 75.67 16.39
N VAL D 101 -8.03 74.49 15.79
CA VAL D 101 -6.88 73.63 16.02
C VAL D 101 -6.30 73.23 14.68
N ILE D 102 -5.05 73.59 14.44
CA ILE D 102 -4.31 73.17 13.26
C ILE D 102 -3.28 72.16 13.72
N GLN D 103 -3.29 70.97 13.12
CA GLN D 103 -2.43 69.91 13.61
C GLN D 103 -1.52 69.39 12.51
N MET D 104 -0.22 69.30 12.84
CA MET D 104 0.85 69.09 11.89
C MET D 104 1.17 67.64 11.63
N ARG D 105 0.62 66.76 12.35
CA ARG D 105 1.02 65.39 12.10
C ARG D 105 0.04 64.75 11.13
N PRO D 106 0.50 64.08 10.10
CA PRO D 106 -0.45 63.40 9.21
C PRO D 106 -1.04 62.16 9.86
N ASP D 107 -2.01 61.55 9.19
CA ASP D 107 -2.56 60.31 9.69
C ASP D 107 -1.56 59.18 9.45
N LEU D 108 -1.70 58.14 10.25
CA LEU D 108 -0.96 56.90 10.10
C LEU D 108 -1.84 55.71 9.79
N LYS D 109 -3.14 55.78 10.10
CA LYS D 109 -3.94 54.58 10.24
C LYS D 109 -4.26 53.94 8.89
N GLY D 110 -4.62 54.75 7.91
CA GLY D 110 -4.91 54.20 6.59
C GLY D 110 -3.67 53.63 5.92
N ALA D 111 -2.52 54.29 6.13
CA ALA D 111 -1.25 53.74 5.68
C ALA D 111 -0.98 52.39 6.31
N LEU D 112 -1.26 52.27 7.61
CA LEU D 112 -0.92 51.03 8.31
C LEU D 112 -1.84 49.90 7.87
N LEU D 113 -3.10 50.22 7.63
CA LEU D 113 -4.02 49.23 7.06
C LEU D 113 -3.57 48.80 5.68
N SER D 114 -3.11 49.75 4.87
CA SER D 114 -2.59 49.45 3.55
C SER D 114 -1.40 48.51 3.62
N LEU D 115 -0.51 48.75 4.57
CA LEU D 115 0.68 47.93 4.72
C LEU D 115 0.32 46.51 5.14
N ILE D 116 -0.62 46.39 6.07
CA ILE D 116 -1.02 45.06 6.53
C ILE D 116 -1.67 44.29 5.40
N GLU D 117 -2.50 44.97 4.60
CA GLU D 117 -3.11 44.29 3.47
C GLU D 117 -2.08 43.90 2.42
N TYR D 118 -1.01 44.69 2.29
CA TYR D 118 0.02 44.36 1.31
C TYR D 118 0.79 43.12 1.73
N TYR D 119 1.23 43.08 2.98
CA TYR D 119 1.95 41.89 3.44
C TYR D 119 1.05 40.68 3.60
N GLN D 120 -0.27 40.89 3.68
CA GLN D 120 -1.28 39.83 3.68
C GLN D 120 -1.09 38.90 4.88
N TRP D 121 -1.30 39.47 6.05
CA TRP D 121 -1.33 38.66 7.25
C TRP D 121 -2.74 38.23 7.58
N ASP D 122 -2.85 37.35 8.58
CA ASP D 122 -4.15 36.92 9.07
C ASP D 122 -4.21 36.91 10.58
N LYS D 123 -3.05 36.74 11.21
CA LYS D 123 -2.96 36.53 12.65
C LYS D 123 -1.68 37.17 13.15
N PHE D 124 -1.79 37.98 14.19
CA PHE D 124 -0.63 38.67 14.73
C PHE D 124 -0.94 39.18 16.12
N ALA D 125 0.05 39.83 16.71
CA ALA D 125 -0.11 40.50 17.99
C ALA D 125 0.15 41.99 17.83
N TYR D 126 -0.29 42.75 18.82
CA TYR D 126 -0.30 44.20 18.71
C TYR D 126 0.03 44.79 20.07
N LEU D 127 1.30 45.09 20.28
CA LEU D 127 1.72 45.75 21.50
C LEU D 127 1.48 47.25 21.38
N TYR D 128 0.75 47.82 22.32
CA TYR D 128 0.45 49.24 22.26
C TYR D 128 0.88 49.93 23.54
N ASP D 129 1.00 51.25 23.45
CA ASP D 129 1.26 52.10 24.60
C ASP D 129 0.02 52.93 24.85
N SER D 130 -0.44 52.93 26.10
CA SER D 130 -1.66 53.63 26.47
C SER D 130 -1.48 55.14 26.36
N ASP D 131 -0.30 55.64 26.73
CA ASP D 131 -0.11 57.06 26.89
C ASP D 131 -0.03 57.82 25.58
N ARG D 132 -0.04 57.13 24.45
CA ARG D 132 -0.21 57.81 23.17
C ARG D 132 -1.64 57.78 22.68
N GLY D 133 -2.57 57.28 23.49
CA GLY D 133 -3.94 57.14 23.06
C GLY D 133 -4.19 55.79 22.43
N LEU D 134 -5.42 55.59 21.98
CA LEU D 134 -5.87 54.28 21.50
C LEU D 134 -6.64 54.38 20.20
N SER D 135 -6.48 55.48 19.46
CA SER D 135 -7.25 55.68 18.24
C SER D 135 -6.89 54.64 17.19
N THR D 136 -5.59 54.33 17.08
CA THR D 136 -5.16 53.31 16.15
C THR D 136 -5.64 51.93 16.58
N LEU D 137 -5.74 51.71 17.88
CA LEU D 137 -6.26 50.44 18.37
C LEU D 137 -7.72 50.26 17.99
N GLN D 138 -8.51 51.30 18.20
CA GLN D 138 -9.92 51.28 17.78
C GLN D 138 -10.02 51.10 16.28
N ALA D 139 -9.10 51.70 15.52
CA ALA D 139 -9.14 51.58 14.08
C ALA D 139 -8.79 50.19 13.60
N VAL D 140 -7.80 49.55 14.23
CA VAL D 140 -7.38 48.25 13.71
C VAL D 140 -8.40 47.19 14.07
N LEU D 141 -9.15 47.37 15.16
CA LEU D 141 -10.04 46.29 15.55
C LEU D 141 -11.24 46.16 14.61
N ASP D 142 -11.74 47.27 14.08
CA ASP D 142 -12.90 47.22 13.19
C ASP D 142 -12.56 46.47 11.91
N SER D 143 -11.48 46.90 11.26
CA SER D 143 -11.01 46.24 10.06
C SER D 143 -10.53 44.83 10.35
N ALA D 144 -10.12 44.54 11.58
CA ALA D 144 -9.80 43.18 11.94
C ALA D 144 -11.04 42.31 11.95
N ALA D 145 -12.14 42.87 12.45
CA ALA D 145 -13.40 42.14 12.44
C ALA D 145 -13.89 41.91 11.02
N GLU D 146 -13.77 42.93 10.18
CA GLU D 146 -14.28 42.79 8.82
C GLU D 146 -13.41 41.87 7.99
N LYS D 147 -12.09 42.03 8.09
CA LYS D 147 -11.14 41.29 7.29
C LYS D 147 -10.72 39.99 7.93
N LYS D 148 -11.51 39.46 8.87
CA LYS D 148 -11.33 38.17 9.58
C LYS D 148 -9.90 37.97 10.13
N TRP D 149 -9.36 39.03 10.71
CA TRP D 149 -8.07 38.91 11.34
C TRP D 149 -8.22 38.34 12.75
N GLN D 150 -7.11 37.91 13.33
CA GLN D 150 -7.07 37.41 14.70
C GLN D 150 -6.04 38.24 15.45
N VAL D 151 -6.49 39.14 16.28
CA VAL D 151 -5.62 40.11 16.91
C VAL D 151 -5.48 39.79 18.39
N THR D 152 -4.25 39.75 18.86
CA THR D 152 -3.96 39.62 20.27
C THR D 152 -3.30 40.93 20.73
N ALA D 153 -4.12 41.88 21.14
CA ALA D 153 -3.60 43.14 21.63
C ALA D 153 -3.18 42.99 23.08
N ILE D 154 -2.12 43.70 23.45
CA ILE D 154 -1.57 43.64 24.81
C ILE D 154 -1.09 45.03 25.20
N ASN D 155 -1.55 45.53 26.34
CA ASN D 155 -0.98 46.76 26.88
C ASN D 155 0.38 46.47 27.48
N VAL D 156 1.29 47.42 27.31
CA VAL D 156 2.65 47.21 27.81
C VAL D 156 3.09 48.46 28.55
N GLY D 157 2.35 49.55 28.37
CA GLY D 157 2.88 50.87 28.71
C GLY D 157 3.02 51.15 30.19
N ASN D 158 2.19 50.53 31.01
CA ASN D 158 2.16 50.86 32.42
C ASN D 158 3.17 50.08 33.25
N ILE D 159 4.16 49.48 32.62
CA ILE D 159 5.14 48.69 33.35
C ILE D 159 6.24 49.61 33.88
N ASN D 160 6.51 49.50 35.18
CA ASN D 160 7.51 50.31 35.85
C ASN D 160 8.92 49.90 35.38
N ASN D 161 9.92 50.65 35.86
CA ASN D 161 11.29 50.41 35.42
C ASN D 161 11.93 49.26 36.18
N ASP D 162 11.54 49.05 37.43
CA ASP D 162 12.28 48.15 38.29
C ASP D 162 12.00 46.68 38.03
N LYS D 163 10.99 46.38 37.21
CA LYS D 163 10.66 45.00 36.86
C LYS D 163 10.78 44.81 35.34
N LYS D 164 11.28 45.85 34.66
CA LYS D 164 11.36 45.99 33.22
C LYS D 164 12.59 45.25 32.69
N ASP D 165 12.75 44.02 33.14
CA ASP D 165 13.62 43.07 32.48
C ASP D 165 13.01 41.68 32.49
N GLU D 166 12.08 41.42 33.40
CA GLU D 166 11.42 40.14 33.51
C GLU D 166 9.97 40.19 33.07
N THR D 167 9.35 41.38 33.13
CA THR D 167 8.02 41.55 32.55
C THR D 167 8.00 41.19 31.07
N TYR D 168 9.00 41.68 30.33
CA TYR D 168 9.05 41.42 28.90
C TYR D 168 9.33 39.96 28.61
N ARG D 169 10.13 39.31 29.44
CA ARG D 169 10.39 37.89 29.25
C ARG D 169 9.13 37.08 29.45
N SER D 170 8.38 37.40 30.50
CA SER D 170 7.09 36.73 30.73
C SER D 170 6.13 36.99 29.57
N LEU D 171 6.17 38.21 29.03
CA LEU D 171 5.28 38.58 27.93
C LEU D 171 5.57 37.77 26.67
N PHE D 172 6.84 37.76 26.25
CA PHE D 172 7.16 37.03 25.03
C PHE D 172 7.08 35.54 25.22
N GLN D 173 7.27 35.05 26.44
CA GLN D 173 7.08 33.62 26.64
C GLN D 173 5.60 33.26 26.61
N ASP D 174 4.74 34.20 26.98
CA ASP D 174 3.32 33.97 26.74
C ASP D 174 2.99 34.06 25.27
N LEU D 175 3.73 34.88 24.52
CA LEU D 175 3.54 34.91 23.08
C LEU D 175 4.02 33.62 22.43
N GLU D 176 4.95 32.92 23.07
CA GLU D 176 5.41 31.63 22.57
C GLU D 176 4.36 30.54 22.69
N LEU D 177 3.30 30.77 23.45
CA LEU D 177 2.26 29.76 23.60
C LEU D 177 1.52 29.54 22.29
N LYS D 178 1.06 30.61 21.66
CA LYS D 178 0.49 30.47 20.34
C LYS D 178 1.54 30.43 19.25
N LYS D 179 2.81 30.58 19.60
CA LYS D 179 3.95 30.65 18.68
C LYS D 179 3.75 31.80 17.69
N GLU D 180 3.78 33.00 18.26
CA GLU D 180 3.60 34.21 17.48
C GLU D 180 4.77 34.44 16.54
N ARG D 181 4.45 34.97 15.38
CA ARG D 181 5.47 35.28 14.40
C ARG D 181 5.42 36.71 13.91
N ARG D 182 4.39 37.48 14.25
CA ARG D 182 4.16 38.75 13.61
C ARG D 182 3.74 39.77 14.66
N VAL D 183 4.56 40.80 14.83
CA VAL D 183 4.37 41.79 15.88
C VAL D 183 4.25 43.15 15.23
N ILE D 184 3.32 43.95 15.73
CA ILE D 184 3.28 45.36 15.42
C ILE D 184 3.57 46.12 16.70
N LEU D 185 4.58 46.96 16.66
CA LEU D 185 4.85 47.82 17.79
C LEU D 185 4.22 49.18 17.54
N ASP D 186 3.83 49.84 18.62
CA ASP D 186 3.28 51.19 18.53
C ASP D 186 3.67 51.89 19.82
N CYS D 187 4.79 52.61 19.77
CA CYS D 187 5.33 53.22 20.98
C CYS D 187 6.05 54.51 20.61
N GLU D 188 6.47 55.22 21.65
CA GLU D 188 7.49 56.23 21.52
C GLU D 188 8.84 55.58 21.28
N ARG D 189 9.79 56.37 20.78
CA ARG D 189 11.11 55.88 20.43
C ARG D 189 11.86 55.31 21.63
N ASP D 190 11.61 55.85 22.82
CA ASP D 190 12.26 55.34 24.02
C ASP D 190 11.79 53.92 24.34
N LYS D 191 10.48 53.70 24.26
CA LYS D 191 9.96 52.36 24.47
C LYS D 191 10.39 51.41 23.37
N VAL D 192 10.57 51.94 22.15
CA VAL D 192 11.06 51.12 21.06
C VAL D 192 12.49 50.66 21.33
N ASN D 193 13.35 51.60 21.72
CA ASN D 193 14.74 51.25 22.00
C ASN D 193 14.86 50.38 23.25
N ASP D 194 13.88 50.39 24.14
CA ASP D 194 13.93 49.43 25.23
C ASP D 194 13.50 48.04 24.76
N ILE D 195 12.41 47.97 23.99
CA ILE D 195 11.85 46.67 23.67
C ILE D 195 12.73 45.93 22.67
N VAL D 196 13.41 46.67 21.79
CA VAL D 196 14.29 46.02 20.82
C VAL D 196 15.48 45.41 21.55
N ASP D 197 15.98 46.11 22.56
CA ASP D 197 17.10 45.59 23.35
C ASP D 197 16.68 44.34 24.12
N GLN D 198 15.46 44.32 24.64
CA GLN D 198 15.05 43.11 25.35
C GLN D 198 14.80 41.95 24.40
N VAL D 199 14.31 42.24 23.20
CA VAL D 199 14.13 41.19 22.19
C VAL D 199 15.47 40.62 21.78
N ILE D 200 16.45 41.50 21.55
CA ILE D 200 17.76 41.04 21.10
C ILE D 200 18.49 40.33 22.22
N THR D 201 18.14 40.60 23.48
CA THR D 201 18.72 39.83 24.57
C THR D 201 18.12 38.44 24.63
N ILE D 202 16.79 38.34 24.55
CA ILE D 202 16.20 37.00 24.63
C ILE D 202 16.27 36.24 23.34
N GLY D 203 16.84 36.82 22.29
CA GLY D 203 17.12 36.07 21.09
C GLY D 203 15.86 35.79 20.28
N LYS D 204 15.24 36.85 19.80
CA LYS D 204 14.04 36.72 18.98
C LYS D 204 14.14 37.63 17.78
N HIS D 205 15.26 37.57 17.08
CA HIS D 205 15.47 38.38 15.90
C HIS D 205 16.13 37.57 14.81
N VAL D 206 15.92 36.26 14.84
CA VAL D 206 16.39 35.33 13.84
C VAL D 206 15.52 35.44 12.60
N LYS D 207 15.91 34.75 11.53
CA LYS D 207 14.99 34.53 10.43
C LYS D 207 13.74 33.79 10.88
N GLY D 208 12.59 34.32 10.50
CA GLY D 208 11.31 33.72 10.84
C GLY D 208 10.35 34.72 11.43
N TYR D 209 10.88 35.63 12.24
CA TYR D 209 10.05 36.66 12.83
C TYR D 209 9.90 37.82 11.86
N HIS D 210 9.05 38.79 12.24
CA HIS D 210 8.77 39.92 11.38
C HIS D 210 8.19 41.03 12.23
N TYR D 211 8.54 42.26 11.90
CA TYR D 211 8.25 43.38 12.79
C TYR D 211 7.86 44.61 11.99
N ILE D 212 6.97 45.41 12.58
CA ILE D 212 6.49 46.65 11.97
C ILE D 212 6.47 47.73 13.04
N ILE D 213 7.23 48.79 12.82
CA ILE D 213 7.22 49.94 13.72
C ILE D 213 6.20 50.94 13.24
N ALA D 214 5.29 51.34 14.11
CA ALA D 214 4.28 52.32 13.78
C ALA D 214 4.72 53.68 14.31
N ASN D 215 5.69 54.28 13.63
CA ASN D 215 6.09 55.64 13.96
C ASN D 215 6.36 56.37 12.66
N LEU D 216 6.88 57.58 12.79
CA LEU D 216 7.25 58.38 11.65
C LEU D 216 8.74 58.48 11.46
N GLY D 217 9.50 58.48 12.55
CA GLY D 217 10.95 58.41 12.50
C GLY D 217 11.45 56.99 12.57
N PHE D 218 11.27 56.25 11.47
CA PHE D 218 11.66 54.84 11.42
C PHE D 218 13.15 54.66 11.65
N THR D 219 13.97 55.42 10.94
CA THR D 219 15.40 55.38 11.19
C THR D 219 15.83 56.32 12.29
N ASP D 220 14.90 57.06 12.90
CA ASP D 220 15.28 57.96 13.98
C ASP D 220 15.68 57.19 15.22
N GLY D 221 15.22 55.95 15.36
CA GLY D 221 15.66 55.06 16.40
C GLY D 221 16.86 54.25 16.00
N ASP D 222 17.27 53.36 16.90
CA ASP D 222 18.45 52.52 16.69
C ASP D 222 18.08 51.33 15.83
N LEU D 223 18.88 51.07 14.81
CA LEU D 223 18.65 49.89 14.00
C LEU D 223 19.91 49.08 13.72
N LEU D 224 21.07 49.50 14.21
CA LEU D 224 22.27 48.69 14.06
C LEU D 224 22.23 47.43 14.89
N LYS D 225 21.34 47.35 15.86
CA LYS D 225 21.23 46.15 16.69
C LYS D 225 20.71 44.99 15.87
N ILE D 226 19.51 45.12 15.31
CA ILE D 226 18.87 44.01 14.64
C ILE D 226 19.06 44.07 13.13
N GLN D 227 20.04 44.83 12.66
CA GLN D 227 20.24 44.95 11.22
C GLN D 227 20.68 43.63 10.62
N PHE D 228 21.62 42.96 11.26
CA PHE D 228 22.22 41.75 10.72
C PHE D 228 21.50 40.50 11.17
N GLY D 229 20.29 40.65 11.68
CA GLY D 229 19.66 39.55 12.39
C GLY D 229 19.21 38.39 11.53
N GLY D 230 18.22 38.62 10.68
CA GLY D 230 17.53 37.54 10.02
C GLY D 230 16.05 37.85 10.00
N ALA D 231 15.60 38.56 11.02
CA ALA D 231 14.25 39.08 11.02
C ALA D 231 14.14 40.24 10.03
N GLU D 232 12.91 40.62 9.74
CA GLU D 232 12.64 41.65 8.75
C GLU D 232 11.80 42.74 9.36
N VAL D 233 12.27 43.97 9.23
CA VAL D 233 11.68 45.13 9.91
C VAL D 233 11.30 46.16 8.85
N SER D 234 10.09 46.66 8.94
CA SER D 234 9.61 47.70 8.04
C SER D 234 8.96 48.81 8.86
N GLY D 235 8.97 50.01 8.30
CA GLY D 235 8.32 51.12 8.96
C GLY D 235 7.93 52.22 8.00
N PHE D 236 7.96 53.45 8.51
CA PHE D 236 7.42 54.59 7.79
C PHE D 236 8.27 55.82 8.00
N GLN D 237 8.44 56.61 6.94
CA GLN D 237 9.12 57.87 7.02
C GLN D 237 8.33 58.95 6.30
N ILE D 238 8.38 60.15 6.87
CA ILE D 238 7.85 61.34 6.25
C ILE D 238 8.94 62.34 5.90
N VAL D 239 10.17 62.07 6.31
CA VAL D 239 11.31 62.94 6.04
C VAL D 239 12.26 62.12 5.17
N ASP D 240 12.26 62.39 3.87
CA ASP D 240 13.06 61.63 2.93
C ASP D 240 14.37 62.38 2.66
N TYR D 241 15.49 61.72 2.95
CA TYR D 241 16.78 62.37 2.94
C TYR D 241 17.33 62.65 1.53
N ASP D 242 16.65 62.18 0.49
CA ASP D 242 17.20 62.32 -0.85
C ASP D 242 16.94 63.69 -1.47
N ASP D 243 16.04 64.49 -0.91
CA ASP D 243 15.62 65.68 -1.63
C ASP D 243 16.58 66.83 -1.41
N SER D 244 16.41 67.85 -2.25
CA SER D 244 17.37 68.95 -2.34
C SER D 244 17.32 69.84 -1.10
N LEU D 245 16.14 70.38 -0.81
CA LEU D 245 15.97 71.21 0.38
C LEU D 245 16.22 70.42 1.64
N VAL D 246 15.89 69.12 1.61
CA VAL D 246 16.16 68.24 2.74
C VAL D 246 17.65 68.16 3.01
N SER D 247 18.43 67.83 1.98
CA SER D 247 19.88 67.70 2.15
C SER D 247 20.54 69.04 2.45
N LYS D 248 19.96 70.13 1.94
CA LYS D 248 20.43 71.46 2.30
C LYS D 248 20.26 71.71 3.79
N PHE D 249 19.10 71.33 4.33
CA PHE D 249 18.89 71.46 5.76
C PHE D 249 19.76 70.49 6.54
N ILE D 250 20.08 69.34 5.95
CA ILE D 250 20.97 68.37 6.59
C ILE D 250 22.37 68.95 6.76
N GLU D 251 22.88 69.57 5.71
CA GLU D 251 24.21 70.17 5.77
C GLU D 251 24.21 71.36 6.72
N ARG D 252 23.19 72.22 6.62
CA ARG D 252 23.05 73.37 7.51
C ARG D 252 22.92 72.93 8.97
N TRP D 253 22.27 71.79 9.21
CA TRP D 253 22.06 71.29 10.55
C TRP D 253 23.33 70.67 11.12
N SER D 254 24.02 69.87 10.31
CA SER D 254 25.22 69.19 10.76
C SER D 254 26.33 70.19 11.05
N THR D 255 26.40 71.28 10.28
CA THR D 255 27.48 72.24 10.51
C THR D 255 27.31 73.06 11.78
N LEU D 256 26.15 73.02 12.43
CA LEU D 256 25.95 73.88 13.59
C LEU D 256 26.68 73.32 14.81
N GLU D 257 26.83 74.19 15.81
CA GLU D 257 27.54 73.85 17.03
C GLU D 257 26.58 73.19 18.02
N GLU D 258 27.05 72.09 18.64
CA GLU D 258 26.25 71.37 19.62
C GLU D 258 26.01 72.21 20.87
N LYS D 259 27.00 73.03 21.25
CA LYS D 259 26.90 73.81 22.47
C LYS D 259 25.84 74.89 22.37
N GLU D 260 25.69 75.49 21.19
CA GLU D 260 24.69 76.52 21.01
C GLU D 260 23.30 75.92 20.89
N TYR D 261 23.17 74.84 20.13
CA TYR D 261 21.89 74.16 19.95
C TYR D 261 22.11 72.71 20.32
N PRO D 262 21.58 72.25 21.45
CA PRO D 262 21.81 70.86 21.87
C PRO D 262 21.10 69.86 20.97
N GLY D 263 21.77 68.74 20.73
CA GLY D 263 21.24 67.73 19.84
C GLY D 263 21.14 68.15 18.39
N ALA D 264 21.96 69.13 17.98
CA ALA D 264 21.90 69.61 16.61
C ALA D 264 23.10 69.21 15.77
N HIS D 265 24.21 68.80 16.38
CA HIS D 265 25.43 68.53 15.63
C HIS D 265 25.50 67.06 15.25
N THR D 266 24.42 66.59 14.60
CA THR D 266 24.32 65.21 14.16
C THR D 266 24.03 65.13 12.68
N ALA D 267 23.71 63.93 12.18
CA ALA D 267 23.43 63.71 10.77
C ALA D 267 21.94 63.69 10.49
N THR D 268 21.18 62.88 11.23
CA THR D 268 19.74 62.79 11.06
C THR D 268 19.04 63.67 12.10
N ILE D 269 17.71 63.73 12.02
CA ILE D 269 16.93 64.64 12.86
C ILE D 269 15.59 63.98 13.15
N LYS D 270 14.95 64.43 14.22
CA LYS D 270 13.62 63.93 14.56
C LYS D 270 12.54 64.57 13.70
N TYR D 271 11.55 63.75 13.37
CA TYR D 271 10.42 64.20 12.58
C TYR D 271 9.62 65.27 13.32
N THR D 272 9.60 65.20 14.65
CA THR D 272 8.93 66.22 15.45
C THR D 272 9.58 67.58 15.24
N SER D 273 10.90 67.61 15.28
CA SER D 273 11.62 68.86 15.03
C SER D 273 11.42 69.33 13.59
N ALA D 274 11.30 68.37 12.67
CA ALA D 274 11.03 68.73 11.27
C ALA D 274 9.68 69.40 11.12
N LEU D 275 8.67 68.86 11.81
CA LEU D 275 7.36 69.48 11.76
C LEU D 275 7.34 70.82 12.45
N THR D 276 8.15 70.99 13.49
CA THR D 276 8.29 72.30 14.14
C THR D 276 8.84 73.33 13.17
N TYR D 277 9.86 72.92 12.41
CA TYR D 277 10.46 73.79 11.41
C TYR D 277 9.45 74.17 10.33
N ASP D 278 8.61 73.21 9.92
CA ASP D 278 7.60 73.54 8.92
C ASP D 278 6.46 74.38 9.51
N ALA D 279 6.24 74.24 10.82
CA ALA D 279 5.22 75.04 11.49
C ALA D 279 5.56 76.51 11.47
N VAL D 280 6.86 76.83 11.60
CA VAL D 280 7.29 78.22 11.47
C VAL D 280 6.98 78.76 10.08
N GLN D 281 7.15 77.93 9.05
CA GLN D 281 6.87 78.33 7.68
C GLN D 281 5.41 78.66 7.49
N VAL D 282 4.53 77.80 8.01
CA VAL D 282 3.09 78.03 7.91
C VAL D 282 2.70 79.29 8.67
N MET D 283 3.27 79.44 9.87
CA MET D 283 2.89 80.52 10.77
C MET D 283 3.33 81.87 10.24
N THR D 284 4.44 81.90 9.49
CA THR D 284 4.86 83.15 8.87
C THR D 284 4.04 83.43 7.62
N GLU D 285 3.70 82.38 6.87
CA GLU D 285 2.89 82.53 5.66
C GLU D 285 1.53 83.12 5.97
N ALA D 286 1.00 82.80 7.16
CA ALA D 286 -0.27 83.36 7.63
C ALA D 286 -0.24 84.88 7.66
N PHE D 287 0.67 85.45 8.47
CA PHE D 287 0.73 86.90 8.62
C PHE D 287 1.19 87.57 7.33
N ARG D 288 1.98 86.85 6.53
CA ARG D 288 2.34 87.33 5.19
C ARG D 288 1.11 87.57 4.33
N ASN D 289 0.21 86.59 4.30
CA ASN D 289 -1.00 86.73 3.50
C ASN D 289 -1.97 87.74 4.09
N LEU D 290 -1.95 87.93 5.42
CA LEU D 290 -2.81 88.96 6.01
C LEU D 290 -2.32 90.36 5.65
N ARG D 291 -1.01 90.57 5.60
CA ARG D 291 -0.52 91.86 5.11
C ARG D 291 -0.68 91.97 3.61
N LYS D 292 -0.76 90.85 2.89
CA LYS D 292 -1.15 90.90 1.48
C LYS D 292 -2.56 91.44 1.33
N GLN D 293 -3.51 90.88 2.09
CA GLN D 293 -4.86 91.40 2.06
C GLN D 293 -5.06 92.62 2.95
N ARG D 294 -4.01 93.05 3.65
CA ARG D 294 -3.95 94.31 4.40
C ARG D 294 -4.97 94.37 5.52
N ILE D 295 -5.34 93.23 6.08
CA ILE D 295 -6.34 93.17 7.14
C ILE D 295 -5.63 93.39 8.47
N GLU D 296 -6.02 94.45 9.17
CA GLU D 296 -5.36 94.82 10.41
C GLU D 296 -5.84 93.93 11.55
N ILE D 297 -4.90 93.56 12.40
CA ILE D 297 -5.17 92.66 13.52
C ILE D 297 -5.03 93.44 14.81
N SER D 298 -5.30 94.75 14.76
CA SER D 298 -5.15 95.63 15.92
C SER D 298 -6.07 95.20 17.05
N ARG D 299 -5.48 94.77 18.18
CA ARG D 299 -6.26 94.32 19.32
C ARG D 299 -7.07 95.45 19.92
N ARG D 300 -6.53 96.68 19.85
CA ARG D 300 -7.16 97.95 20.20
C ARG D 300 -7.57 98.04 21.66
N GLY D 301 -7.01 97.19 22.51
CA GLY D 301 -7.36 97.14 23.91
C GLY D 301 -6.60 96.01 24.56
N ASN D 302 -6.76 95.90 25.86
CA ASN D 302 -6.09 94.82 26.57
C ASN D 302 -6.99 93.59 26.61
N ALA D 303 -6.38 92.46 26.89
CA ALA D 303 -7.12 91.27 27.28
C ALA D 303 -7.43 91.37 28.77
N GLY D 304 -8.06 90.36 29.32
CA GLY D 304 -8.44 90.37 30.73
C GLY D 304 -8.38 89.01 31.33
N ASP D 305 -9.36 88.70 32.18
CA ASP D 305 -9.41 87.40 32.82
C ASP D 305 -9.82 86.34 31.81
N CYS D 306 -9.13 85.19 31.84
CA CYS D 306 -9.58 84.01 31.13
C CYS D 306 -10.81 83.39 31.77
N LEU D 307 -11.15 83.78 32.99
CA LEU D 307 -12.36 83.37 33.66
C LEU D 307 -13.46 84.42 33.56
N ALA D 308 -13.48 85.18 32.47
CA ALA D 308 -14.49 86.22 32.31
C ALA D 308 -15.85 85.59 32.10
N ASN D 309 -16.83 86.04 32.87
CA ASN D 309 -18.15 85.42 32.91
C ASN D 309 -19.20 86.45 32.50
N PRO D 310 -19.72 86.37 31.26
CA PRO D 310 -19.22 85.49 30.21
C PRO D 310 -18.10 86.14 29.43
N ALA D 311 -17.09 85.38 29.04
CA ALA D 311 -16.06 85.90 28.17
C ALA D 311 -16.57 86.01 26.74
N VAL D 312 -16.15 87.07 26.06
CA VAL D 312 -16.52 87.29 24.67
C VAL D 312 -15.27 87.36 23.80
N PRO D 313 -15.15 86.52 22.79
CA PRO D 313 -13.96 86.54 21.95
C PRO D 313 -14.09 87.44 20.74
N TRP D 314 -13.08 87.43 19.87
CA TRP D 314 -13.00 88.35 18.74
C TRP D 314 -12.74 87.58 17.45
N GLY D 315 -13.61 87.78 16.47
CA GLY D 315 -13.68 86.97 15.25
C GLY D 315 -12.62 87.28 14.21
N GLN D 316 -11.73 88.23 14.48
CA GLN D 316 -10.59 88.35 13.60
C GLN D 316 -9.67 87.14 13.77
N GLY D 317 -9.73 86.48 14.92
CA GLY D 317 -9.09 85.17 15.05
C GLY D 317 -9.76 84.11 14.21
N VAL D 318 -11.07 84.22 14.01
CA VAL D 318 -11.77 83.32 13.07
C VAL D 318 -11.24 83.53 11.66
N GLU D 319 -11.04 84.80 11.29
CA GLU D 319 -10.45 85.08 9.99
C GLU D 319 -8.99 84.63 9.92
N ILE D 320 -8.28 84.68 11.05
CA ILE D 320 -6.91 84.17 11.15
C ILE D 320 -6.88 82.68 10.81
N GLU D 321 -7.75 81.91 11.47
CA GLU D 321 -7.81 80.48 11.23
C GLU D 321 -8.29 80.18 9.81
N ARG D 322 -9.17 81.04 9.30
CA ARG D 322 -9.65 80.91 7.93
C ARG D 322 -8.53 81.08 6.93
N ALA D 323 -7.61 82.01 7.20
CA ALA D 323 -6.45 82.15 6.34
C ALA D 323 -5.45 81.03 6.58
N LEU D 324 -5.42 80.48 7.81
CA LEU D 324 -4.52 79.38 8.12
C LEU D 324 -4.88 78.13 7.34
N LYS D 325 -6.17 77.87 7.17
CA LYS D 325 -6.57 76.67 6.46
C LYS D 325 -6.32 76.72 4.97
N GLN D 326 -5.89 77.86 4.43
CA GLN D 326 -5.67 78.01 3.01
C GLN D 326 -4.21 78.03 2.63
N VAL D 327 -3.31 77.92 3.62
CA VAL D 327 -1.88 77.94 3.36
C VAL D 327 -1.49 76.69 2.59
N GLN D 328 -0.63 76.85 1.58
CA GLN D 328 -0.12 75.71 0.85
C GLN D 328 1.30 76.02 0.40
N VAL D 329 2.28 75.48 1.11
CA VAL D 329 3.68 75.68 0.83
C VAL D 329 4.35 74.31 0.72
N GLU D 330 5.66 74.33 0.56
CA GLU D 330 6.46 73.11 0.56
C GLU D 330 7.35 73.12 1.78
N GLY D 331 7.56 71.94 2.36
CA GLY D 331 8.33 71.83 3.57
C GLY D 331 9.08 70.52 3.68
N LEU D 332 9.49 70.18 4.91
CA LEU D 332 10.32 69.01 5.11
C LEU D 332 9.53 67.73 4.89
N SER D 333 8.26 67.75 5.22
CA SER D 333 7.40 66.62 4.88
C SER D 333 6.94 66.66 3.43
N GLY D 334 7.19 67.75 2.72
CA GLY D 334 6.72 67.88 1.35
C GLY D 334 5.62 68.91 1.21
N ASN D 335 4.62 68.61 0.38
CA ASN D 335 3.49 69.52 0.23
C ASN D 335 2.54 69.38 1.41
N ILE D 336 1.85 70.46 1.73
CA ILE D 336 0.84 70.45 2.77
C ILE D 336 -0.44 71.07 2.22
N LYS D 337 -1.58 70.55 2.66
CA LYS D 337 -2.90 71.14 2.49
C LYS D 337 -3.73 70.80 3.71
N PHE D 338 -4.76 71.59 3.94
CA PHE D 338 -5.59 71.44 5.12
C PHE D 338 -7.03 71.12 4.73
N ASP D 339 -7.78 70.65 5.71
CA ASP D 339 -9.20 70.44 5.54
C ASP D 339 -9.96 71.69 5.95
N GLN D 340 -11.26 71.55 6.16
CA GLN D 340 -12.07 72.61 6.74
C GLN D 340 -11.96 72.67 8.24
N ASN D 341 -11.10 71.85 8.85
CA ASN D 341 -11.09 71.69 10.30
C ASN D 341 -9.75 71.93 10.92
N GLY D 342 -8.65 71.67 10.21
CA GLY D 342 -7.32 71.75 10.79
C GLY D 342 -6.52 70.47 10.68
N LYS D 343 -7.02 69.46 9.97
CA LYS D 343 -6.26 68.25 9.71
C LYS D 343 -5.53 68.35 8.39
N ARG D 344 -4.38 67.70 8.32
CA ARG D 344 -3.57 67.75 7.12
C ARG D 344 -4.09 66.77 6.09
N ILE D 345 -4.15 67.24 4.85
CA ILE D 345 -4.38 66.42 3.68
C ILE D 345 -3.25 66.72 2.70
N ASN D 346 -3.26 66.00 1.59
CA ASN D 346 -2.26 66.09 0.52
C ASN D 346 -0.85 65.85 1.06
N TYR D 347 -0.63 64.64 1.54
CA TYR D 347 0.66 64.23 2.06
C TYR D 347 1.05 62.89 1.45
N THR D 348 2.29 62.49 1.69
CA THR D 348 2.84 61.29 1.08
C THR D 348 3.83 60.66 2.06
N ILE D 349 3.73 59.34 2.23
CA ILE D 349 4.52 58.62 3.22
C ILE D 349 5.28 57.51 2.53
N ASN D 350 6.59 57.44 2.77
CA ASN D 350 7.45 56.45 2.16
C ASN D 350 7.52 55.20 3.04
N ILE D 351 7.46 54.05 2.38
CA ILE D 351 7.53 52.76 3.07
C ILE D 351 8.98 52.33 3.10
N MET D 352 9.51 52.14 4.30
CA MET D 352 10.93 51.91 4.49
C MET D 352 11.15 50.50 5.04
N GLU D 353 11.91 49.70 4.29
CA GLU D 353 12.28 48.37 4.71
C GLU D 353 13.78 48.31 5.02
N LEU D 354 14.12 47.60 6.09
CA LEU D 354 15.51 47.45 6.49
C LEU D 354 16.14 46.27 5.78
N LYS D 355 17.31 46.50 5.21
CA LYS D 355 18.10 45.45 4.58
C LYS D 355 19.49 45.41 5.18
N THR D 356 20.32 44.52 4.64
CA THR D 356 21.63 44.25 5.23
C THR D 356 22.53 45.46 5.12
N ASN D 357 22.52 46.11 3.95
CA ASN D 357 23.25 47.37 3.80
C ASN D 357 22.63 48.50 4.62
N GLY D 358 21.35 48.42 4.93
CA GLY D 358 20.70 49.44 5.69
C GLY D 358 19.29 49.69 5.24
N PRO D 359 18.73 50.83 5.63
CA PRO D 359 17.35 51.13 5.25
C PRO D 359 17.26 51.50 3.79
N ARG D 360 16.07 51.30 3.23
CA ARG D 360 15.77 51.64 1.85
C ARG D 360 14.27 51.75 1.71
N LYS D 361 13.84 52.37 0.62
CA LYS D 361 12.43 52.53 0.34
C LYS D 361 12.00 51.55 -0.74
N ILE D 362 10.71 51.22 -0.73
CA ILE D 362 10.15 50.31 -1.72
C ILE D 362 8.92 50.94 -2.35
N GLY D 363 8.39 51.98 -1.75
CA GLY D 363 7.19 52.58 -2.30
C GLY D 363 6.69 53.72 -1.43
N TYR D 364 5.66 54.38 -1.94
CA TYR D 364 5.02 55.48 -1.26
C TYR D 364 3.54 55.20 -1.07
N TRP D 365 2.92 56.02 -0.24
CA TRP D 365 1.49 55.94 0.00
C TRP D 365 0.97 57.37 0.11
N SER D 366 -0.15 57.64 -0.54
CA SER D 366 -0.68 58.99 -0.59
C SER D 366 -1.91 59.12 0.30
N GLU D 367 -2.42 60.35 0.38
CA GLU D 367 -3.62 60.62 1.18
C GLU D 367 -4.85 59.98 0.56
N VAL D 368 -4.86 59.80 -0.76
CA VAL D 368 -5.97 59.20 -1.47
C VAL D 368 -5.56 57.92 -2.19
N ASP D 369 -4.36 57.91 -2.76
CA ASP D 369 -3.92 56.76 -3.52
C ASP D 369 -3.35 55.73 -2.57
N LYS D 370 -3.49 54.47 -2.94
CA LYS D 370 -3.07 53.39 -2.08
C LYS D 370 -1.58 53.16 -2.25
N MET D 371 -1.09 52.03 -1.72
CA MET D 371 0.32 51.75 -1.74
C MET D 371 0.83 51.53 -3.16
N VAL D 372 1.69 52.42 -3.61
CA VAL D 372 2.33 52.30 -4.91
C VAL D 372 3.79 52.00 -4.64
N LEU D 373 4.17 50.74 -4.85
CA LEU D 373 5.57 50.37 -4.81
C LEU D 373 6.30 50.98 -5.99
N THR D 374 7.57 51.32 -5.77
CA THR D 374 8.34 52.01 -6.80
C THR D 374 9.10 51.06 -7.72
N GLU D 375 8.69 49.78 -7.76
CA GLU D 375 9.20 48.78 -8.70
C GLU D 375 10.70 48.57 -8.57
N ASP D 376 11.21 48.71 -7.34
CA ASP D 376 12.64 48.60 -7.10
C ASP D 376 13.00 47.12 -7.07
N ASP D 377 13.25 46.58 -8.26
CA ASP D 377 13.55 45.16 -8.42
C ASP D 377 15.06 44.99 -8.54
N THR D 378 15.71 44.90 -7.38
CA THR D 378 17.15 44.63 -7.30
C THR D 378 17.44 43.15 -7.08
N SER D 379 16.47 42.28 -7.35
CA SER D 379 16.67 40.84 -7.21
C SER D 379 17.52 40.36 -8.37
N GLY D 380 18.84 40.26 -8.14
CA GLY D 380 19.74 39.83 -9.19
C GLY D 380 19.69 38.35 -9.48
N LEU D 381 19.30 37.53 -8.50
CA LEU D 381 19.29 36.08 -8.65
C LEU D 381 17.83 35.62 -8.69
N GLU D 382 17.37 35.23 -9.87
CA GLU D 382 16.07 34.62 -10.04
C GLU D 382 16.25 33.24 -10.65
N GLN D 383 15.68 32.23 -9.99
CA GLN D 383 15.77 30.84 -10.45
C GLN D 383 14.91 30.68 -11.70
N LYS D 384 15.55 30.55 -12.85
CA LYS D 384 14.84 30.51 -14.11
C LYS D 384 14.07 29.21 -14.25
N THR D 385 12.81 29.31 -14.66
CA THR D 385 12.01 28.16 -15.03
C THR D 385 12.66 27.50 -16.24
N VAL D 386 13.23 26.32 -16.04
CA VAL D 386 14.12 25.75 -17.05
C VAL D 386 13.32 25.26 -18.24
N VAL D 387 14.01 25.11 -19.36
CA VAL D 387 13.37 24.73 -20.60
C VAL D 387 13.25 23.21 -20.64
N VAL D 388 12.03 22.71 -20.67
CA VAL D 388 11.77 21.28 -20.73
C VAL D 388 11.07 21.00 -22.05
N THR D 389 11.79 20.37 -22.97
CA THR D 389 11.21 20.03 -24.26
C THR D 389 10.78 18.57 -24.26
N THR D 390 9.76 18.29 -25.07
CA THR D 390 9.19 16.96 -25.21
C THR D 390 8.38 16.92 -26.49
N ILE D 391 7.63 15.84 -26.67
CA ILE D 391 6.73 15.72 -27.81
C ILE D 391 5.47 15.00 -27.33
N LEU D 392 4.35 15.35 -27.95
CA LEU D 392 3.08 14.71 -27.62
C LEU D 392 3.10 13.25 -28.03
N GLU D 393 2.86 12.36 -27.08
CA GLU D 393 2.73 10.94 -27.37
C GLU D 393 1.93 10.27 -26.28
N SER D 394 0.96 9.49 -26.65
CA SER D 394 0.20 8.81 -25.63
C SER D 394 1.00 7.61 -25.10
N PRO D 395 0.96 7.35 -23.79
CA PRO D 395 0.39 8.22 -22.77
C PRO D 395 1.50 8.99 -22.08
N TYR D 396 2.57 9.23 -22.83
CA TYR D 396 3.74 9.90 -22.29
C TYR D 396 3.42 11.37 -22.01
N VAL D 397 3.03 12.10 -23.05
CA VAL D 397 2.67 13.50 -22.97
C VAL D 397 1.38 13.67 -23.77
N MET D 398 0.29 13.97 -23.08
CA MET D 398 -1.00 14.11 -23.74
C MET D 398 -1.64 15.43 -23.34
N MET D 399 -2.39 15.99 -24.29
CA MET D 399 -3.20 17.16 -24.02
C MET D 399 -4.31 16.83 -23.04
N LYS D 400 -4.82 17.85 -22.39
CA LYS D 400 -6.06 17.75 -21.65
C LYS D 400 -7.15 18.45 -22.44
N LYS D 401 -8.39 18.00 -22.26
CA LYS D 401 -9.50 18.51 -23.04
C LYS D 401 -9.86 19.95 -22.69
N ASN D 402 -9.44 20.43 -21.53
CA ASN D 402 -9.78 21.75 -21.04
C ASN D 402 -8.54 22.63 -21.03
N HIS D 403 -7.68 22.43 -22.03
CA HIS D 403 -6.37 23.06 -22.06
C HIS D 403 -6.45 24.56 -22.27
N GLU D 404 -7.52 25.03 -22.92
CA GLU D 404 -7.67 26.47 -23.15
C GLU D 404 -7.96 27.19 -21.84
N MET D 405 -8.84 26.63 -21.02
CA MET D 405 -9.16 27.24 -19.74
C MET D 405 -8.00 27.11 -18.77
N LEU D 406 -7.23 26.03 -18.90
CA LEU D 406 -6.07 25.83 -18.04
C LEU D 406 -4.86 26.50 -18.67
N GLU D 407 -3.70 26.40 -18.00
CA GLU D 407 -2.56 27.20 -18.41
C GLU D 407 -1.25 26.44 -18.23
N GLY D 408 -0.42 26.52 -19.27
CA GLY D 408 0.99 26.18 -19.21
C GLY D 408 1.31 24.76 -18.82
N ASN D 409 1.97 24.62 -17.67
CA ASN D 409 2.39 23.32 -17.17
C ASN D 409 1.22 22.51 -16.65
N GLU D 410 0.07 23.12 -16.43
CA GLU D 410 -1.12 22.38 -16.03
C GLU D 410 -1.83 21.74 -17.21
N ARG D 411 -1.56 22.21 -18.43
CA ARG D 411 -2.27 21.74 -19.62
C ARG D 411 -1.91 20.32 -19.99
N TYR D 412 -0.73 19.86 -19.60
CA TYR D 412 -0.20 18.62 -20.14
C TYR D 412 -0.34 17.52 -19.10
N GLU D 413 -0.51 16.29 -19.58
CA GLU D 413 -0.79 15.18 -18.69
C GLU D 413 -0.20 13.90 -19.27
N GLY D 414 0.49 13.16 -18.42
CA GLY D 414 0.98 11.86 -18.84
C GLY D 414 2.10 11.36 -17.93
N TYR D 415 2.68 10.26 -18.41
CA TYR D 415 3.77 9.58 -17.69
C TYR D 415 4.97 10.50 -17.55
N CYS D 416 5.36 11.16 -18.64
CA CYS D 416 6.48 12.09 -18.58
C CYS D 416 6.16 13.28 -17.72
N VAL D 417 4.89 13.69 -17.68
CA VAL D 417 4.47 14.82 -16.86
C VAL D 417 4.67 14.51 -15.38
N ASP D 418 4.20 13.33 -14.97
CA ASP D 418 4.38 12.88 -13.60
C ASP D 418 5.84 12.73 -13.25
N LEU D 419 6.62 12.21 -14.20
CA LEU D 419 8.04 11.98 -13.96
C LEU D 419 8.78 13.30 -13.79
N ALA D 420 8.44 14.29 -14.62
CA ALA D 420 9.10 15.59 -14.54
C ALA D 420 8.74 16.29 -13.25
N ALA D 421 7.50 16.10 -12.78
CA ALA D 421 7.11 16.64 -11.48
C ALA D 421 7.93 16.00 -10.36
N GLU D 422 8.21 14.70 -10.48
CA GLU D 422 9.02 14.03 -9.46
C GLU D 422 10.46 14.52 -9.46
N ILE D 423 11.02 14.72 -10.66
CA ILE D 423 12.41 15.18 -10.78
C ILE D 423 12.54 16.59 -10.23
N ALA D 424 11.58 17.46 -10.55
CA ALA D 424 11.63 18.83 -10.05
C ALA D 424 11.40 18.87 -8.54
N LYS D 425 10.61 17.93 -8.01
CA LYS D 425 10.46 17.84 -6.56
C LYS D 425 11.77 17.42 -5.90
N HIS D 426 12.47 16.47 -6.49
CA HIS D 426 13.70 16.00 -5.87
C HIS D 426 14.86 16.97 -6.05
N CYS D 427 14.83 17.80 -7.08
CA CYS D 427 15.97 18.67 -7.36
C CYS D 427 15.71 20.14 -7.06
N GLY D 428 14.47 20.53 -6.77
CA GLY D 428 14.16 21.84 -6.25
C GLY D 428 14.14 22.98 -7.25
N PHE D 429 14.21 22.70 -8.55
CA PHE D 429 14.26 23.78 -9.52
C PHE D 429 12.89 24.10 -10.08
N LYS D 430 12.83 25.18 -10.85
CA LYS D 430 11.65 25.58 -11.59
C LYS D 430 11.79 25.17 -13.05
N TYR D 431 10.66 24.87 -13.67
CA TYR D 431 10.67 24.37 -15.04
C TYR D 431 9.46 24.91 -15.78
N LYS D 432 9.54 24.86 -17.10
CA LYS D 432 8.41 25.17 -17.95
C LYS D 432 8.35 24.12 -19.04
N LEU D 433 7.16 23.56 -19.25
CA LEU D 433 6.98 22.46 -20.19
C LEU D 433 6.75 23.01 -21.58
N THR D 434 7.66 22.72 -22.49
CA THR D 434 7.60 23.19 -23.86
C THR D 434 7.47 22.00 -24.79
N ILE D 435 7.26 22.30 -26.08
CA ILE D 435 7.09 21.30 -27.13
C ILE D 435 8.12 21.60 -28.20
N VAL D 436 8.66 20.54 -28.81
CA VAL D 436 9.52 20.71 -29.97
C VAL D 436 8.70 21.30 -31.11
N GLY D 437 9.35 22.11 -31.93
CA GLY D 437 8.67 22.79 -33.02
C GLY D 437 8.38 21.92 -34.21
N ASP D 438 9.43 21.32 -34.78
CA ASP D 438 9.29 20.57 -36.03
C ASP D 438 8.60 19.21 -35.85
N GLY D 439 8.35 18.78 -34.62
CA GLY D 439 7.61 17.55 -34.40
C GLY D 439 8.35 16.30 -34.76
N LYS D 440 9.66 16.29 -34.59
CA LYS D 440 10.48 15.14 -34.89
C LYS D 440 11.26 14.74 -33.65
N TYR D 441 11.76 13.50 -33.67
CA TYR D 441 12.74 13.11 -32.67
C TYR D 441 14.10 13.72 -32.97
N GLY D 442 14.60 13.52 -34.19
CA GLY D 442 15.80 14.26 -34.55
C GLY D 442 16.92 13.37 -35.04
N ALA D 443 17.53 13.78 -36.15
CA ALA D 443 18.72 13.15 -36.68
C ALA D 443 19.59 14.22 -37.31
N ARG D 444 20.80 13.85 -37.68
CA ARG D 444 21.71 14.83 -38.24
C ARG D 444 21.45 14.99 -39.73
N ASP D 445 21.86 16.14 -40.26
CA ASP D 445 21.74 16.38 -41.68
C ASP D 445 22.94 15.77 -42.40
N ALA D 446 22.67 15.26 -43.60
CA ALA D 446 23.73 14.84 -44.49
C ALA D 446 24.56 16.05 -44.90
N ASP D 447 25.87 15.91 -44.79
CA ASP D 447 26.93 16.80 -45.26
C ASP D 447 27.03 18.08 -44.43
N THR D 448 26.12 18.34 -43.50
CA THR D 448 26.19 19.53 -42.67
C THR D 448 26.01 19.26 -41.19
N LYS D 449 25.65 18.02 -40.81
CA LYS D 449 25.51 17.59 -39.41
C LYS D 449 24.49 18.41 -38.63
N ILE D 450 23.49 18.95 -39.32
CA ILE D 450 22.48 19.77 -38.67
C ILE D 450 21.51 18.82 -37.99
N TRP D 451 21.67 18.65 -36.68
CA TRP D 451 20.76 17.83 -35.90
C TRP D 451 19.43 18.56 -35.79
N ASN D 452 18.36 18.00 -36.33
CA ASN D 452 17.04 18.60 -36.18
C ASN D 452 16.34 17.99 -34.97
N GLY D 453 15.04 18.24 -34.86
CA GLY D 453 14.16 17.66 -33.88
C GLY D 453 14.55 18.04 -32.47
N MET D 454 14.31 17.11 -31.55
CA MET D 454 14.68 17.32 -30.17
C MET D 454 16.18 17.21 -29.93
N VAL D 455 16.93 16.73 -30.92
CA VAL D 455 18.37 16.64 -30.75
C VAL D 455 19.00 18.02 -30.80
N GLY D 456 18.71 18.78 -31.87
CA GLY D 456 19.33 20.08 -32.03
C GLY D 456 18.87 21.10 -31.02
N GLU D 457 17.74 20.86 -30.36
CA GLU D 457 17.30 21.74 -29.28
C GLU D 457 18.25 21.66 -28.09
N LEU D 458 18.89 20.53 -27.90
CA LEU D 458 19.89 20.40 -26.85
C LEU D 458 21.30 20.60 -27.35
N VAL D 459 21.56 20.29 -28.63
CA VAL D 459 22.88 20.50 -29.21
C VAL D 459 23.15 21.98 -29.36
N TYR D 460 22.20 22.71 -29.90
CA TYR D 460 22.37 24.11 -30.26
C TYR D 460 21.98 25.05 -29.12
N GLY D 461 21.98 24.55 -27.89
CA GLY D 461 21.76 25.38 -26.72
C GLY D 461 20.36 25.93 -26.59
N LYS D 462 19.40 25.39 -27.33
CA LYS D 462 18.06 25.95 -27.33
C LYS D 462 17.29 25.51 -26.10
N ALA D 463 17.14 24.21 -25.92
CA ALA D 463 16.41 23.66 -24.80
C ALA D 463 17.36 23.27 -23.68
N ASP D 464 16.82 23.19 -22.47
CA ASP D 464 17.65 22.95 -21.29
C ASP D 464 17.68 21.49 -20.88
N ILE D 465 16.55 20.78 -20.94
CA ILE D 465 16.51 19.38 -20.53
C ILE D 465 15.34 18.74 -21.27
N ALA D 466 15.40 17.41 -21.43
CA ALA D 466 14.42 16.68 -22.23
C ALA D 466 14.04 15.39 -21.54
N ILE D 467 12.94 15.43 -20.77
CA ILE D 467 12.32 14.23 -20.23
C ILE D 467 11.27 13.80 -21.25
N ALA D 468 11.57 12.74 -21.99
CA ALA D 468 10.84 12.41 -23.21
C ALA D 468 11.20 10.98 -23.60
N PRO D 469 10.37 10.34 -24.45
CA PRO D 469 10.76 9.03 -24.97
C PRO D 469 11.88 9.11 -25.99
N LEU D 470 13.11 9.20 -25.51
CA LEU D 470 14.28 9.26 -26.37
C LEU D 470 15.14 8.03 -26.15
N THR D 471 15.62 7.45 -27.23
CA THR D 471 16.37 6.21 -27.19
C THR D 471 17.87 6.49 -27.22
N ILE D 472 18.59 5.87 -26.27
CA ILE D 472 20.03 5.99 -26.24
C ILE D 472 20.63 5.23 -27.41
N THR D 473 21.41 5.91 -28.24
CA THR D 473 22.11 5.27 -29.35
C THR D 473 23.60 5.48 -29.21
N LEU D 474 24.36 5.06 -30.22
CA LEU D 474 25.76 5.39 -30.28
C LEU D 474 26.00 6.79 -30.79
N VAL D 475 25.17 7.26 -31.72
CA VAL D 475 25.43 8.50 -32.42
C VAL D 475 24.88 9.68 -31.65
N ARG D 476 24.32 9.42 -30.47
CA ARG D 476 23.78 10.51 -29.67
C ARG D 476 24.62 10.84 -28.45
N GLU D 477 25.46 9.92 -27.98
CA GLU D 477 26.35 10.21 -26.87
C GLU D 477 27.44 11.20 -27.23
N GLU D 478 27.74 11.36 -28.51
CA GLU D 478 28.83 12.24 -28.89
C GLU D 478 28.44 13.71 -28.75
N VAL D 479 27.16 14.02 -28.90
CA VAL D 479 26.72 15.40 -28.85
C VAL D 479 26.02 15.74 -27.54
N ILE D 480 25.29 14.81 -26.94
CA ILE D 480 24.60 15.04 -25.69
C ILE D 480 24.89 13.87 -24.77
N ASP D 481 24.36 13.94 -23.56
CA ASP D 481 24.59 12.92 -22.56
C ASP D 481 23.26 12.38 -22.06
N PHE D 482 23.32 11.17 -21.53
CA PHE D 482 22.15 10.49 -21.00
C PHE D 482 22.42 10.02 -19.59
N SER D 483 21.34 9.90 -18.82
CA SER D 483 21.42 9.31 -17.49
C SER D 483 21.40 7.80 -17.62
N LYS D 484 21.29 7.11 -16.49
CA LYS D 484 21.04 5.68 -16.55
C LYS D 484 19.64 5.46 -17.10
N PRO D 485 19.43 4.38 -17.85
CA PRO D 485 18.12 4.15 -18.47
C PRO D 485 17.09 3.71 -17.46
N PHE D 486 15.86 4.19 -17.65
CA PHE D 486 14.80 4.02 -16.68
C PHE D 486 13.69 3.10 -17.13
N MET D 487 13.61 2.77 -18.42
CA MET D 487 12.57 1.86 -18.87
C MET D 487 13.05 1.10 -20.08
N SER D 488 12.93 -0.23 -20.02
CA SER D 488 13.41 -1.12 -21.05
C SER D 488 12.37 -1.33 -22.13
N LEU D 489 12.86 -1.63 -23.34
CA LEU D 489 12.01 -1.85 -24.50
C LEU D 489 12.79 -2.49 -25.64
N GLY D 490 12.10 -2.77 -26.74
CA GLY D 490 12.74 -3.31 -27.92
C GLY D 490 11.92 -3.03 -29.15
N ILE D 491 12.50 -3.36 -30.30
CA ILE D 491 11.81 -3.22 -31.57
C ILE D 491 10.74 -4.28 -31.69
N SER D 492 9.50 -3.85 -31.88
CA SER D 492 8.36 -4.75 -31.96
C SER D 492 7.64 -4.57 -33.29
N ILE D 493 6.86 -5.58 -33.64
CA ILE D 493 6.09 -5.61 -34.88
C ILE D 493 4.62 -5.48 -34.55
N MET D 494 3.96 -4.51 -35.15
CA MET D 494 2.52 -4.36 -35.06
C MET D 494 1.89 -4.67 -36.40
N ILE D 495 0.90 -5.56 -36.41
CA ILE D 495 0.01 -5.72 -37.55
C ILE D 495 -1.41 -5.61 -37.02
N LYS D 496 -2.38 -5.89 -37.88
CA LYS D 496 -3.79 -5.71 -37.57
C LYS D 496 -4.26 -6.74 -36.56
N LYS D 497 -5.55 -6.70 -36.29
CA LYS D 497 -6.12 -7.88 -35.65
C LYS D 497 -6.53 -8.87 -36.73
N PRO D 498 -6.37 -10.17 -36.50
CA PRO D 498 -6.95 -11.15 -37.39
C PRO D 498 -8.35 -11.49 -36.91
N GLN D 499 -9.08 -12.21 -37.76
CA GLN D 499 -10.44 -12.62 -37.43
C GLN D 499 -10.45 -14.01 -36.83
N LYS D 500 -11.42 -14.24 -35.96
CA LYS D 500 -11.49 -15.49 -35.20
C LYS D 500 -11.91 -16.62 -36.12
N SER D 501 -10.96 -17.48 -36.44
CA SER D 501 -11.22 -18.60 -37.34
C SER D 501 -12.01 -19.68 -36.62
N LYS D 502 -13.26 -19.84 -37.01
CA LYS D 502 -14.14 -20.88 -36.48
C LYS D 502 -13.73 -22.24 -37.04
N PRO D 503 -14.00 -23.34 -36.32
CA PRO D 503 -13.52 -24.64 -36.77
C PRO D 503 -14.27 -25.13 -37.99
N GLY D 504 -13.55 -25.89 -38.80
CA GLY D 504 -13.99 -26.23 -40.14
C GLY D 504 -14.97 -27.38 -40.18
N VAL D 505 -15.08 -27.96 -41.37
CA VAL D 505 -16.05 -29.02 -41.61
C VAL D 505 -15.65 -30.28 -40.86
N PHE D 506 -14.47 -30.82 -41.17
CA PHE D 506 -14.00 -32.05 -40.54
C PHE D 506 -13.41 -31.78 -39.17
N SER D 507 -14.26 -31.25 -38.29
CA SER D 507 -13.86 -30.94 -36.94
C SER D 507 -14.47 -31.89 -35.92
N PHE D 508 -15.31 -32.81 -36.36
CA PHE D 508 -15.90 -33.75 -35.43
C PHE D 508 -14.89 -34.78 -34.96
N LEU D 509 -13.98 -35.19 -35.84
CA LEU D 509 -12.99 -36.19 -35.49
C LEU D 509 -11.76 -35.60 -34.83
N ASP D 510 -11.81 -34.30 -34.59
CA ASP D 510 -10.68 -33.56 -34.00
C ASP D 510 -10.15 -34.08 -32.66
N PRO D 511 -10.96 -34.46 -31.64
CA PRO D 511 -10.36 -34.76 -30.33
C PRO D 511 -9.51 -35.99 -30.29
N LEU D 512 -9.49 -36.80 -31.33
CA LEU D 512 -8.57 -37.93 -31.41
C LEU D 512 -7.58 -37.69 -32.52
N ALA D 513 -6.37 -38.20 -32.35
CA ALA D 513 -5.31 -37.95 -33.31
C ALA D 513 -5.39 -38.91 -34.49
N TYR D 514 -4.85 -38.45 -35.62
CA TYR D 514 -4.93 -39.15 -36.90
C TYR D 514 -4.31 -40.53 -36.82
N GLU D 515 -3.23 -40.66 -36.06
CA GLU D 515 -2.57 -41.94 -35.88
C GLU D 515 -3.48 -42.93 -35.16
N ILE D 516 -4.23 -42.42 -34.18
CA ILE D 516 -5.17 -43.26 -33.45
C ILE D 516 -6.28 -43.72 -34.35
N TRP D 517 -6.78 -42.83 -35.22
CA TRP D 517 -7.78 -43.23 -36.21
C TRP D 517 -7.25 -44.30 -37.15
N MET D 518 -5.98 -44.19 -37.53
CA MET D 518 -5.37 -45.17 -38.41
C MET D 518 -5.28 -46.54 -37.76
N CYS D 519 -4.85 -46.56 -36.50
CA CYS D 519 -4.78 -47.81 -35.76
C CYS D 519 -6.17 -48.40 -35.53
N ILE D 520 -7.18 -47.55 -35.39
CA ILE D 520 -8.56 -48.00 -35.29
C ILE D 520 -8.96 -48.77 -36.54
N VAL D 521 -8.70 -48.18 -37.71
CA VAL D 521 -9.08 -48.81 -38.98
C VAL D 521 -8.38 -50.15 -39.14
N PHE D 522 -7.08 -50.18 -38.81
CA PHE D 522 -6.31 -51.41 -38.98
C PHE D 522 -6.80 -52.50 -38.03
N ALA D 523 -7.10 -52.11 -36.78
CA ALA D 523 -7.59 -53.07 -35.82
C ALA D 523 -8.96 -53.58 -36.20
N TYR D 524 -9.79 -52.72 -36.78
CA TYR D 524 -11.11 -53.11 -37.25
C TYR D 524 -11.01 -54.21 -38.29
N ILE D 525 -10.18 -53.97 -39.30
CA ILE D 525 -9.98 -54.96 -40.37
C ILE D 525 -9.43 -56.25 -39.80
N GLY D 526 -8.45 -56.14 -38.90
CA GLY D 526 -7.83 -57.33 -38.35
C GLY D 526 -8.78 -58.16 -37.52
N VAL D 527 -9.58 -57.51 -36.69
CA VAL D 527 -10.52 -58.22 -35.82
C VAL D 527 -11.57 -58.93 -36.66
N SER D 528 -12.08 -58.25 -37.69
CA SER D 528 -13.08 -58.87 -38.56
C SER D 528 -12.51 -60.09 -39.28
N VAL D 529 -11.27 -59.98 -39.76
CA VAL D 529 -10.67 -61.09 -40.49
C VAL D 529 -10.41 -62.27 -39.57
N VAL D 530 -9.95 -62.00 -38.35
CA VAL D 530 -9.63 -63.07 -37.40
C VAL D 530 -10.89 -63.81 -36.98
N LEU D 531 -11.98 -63.07 -36.77
CA LEU D 531 -13.24 -63.71 -36.45
C LEU D 531 -13.75 -64.56 -37.59
N PHE D 532 -13.57 -64.07 -38.83
CA PHE D 532 -13.90 -64.89 -39.99
C PHE D 532 -13.07 -66.16 -40.02
N LEU D 533 -11.80 -66.08 -39.62
CA LEU D 533 -10.96 -67.26 -39.63
C LEU D 533 -11.38 -68.27 -38.58
N VAL D 534 -11.82 -67.77 -37.41
CA VAL D 534 -12.21 -68.68 -36.34
C VAL D 534 -13.48 -69.42 -36.72
N SER D 535 -14.43 -68.74 -37.34
CA SER D 535 -15.53 -69.52 -37.87
C SER D 535 -15.13 -70.09 -39.23
N ARG D 536 -16.04 -70.89 -39.81
CA ARG D 536 -15.94 -71.41 -41.17
C ARG D 536 -14.67 -72.24 -41.37
N PHE D 537 -14.36 -73.08 -40.40
CA PHE D 537 -13.04 -73.70 -40.31
C PHE D 537 -13.19 -75.21 -40.39
N SER D 538 -13.99 -75.66 -41.36
CA SER D 538 -14.56 -77.00 -41.45
C SER D 538 -15.19 -77.41 -40.12
N PRO D 539 -16.34 -76.83 -39.72
CA PRO D 539 -16.95 -77.26 -38.45
C PRO D 539 -17.58 -78.64 -38.54
N TYR D 540 -16.89 -79.64 -37.98
CA TYR D 540 -17.46 -80.98 -37.92
C TYR D 540 -17.38 -81.50 -36.49
N GLN D 554 -26.64 -82.52 -42.83
CA GLN D 554 -25.30 -82.67 -43.37
C GLN D 554 -24.54 -81.36 -43.25
N SER D 555 -25.00 -80.49 -42.35
CA SER D 555 -24.41 -79.17 -42.19
C SER D 555 -23.04 -79.31 -41.54
N SER D 556 -22.00 -79.28 -42.38
CA SER D 556 -20.63 -79.34 -41.91
C SER D 556 -19.83 -78.09 -42.23
N GLU D 557 -20.41 -77.13 -42.95
CA GLU D 557 -19.72 -75.86 -43.22
C GLU D 557 -20.63 -74.68 -42.94
N SER D 558 -21.93 -74.84 -43.15
CA SER D 558 -22.91 -73.78 -42.92
C SER D 558 -23.48 -73.82 -41.52
N THR D 559 -22.69 -74.29 -40.54
CA THR D 559 -23.12 -74.30 -39.15
C THR D 559 -23.31 -72.87 -38.64
N ASN D 560 -22.42 -71.96 -39.02
CA ASN D 560 -22.53 -70.56 -38.66
C ASN D 560 -23.04 -69.74 -39.85
N GLU D 561 -23.43 -68.51 -39.53
CA GLU D 561 -23.87 -67.56 -40.55
C GLU D 561 -22.81 -66.50 -40.79
N PHE D 562 -21.66 -66.62 -40.14
CA PHE D 562 -20.59 -65.63 -40.26
C PHE D 562 -19.85 -65.82 -41.57
N GLY D 563 -20.28 -65.10 -42.58
CA GLY D 563 -19.44 -64.88 -43.74
C GLY D 563 -18.41 -63.82 -43.44
N ILE D 564 -17.52 -63.59 -44.40
CA ILE D 564 -16.56 -62.51 -44.27
C ILE D 564 -17.28 -61.17 -44.23
N PHE D 565 -18.32 -61.04 -45.05
CA PHE D 565 -19.05 -59.79 -45.10
C PHE D 565 -19.93 -59.64 -43.86
N ASN D 566 -20.45 -60.75 -43.35
CA ASN D 566 -21.22 -60.70 -42.11
C ASN D 566 -20.35 -60.33 -40.93
N SER D 567 -19.12 -60.86 -40.89
CA SER D 567 -18.21 -60.52 -39.80
C SER D 567 -17.81 -59.06 -39.85
N LEU D 568 -17.60 -58.55 -41.06
CA LEU D 568 -17.35 -57.12 -41.27
C LEU D 568 -18.49 -56.29 -40.69
N TRP D 569 -19.72 -56.69 -41.02
CA TRP D 569 -20.90 -56.01 -40.52
C TRP D 569 -21.00 -56.09 -39.01
N PHE D 570 -20.66 -57.25 -38.44
CA PHE D 570 -20.76 -57.44 -37.00
C PHE D 570 -19.79 -56.55 -36.25
N SER D 571 -18.57 -56.44 -36.75
CA SER D 571 -17.57 -55.62 -36.09
C SER D 571 -17.99 -54.16 -36.13
N LEU D 572 -18.46 -53.70 -37.30
CA LEU D 572 -18.89 -52.31 -37.41
C LEU D 572 -20.09 -52.03 -36.51
N GLY D 573 -21.01 -52.99 -36.41
CA GLY D 573 -22.18 -52.75 -35.59
C GLY D 573 -21.84 -52.74 -34.12
N ALA D 574 -20.99 -53.67 -33.69
CA ALA D 574 -20.58 -53.70 -32.30
C ALA D 574 -19.76 -52.49 -31.91
N PHE D 575 -19.09 -51.85 -32.88
CA PHE D 575 -18.29 -50.69 -32.53
C PHE D 575 -19.16 -49.50 -32.15
N MET D 576 -20.27 -49.30 -32.82
CA MET D 576 -21.08 -48.11 -32.58
C MET D 576 -22.36 -48.41 -31.81
N GLN D 577 -22.29 -49.33 -30.86
CA GLN D 577 -23.24 -49.48 -29.76
C GLN D 577 -24.61 -49.99 -30.16
N GLN D 578 -24.83 -50.41 -31.40
CA GLN D 578 -26.04 -51.14 -31.74
C GLN D 578 -25.63 -52.54 -32.15
N GLY D 579 -25.95 -53.52 -31.32
CA GLY D 579 -25.65 -54.89 -31.66
C GLY D 579 -26.52 -55.37 -32.80
N CYS D 580 -25.91 -56.18 -33.67
CA CYS D 580 -26.63 -56.73 -34.80
C CYS D 580 -27.46 -57.92 -34.33
N ASP D 581 -28.06 -58.62 -35.28
CA ASP D 581 -28.98 -59.69 -34.92
C ASP D 581 -28.22 -60.96 -34.55
N ILE D 582 -27.17 -61.28 -35.29
CA ILE D 582 -26.46 -62.53 -35.10
C ILE D 582 -25.58 -62.45 -33.87
N SER D 583 -25.07 -63.58 -33.43
CA SER D 583 -24.21 -63.69 -32.27
C SER D 583 -23.15 -64.73 -32.60
N PRO D 584 -21.96 -64.66 -31.97
CA PRO D 584 -20.87 -65.58 -32.32
C PRO D 584 -21.17 -67.06 -32.15
N ARG D 585 -21.98 -67.41 -31.17
CA ARG D 585 -22.68 -68.69 -31.03
C ARG D 585 -21.75 -69.86 -30.71
N SER D 586 -20.43 -69.67 -30.78
CA SER D 586 -19.50 -70.73 -30.46
C SER D 586 -18.28 -70.14 -29.78
N LEU D 587 -17.53 -71.01 -29.12
CA LEU D 587 -16.34 -70.59 -28.42
C LEU D 587 -15.26 -70.19 -29.41
N SER D 588 -14.32 -69.37 -28.92
CA SER D 588 -13.05 -68.95 -29.48
C SER D 588 -13.22 -67.90 -30.56
N GLY D 589 -14.44 -67.58 -30.97
CA GLY D 589 -14.65 -66.37 -31.73
C GLY D 589 -15.11 -65.33 -30.75
N ARG D 590 -15.60 -65.80 -29.62
CA ARG D 590 -16.12 -64.87 -28.66
C ARG D 590 -15.03 -64.33 -27.77
N ILE D 591 -13.93 -65.05 -27.62
CA ILE D 591 -12.79 -64.40 -26.97
C ILE D 591 -12.05 -63.50 -27.94
N VAL D 592 -12.48 -63.43 -29.20
CA VAL D 592 -12.25 -62.23 -29.98
C VAL D 592 -13.28 -61.16 -29.62
N GLY D 593 -14.55 -61.54 -29.60
CA GLY D 593 -15.62 -60.55 -29.55
C GLY D 593 -15.69 -59.79 -28.24
N GLY D 594 -15.42 -60.46 -27.13
CA GLY D 594 -15.46 -59.79 -25.85
C GLY D 594 -14.29 -58.84 -25.70
N VAL D 595 -13.14 -59.20 -26.25
CA VAL D 595 -12.02 -58.28 -26.28
C VAL D 595 -12.36 -57.08 -27.14
N TRP D 596 -13.07 -57.32 -28.24
CA TRP D 596 -13.49 -56.23 -29.11
C TRP D 596 -14.50 -55.34 -28.41
N TRP D 597 -15.33 -55.92 -27.56
CA TRP D 597 -16.27 -55.15 -26.77
C TRP D 597 -15.55 -54.29 -25.73
N PHE D 598 -14.55 -54.87 -25.07
CA PHE D 598 -13.78 -54.10 -24.11
C PHE D 598 -13.08 -52.94 -24.78
N PHE D 599 -12.59 -53.20 -25.99
CA PHE D 599 -11.99 -52.15 -26.82
C PHE D 599 -12.98 -51.05 -27.11
N THR D 600 -14.20 -51.40 -27.54
CA THR D 600 -15.11 -50.35 -27.96
C THR D 600 -15.59 -49.53 -26.77
N LEU D 601 -15.66 -50.16 -25.59
CA LEU D 601 -16.05 -49.42 -24.40
C LEU D 601 -14.99 -48.40 -24.03
N ILE D 602 -13.75 -48.86 -23.90
CA ILE D 602 -12.68 -47.97 -23.44
C ILE D 602 -12.37 -46.91 -24.48
N ILE D 603 -12.61 -47.19 -25.76
CA ILE D 603 -12.33 -46.19 -26.78
C ILE D 603 -13.37 -45.10 -26.76
N ILE D 604 -14.65 -45.46 -26.91
CA ILE D 604 -15.58 -44.37 -27.14
C ILE D 604 -15.93 -43.67 -25.84
N SER D 605 -15.70 -44.29 -24.69
CA SER D 605 -15.85 -43.54 -23.45
C SER D 605 -14.79 -42.47 -23.37
N SER D 606 -13.59 -42.77 -23.84
CA SER D 606 -12.57 -41.74 -23.94
C SER D 606 -12.93 -40.72 -25.00
N TYR D 607 -13.63 -41.14 -26.04
CA TYR D 607 -14.00 -40.22 -27.12
C TYR D 607 -14.95 -39.17 -26.61
N THR D 608 -15.99 -39.59 -25.92
CA THR D 608 -17.07 -38.68 -25.57
C THR D 608 -16.84 -37.97 -24.27
N ALA D 609 -15.58 -37.79 -23.87
CA ALA D 609 -15.28 -37.16 -22.60
C ALA D 609 -15.62 -35.69 -22.62
N ASN D 610 -15.06 -34.96 -23.58
CA ASN D 610 -15.18 -33.52 -23.62
C ASN D 610 -15.40 -33.03 -25.05
N LEU D 611 -16.34 -33.69 -25.74
CA LEU D 611 -16.56 -33.42 -27.15
C LEU D 611 -17.01 -31.98 -27.39
N ALA D 612 -17.80 -31.44 -26.48
CA ALA D 612 -18.41 -30.13 -26.71
C ALA D 612 -17.37 -29.01 -26.71
N ALA D 613 -16.27 -29.22 -26.00
CA ALA D 613 -15.19 -28.24 -26.03
C ALA D 613 -14.52 -28.19 -27.39
N PHE D 614 -14.52 -29.30 -28.11
CA PHE D 614 -13.83 -29.36 -29.39
C PHE D 614 -14.66 -28.86 -30.54
N LEU D 615 -15.87 -28.37 -30.30
CA LEU D 615 -16.67 -27.85 -31.39
C LEU D 615 -16.96 -26.37 -31.25
N THR D 616 -16.44 -25.72 -30.22
CA THR D 616 -16.41 -24.25 -30.11
C THR D 616 -15.02 -23.88 -29.63
N VAL D 617 -14.09 -23.68 -30.57
CA VAL D 617 -12.73 -23.35 -30.16
C VAL D 617 -12.36 -21.92 -30.57
N GLU D 618 -12.37 -21.65 -31.87
CA GLU D 618 -12.12 -20.32 -32.47
C GLU D 618 -10.75 -19.77 -32.06
N ARG D 619 -9.72 -20.45 -32.55
CA ARG D 619 -8.36 -19.99 -32.37
C ARG D 619 -7.92 -19.15 -33.56
N MET D 620 -6.83 -18.41 -33.38
CA MET D 620 -6.36 -17.43 -34.34
C MET D 620 -5.42 -18.08 -35.36
N VAL D 621 -4.89 -17.29 -36.27
CA VAL D 621 -4.15 -17.79 -37.42
C VAL D 621 -2.69 -17.37 -37.40
N SER D 622 -2.40 -16.07 -37.11
CA SER D 622 -1.08 -15.47 -36.94
C SER D 622 -0.15 -15.75 -38.13
N PRO D 623 -0.29 -15.02 -39.24
CA PRO D 623 0.50 -15.34 -40.45
C PRO D 623 2.00 -15.31 -40.26
N ILE D 624 2.56 -14.33 -39.56
CA ILE D 624 4.01 -14.24 -39.37
C ILE D 624 4.30 -13.85 -37.92
N GLU D 625 5.45 -14.31 -37.41
CA GLU D 625 5.81 -13.83 -36.08
C GLU D 625 7.25 -13.34 -35.93
N SER D 626 8.23 -14.01 -36.52
CA SER D 626 9.65 -13.68 -36.33
C SER D 626 10.16 -13.29 -37.70
N ALA D 627 9.94 -12.01 -38.04
CA ALA D 627 9.25 -11.66 -39.27
C ALA D 627 9.65 -12.45 -40.49
N GLU D 628 10.79 -12.13 -41.09
CA GLU D 628 11.56 -12.93 -42.04
C GLU D 628 10.81 -13.35 -43.32
N ASP D 629 9.49 -13.34 -43.29
CA ASP D 629 8.69 -13.33 -44.48
C ASP D 629 8.52 -11.91 -44.96
N LEU D 630 8.75 -10.93 -44.09
CA LEU D 630 8.93 -9.58 -44.57
C LEU D 630 10.17 -9.45 -45.41
N SER D 631 11.14 -10.36 -45.25
CA SER D 631 12.16 -10.55 -46.26
C SER D 631 11.63 -11.41 -47.42
N LYS D 632 10.95 -12.52 -47.10
CA LYS D 632 10.71 -13.55 -48.11
C LYS D 632 9.62 -13.17 -49.11
N GLN D 633 8.39 -12.95 -48.65
CA GLN D 633 7.33 -12.60 -49.59
C GLN D 633 7.47 -11.15 -50.04
N THR D 634 6.63 -10.79 -51.00
CA THR D 634 6.50 -9.42 -51.45
C THR D 634 5.14 -8.83 -51.11
N GLU D 635 4.30 -9.56 -50.37
CA GLU D 635 2.90 -9.17 -50.29
C GLU D 635 2.66 -8.06 -49.28
N ILE D 636 2.90 -8.32 -48.00
CA ILE D 636 2.56 -7.37 -46.97
C ILE D 636 3.67 -6.34 -46.86
N ALA D 637 3.30 -5.06 -46.91
CA ALA D 637 4.29 -4.01 -46.75
C ALA D 637 4.63 -3.82 -45.27
N TYR D 638 5.65 -3.02 -45.01
CA TYR D 638 6.11 -2.71 -43.67
C TYR D 638 7.05 -1.52 -43.76
N GLY D 639 6.96 -0.63 -42.79
CA GLY D 639 7.78 0.57 -42.79
C GLY D 639 7.95 1.06 -41.37
N THR D 640 8.79 2.09 -41.24
CA THR D 640 9.06 2.69 -39.94
C THR D 640 8.75 4.18 -39.97
N LEU D 641 9.04 4.82 -38.85
CA LEU D 641 8.88 6.24 -38.72
C LEU D 641 10.02 6.97 -39.43
N ASP D 642 9.74 8.17 -39.91
CA ASP D 642 10.79 9.03 -40.42
C ASP D 642 11.61 9.59 -39.28
N SER D 643 12.88 9.90 -39.61
CA SER D 643 13.87 10.44 -38.67
C SER D 643 14.02 9.53 -37.46
N GLY D 644 13.97 8.22 -37.70
CA GLY D 644 13.87 7.24 -36.65
C GLY D 644 15.21 6.63 -36.31
N SER D 645 15.41 6.40 -35.01
CA SER D 645 16.60 5.66 -34.59
C SER D 645 16.53 4.23 -35.09
N THR D 646 15.32 3.67 -35.21
CA THR D 646 15.17 2.36 -35.82
C THR D 646 15.47 2.41 -37.31
N LYS D 647 15.10 3.52 -37.94
CA LYS D 647 15.43 3.72 -39.35
C LYS D 647 16.94 3.73 -39.56
N GLU D 648 17.66 4.40 -38.66
CA GLU D 648 19.12 4.38 -38.75
C GLU D 648 19.69 3.04 -38.30
N PHE D 649 19.00 2.35 -37.39
CA PHE D 649 19.39 1.02 -36.96
C PHE D 649 19.41 0.06 -38.14
N PHE D 650 18.38 0.12 -38.97
CA PHE D 650 18.39 -0.70 -40.17
C PHE D 650 19.34 -0.15 -41.22
N ARG D 651 19.60 1.15 -41.22
CA ARG D 651 20.57 1.68 -42.15
C ARG D 651 21.99 1.21 -41.83
N ARG D 652 22.31 1.01 -40.56
CA ARG D 652 23.66 0.68 -40.14
C ARG D 652 23.81 -0.78 -39.74
N SER D 653 22.72 -1.55 -39.76
CA SER D 653 22.76 -2.94 -39.31
C SER D 653 23.63 -3.81 -40.21
N LYS D 654 23.97 -4.99 -39.70
CA LYS D 654 24.89 -5.88 -40.39
C LYS D 654 24.38 -7.31 -40.55
N ILE D 655 23.29 -7.68 -39.89
CA ILE D 655 22.73 -9.01 -40.08
C ILE D 655 22.12 -9.09 -41.49
N ALA D 656 22.22 -10.26 -42.11
CA ALA D 656 21.83 -10.41 -43.51
C ALA D 656 20.33 -10.26 -43.69
N VAL D 657 19.53 -10.79 -42.76
CA VAL D 657 18.09 -10.65 -42.84
C VAL D 657 17.70 -9.18 -42.70
N PHE D 658 18.36 -8.46 -41.80
CA PHE D 658 18.10 -7.05 -41.62
C PHE D 658 18.58 -6.25 -42.83
N ASP D 659 19.64 -6.75 -43.48
CA ASP D 659 20.15 -6.10 -44.67
C ASP D 659 19.15 -6.22 -45.80
N LYS D 660 18.55 -7.39 -45.95
CA LYS D 660 17.51 -7.58 -46.96
C LYS D 660 16.29 -6.73 -46.64
N MET D 661 15.98 -6.59 -45.35
CA MET D 661 14.90 -5.70 -44.92
C MET D 661 15.17 -4.26 -45.30
N TRP D 662 16.36 -3.74 -44.98
CA TRP D 662 16.71 -2.37 -45.31
C TRP D 662 16.82 -2.16 -46.80
N THR D 663 17.19 -3.21 -47.54
CA THR D 663 17.17 -3.15 -49.00
C THR D 663 15.76 -2.92 -49.50
N TYR D 664 14.79 -3.66 -48.95
CA TYR D 664 13.40 -3.43 -49.32
C TYR D 664 12.92 -2.05 -48.88
N MET D 665 13.39 -1.60 -47.73
CA MET D 665 12.99 -0.30 -47.19
C MET D 665 13.46 0.85 -48.07
N ARG D 666 14.70 0.79 -48.54
CA ARG D 666 15.18 1.84 -49.42
C ARG D 666 14.65 1.68 -50.84
N SER D 667 14.33 0.45 -51.25
CA SER D 667 13.75 0.22 -52.56
C SER D 667 12.23 0.28 -52.55
N ALA D 668 11.64 0.77 -51.47
CA ALA D 668 10.20 0.85 -51.37
C ALA D 668 9.64 1.90 -52.32
N GLU D 669 8.69 1.49 -53.16
CA GLU D 669 7.97 2.36 -54.07
C GLU D 669 6.49 1.99 -54.03
N PRO D 670 5.61 2.84 -53.48
CA PRO D 670 5.85 4.15 -52.88
C PRO D 670 6.39 4.08 -51.46
N SER D 671 6.22 5.17 -50.72
CA SER D 671 6.83 5.29 -49.39
C SER D 671 6.17 4.34 -48.40
N VAL D 672 6.97 3.42 -47.87
CA VAL D 672 6.59 2.72 -46.65
C VAL D 672 6.88 3.59 -45.44
N PHE D 673 7.68 4.62 -45.62
CA PHE D 673 8.01 5.53 -44.53
C PHE D 673 6.83 6.45 -44.26
N VAL D 674 6.57 6.68 -42.98
CA VAL D 674 5.52 7.60 -42.56
C VAL D 674 6.10 8.58 -41.56
N ARG D 675 5.40 9.70 -41.38
CA ARG D 675 5.94 10.80 -40.59
C ARG D 675 5.53 10.76 -39.13
N THR D 676 4.34 10.26 -38.81
CA THR D 676 3.90 10.28 -37.42
C THR D 676 3.31 8.93 -37.01
N THR D 677 3.16 8.81 -35.69
CA THR D 677 2.73 7.56 -35.06
C THR D 677 1.33 7.19 -35.48
N ALA D 678 0.38 8.10 -35.29
CA ALA D 678 -1.01 7.82 -35.64
C ALA D 678 -1.20 7.68 -37.13
N GLU D 679 -0.36 8.35 -37.93
CA GLU D 679 -0.32 8.11 -39.36
C GLU D 679 -0.04 6.65 -39.67
N GLY D 680 1.01 6.10 -39.04
CA GLY D 680 1.31 4.69 -39.24
C GLY D 680 0.24 3.77 -38.72
N VAL D 681 -0.38 4.15 -37.60
CA VAL D 681 -1.44 3.35 -37.00
C VAL D 681 -2.64 3.26 -37.94
N ALA D 682 -3.06 4.41 -38.46
CA ALA D 682 -4.21 4.43 -39.36
C ALA D 682 -3.89 3.76 -40.69
N ARG D 683 -2.62 3.83 -41.12
CA ARG D 683 -2.24 3.13 -42.34
C ARG D 683 -2.34 1.63 -42.16
N VAL D 684 -1.91 1.13 -40.99
CA VAL D 684 -2.06 -0.30 -40.69
C VAL D 684 -3.52 -0.68 -40.58
N ARG D 685 -4.34 0.19 -39.97
CA ARG D 685 -5.75 -0.12 -39.78
C ARG D 685 -6.49 -0.17 -41.11
N LYS D 686 -6.20 0.75 -42.01
CA LYS D 686 -6.90 0.81 -43.26
C LYS D 686 -6.29 -0.07 -44.35
N SER D 687 -5.07 -0.58 -44.14
CA SER D 687 -4.43 -1.40 -45.15
C SER D 687 -5.05 -2.77 -45.27
N LYS D 688 -5.74 -3.25 -44.23
CA LYS D 688 -6.39 -4.56 -44.17
C LYS D 688 -5.38 -5.68 -44.42
N GLY D 689 -4.36 -5.74 -43.57
CA GLY D 689 -3.40 -6.81 -43.64
C GLY D 689 -2.44 -6.71 -44.81
N LYS D 690 -2.13 -5.50 -45.25
CA LYS D 690 -1.19 -5.30 -46.33
C LYS D 690 0.02 -4.48 -45.93
N TYR D 691 -0.02 -3.80 -44.79
CA TYR D 691 1.08 -2.95 -44.35
C TYR D 691 1.37 -3.22 -42.89
N ALA D 692 2.50 -3.85 -42.62
CA ALA D 692 2.95 -4.03 -41.25
C ALA D 692 3.60 -2.74 -40.76
N TYR D 693 4.02 -2.75 -39.50
CA TYR D 693 4.61 -1.56 -38.91
C TYR D 693 5.65 -2.01 -37.90
N LEU D 694 6.63 -1.15 -37.70
CA LEU D 694 7.68 -1.41 -36.72
C LEU D 694 7.68 -0.26 -35.73
N LEU D 695 7.61 -0.60 -34.45
CA LEU D 695 7.73 0.41 -33.41
C LEU D 695 8.25 -0.25 -32.13
N GLU D 696 8.21 0.50 -31.05
CA GLU D 696 8.75 0.07 -29.77
C GLU D 696 7.66 -0.54 -28.90
N SER D 697 8.04 -1.58 -28.15
CA SER D 697 7.08 -2.52 -27.58
C SER D 697 6.13 -1.90 -26.58
N THR D 698 6.56 -0.85 -25.88
CA THR D 698 5.68 -0.15 -24.93
C THR D 698 4.52 0.49 -25.67
N MET D 699 4.81 1.21 -26.75
CA MET D 699 3.77 1.79 -27.57
C MET D 699 2.90 0.71 -28.20
N ASN D 700 3.51 -0.43 -28.53
CA ASN D 700 2.76 -1.54 -29.15
C ASN D 700 1.70 -2.07 -28.20
N GLU D 701 2.10 -2.41 -26.97
CA GLU D 701 1.12 -2.99 -26.06
C GLU D 701 0.17 -1.94 -25.53
N TYR D 702 0.57 -0.66 -25.50
CA TYR D 702 -0.36 0.37 -25.09
C TYR D 702 -1.47 0.54 -26.11
N ILE D 703 -1.11 0.56 -27.41
CA ILE D 703 -2.13 0.63 -28.45
C ILE D 703 -2.92 -0.68 -28.50
N GLU D 704 -2.31 -1.79 -28.10
CA GLU D 704 -3.04 -3.04 -28.02
C GLU D 704 -4.09 -2.99 -26.91
N GLN D 705 -3.86 -2.22 -25.86
CA GLN D 705 -4.86 -2.06 -24.81
C GLN D 705 -5.79 -0.87 -25.04
N ARG D 706 -5.95 -0.43 -26.29
CA ARG D 706 -6.89 0.64 -26.59
C ARG D 706 -8.04 0.09 -27.41
N LYS D 707 -9.09 0.84 -27.44
CA LYS D 707 -10.19 0.49 -28.32
C LYS D 707 -9.83 0.88 -29.75
N PRO D 708 -10.30 0.12 -30.75
CA PRO D 708 -11.17 -1.05 -30.67
C PRO D 708 -10.45 -2.38 -30.77
N CYS D 709 -9.28 -2.52 -30.13
CA CYS D 709 -8.51 -3.77 -30.10
C CYS D 709 -8.18 -4.30 -31.49
N ASP D 710 -7.99 -3.42 -32.44
CA ASP D 710 -7.75 -3.84 -33.81
C ASP D 710 -6.28 -4.10 -34.12
N THR D 711 -5.40 -3.89 -33.16
CA THR D 711 -3.99 -4.18 -33.32
C THR D 711 -3.65 -5.52 -32.72
N MET D 712 -2.43 -6.00 -33.01
CA MET D 712 -1.91 -7.21 -32.38
C MET D 712 -0.39 -7.30 -32.47
N LYS D 713 0.26 -7.49 -31.33
CA LYS D 713 1.68 -7.74 -31.30
C LYS D 713 1.95 -9.17 -31.76
N VAL D 714 3.01 -9.34 -32.56
CA VAL D 714 3.44 -10.67 -32.98
C VAL D 714 4.91 -10.83 -32.64
N GLY D 715 5.30 -12.08 -32.38
CA GLY D 715 6.69 -12.44 -32.14
C GLY D 715 7.33 -11.83 -30.92
N GLY D 716 8.63 -12.02 -30.78
CA GLY D 716 9.39 -11.42 -29.71
C GLY D 716 9.97 -10.08 -30.12
N ASN D 717 10.96 -9.63 -29.36
CA ASN D 717 11.62 -8.39 -29.67
C ASN D 717 12.80 -8.66 -30.60
N LEU D 718 13.56 -7.62 -30.88
CA LEU D 718 14.74 -7.74 -31.73
C LEU D 718 16.02 -7.28 -31.06
N ASP D 719 15.92 -6.48 -30.00
CA ASP D 719 17.08 -5.97 -29.28
C ASP D 719 16.64 -5.59 -27.87
N SER D 720 17.48 -4.82 -27.19
CA SER D 720 17.14 -4.34 -25.86
C SER D 720 17.61 -2.90 -25.74
N LYS D 721 16.68 -1.96 -25.83
CA LYS D 721 17.01 -0.56 -25.77
C LYS D 721 16.27 0.07 -24.60
N GLY D 722 16.70 1.26 -24.21
CA GLY D 722 16.15 1.94 -23.06
C GLY D 722 16.07 3.44 -23.26
N TYR D 723 15.08 4.03 -22.61
CA TYR D 723 14.92 5.47 -22.58
C TYR D 723 15.80 6.07 -21.50
N GLY D 724 16.29 7.27 -21.75
CA GLY D 724 17.13 7.96 -20.79
C GLY D 724 16.86 9.44 -20.78
N ILE D 725 17.11 10.07 -19.64
CA ILE D 725 16.98 11.52 -19.54
C ILE D 725 18.13 12.15 -20.30
N ALA D 726 17.82 13.11 -21.16
CA ALA D 726 18.80 13.72 -22.03
C ALA D 726 19.12 15.14 -21.57
N THR D 727 20.42 15.42 -21.42
CA THR D 727 20.90 16.75 -21.12
C THR D 727 21.94 17.16 -22.15
N PRO D 728 22.06 18.46 -22.45
CA PRO D 728 23.20 18.93 -23.23
C PRO D 728 24.50 18.66 -22.49
N LYS D 729 25.56 18.47 -23.27
CA LYS D 729 26.81 17.97 -22.73
C LYS D 729 27.47 19.00 -21.84
N GLY D 730 28.12 18.51 -20.79
CA GLY D 730 28.87 19.37 -19.91
C GLY D 730 28.05 20.19 -18.95
N SER D 731 26.75 19.93 -18.85
CA SER D 731 25.93 20.65 -17.92
C SER D 731 26.25 20.25 -16.49
N SER D 732 25.82 21.07 -15.55
CA SER D 732 25.93 20.76 -14.14
C SER D 732 24.77 19.94 -13.63
N LEU D 733 23.79 19.68 -14.48
CA LEU D 733 22.58 18.98 -14.09
C LEU D 733 22.69 17.47 -14.25
N GLY D 734 23.87 16.96 -14.59
CA GLY D 734 24.01 15.55 -14.89
C GLY D 734 23.89 14.64 -13.69
N THR D 735 24.88 14.72 -12.81
CA THR D 735 24.86 13.92 -11.59
C THR D 735 23.64 14.08 -10.67
N PRO D 736 22.96 15.23 -10.55
CA PRO D 736 21.70 15.19 -9.77
C PRO D 736 20.62 14.32 -10.39
N VAL D 737 20.45 14.39 -11.71
CA VAL D 737 19.51 13.52 -12.38
C VAL D 737 19.94 12.06 -12.26
N ASN D 738 21.26 11.83 -12.34
CA ASN D 738 21.82 10.49 -12.23
C ASN D 738 21.50 9.88 -10.87
N LEU D 739 21.57 10.68 -9.81
CA LEU D 739 21.19 10.15 -8.50
C LEU D 739 19.67 10.02 -8.36
N ALA D 740 18.92 10.94 -8.96
CA ALA D 740 17.48 10.99 -8.75
C ALA D 740 16.76 9.81 -9.40
N VAL D 741 17.19 9.44 -10.61
CA VAL D 741 16.57 8.32 -11.30
C VAL D 741 16.80 7.03 -10.52
N LEU D 742 17.95 6.90 -9.88
CA LEU D 742 18.21 5.73 -9.06
C LEU D 742 17.36 5.73 -7.81
N LYS D 743 17.10 6.90 -7.24
CA LYS D 743 16.16 6.96 -6.12
C LYS D 743 14.78 6.47 -6.52
N LEU D 744 14.33 6.86 -7.72
CA LEU D 744 13.02 6.43 -8.17
C LEU D 744 12.97 4.94 -8.45
N SER D 745 14.04 4.41 -9.04
CA SER D 745 14.08 2.97 -9.31
C SER D 745 14.22 2.17 -8.04
N GLU D 746 14.84 2.74 -7.02
CA GLU D 746 14.97 2.04 -5.76
C GLU D 746 13.64 1.99 -5.03
N GLN D 747 12.88 3.08 -5.08
CA GLN D 747 11.65 3.14 -4.31
C GLN D 747 10.42 2.74 -5.11
N GLY D 748 10.58 2.30 -6.36
CA GLY D 748 9.46 1.69 -7.04
C GLY D 748 8.43 2.66 -7.57
N VAL D 749 8.78 3.94 -7.58
CA VAL D 749 7.93 4.96 -8.15
C VAL D 749 7.75 4.72 -9.63
N LEU D 750 8.79 4.21 -10.31
CA LEU D 750 8.68 3.84 -11.71
C LEU D 750 7.64 2.76 -11.92
N ASP D 751 7.64 1.75 -11.04
CA ASP D 751 6.64 0.69 -11.08
C ASP D 751 5.25 1.25 -10.88
N LYS D 752 5.10 2.13 -9.90
CA LYS D 752 3.80 2.73 -9.60
C LYS D 752 3.27 3.54 -10.79
N LEU D 753 4.15 4.32 -11.42
CA LEU D 753 3.72 5.16 -12.53
C LEU D 753 3.41 4.31 -13.76
N LYS D 754 4.20 3.26 -13.97
CA LYS D 754 3.94 2.37 -15.10
C LYS D 754 2.63 1.63 -14.92
N ASN D 755 2.31 1.26 -13.68
CA ASN D 755 1.03 0.66 -13.40
C ASN D 755 -0.11 1.65 -13.65
N LYS D 756 0.08 2.90 -13.23
CA LYS D 756 -0.95 3.92 -13.38
C LYS D 756 -1.25 4.19 -14.84
N TRP D 757 -0.23 4.23 -15.67
CA TRP D 757 -0.43 4.64 -17.05
C TRP D 757 -0.41 3.50 -18.05
N TRP D 758 -0.33 2.27 -17.60
CA TRP D 758 -0.64 1.18 -18.54
C TRP D 758 -1.67 0.21 -18.02
N TYR D 759 -1.64 -0.12 -16.73
CA TYR D 759 -2.39 -1.27 -16.26
C TYR D 759 -3.68 -0.90 -15.58
N ASP D 760 -3.77 0.31 -15.02
CA ASP D 760 -5.04 0.75 -14.45
C ASP D 760 -6.04 1.13 -15.52
N LYS D 761 -5.60 1.37 -16.75
CA LYS D 761 -6.47 1.71 -17.86
C LYS D 761 -6.65 0.52 -18.80
N GLY D 762 -6.78 -0.67 -18.23
CA GLY D 762 -7.21 -1.81 -19.02
C GLY D 762 -8.66 -1.64 -19.42
N GLU D 763 -8.88 -1.32 -20.70
CA GLU D 763 -10.17 -0.89 -21.19
C GLU D 763 -10.78 -1.87 -22.18
N CYS D 764 -10.06 -2.19 -23.24
CA CYS D 764 -10.62 -2.82 -24.42
C CYS D 764 -10.53 -4.34 -24.26
N GLY D 765 -11.69 -4.96 -24.05
CA GLY D 765 -11.88 -6.36 -24.36
C GLY D 765 -11.08 -7.38 -23.57
N ALA D 766 -10.07 -7.95 -24.23
CA ALA D 766 -9.54 -9.25 -23.87
C ALA D 766 -8.85 -9.24 -22.50
N LYS D 767 -8.29 -8.10 -22.10
CA LYS D 767 -7.68 -8.00 -20.77
C LYS D 767 -8.71 -8.16 -19.67
N ASP D 768 -9.87 -7.53 -19.84
CA ASP D 768 -10.91 -7.59 -18.82
C ASP D 768 -11.71 -8.88 -18.93
N SER D 769 -12.09 -9.27 -20.14
CA SER D 769 -12.99 -10.39 -20.39
C SER D 769 -12.26 -11.67 -20.78
N GLY D 770 -10.94 -11.76 -20.57
CA GLY D 770 -10.22 -12.97 -20.89
C GLY D 770 -10.34 -14.07 -19.86
N SER D 771 -10.86 -13.77 -18.67
CA SER D 771 -10.95 -14.72 -17.57
C SER D 771 -12.39 -14.97 -17.14
N LYS D 772 -13.33 -14.92 -18.07
CA LYS D 772 -14.73 -15.18 -17.80
C LYS D 772 -15.17 -16.46 -18.51
N GLU D 773 -16.44 -16.82 -18.32
CA GLU D 773 -16.93 -18.11 -18.77
C GLU D 773 -18.35 -18.00 -19.28
N LYS D 774 -18.59 -18.58 -20.45
CA LYS D 774 -19.93 -18.81 -20.98
C LYS D 774 -20.09 -20.31 -21.18
N THR D 775 -21.31 -20.81 -20.99
CA THR D 775 -21.47 -22.26 -20.90
C THR D 775 -21.43 -22.91 -22.28
N SER D 776 -22.52 -22.74 -23.06
CA SER D 776 -22.64 -23.12 -24.46
C SER D 776 -24.05 -22.81 -24.94
N ALA D 777 -24.21 -22.94 -26.26
CA ALA D 777 -25.47 -23.24 -26.93
C ALA D 777 -25.11 -23.73 -28.32
N LEU D 778 -25.42 -24.97 -28.65
CA LEU D 778 -24.97 -25.53 -29.91
C LEU D 778 -25.76 -24.98 -31.07
N SER D 779 -25.05 -24.46 -32.07
CA SER D 779 -25.64 -23.93 -33.29
C SER D 779 -25.37 -24.88 -34.44
N LEU D 780 -26.13 -24.67 -35.51
CA LEU D 780 -26.01 -25.53 -36.69
C LEU D 780 -24.68 -25.35 -37.40
N SER D 781 -24.08 -24.17 -37.32
CA SER D 781 -22.81 -23.92 -37.99
C SER D 781 -21.68 -24.76 -37.43
N ASN D 782 -21.83 -25.22 -36.18
CA ASN D 782 -20.87 -26.15 -35.63
C ASN D 782 -20.96 -27.50 -36.32
N VAL D 783 -22.17 -28.00 -36.49
CA VAL D 783 -22.38 -29.36 -36.99
C VAL D 783 -23.04 -29.23 -38.35
N ALA D 784 -22.23 -29.26 -39.37
CA ALA D 784 -22.77 -29.25 -40.72
C ALA D 784 -22.19 -30.36 -41.58
N GLY D 785 -20.92 -30.68 -41.38
CA GLY D 785 -20.29 -31.74 -42.14
C GLY D 785 -20.89 -33.10 -41.84
N VAL D 786 -21.48 -33.26 -40.66
CA VAL D 786 -22.15 -34.51 -40.31
C VAL D 786 -23.35 -34.71 -41.20
N PHE D 787 -24.17 -33.68 -41.36
CA PHE D 787 -25.28 -33.73 -42.28
C PHE D 787 -24.83 -33.92 -43.72
N TYR D 788 -23.69 -33.30 -44.07
CA TYR D 788 -23.16 -33.45 -45.42
C TYR D 788 -22.77 -34.90 -45.70
N ILE D 789 -22.11 -35.54 -44.73
CA ILE D 789 -21.72 -36.94 -44.84
C ILE D 789 -22.95 -37.82 -44.94
N LEU D 790 -23.99 -37.49 -44.17
CA LEU D 790 -25.23 -38.26 -44.18
C LEU D 790 -25.89 -38.27 -45.54
N VAL D 791 -26.05 -37.08 -46.12
CA VAL D 791 -26.73 -36.97 -47.41
C VAL D 791 -25.89 -37.59 -48.51
N GLY D 792 -24.56 -37.42 -48.44
CA GLY D 792 -23.71 -38.03 -49.44
C GLY D 792 -23.73 -39.54 -49.40
N GLY D 793 -23.79 -40.10 -48.20
CA GLY D 793 -23.91 -41.55 -48.08
C GLY D 793 -25.23 -42.06 -48.61
N LEU D 794 -26.30 -41.27 -48.42
CA LEU D 794 -27.59 -41.61 -48.99
C LEU D 794 -27.51 -41.71 -50.50
N GLY D 795 -26.91 -40.69 -51.13
CA GLY D 795 -26.79 -40.70 -52.58
C GLY D 795 -25.93 -41.84 -53.09
N LEU D 796 -24.86 -42.16 -52.34
CA LEU D 796 -23.98 -43.25 -52.71
C LEU D 796 -24.71 -44.59 -52.67
N ALA D 797 -25.48 -44.82 -51.61
CA ALA D 797 -26.20 -46.08 -51.48
C ALA D 797 -27.24 -46.23 -52.57
N MET D 798 -27.94 -45.14 -52.88
CA MET D 798 -28.95 -45.19 -53.94
C MET D 798 -28.33 -45.50 -55.28
N LEU D 799 -27.15 -44.91 -55.55
CA LEU D 799 -26.41 -45.20 -56.78
C LEU D 799 -25.99 -46.67 -56.86
N VAL D 800 -25.57 -47.23 -55.72
CA VAL D 800 -25.15 -48.64 -55.67
C VAL D 800 -26.32 -49.55 -56.02
N ALA D 801 -27.49 -49.26 -55.45
CA ALA D 801 -28.66 -50.07 -55.75
C ALA D 801 -29.07 -49.95 -57.21
N LEU D 802 -28.93 -48.75 -57.78
CA LEU D 802 -29.28 -48.56 -59.19
C LEU D 802 -28.39 -49.39 -60.09
N ILE D 803 -27.08 -49.40 -59.82
CA ILE D 803 -26.22 -50.16 -60.72
C ILE D 803 -26.34 -51.66 -60.44
N GLU D 804 -26.78 -52.04 -59.23
CA GLU D 804 -27.06 -53.45 -58.98
C GLU D 804 -28.24 -53.94 -59.81
N PHE D 805 -29.32 -53.15 -59.84
CA PHE D 805 -30.45 -53.51 -60.67
C PHE D 805 -30.10 -53.43 -62.16
N CYS D 806 -29.17 -52.54 -62.52
CA CYS D 806 -28.73 -52.47 -63.90
C CYS D 806 -27.95 -53.73 -64.29
N TYR D 807 -27.14 -54.25 -63.37
CA TYR D 807 -26.39 -55.47 -63.67
C TYR D 807 -27.29 -56.69 -63.72
N LYS D 808 -28.17 -56.83 -62.73
CA LYS D 808 -29.04 -58.01 -62.68
C LYS D 808 -30.35 -57.73 -63.41
N SER D 809 -30.22 -57.23 -64.63
CA SER D 809 -31.28 -57.13 -65.59
C SER D 809 -30.93 -57.80 -66.90
N ARG D 810 -29.65 -58.00 -67.16
CA ARG D 810 -29.17 -58.74 -68.29
C ARG D 810 -28.80 -60.14 -67.84
N LEU D 821 -14.86 -65.50 -56.42
CA LEU D 821 -14.57 -64.81 -57.67
C LEU D 821 -14.91 -65.64 -58.89
N PHE D 822 -14.27 -65.29 -60.01
CA PHE D 822 -14.48 -65.95 -61.28
C PHE D 822 -13.30 -66.87 -61.57
N ASP D 823 -13.62 -68.08 -62.05
CA ASP D 823 -12.65 -69.14 -62.36
C ASP D 823 -11.81 -69.50 -61.14
N ARG D 824 -12.48 -70.17 -60.21
CA ARG D 824 -11.82 -71.05 -59.26
C ARG D 824 -10.80 -71.89 -60.01
N GLY D 825 -9.53 -71.74 -59.65
CA GLY D 825 -8.52 -71.74 -60.68
C GLY D 825 -7.70 -70.47 -60.55
N VAL D 826 -7.91 -69.49 -61.43
CA VAL D 826 -7.11 -68.26 -61.52
C VAL D 826 -7.12 -67.41 -60.24
N GLN D 827 -7.99 -67.75 -59.30
CA GLN D 827 -7.85 -67.27 -57.93
C GLN D 827 -6.48 -67.65 -57.35
N MET D 828 -5.96 -68.81 -57.74
CA MET D 828 -4.60 -69.19 -57.35
C MET D 828 -3.57 -68.23 -57.94
N LEU D 829 -3.76 -67.83 -59.20
CA LEU D 829 -2.88 -66.86 -59.83
C LEU D 829 -2.95 -65.52 -59.09
N LEU D 830 -4.16 -65.11 -58.72
CA LEU D 830 -4.36 -63.85 -58.03
C LEU D 830 -3.72 -63.87 -56.65
N THR D 831 -3.84 -64.98 -55.93
CA THR D 831 -3.27 -65.01 -54.58
C THR D 831 -1.75 -65.14 -54.62
N THR D 832 -1.21 -65.79 -55.66
CA THR D 832 0.25 -65.85 -55.78
C THR D 832 0.85 -64.49 -56.11
N VAL D 833 0.23 -63.77 -57.06
CA VAL D 833 0.77 -62.46 -57.40
C VAL D 833 0.54 -61.47 -56.27
N GLY D 834 -0.54 -61.65 -55.48
CA GLY D 834 -0.75 -60.80 -54.34
C GLY D 834 0.25 -61.06 -53.23
N ALA D 835 0.59 -62.33 -53.00
CA ALA D 835 1.58 -62.67 -51.98
C ALA D 835 2.96 -62.13 -52.36
N PHE D 836 3.30 -62.21 -53.65
CA PHE D 836 4.58 -61.67 -54.10
C PHE D 836 4.62 -60.15 -53.95
N ALA D 837 3.54 -59.47 -54.36
CA ALA D 837 3.49 -58.01 -54.25
C ALA D 837 3.58 -57.56 -52.79
N ALA D 838 2.89 -58.29 -51.91
CA ALA D 838 2.93 -58.01 -50.48
C ALA D 838 4.33 -58.18 -49.93
N PHE D 839 4.98 -59.32 -50.22
CA PHE D 839 6.27 -59.60 -49.65
C PHE D 839 7.34 -58.65 -50.15
N SER D 840 7.33 -58.37 -51.45
CA SER D 840 8.33 -57.49 -52.04
C SER D 840 8.20 -56.08 -51.52
N LEU D 841 6.96 -55.55 -51.48
CA LEU D 841 6.81 -54.19 -51.00
C LEU D 841 7.00 -54.11 -49.50
N MET D 842 6.79 -55.21 -48.79
CA MET D 842 7.10 -55.27 -47.36
C MET D 842 8.59 -55.15 -47.11
N THR D 843 9.39 -55.92 -47.87
CA THR D 843 10.84 -55.85 -47.70
C THR D 843 11.39 -54.49 -48.10
N ILE D 844 10.84 -53.90 -49.17
CA ILE D 844 11.23 -52.55 -49.56
C ILE D 844 10.92 -51.56 -48.45
N ALA D 845 9.73 -51.68 -47.85
CA ALA D 845 9.35 -50.81 -46.75
C ALA D 845 10.25 -50.99 -45.53
N VAL D 846 10.75 -52.20 -45.32
CA VAL D 846 11.68 -52.42 -44.22
C VAL D 846 13.00 -51.72 -44.51
N GLY D 847 13.66 -52.09 -45.61
CA GLY D 847 14.95 -51.49 -45.91
C GLY D 847 14.86 -50.15 -46.60
N THR D 848 14.49 -49.09 -45.89
CA THR D 848 14.24 -47.80 -46.51
C THR D 848 14.51 -46.68 -45.51
N ASP D 849 15.11 -45.59 -45.99
CA ASP D 849 15.43 -44.43 -45.17
C ASP D 849 14.33 -43.38 -45.07
N TYR D 850 13.22 -43.50 -45.80
CA TYR D 850 12.14 -42.51 -45.65
C TYR D 850 11.00 -43.07 -44.82
N TRP D 851 11.15 -42.94 -43.50
CA TRP D 851 10.09 -43.20 -42.54
C TRP D 851 9.43 -41.94 -42.02
N LEU D 852 10.21 -40.99 -41.49
CA LEU D 852 9.65 -39.72 -41.08
C LEU D 852 10.59 -38.58 -41.44
N TYR D 853 10.00 -37.45 -41.83
CA TYR D 853 10.75 -36.23 -42.05
C TYR D 853 10.55 -35.33 -40.83
N SER D 854 11.65 -34.96 -40.19
CA SER D 854 11.61 -34.07 -39.03
C SER D 854 12.89 -33.24 -39.06
N ARG D 855 13.18 -32.57 -37.95
CA ARG D 855 14.42 -31.80 -37.87
C ARG D 855 15.17 -32.14 -36.59
N GLY D 856 16.46 -32.40 -36.74
CA GLY D 856 17.32 -32.77 -35.64
C GLY D 856 18.76 -32.39 -35.92
N VAL D 857 19.68 -33.32 -35.69
CA VAL D 857 21.07 -33.16 -36.09
C VAL D 857 21.42 -34.32 -37.03
N CYS D 858 22.62 -34.24 -37.61
CA CYS D 858 23.14 -35.30 -38.47
C CYS D 858 24.14 -36.19 -37.75
N LYS D 859 25.21 -35.60 -37.24
CA LYS D 859 26.29 -36.34 -36.59
C LYS D 859 27.08 -35.37 -35.74
N THR D 860 27.10 -35.60 -34.43
CA THR D 860 27.76 -34.72 -33.49
C THR D 860 29.00 -35.38 -32.90
N LYS D 861 29.88 -34.54 -32.35
CA LYS D 861 31.07 -34.92 -31.60
C LYS D 861 32.04 -35.79 -32.40
N VAL D 875 18.00 -29.13 -38.13
CA VAL D 875 18.42 -29.70 -39.41
C VAL D 875 17.43 -30.75 -39.87
N MET D 876 16.76 -30.47 -41.01
CA MET D 876 15.81 -31.40 -41.60
C MET D 876 16.49 -32.73 -41.94
N THR D 877 15.76 -33.82 -41.75
CA THR D 877 16.38 -35.13 -41.78
C THR D 877 15.52 -36.11 -42.57
N HIS D 878 16.15 -36.83 -43.50
CA HIS D 878 15.55 -37.93 -44.23
C HIS D 878 15.66 -39.22 -43.42
N SER D 879 15.11 -39.19 -42.21
CA SER D 879 15.36 -40.22 -41.22
C SER D 879 14.51 -41.46 -41.47
N GLY D 880 15.10 -42.61 -41.19
CA GLY D 880 14.46 -43.90 -41.39
C GLY D 880 14.40 -44.70 -40.11
N LEU D 881 14.34 -46.02 -40.28
CA LEU D 881 14.20 -46.91 -39.14
C LEU D 881 15.47 -46.98 -38.31
N TRP D 882 16.61 -47.20 -38.96
CA TRP D 882 17.89 -47.14 -38.28
C TRP D 882 18.69 -45.91 -38.66
N ARG D 883 18.69 -45.54 -39.94
CA ARG D 883 19.49 -44.42 -40.39
C ARG D 883 18.72 -43.13 -40.20
N THR D 884 19.29 -42.21 -39.41
CA THR D 884 18.80 -40.84 -39.37
C THR D 884 19.58 -40.00 -40.38
N CYS D 885 19.64 -40.50 -41.60
CA CYS D 885 20.47 -39.93 -42.66
C CYS D 885 19.82 -38.63 -43.13
N CYS D 886 20.57 -37.54 -43.06
CA CYS D 886 19.97 -36.22 -43.21
C CYS D 886 20.21 -35.63 -44.59
N LEU D 887 19.35 -34.68 -44.94
CA LEU D 887 19.50 -33.83 -46.11
C LEU D 887 19.55 -32.38 -45.66
N GLU D 888 19.74 -31.48 -46.63
CA GLU D 888 19.69 -30.02 -46.47
C GLU D 888 20.72 -29.55 -45.43
N GLY D 889 21.98 -29.71 -45.81
CA GLY D 889 23.03 -29.26 -44.91
C GLY D 889 24.34 -29.06 -45.63
N ASN D 890 25.36 -28.77 -44.81
CA ASN D 890 26.73 -28.70 -45.30
C ASN D 890 27.22 -30.03 -45.86
N PHE D 891 26.67 -31.15 -45.38
CA PHE D 891 26.84 -32.44 -46.01
C PHE D 891 25.48 -33.11 -46.11
N LYS D 892 25.20 -33.70 -47.27
CA LYS D 892 23.93 -34.36 -47.52
C LYS D 892 24.20 -35.83 -47.84
N GLY D 893 23.37 -36.71 -47.28
CA GLY D 893 23.47 -38.12 -47.57
C GLY D 893 24.41 -38.90 -46.68
N LEU D 894 25.10 -38.24 -45.76
CA LEU D 894 25.96 -38.93 -44.80
C LEU D 894 25.08 -39.44 -43.67
N CYS D 895 24.98 -40.77 -43.57
CA CYS D 895 23.99 -41.39 -42.71
C CYS D 895 24.56 -41.65 -41.33
N LYS D 896 23.66 -41.67 -40.34
CA LYS D 896 24.02 -41.95 -38.97
C LYS D 896 23.05 -42.97 -38.41
N GLN D 897 23.56 -43.89 -37.60
CA GLN D 897 22.72 -44.94 -37.01
C GLN D 897 22.28 -44.51 -35.63
N ILE D 898 20.98 -44.56 -35.37
CA ILE D 898 20.38 -43.96 -34.17
C ILE D 898 19.57 -45.02 -33.42
N ASP D 899 19.65 -44.95 -32.10
CA ASP D 899 18.84 -45.73 -31.16
C ASP D 899 18.82 -44.97 -29.84
N HIS D 900 18.48 -45.66 -28.75
CA HIS D 900 18.31 -45.04 -27.45
C HIS D 900 19.65 -44.56 -26.89
N PHE D 901 19.57 -43.95 -25.71
CA PHE D 901 20.71 -43.34 -25.07
C PHE D 901 20.48 -43.30 -23.57
N PRO D 902 21.51 -43.58 -22.77
CA PRO D 902 21.34 -43.55 -21.31
C PRO D 902 21.43 -42.14 -20.75
N GLU D 903 20.33 -41.68 -20.15
CA GLU D 903 20.28 -40.40 -19.48
C GLU D 903 20.61 -40.57 -18.00
N ASP D 904 20.30 -39.56 -17.20
CA ASP D 904 20.53 -39.59 -15.75
C ASP D 904 19.71 -40.69 -15.09
N ALA D 905 20.39 -41.75 -14.65
CA ALA D 905 19.89 -42.92 -13.93
C ALA D 905 18.90 -43.78 -14.72
N ASP D 906 18.62 -43.43 -15.98
CA ASP D 906 17.84 -44.17 -16.98
C ASP D 906 16.37 -44.35 -16.60
N TYR D 907 15.92 -43.84 -15.46
CA TYR D 907 14.69 -44.21 -14.76
C TYR D 907 14.41 -45.72 -14.85
N GLU D 908 15.37 -46.48 -14.32
CA GLU D 908 15.33 -47.95 -14.39
C GLU D 908 14.17 -48.52 -13.55
N ALA D 909 13.58 -47.72 -12.65
CA ALA D 909 12.32 -48.11 -12.01
C ALA D 909 11.21 -48.31 -13.03
N ASP D 910 11.22 -47.56 -14.12
CA ASP D 910 10.34 -47.82 -15.27
C ASP D 910 11.01 -48.81 -16.23
N THR D 911 11.25 -50.01 -15.70
CA THR D 911 11.83 -51.08 -16.51
C THR D 911 10.85 -51.59 -17.55
N ALA D 912 9.55 -51.31 -17.37
CA ALA D 912 8.59 -51.48 -18.45
C ALA D 912 8.93 -50.56 -19.63
N GLU D 913 9.28 -49.30 -19.33
CA GLU D 913 9.69 -48.40 -20.40
C GLU D 913 11.00 -48.85 -21.03
N TYR D 914 11.93 -49.36 -20.21
CA TYR D 914 13.17 -49.91 -20.74
C TYR D 914 12.89 -51.10 -21.66
N PHE D 915 11.93 -51.94 -21.28
CA PHE D 915 11.52 -53.08 -22.09
C PHE D 915 10.95 -52.63 -23.43
N LEU D 916 10.05 -51.63 -23.39
CA LEU D 916 9.45 -51.12 -24.63
C LEU D 916 10.49 -50.44 -25.52
N ARG D 917 11.42 -49.71 -24.90
CA ARG D 917 12.50 -49.06 -25.64
C ARG D 917 13.40 -50.09 -26.31
N ALA D 918 13.69 -51.18 -25.61
CA ALA D 918 14.55 -52.23 -26.17
C ALA D 918 13.85 -52.95 -27.32
N VAL D 919 12.54 -53.14 -27.20
CA VAL D 919 11.80 -53.74 -28.30
C VAL D 919 11.75 -52.77 -29.49
N ARG D 920 11.77 -51.47 -29.23
CA ARG D 920 11.83 -50.51 -30.32
C ARG D 920 13.16 -50.59 -31.05
N ALA D 921 14.26 -50.55 -30.31
CA ALA D 921 15.59 -50.51 -30.93
C ALA D 921 15.90 -51.80 -31.66
N SER D 922 15.47 -52.93 -31.11
CA SER D 922 15.53 -54.20 -31.81
C SER D 922 14.14 -54.46 -32.37
N SER D 923 13.87 -53.85 -33.53
CA SER D 923 12.53 -53.90 -34.11
C SER D 923 12.22 -55.29 -34.64
N ILE D 924 12.00 -56.23 -33.73
CA ILE D 924 11.85 -57.63 -34.08
C ILE D 924 10.52 -57.89 -34.75
N PHE D 925 9.51 -57.05 -34.50
CA PHE D 925 8.19 -57.34 -35.05
C PHE D 925 8.09 -57.10 -36.55
N PRO D 926 8.60 -56.01 -37.15
CA PRO D 926 8.58 -55.94 -38.62
C PRO D 926 9.45 -57.00 -39.28
N ILE D 927 10.57 -57.35 -38.62
CA ILE D 927 11.45 -58.39 -39.13
C ILE D 927 10.73 -59.73 -39.15
N LEU D 928 10.09 -60.07 -38.03
CA LEU D 928 9.35 -61.32 -37.93
C LEU D 928 8.13 -61.33 -38.84
N SER D 929 7.56 -60.15 -39.09
CA SER D 929 6.53 -60.02 -40.11
C SER D 929 7.04 -60.44 -41.47
N VAL D 930 8.23 -59.96 -41.84
CA VAL D 930 8.87 -60.39 -43.09
C VAL D 930 9.17 -61.87 -43.06
N ILE D 931 9.53 -62.40 -41.88
CA ILE D 931 9.87 -63.82 -41.74
C ILE D 931 8.67 -64.70 -42.03
N LEU D 932 7.55 -64.42 -41.37
CA LEU D 932 6.37 -65.25 -41.59
C LEU D 932 5.75 -65.00 -42.95
N LEU D 933 5.92 -63.81 -43.50
CA LEU D 933 5.43 -63.55 -44.85
C LEU D 933 6.24 -64.33 -45.88
N PHE D 934 7.55 -64.43 -45.65
CA PHE D 934 8.41 -65.26 -46.49
C PHE D 934 8.06 -66.73 -46.35
N MET D 935 7.75 -67.16 -45.13
CA MET D 935 7.31 -68.54 -44.90
C MET D 935 6.00 -68.83 -45.61
N GLY D 936 5.09 -67.87 -45.61
CA GLY D 936 3.84 -68.05 -46.34
C GLY D 936 4.04 -68.05 -47.85
N GLY D 937 5.04 -67.31 -48.32
CA GLY D 937 5.39 -67.37 -49.73
C GLY D 937 5.93 -68.72 -50.13
N LEU D 938 6.79 -69.30 -49.28
CA LEU D 938 7.26 -70.67 -49.51
C LEU D 938 6.10 -71.67 -49.49
N CYS D 939 5.17 -71.46 -48.56
CA CYS D 939 4.04 -72.36 -48.42
C CYS D 939 3.08 -72.26 -49.59
N ILE D 940 2.88 -71.06 -50.14
CA ILE D 940 1.97 -70.89 -51.26
C ILE D 940 2.62 -71.38 -52.55
N ALA D 941 3.95 -71.32 -52.63
CA ALA D 941 4.60 -71.89 -53.81
C ALA D 941 4.64 -73.40 -53.75
N ALA D 942 4.62 -73.98 -52.54
CA ALA D 942 4.69 -75.43 -52.38
C ALA D 942 3.31 -76.10 -52.40
N SER D 943 2.35 -75.51 -53.10
CA SER D 943 0.97 -75.98 -53.01
C SER D 943 0.69 -77.12 -53.99
N GLU D 944 0.82 -76.85 -55.29
CA GLU D 944 0.49 -77.86 -56.29
C GLU D 944 1.58 -78.91 -56.41
N PHE D 945 2.83 -78.49 -56.25
CA PHE D 945 3.91 -79.43 -56.08
C PHE D 945 3.74 -80.13 -54.74
N TYR D 946 3.58 -81.46 -54.80
CA TYR D 946 3.10 -82.29 -53.69
C TYR D 946 1.77 -81.74 -53.16
N LYS D 947 0.76 -81.80 -54.04
CA LYS D 947 -0.60 -81.42 -53.69
C LYS D 947 -1.34 -82.63 -53.12
N THR D 948 -2.66 -82.51 -53.00
CA THR D 948 -3.63 -83.50 -52.50
C THR D 948 -3.45 -83.76 -51.00
N ARG D 949 -2.46 -83.13 -50.36
CA ARG D 949 -2.41 -83.06 -48.92
C ARG D 949 -3.45 -82.07 -48.40
N HIS D 950 -3.57 -80.92 -49.10
CA HIS D 950 -4.56 -79.85 -48.95
C HIS D 950 -4.85 -79.42 -47.52
N ASN D 951 -3.84 -79.45 -46.67
CA ASN D 951 -3.90 -78.88 -45.34
C ASN D 951 -2.79 -77.87 -45.15
N ILE D 952 -1.69 -78.01 -45.88
CA ILE D 952 -0.64 -77.01 -45.87
C ILE D 952 -1.13 -75.73 -46.54
N ILE D 953 -2.00 -75.87 -47.55
CA ILE D 953 -2.64 -74.72 -48.15
C ILE D 953 -3.57 -74.02 -47.16
N LEU D 954 -4.14 -74.78 -46.22
CA LEU D 954 -4.88 -74.16 -45.12
C LEU D 954 -3.95 -73.39 -44.22
N SER D 955 -2.84 -74.03 -43.81
CA SER D 955 -1.93 -73.38 -42.88
C SER D 955 -1.21 -72.18 -43.48
N ALA D 956 -1.25 -72.01 -44.81
CA ALA D 956 -0.66 -70.86 -45.47
C ALA D 956 -1.23 -69.53 -44.99
N GLY D 957 -2.55 -69.44 -44.84
CA GLY D 957 -3.16 -68.15 -44.53
C GLY D 957 -2.95 -67.69 -43.12
N ILE D 958 -2.72 -68.62 -42.20
CA ILE D 958 -2.49 -68.29 -40.79
C ILE D 958 -1.24 -67.45 -40.65
N PHE D 959 -0.21 -67.76 -41.42
CA PHE D 959 1.01 -66.96 -41.41
C PHE D 959 0.76 -65.56 -41.92
N PHE D 960 -0.13 -65.42 -42.90
CA PHE D 960 -0.45 -64.11 -43.45
C PHE D 960 -1.18 -63.26 -42.42
N VAL D 961 -2.13 -63.86 -41.73
CA VAL D 961 -2.88 -63.15 -40.70
C VAL D 961 -1.97 -62.75 -39.56
N SER D 962 -1.08 -63.67 -39.14
CA SER D 962 -0.16 -63.40 -38.07
C SER D 962 0.84 -62.32 -38.46
N ALA D 963 1.21 -62.29 -39.75
CA ALA D 963 2.10 -61.25 -40.24
C ALA D 963 1.44 -59.89 -40.21
N GLY D 964 0.15 -59.83 -40.53
CA GLY D 964 -0.58 -58.58 -40.42
C GLY D 964 -0.66 -58.09 -38.97
N LEU D 965 -0.87 -59.03 -38.05
CA LEU D 965 -0.90 -58.68 -36.63
C LEU D 965 0.45 -58.15 -36.17
N SER D 966 1.53 -58.79 -36.61
CA SER D 966 2.87 -58.34 -36.25
C SER D 966 3.15 -56.96 -36.86
N ASN D 967 2.64 -56.73 -38.06
CA ASN D 967 2.84 -55.45 -38.73
C ASN D 967 2.21 -54.31 -37.95
N ILE D 968 0.94 -54.49 -37.56
CA ILE D 968 0.27 -53.40 -36.86
C ILE D 968 0.86 -53.18 -35.48
N ILE D 969 1.29 -54.27 -34.81
CA ILE D 969 1.82 -54.07 -33.46
C ILE D 969 3.19 -53.39 -33.51
N GLY D 970 3.96 -53.65 -34.57
CA GLY D 970 5.22 -52.95 -34.72
C GLY D 970 5.04 -51.49 -35.06
N ILE D 971 4.02 -51.18 -35.88
CA ILE D 971 3.70 -49.80 -36.18
C ILE D 971 3.32 -49.04 -34.91
N ILE D 972 2.59 -49.72 -34.03
CA ILE D 972 2.20 -49.14 -32.75
C ILE D 972 3.41 -48.77 -31.91
N VAL D 973 4.35 -49.71 -31.76
CA VAL D 973 5.48 -49.44 -30.87
C VAL D 973 6.41 -48.39 -31.46
N TYR D 974 6.46 -48.31 -32.80
CA TYR D 974 7.28 -47.27 -33.42
C TYR D 974 6.70 -45.89 -33.20
N ILE D 975 5.38 -45.75 -33.39
CA ILE D 975 4.77 -44.44 -33.20
C ILE D 975 4.79 -44.04 -31.73
N SER D 976 4.71 -45.02 -30.82
CA SER D 976 4.80 -44.71 -29.40
C SER D 976 6.18 -44.20 -29.02
N ALA D 977 7.22 -44.94 -29.42
CA ALA D 977 8.55 -44.52 -29.01
C ALA D 977 9.10 -43.36 -29.82
N ASN D 978 8.40 -42.92 -30.87
CA ASN D 978 8.78 -41.66 -31.51
C ASN D 978 8.69 -40.50 -30.53
N ALA D 979 7.49 -40.24 -30.02
CA ALA D 979 7.32 -39.19 -29.03
C ALA D 979 7.71 -39.63 -27.63
N GLY D 980 8.03 -40.91 -27.44
CA GLY D 980 8.50 -41.37 -26.14
C GLY D 980 9.82 -40.80 -25.67
N LYS D 988 2.23 -28.90 -32.18
CA LYS D 988 3.01 -30.11 -31.90
C LYS D 988 4.42 -29.85 -31.27
N LYS D 989 5.33 -28.98 -31.79
CA LYS D 989 5.24 -28.19 -33.02
C LYS D 989 5.87 -28.94 -34.18
N ASN D 990 7.21 -29.06 -34.18
CA ASN D 990 8.08 -30.08 -34.75
C ASN D 990 7.86 -30.52 -36.21
N SER D 991 6.77 -30.05 -36.83
CA SER D 991 6.42 -30.14 -38.26
C SER D 991 6.74 -31.49 -38.91
N TYR D 992 6.43 -32.57 -38.19
CA TYR D 992 6.87 -33.86 -38.71
C TYR D 992 5.90 -34.39 -39.75
N SER D 993 6.37 -35.35 -40.54
CA SER D 993 5.57 -35.99 -41.56
C SER D 993 6.09 -37.41 -41.71
N TYR D 994 5.45 -38.19 -42.57
CA TYR D 994 5.76 -39.60 -42.73
C TYR D 994 6.25 -39.88 -44.14
N GLY D 995 7.38 -40.59 -44.22
CA GLY D 995 7.90 -41.03 -45.50
C GLY D 995 7.06 -42.15 -46.08
N TRP D 996 7.42 -42.53 -47.30
CA TRP D 996 6.58 -43.46 -48.05
C TRP D 996 6.67 -44.88 -47.50
N SER D 997 7.78 -45.22 -46.82
CA SER D 997 7.97 -46.57 -46.29
C SER D 997 6.94 -46.91 -45.23
N PHE D 998 6.51 -45.91 -44.47
CA PHE D 998 5.46 -46.10 -43.47
C PHE D 998 4.13 -46.45 -44.14
N TYR D 999 3.73 -45.64 -45.12
CA TYR D 999 2.54 -45.93 -45.90
C TYR D 999 2.69 -47.23 -46.68
N PHE D 1000 3.93 -47.56 -47.07
CA PHE D 1000 4.19 -48.84 -47.71
C PHE D 1000 3.94 -50.00 -46.75
N GLY D 1001 4.30 -49.85 -45.48
CA GLY D 1001 4.01 -50.88 -44.51
C GLY D 1001 2.52 -51.03 -44.26
N ALA D 1002 1.80 -49.91 -44.27
CA ALA D 1002 0.34 -49.95 -44.15
C ALA D 1002 -0.29 -50.68 -45.32
N LEU D 1003 0.18 -50.37 -46.52
CA LEU D 1003 -0.32 -51.03 -47.72
C LEU D 1003 0.00 -52.51 -47.70
N SER D 1004 1.18 -52.86 -47.18
CA SER D 1004 1.56 -54.27 -47.06
C SER D 1004 0.64 -55.02 -46.12
N PHE D 1005 0.24 -54.36 -45.02
CA PHE D 1005 -0.73 -54.95 -44.11
C PHE D 1005 -2.06 -55.24 -44.79
N ILE D 1006 -2.60 -54.24 -45.50
CA ILE D 1006 -3.90 -54.41 -46.15
C ILE D 1006 -3.85 -55.50 -47.20
N ILE D 1007 -2.77 -55.54 -47.99
CA ILE D 1007 -2.63 -56.53 -49.04
C ILE D 1007 -2.46 -57.92 -48.44
N ALA D 1008 -1.73 -58.04 -47.33
CA ALA D 1008 -1.54 -59.33 -46.68
C ALA D 1008 -2.85 -59.88 -46.15
N GLU D 1009 -3.69 -58.99 -45.62
CA GLU D 1009 -5.00 -59.43 -45.17
C GLU D 1009 -5.89 -59.86 -46.33
N MET D 1010 -5.81 -59.12 -47.44
CA MET D 1010 -6.63 -59.45 -48.60
C MET D 1010 -6.18 -60.75 -49.25
N VAL D 1011 -4.92 -61.12 -49.06
CA VAL D 1011 -4.46 -62.43 -49.53
C VAL D 1011 -4.92 -63.53 -48.58
N GLY D 1012 -4.78 -63.28 -47.28
CA GLY D 1012 -5.11 -64.29 -46.28
C GLY D 1012 -6.59 -64.65 -46.26
N VAL D 1013 -7.45 -63.70 -46.59
CA VAL D 1013 -8.88 -64.03 -46.65
C VAL D 1013 -9.17 -64.93 -47.84
N LEU D 1014 -8.43 -64.77 -48.93
CA LEU D 1014 -8.64 -65.61 -50.10
C LEU D 1014 -8.11 -67.01 -49.89
N ALA D 1015 -7.10 -67.13 -49.02
CA ALA D 1015 -6.54 -68.44 -48.71
C ALA D 1015 -7.59 -69.38 -48.10
N VAL D 1016 -8.45 -68.84 -47.24
CA VAL D 1016 -9.46 -69.66 -46.60
C VAL D 1016 -10.54 -70.06 -47.60
N HIS D 1017 -10.88 -69.17 -48.52
CA HIS D 1017 -11.81 -69.52 -49.58
C HIS D 1017 -11.27 -70.62 -50.47
N MET D 1018 -9.95 -70.58 -50.75
CA MET D 1018 -9.33 -71.66 -51.52
C MET D 1018 -9.38 -72.98 -50.76
N PHE D 1019 -9.15 -72.93 -49.44
CA PHE D 1019 -9.25 -74.15 -48.64
C PHE D 1019 -10.67 -74.71 -48.63
N ILE D 1020 -11.67 -73.84 -48.46
CA ILE D 1020 -13.05 -74.30 -48.42
C ILE D 1020 -13.46 -74.85 -49.78
N ASP D 1021 -12.94 -74.25 -50.85
CA ASP D 1021 -13.22 -74.75 -52.20
C ASP D 1021 -12.65 -76.15 -52.40
N ARG D 1022 -11.37 -76.33 -52.06
CA ARG D 1022 -10.74 -77.65 -52.24
C ARG D 1022 -11.34 -78.69 -51.31
N HIS D 1023 -11.76 -78.29 -50.12
CA HIS D 1023 -12.37 -79.23 -49.19
C HIS D 1023 -13.78 -79.59 -49.64
N LYS D 1024 -14.50 -78.63 -50.23
CA LYS D 1024 -15.83 -78.90 -50.78
C LYS D 1024 -15.73 -79.82 -51.99
N GLN D 1025 -14.70 -79.64 -52.81
CA GLN D 1025 -14.45 -80.55 -53.92
C GLN D 1025 -14.09 -81.94 -53.42
N LEU D 1026 -13.39 -82.02 -52.30
CA LEU D 1026 -13.10 -83.32 -51.70
C LEU D 1026 -14.36 -84.00 -51.20
N THR D 1027 -15.22 -83.25 -50.49
CA THR D 1027 -16.44 -83.82 -49.92
C THR D 1027 -17.45 -84.20 -51.01
N GLY D 1028 -17.47 -83.47 -52.12
CA GLY D 1028 -18.36 -83.79 -53.22
C GLY D 1028 -19.73 -83.15 -53.09
#